data_6IWQ
#
_entry.id   6IWQ
#
_cell.length_a   137.695
_cell.length_b   158.233
_cell.length_c   251.870
_cell.angle_alpha   90.00
_cell.angle_beta   90.00
_cell.angle_gamma   90.00
#
_symmetry.space_group_name_H-M   'P 21 21 21'
#
loop_
_entity.id
_entity.type
_entity.pdbx_description
1 polymer 'N-acetylgalactosaminyltransferase 7'
2 non-polymer 'MANGANESE (II) ION'
3 water water
#
_entity_poly.entity_id   1
_entity_poly.type   'polypeptide(L)'
_entity_poly.pdbx_seq_one_letter_code
;PGEDRFKPVVPWPHVEGVEVDLESIRRINKAKNEQEHHAGGDSQKDIMQRQYLTFKPQTFTYHDPVLRPGILGNFEPKEP
EPPGVVGGPGEKAKPLVLGPEFKQAIQASIKEFGFNMVASDMISLDRSVNDLRQEECKYWHYDENLLTSSVVIVFHNEGW
STLMRTVHSVIKRTPRKYLAEIVLIDDFSNKEHLKEKLDEYIKLWNGLVKVFRNERREGLIQARSIGAQKAKLGQVLIYL
DAHCEVAVNWYAPLVAPISKDRTICTVPLIDVINGNTYEIIPQGGGDEDGYARGAWDWSMLWKRVPLTPQEKRLRKTKTE
PYRSPAMAGGLFAIEREFFFELGLYDPGLQIWGGENFEISYKIWQCGGKLLFVPCSRVGHIYRLEGWQGNPPPIYVGSSP
TLKNYVRVVEVWWDEYKDYFYASRPESQALPYGDISELKKFREDHNCKSFKWFMEEIAYDITSHYPLPPKNVDWGEIRGF
ETAYCIDSMGKTNGGFVELGPCHRMGGNQLFRINEANQLMQYDQCLTKGADGSKVMITHCNLNEFKEWQYFKNLHRFTHI
PSGKCLDRSEVLHQVFISNCDSSKTTQKWEMNNIHSV
;
_entity_poly.pdbx_strand_id   A,B,C,D,E,F
#
loop_
_chem_comp.id
_chem_comp.type
_chem_comp.name
_chem_comp.formula
MN non-polymer 'MANGANESE (II) ION' 'Mn 2'
#
# COMPACT_ATOMS: atom_id res chain seq x y z
N TYR A 52 60.25 10.63 39.28
CA TYR A 52 59.62 10.62 40.59
C TYR A 52 58.37 11.48 40.61
N LEU A 53 57.97 11.99 39.44
CA LEU A 53 56.72 12.70 39.30
C LEU A 53 55.56 11.72 39.35
N THR A 54 54.47 12.13 39.97
CA THR A 54 53.32 11.27 40.12
C THR A 54 52.04 12.06 39.98
N PHE A 55 50.97 11.36 39.64
CA PHE A 55 49.68 11.98 39.50
C PHE A 55 49.06 12.16 40.87
N LYS A 56 48.26 13.22 41.03
CA LYS A 56 47.66 13.47 42.33
C LYS A 56 46.74 12.30 42.63
N PRO A 57 46.70 11.89 43.96
CA PRO A 57 45.98 10.62 44.17
C PRO A 57 44.49 10.80 44.25
N GLN A 58 43.74 9.71 44.13
CA GLN A 58 42.30 9.82 44.23
C GLN A 58 41.86 10.13 45.63
N THR A 59 40.88 11.01 45.77
CA THR A 59 40.37 11.35 47.09
C THR A 59 38.88 11.08 47.15
N PHE A 60 38.28 10.94 45.99
CA PHE A 60 36.88 10.65 45.85
C PHE A 60 36.78 9.20 46.20
N THR A 61 35.71 8.80 46.86
CA THR A 61 35.45 7.39 47.00
C THR A 61 34.26 7.12 46.15
N TYR A 62 34.38 6.18 45.23
CA TYR A 62 33.26 5.79 44.41
C TYR A 62 33.29 4.30 44.25
N HIS A 63 32.13 3.72 44.04
CA HIS A 63 32.03 2.28 43.92
C HIS A 63 31.49 1.87 42.58
N ASP A 64 31.99 0.77 42.04
CA ASP A 64 31.59 0.29 40.73
C ASP A 64 30.15 -0.14 40.75
N PRO A 65 29.45 0.03 39.66
CA PRO A 65 28.02 -0.29 39.69
C PRO A 65 27.78 -1.77 39.72
N VAL A 66 26.55 -2.13 40.05
CA VAL A 66 26.13 -3.51 40.24
C VAL A 66 25.08 -3.88 39.20
N LEU A 67 25.16 -5.06 38.63
CA LEU A 67 24.16 -5.47 37.68
C LEU A 67 23.12 -6.30 38.39
N ARG A 68 21.87 -5.87 38.33
CA ARG A 68 20.81 -6.65 38.92
C ARG A 68 19.83 -7.05 37.84
N PRO A 69 20.02 -8.32 37.30
CA PRO A 69 19.11 -8.61 36.20
C PRO A 69 17.66 -8.63 36.65
N GLY A 70 16.82 -8.09 35.80
CA GLY A 70 15.38 -8.18 35.93
C GLY A 70 14.82 -7.06 36.77
N ILE A 71 15.71 -6.33 37.42
CA ILE A 71 15.37 -5.07 38.07
C ILE A 71 15.97 -3.88 37.34
N LEU A 72 15.10 -3.00 36.87
CA LEU A 72 15.41 -1.84 36.05
C LEU A 72 15.93 -0.73 36.90
N GLY A 73 16.43 0.32 36.27
CA GLY A 73 16.77 1.56 36.96
C GLY A 73 18.23 1.54 37.12
N ASN A 74 18.85 2.49 37.84
CA ASN A 74 18.21 3.62 38.45
C ASN A 74 18.40 4.89 37.67
N PHE A 75 19.10 4.79 36.56
CA PHE A 75 19.30 5.95 35.72
C PHE A 75 18.50 5.77 34.46
N GLU A 76 17.89 4.62 34.27
CA GLU A 76 17.13 4.42 33.05
C GLU A 76 15.88 5.24 33.07
N PRO A 77 15.50 5.83 31.96
CA PRO A 77 14.32 6.69 32.02
C PRO A 77 13.17 5.80 32.40
N LYS A 78 12.32 6.29 33.28
CA LYS A 78 11.20 5.49 33.76
C LYS A 78 10.17 5.16 32.69
N GLU A 79 9.88 6.13 31.84
CA GLU A 79 8.83 5.99 30.84
C GLU A 79 9.34 6.45 29.51
N PRO A 80 8.64 5.95 28.40
CA PRO A 80 9.30 6.26 27.12
C PRO A 80 9.45 7.75 26.85
N GLU A 81 10.56 8.07 26.21
CA GLU A 81 10.93 9.45 25.95
C GLU A 81 9.96 10.11 25.01
N PRO A 82 9.50 11.29 25.39
CA PRO A 82 8.52 12.02 24.61
C PRO A 82 9.08 12.53 23.31
N PRO A 83 8.27 12.34 22.19
CA PRO A 83 8.89 12.80 20.95
C PRO A 83 8.88 14.31 20.93
N GLY A 84 9.81 14.92 20.22
CA GLY A 84 9.78 16.34 20.02
C GLY A 84 8.58 16.78 19.21
N VAL A 85 8.31 16.04 18.16
CA VAL A 85 7.14 16.25 17.33
C VAL A 85 6.47 14.91 17.18
N VAL A 86 5.18 14.85 17.44
CA VAL A 86 4.54 13.58 17.46
C VAL A 86 3.99 13.33 16.08
N GLY A 87 4.33 12.20 15.50
CA GLY A 87 3.91 11.94 14.16
C GLY A 87 4.90 12.26 13.07
N GLY A 88 6.14 12.56 13.43
CA GLY A 88 7.12 12.59 12.37
C GLY A 88 7.69 13.98 12.36
N PRO A 89 8.85 14.30 11.61
CA PRO A 89 9.53 13.19 10.97
C PRO A 89 10.92 13.02 11.57
N GLY A 90 11.50 11.85 11.44
CA GLY A 90 12.77 11.60 12.06
C GLY A 90 12.79 10.98 13.45
N GLU A 91 11.65 10.74 14.02
CA GLU A 91 11.60 10.08 15.27
C GLU A 91 10.97 8.73 15.06
N LYS A 92 11.40 7.71 15.77
CA LYS A 92 12.49 7.77 16.67
C LYS A 92 13.59 7.25 15.84
N ALA A 93 14.32 8.13 15.23
CA ALA A 93 15.30 7.75 14.27
C ALA A 93 14.80 6.85 13.16
N LYS A 94 13.56 6.99 12.73
CA LYS A 94 13.17 6.47 11.44
C LYS A 94 13.98 7.18 10.39
N PRO A 95 14.35 6.52 9.31
CA PRO A 95 15.00 7.30 8.26
C PRO A 95 14.05 8.27 7.56
N LEU A 96 14.56 9.44 7.22
CA LEU A 96 13.76 10.43 6.51
C LEU A 96 14.18 10.39 5.07
N VAL A 97 13.28 9.96 4.21
CA VAL A 97 13.61 9.84 2.79
C VAL A 97 12.76 10.86 2.03
N LEU A 98 13.43 11.77 1.33
CA LEU A 98 12.80 12.92 0.67
C LEU A 98 12.76 12.74 -0.84
N GLY A 99 12.56 13.87 -1.55
CA GLY A 99 12.84 13.94 -2.97
C GLY A 99 11.73 13.34 -3.80
N PRO A 100 11.82 13.49 -5.11
CA PRO A 100 12.85 14.25 -5.81
C PRO A 100 12.56 15.73 -5.81
N GLU A 101 11.40 16.15 -5.32
CA GLU A 101 11.15 17.59 -5.26
C GLU A 101 12.23 18.29 -4.46
N PHE A 102 12.89 17.57 -3.56
CA PHE A 102 13.90 18.19 -2.74
C PHE A 102 15.31 18.11 -3.29
N LYS A 103 15.52 17.36 -4.35
CA LYS A 103 16.87 16.95 -4.70
C LYS A 103 17.79 18.10 -5.02
N GLN A 104 17.29 19.10 -5.71
CA GLN A 104 18.14 20.21 -6.07
C GLN A 104 18.60 20.90 -4.81
N ALA A 105 17.69 21.10 -3.89
CA ALA A 105 17.98 21.72 -2.60
C ALA A 105 18.90 20.91 -1.73
N ILE A 106 18.71 19.61 -1.71
CA ILE A 106 19.55 18.73 -0.92
C ILE A 106 20.98 18.72 -1.39
N GLN A 107 21.19 18.62 -2.69
CA GLN A 107 22.54 18.65 -3.24
C GLN A 107 23.25 19.96 -2.94
N ALA A 108 22.53 21.08 -2.96
CA ALA A 108 23.15 22.35 -2.57
C ALA A 108 23.70 22.28 -1.15
N SER A 109 22.86 21.90 -0.19
CA SER A 109 23.28 21.89 1.21
C SER A 109 24.40 20.87 1.45
N ILE A 110 24.41 19.81 0.66
CA ILE A 110 25.52 18.89 0.74
C ILE A 110 26.81 19.57 0.30
N LYS A 111 26.78 20.39 -0.74
CA LYS A 111 27.95 21.18 -1.09
C LYS A 111 28.36 22.10 0.06
N GLU A 112 27.38 22.70 0.76
CA GLU A 112 27.78 23.67 1.78
C GLU A 112 28.30 22.98 3.04
N PHE A 113 27.77 21.79 3.38
CA PHE A 113 28.02 21.19 4.68
C PHE A 113 28.45 19.73 4.66
N GLY A 114 28.30 19.03 3.55
CA GLY A 114 28.60 17.62 3.58
C GLY A 114 27.58 16.81 4.33
N PHE A 115 26.54 17.45 4.85
CA PHE A 115 25.37 16.76 5.36
C PHE A 115 24.14 17.17 4.53
N ASN A 116 23.16 16.28 4.48
CA ASN A 116 21.85 16.64 3.96
C ASN A 116 21.17 17.65 4.90
N MET A 117 21.46 18.95 4.77
CA MET A 117 20.88 19.89 5.70
C MET A 117 19.37 20.07 5.54
N VAL A 118 18.83 19.85 4.34
CA VAL A 118 17.40 20.05 4.20
C VAL A 118 16.65 19.00 5.01
N ALA A 119 17.18 17.77 5.06
CA ALA A 119 16.56 16.72 5.87
C ALA A 119 16.76 17.00 7.35
N SER A 120 17.98 17.32 7.74
CA SER A 120 18.20 17.67 9.15
C SER A 120 17.33 18.84 9.58
N ASP A 121 17.11 19.81 8.67
CA ASP A 121 16.36 21.00 9.07
C ASP A 121 14.92 20.68 9.43
N MET A 122 14.35 19.59 8.90
CA MET A 122 12.96 19.26 9.25
C MET A 122 12.85 18.19 10.33
N ILE A 123 13.94 17.79 10.94
CA ILE A 123 13.89 16.88 12.09
C ILE A 123 13.99 17.71 13.37
N SER A 124 13.22 17.33 14.38
CA SER A 124 13.20 18.08 15.62
C SER A 124 14.59 18.18 16.25
N LEU A 125 14.91 19.35 16.78
CA LEU A 125 16.08 19.45 17.65
C LEU A 125 15.93 18.58 18.90
N ASP A 126 14.70 18.23 19.27
CA ASP A 126 14.44 17.43 20.46
C ASP A 126 13.96 16.03 20.13
N ARG A 127 14.32 15.49 19.01
CA ARG A 127 13.78 14.25 18.59
C ARG A 127 14.16 13.14 19.46
N SER A 128 13.50 12.01 19.31
CA SER A 128 13.83 10.84 20.04
C SER A 128 14.60 10.00 19.13
N VAL A 129 15.45 9.16 19.67
CA VAL A 129 16.20 8.28 18.85
C VAL A 129 16.04 6.87 19.24
N ASN A 130 16.55 6.02 18.41
CA ASN A 130 16.51 4.60 18.69
C ASN A 130 17.55 4.18 19.71
N ASP A 131 17.23 3.10 20.40
CA ASP A 131 18.06 2.53 21.44
C ASP A 131 18.90 1.45 20.80
N LEU A 132 20.20 1.69 20.74
CA LEU A 132 21.10 0.71 20.17
C LEU A 132 21.78 -0.11 21.24
N ARG A 133 21.57 0.26 22.49
CA ARG A 133 22.19 -0.43 23.61
C ARG A 133 21.64 -1.81 23.82
N GLN A 134 22.48 -2.68 24.35
CA GLN A 134 22.11 -4.03 24.70
C GLN A 134 21.13 -3.96 25.85
N GLU A 135 20.29 -4.97 25.97
CA GLU A 135 19.26 -4.95 26.98
C GLU A 135 19.83 -4.96 28.38
N GLU A 136 20.87 -5.73 28.62
CA GLU A 136 21.42 -5.84 29.97
C GLU A 136 22.04 -4.56 30.45
N CYS A 137 22.21 -3.62 29.55
CA CYS A 137 22.65 -2.29 29.89
C CYS A 137 21.63 -1.56 30.76
N LYS A 138 20.38 -1.97 30.63
CA LYS A 138 19.27 -1.39 31.36
C LYS A 138 19.18 -1.73 32.84
N TYR A 139 19.96 -2.70 33.27
CA TYR A 139 19.86 -3.22 34.63
C TYR A 139 21.02 -2.93 35.55
N TRP A 140 21.83 -1.95 35.19
CA TRP A 140 22.97 -1.54 36.01
C TRP A 140 22.53 -0.44 36.95
N HIS A 141 22.89 -0.56 38.23
CA HIS A 141 22.56 0.43 39.24
C HIS A 141 23.83 1.17 39.66
N TYR A 142 23.88 2.46 39.37
CA TYR A 142 25.03 3.29 39.66
C TYR A 142 24.83 4.16 40.88
N ASP A 143 25.92 4.53 41.50
CA ASP A 143 25.92 5.19 42.79
C ASP A 143 25.24 6.53 42.88
N GLU A 144 25.34 7.34 41.85
CA GLU A 144 24.79 8.70 41.83
C GLU A 144 25.71 9.68 42.45
N ASN A 145 26.87 9.21 42.83
CA ASN A 145 27.90 9.99 43.46
C ASN A 145 28.74 10.63 42.40
N LEU A 146 28.40 10.38 41.16
CA LEU A 146 29.29 10.65 40.03
C LEU A 146 29.81 12.07 40.01
N LEU A 147 30.85 12.30 39.24
CA LEU A 147 31.41 13.63 39.05
C LEU A 147 30.58 14.50 38.12
N THR A 148 30.70 15.81 38.26
CA THR A 148 30.02 16.73 37.41
C THR A 148 30.86 16.85 36.17
N SER A 149 30.34 17.45 35.13
CA SER A 149 30.95 17.40 33.81
C SER A 149 30.72 18.69 33.03
N SER A 150 31.73 19.12 32.32
CA SER A 150 31.58 20.17 31.32
C SER A 150 31.71 19.49 29.99
N VAL A 151 30.74 19.67 29.12
CA VAL A 151 30.88 19.10 27.78
C VAL A 151 31.38 20.22 26.87
N VAL A 152 32.44 19.95 26.13
CA VAL A 152 32.97 20.92 25.20
C VAL A 152 32.76 20.36 23.80
N ILE A 153 32.23 21.22 22.94
CA ILE A 153 31.85 20.93 21.57
C ILE A 153 32.58 21.97 20.74
N VAL A 154 33.63 21.56 20.03
CA VAL A 154 34.32 22.46 19.11
C VAL A 154 33.51 22.49 17.83
N PHE A 155 33.42 23.64 17.17
CA PHE A 155 32.75 23.62 15.88
C PHE A 155 33.43 24.62 14.96
N HIS A 156 33.24 24.39 13.65
CA HIS A 156 33.68 25.33 12.62
C HIS A 156 32.68 25.30 11.48
N ASN A 157 31.88 26.37 11.34
CA ASN A 157 30.94 26.50 10.21
C ASN A 157 29.91 25.39 10.20
N GLU A 158 29.62 24.84 11.37
CA GLU A 158 28.65 23.78 11.48
C GLU A 158 27.26 24.30 11.13
N GLY A 159 26.49 23.48 10.41
CA GLY A 159 25.11 23.83 10.14
C GLY A 159 24.33 23.97 11.43
N TRP A 160 23.43 24.95 11.46
CA TRP A 160 22.73 25.32 12.69
C TRP A 160 22.03 24.13 13.31
N SER A 161 21.16 23.47 12.54
CA SER A 161 20.32 22.46 13.12
C SER A 161 21.12 21.25 13.56
N THR A 162 22.27 20.98 12.96
CA THR A 162 23.03 19.86 13.50
C THR A 162 23.75 20.24 14.78
N LEU A 163 24.24 21.48 14.87
CA LEU A 163 24.93 21.91 16.09
C LEU A 163 23.96 22.01 17.26
N MET A 164 22.78 22.61 17.03
CA MET A 164 21.82 22.79 18.13
C MET A 164 21.15 21.48 18.51
N ARG A 165 20.87 20.60 17.54
CA ARG A 165 20.32 19.33 17.95
C ARG A 165 21.29 18.59 18.86
N THR A 166 22.61 18.75 18.64
CA THR A 166 23.61 18.15 19.53
C THR A 166 23.41 18.64 20.95
N VAL A 167 23.38 19.95 21.12
CA VAL A 167 23.22 20.56 22.43
C VAL A 167 21.88 20.16 23.03
N HIS A 168 20.80 20.27 22.25
CA HIS A 168 19.49 19.80 22.70
C HIS A 168 19.56 18.34 23.13
N SER A 169 20.29 17.53 22.38
CA SER A 169 20.42 16.14 22.72
C SER A 169 21.02 16.00 24.11
N VAL A 170 22.12 16.72 24.39
CA VAL A 170 22.80 16.62 25.69
C VAL A 170 21.91 17.09 26.84
N ILE A 171 21.21 18.21 26.65
CA ILE A 171 20.34 18.75 27.70
C ILE A 171 19.21 17.78 28.00
N LYS A 172 18.63 17.18 26.96
CA LYS A 172 17.48 16.30 27.13
C LYS A 172 17.84 15.02 27.86
N ARG A 173 19.07 14.54 27.75
CA ARG A 173 19.36 13.20 28.23
C ARG A 173 20.46 13.15 29.28
N THR A 174 20.86 14.27 29.80
CA THR A 174 21.77 14.24 30.90
C THR A 174 21.07 14.73 32.14
N PRO A 175 21.22 14.02 33.25
CA PRO A 175 20.61 14.46 34.50
C PRO A 175 21.17 15.80 34.85
N ARG A 176 20.32 16.70 35.31
CA ARG A 176 20.67 18.10 35.45
C ARG A 176 21.80 18.43 36.40
N LYS A 177 21.88 17.73 37.52
CA LYS A 177 22.87 18.03 38.55
C LYS A 177 24.29 17.83 38.07
N TYR A 178 24.47 16.78 37.30
CA TYR A 178 25.74 16.41 36.70
C TYR A 178 26.26 17.30 35.56
N LEU A 179 25.37 18.01 34.88
CA LEU A 179 25.72 18.82 33.72
C LEU A 179 26.10 20.20 34.22
N ALA A 180 27.40 20.47 34.29
CA ALA A 180 27.89 21.69 34.91
C ALA A 180 27.83 22.89 33.97
N GLU A 181 28.20 22.71 32.71
CA GLU A 181 28.11 23.72 31.65
C GLU A 181 28.26 22.99 30.31
N ILE A 182 27.90 23.66 29.23
CA ILE A 182 28.15 23.16 27.88
C ILE A 182 28.90 24.27 27.17
N VAL A 183 30.20 24.06 26.96
CA VAL A 183 31.08 25.08 26.40
C VAL A 183 31.26 24.84 24.90
N LEU A 184 30.81 25.80 24.10
CA LEU A 184 30.95 25.73 22.66
C LEU A 184 32.20 26.51 22.30
N ILE A 185 33.11 25.89 21.54
CA ILE A 185 34.34 26.56 21.11
C ILE A 185 34.22 26.86 19.62
N ASP A 186 34.15 28.11 19.26
CA ASP A 186 33.99 28.46 17.88
C ASP A 186 35.32 28.64 17.24
N ASP A 187 35.76 27.71 16.40
CA ASP A 187 37.08 27.83 15.80
C ASP A 187 37.08 28.70 14.60
N PHE A 188 36.83 29.95 14.81
CA PHE A 188 36.89 30.89 13.74
C PHE A 188 35.96 30.72 12.55
N SER A 189 34.70 30.45 12.81
CA SER A 189 33.71 30.27 11.76
C SER A 189 33.39 31.54 11.01
N ASN A 190 33.04 31.42 9.73
CA ASN A 190 32.55 32.56 9.02
C ASN A 190 31.11 32.62 8.72
N LYS A 191 30.37 31.53 8.82
CA LYS A 191 28.97 31.56 8.48
C LYS A 191 28.27 32.42 9.46
N GLU A 192 27.34 33.21 8.99
CA GLU A 192 26.70 34.23 9.80
C GLU A 192 25.69 33.68 10.81
N HIS A 193 25.05 32.54 10.52
CA HIS A 193 24.12 31.98 11.50
C HIS A 193 24.80 31.49 12.77
N LEU A 194 26.13 31.43 12.79
CA LEU A 194 26.81 31.02 13.99
C LEU A 194 27.31 32.19 14.79
N LYS A 195 26.94 33.40 14.42
CA LYS A 195 27.31 34.53 15.25
C LYS A 195 26.12 35.42 15.47
N GLU A 196 25.94 35.91 16.69
CA GLU A 196 24.83 36.79 16.97
C GLU A 196 23.53 36.03 17.01
N LYS A 197 23.18 35.36 15.93
CA LYS A 197 22.00 34.55 16.04
C LYS A 197 22.25 33.51 17.09
N LEU A 198 23.47 33.01 17.16
CA LEU A 198 23.78 31.98 18.15
C LEU A 198 23.79 32.54 19.55
N ASP A 199 24.42 33.71 19.73
CA ASP A 199 24.50 34.32 21.04
C ASP A 199 23.12 34.51 21.63
N GLU A 200 22.19 35.02 20.81
CA GLU A 200 20.87 35.30 21.33
C GLU A 200 20.07 34.03 21.59
N TYR A 201 20.17 33.03 20.69
CA TYR A 201 19.43 31.79 20.89
C TYR A 201 19.86 31.14 22.20
N ILE A 202 21.13 31.15 22.46
CA ILE A 202 21.72 30.38 23.49
C ILE A 202 21.26 30.82 24.84
N LYS A 203 20.57 31.94 24.92
CA LYS A 203 20.10 32.52 26.15
C LYS A 203 18.97 31.77 26.77
N LEU A 204 18.53 30.77 26.02
CA LEU A 204 17.47 29.83 26.30
C LEU A 204 17.73 28.97 27.45
N TRP A 205 18.98 28.70 27.67
CA TRP A 205 19.37 27.79 28.70
C TRP A 205 19.91 28.51 29.88
N ASN A 206 19.53 29.76 30.04
CA ASN A 206 19.85 30.57 31.20
C ASN A 206 21.30 30.55 31.52
N GLY A 207 22.14 30.50 30.52
CA GLY A 207 23.56 30.61 30.75
C GLY A 207 24.24 29.32 31.07
N LEU A 208 23.53 28.22 30.95
CA LEU A 208 24.09 26.91 31.03
C LEU A 208 25.06 26.69 29.89
N VAL A 209 24.71 27.22 28.74
CA VAL A 209 25.46 27.03 27.53
C VAL A 209 26.20 28.31 27.21
N LYS A 210 27.44 28.18 26.86
CA LYS A 210 28.30 29.31 26.63
C LYS A 210 29.17 29.08 25.46
N VAL A 211 29.55 30.12 24.74
CA VAL A 211 30.40 30.00 23.59
C VAL A 211 31.52 30.97 23.70
N PHE A 212 32.67 30.57 23.22
CA PHE A 212 33.95 31.28 23.29
C PHE A 212 34.52 31.24 21.88
N ARG A 213 34.71 32.43 21.29
CA ARG A 213 35.27 32.57 19.95
C ARG A 213 36.79 32.45 20.00
N ASN A 214 37.37 32.00 18.91
CA ASN A 214 38.81 31.97 18.79
C ASN A 214 39.23 33.02 17.80
N GLU A 215 40.26 33.79 18.12
CA GLU A 215 40.70 34.90 17.28
C GLU A 215 41.18 34.48 15.91
N ARG A 216 41.86 33.36 15.87
CA ARG A 216 42.34 32.76 14.64
C ARG A 216 41.82 31.36 14.62
N ARG A 217 41.87 30.71 13.48
CA ARG A 217 41.44 29.34 13.40
C ARG A 217 42.59 28.59 13.95
N GLU A 218 42.41 28.08 15.16
CA GLU A 218 43.45 27.33 15.87
C GLU A 218 43.56 25.88 15.42
N GLY A 219 42.56 25.35 14.74
CA GLY A 219 42.62 23.96 14.36
C GLY A 219 41.93 23.12 15.39
N LEU A 220 41.53 21.93 15.00
CA LEU A 220 40.75 21.05 15.84
C LEU A 220 41.41 20.55 17.10
N ILE A 221 42.68 20.16 17.02
CA ILE A 221 43.39 19.71 18.20
C ILE A 221 43.59 20.82 19.21
N GLN A 222 44.14 21.94 18.78
CA GLN A 222 44.35 23.05 19.68
C GLN A 222 43.08 23.69 20.17
N ALA A 223 42.04 23.60 19.37
CA ALA A 223 40.76 24.07 19.77
C ALA A 223 40.25 23.30 20.97
N ARG A 224 40.47 22.00 20.97
CA ARG A 224 40.11 21.17 22.10
C ARG A 224 40.91 21.54 23.34
N SER A 225 42.17 21.94 23.17
CA SER A 225 42.96 22.36 24.34
C SER A 225 42.40 23.65 24.95
N ILE A 226 42.02 24.60 24.10
CA ILE A 226 41.40 25.83 24.57
C ILE A 226 40.12 25.53 25.32
N GLY A 227 39.41 24.51 24.87
CA GLY A 227 38.16 24.16 25.45
C GLY A 227 38.36 23.78 26.87
N ALA A 228 39.37 23.00 27.12
CA ALA A 228 39.68 22.50 28.44
C ALA A 228 40.01 23.63 29.37
N GLN A 229 40.73 24.61 28.87
CA GLN A 229 40.97 25.82 29.61
C GLN A 229 39.71 26.65 29.85
N LYS A 230 38.84 26.70 28.88
CA LYS A 230 37.75 27.62 28.97
C LYS A 230 36.59 27.05 29.72
N ALA A 231 36.66 25.78 30.03
CA ALA A 231 35.58 25.14 30.69
C ALA A 231 36.02 24.70 32.00
N LYS A 232 35.63 25.42 33.02
CA LYS A 232 36.24 25.31 34.28
C LYS A 232 35.40 24.67 35.30
N LEU A 233 34.12 24.72 35.09
CA LEU A 233 33.15 24.31 36.06
C LEU A 233 33.01 22.87 36.42
N GLY A 234 33.20 21.99 35.48
CA GLY A 234 33.06 20.59 35.69
C GLY A 234 34.22 19.85 36.27
N GLN A 235 33.97 18.69 36.85
CA GLN A 235 35.09 17.95 37.29
C GLN A 235 35.70 17.13 36.21
N VAL A 236 34.90 16.71 35.25
CA VAL A 236 35.43 15.95 34.12
C VAL A 236 35.05 16.64 32.83
N LEU A 237 35.92 16.45 31.84
CA LEU A 237 35.69 16.97 30.50
C LEU A 237 35.03 15.90 29.64
N ILE A 238 33.91 16.21 29.02
CA ILE A 238 33.28 15.29 28.08
C ILE A 238 33.38 15.98 26.71
N TYR A 239 34.15 15.44 25.79
CA TYR A 239 34.26 16.12 24.51
C TYR A 239 33.29 15.49 23.53
N LEU A 240 32.63 16.34 22.70
CA LEU A 240 31.68 15.91 21.66
C LEU A 240 31.83 16.67 20.33
N ASP A 241 31.82 15.94 19.22
CA ASP A 241 31.85 16.51 17.88
C ASP A 241 30.56 17.29 17.80
N ALA A 242 30.51 18.27 16.91
CA ALA A 242 29.43 19.23 16.87
C ALA A 242 28.24 18.73 16.09
N HIS A 243 28.34 17.51 15.59
CA HIS A 243 27.25 16.88 14.89
C HIS A 243 27.04 15.51 15.51
N CYS A 244 26.61 15.53 16.75
CA CYS A 244 26.36 14.34 17.56
C CYS A 244 24.96 14.32 18.16
N GLU A 245 24.46 13.10 18.40
CA GLU A 245 23.26 12.85 19.19
C GLU A 245 23.55 11.78 20.23
N VAL A 246 23.44 12.14 21.49
CA VAL A 246 23.83 11.27 22.60
C VAL A 246 22.63 10.40 23.00
N ALA A 247 22.90 9.15 23.40
CA ALA A 247 21.84 8.16 23.67
C ALA A 247 21.28 8.27 25.09
N VAL A 248 20.22 7.53 25.38
CA VAL A 248 19.64 7.58 26.72
C VAL A 248 20.57 6.97 27.76
N ASN A 249 20.70 7.61 28.90
CA ASN A 249 21.58 7.13 29.94
C ASN A 249 23.02 6.91 29.48
N TRP A 250 23.51 7.81 28.66
CA TRP A 250 24.90 7.83 28.27
C TRP A 250 25.84 8.18 29.38
N TYR A 251 25.42 9.12 30.20
CA TYR A 251 26.29 9.73 31.20
C TYR A 251 26.77 8.88 32.35
N ALA A 252 25.87 8.14 32.99
CA ALA A 252 26.25 7.43 34.19
C ALA A 252 27.29 6.37 33.91
N PRO A 253 27.10 5.61 32.86
CA PRO A 253 28.11 4.57 32.54
C PRO A 253 29.44 5.15 32.09
N LEU A 254 29.37 6.26 31.37
CA LEU A 254 30.55 6.96 30.90
C LEU A 254 31.34 7.52 32.08
N VAL A 255 30.68 8.16 33.04
CA VAL A 255 31.42 8.90 34.07
C VAL A 255 31.71 8.06 35.32
N ALA A 256 31.03 6.94 35.49
CA ALA A 256 31.30 6.11 36.65
C ALA A 256 32.73 5.58 36.71
N PRO A 257 33.37 5.09 35.64
CA PRO A 257 34.75 4.62 35.81
C PRO A 257 35.73 5.71 36.17
N ILE A 258 35.53 6.94 35.67
CA ILE A 258 36.42 8.02 36.09
C ILE A 258 36.23 8.29 37.58
N SER A 259 35.03 8.04 38.09
CA SER A 259 34.73 8.37 39.47
C SER A 259 35.49 7.49 40.45
N LYS A 260 35.49 6.16 40.24
CA LYS A 260 36.29 5.24 41.08
C LYS A 260 37.75 5.60 41.00
N ASP A 261 38.20 6.03 39.82
CA ASP A 261 39.62 6.15 39.54
C ASP A 261 39.85 7.33 38.60
N ARG A 262 40.49 8.39 39.11
CA ARG A 262 40.65 9.64 38.36
C ARG A 262 41.61 9.54 37.17
N THR A 263 42.34 8.42 36.96
CA THR A 263 43.21 8.27 35.81
C THR A 263 42.65 7.26 34.78
N ILE A 264 41.40 6.87 34.92
CA ILE A 264 40.69 6.17 33.86
C ILE A 264 40.17 7.25 32.90
N CYS A 265 40.30 7.02 31.60
CA CYS A 265 39.69 7.85 30.57
C CYS A 265 38.67 7.02 29.81
N THR A 266 37.48 7.57 29.62
CA THR A 266 36.35 6.81 29.12
C THR A 266 35.99 7.28 27.71
N VAL A 267 35.64 6.32 26.85
CA VAL A 267 35.14 6.61 25.52
C VAL A 267 33.79 5.93 25.36
N PRO A 268 32.78 6.59 24.86
CA PRO A 268 31.54 5.88 24.55
C PRO A 268 31.68 5.12 23.23
N LEU A 269 30.82 4.15 23.02
CA LEU A 269 30.75 3.49 21.74
C LEU A 269 30.19 4.50 20.77
N ILE A 270 30.78 4.65 19.60
CA ILE A 270 30.34 5.67 18.68
C ILE A 270 29.55 5.09 17.54
N ASP A 271 28.31 5.53 17.41
CA ASP A 271 27.38 4.97 16.45
C ASP A 271 27.21 5.90 15.28
N VAL A 272 26.81 5.35 14.14
CA VAL A 272 26.76 6.11 12.93
C VAL A 272 25.39 6.70 12.67
N ILE A 273 25.34 8.00 12.49
CA ILE A 273 24.13 8.65 12.10
C ILE A 273 24.29 8.90 10.63
N ASN A 274 23.40 8.35 9.85
CA ASN A 274 23.41 8.55 8.41
C ASN A 274 23.29 10.02 8.08
N GLY A 275 24.27 10.55 7.36
CA GLY A 275 24.29 11.96 6.97
C GLY A 275 23.26 12.37 5.94
N ASN A 276 22.42 11.45 5.51
CA ASN A 276 21.43 11.74 4.50
C ASN A 276 19.99 11.44 4.93
N THR A 277 19.77 10.40 5.73
CA THR A 277 18.45 10.03 6.22
C THR A 277 18.33 9.95 7.74
N TYR A 278 19.45 10.04 8.47
CA TYR A 278 19.57 10.29 9.89
C TYR A 278 19.04 9.19 10.77
N GLU A 279 18.80 8.00 10.24
CA GLU A 279 18.64 6.86 11.12
C GLU A 279 20.00 6.48 11.71
N ILE A 280 20.00 5.79 12.85
CA ILE A 280 21.25 5.52 13.56
C ILE A 280 21.56 4.03 13.49
N ILE A 281 22.81 3.71 13.14
CA ILE A 281 23.37 2.38 12.88
C ILE A 281 24.64 2.25 13.70
N PRO A 282 24.86 1.15 14.39
CA PRO A 282 26.15 0.95 15.05
C PRO A 282 27.21 0.67 14.00
N GLN A 283 28.48 0.89 14.33
CA GLN A 283 29.55 0.58 13.39
C GLN A 283 29.75 -0.91 13.26
N GLY A 284 30.20 -1.35 12.09
CA GLY A 284 30.48 -2.76 11.91
C GLY A 284 31.88 -3.03 12.41
N GLY A 285 31.95 -3.69 13.54
CA GLY A 285 33.18 -3.92 14.26
C GLY A 285 33.16 -5.33 14.74
N GLY A 286 34.31 -5.85 15.11
CA GLY A 286 34.52 -7.27 15.18
C GLY A 286 33.70 -8.13 16.12
N ASP A 287 33.42 -7.68 17.32
CA ASP A 287 32.90 -8.59 18.32
C ASP A 287 31.59 -9.12 17.86
N GLU A 288 31.24 -10.31 18.33
CA GLU A 288 29.98 -10.93 18.00
C GLU A 288 28.90 -10.02 18.51
N ASP A 289 29.19 -9.33 19.60
CA ASP A 289 28.28 -8.36 20.18
C ASP A 289 28.52 -6.98 19.58
N GLY A 290 29.40 -6.93 18.60
CA GLY A 290 29.73 -5.70 17.92
C GLY A 290 30.74 -4.84 18.62
N TYR A 291 31.33 -5.34 19.70
CA TYR A 291 32.31 -4.55 20.41
C TYR A 291 33.68 -4.69 19.78
N ALA A 292 34.30 -3.55 19.50
CA ALA A 292 35.62 -3.53 18.91
C ALA A 292 36.45 -2.56 19.70
N ARG A 293 37.75 -2.73 19.66
CA ARG A 293 38.65 -1.85 20.38
C ARG A 293 39.56 -1.18 19.38
N GLY A 294 39.96 0.06 19.66
CA GLY A 294 40.66 0.88 18.68
C GLY A 294 42.12 0.47 18.51
N ALA A 295 42.58 0.51 17.27
CA ALA A 295 43.93 0.04 16.90
C ALA A 295 44.53 1.06 15.93
N TRP A 296 45.48 0.60 15.10
CA TRP A 296 46.25 1.36 14.12
C TRP A 296 47.14 0.37 13.38
N ASP A 297 47.39 0.64 12.10
CA ASP A 297 48.44 -0.03 11.36
C ASP A 297 49.73 0.79 11.55
N TRP A 298 50.80 0.38 10.90
CA TRP A 298 52.05 1.04 11.23
C TRP A 298 52.32 2.28 10.39
N SER A 299 51.44 2.66 9.47
CA SER A 299 51.51 4.03 8.96
C SER A 299 50.75 4.99 9.86
N MET A 300 50.22 4.45 10.97
CA MET A 300 49.46 5.15 12.01
C MET A 300 48.10 5.60 11.50
N LEU A 301 47.45 4.74 10.76
CA LEU A 301 46.10 4.97 10.33
C LEU A 301 45.23 4.23 11.29
N TRP A 302 44.16 4.87 11.72
CA TRP A 302 43.26 4.31 12.70
C TRP A 302 42.54 3.10 12.13
N LYS A 303 42.47 2.06 12.94
CA LYS A 303 41.81 0.81 12.59
C LYS A 303 41.07 0.31 13.79
N ARG A 304 40.09 -0.56 13.57
CA ARG A 304 39.38 -1.19 14.67
C ARG A 304 39.48 -2.69 14.54
N VAL A 305 39.57 -3.36 15.68
CA VAL A 305 39.64 -4.83 15.74
C VAL A 305 38.62 -5.35 16.74
N PRO A 306 38.19 -6.60 16.57
CA PRO A 306 37.19 -7.15 17.51
C PRO A 306 37.75 -7.27 18.91
N LEU A 307 36.84 -7.12 19.89
CA LEU A 307 37.19 -7.32 21.29
C LEU A 307 37.66 -8.75 21.50
N THR A 308 38.80 -8.89 22.12
CA THR A 308 39.47 -10.18 22.22
C THR A 308 38.88 -11.05 23.31
N PRO A 309 39.10 -12.35 23.25
CA PRO A 309 38.71 -13.24 24.33
C PRO A 309 39.43 -12.94 25.64
N GLN A 310 40.69 -12.55 25.58
CA GLN A 310 41.46 -12.30 26.79
C GLN A 310 40.84 -11.20 27.61
N GLU A 311 40.37 -10.16 26.95
CA GLU A 311 39.71 -9.06 27.59
C GLU A 311 38.42 -9.51 28.25
N LYS A 312 37.73 -10.42 27.60
CA LYS A 312 36.50 -11.01 28.12
C LYS A 312 36.68 -11.82 29.39
N ARG A 313 37.80 -12.52 29.54
CA ARG A 313 38.07 -13.22 30.79
C ARG A 313 38.17 -12.24 31.95
N LEU A 314 38.73 -11.07 31.68
CA LEU A 314 38.91 -10.02 32.67
C LEU A 314 37.61 -9.45 33.21
N ARG A 315 36.54 -9.57 32.42
CA ARG A 315 35.26 -8.98 32.75
C ARG A 315 34.20 -10.00 33.11
N LYS A 316 33.52 -9.78 34.22
CA LYS A 316 32.41 -10.61 34.69
C LYS A 316 31.19 -10.63 33.79
N THR A 317 30.92 -9.49 33.17
CA THR A 317 29.70 -9.18 32.46
C THR A 317 29.97 -8.87 30.99
N LYS A 318 28.99 -9.09 30.13
CA LYS A 318 29.11 -8.71 28.73
C LYS A 318 29.23 -7.22 28.52
N THR A 319 28.48 -6.46 29.29
CA THR A 319 28.27 -5.05 29.04
C THR A 319 29.14 -4.05 29.80
N GLU A 320 30.04 -4.53 30.65
CA GLU A 320 30.92 -3.63 31.39
C GLU A 320 32.05 -3.03 30.56
N PRO A 321 32.68 -1.91 31.12
CA PRO A 321 33.66 -1.27 30.23
C PRO A 321 34.84 -2.15 29.94
N TYR A 322 35.54 -1.90 28.84
CA TYR A 322 36.67 -2.71 28.46
C TYR A 322 37.82 -1.87 27.98
N ARG A 323 39.02 -2.42 28.04
CA ARG A 323 40.21 -1.75 27.57
C ARG A 323 40.35 -1.72 26.06
N SER A 324 40.74 -0.58 25.54
CA SER A 324 41.06 -0.42 24.15
C SER A 324 42.40 0.26 24.13
N PRO A 325 43.24 -0.06 23.17
CA PRO A 325 44.56 0.57 23.13
C PRO A 325 44.53 2.05 22.74
N ALA A 326 43.50 2.51 22.02
CA ALA A 326 43.46 3.90 21.60
C ALA A 326 42.02 4.26 21.29
N MET A 327 41.77 5.57 21.19
CA MET A 327 40.44 6.08 20.94
C MET A 327 40.37 6.67 19.53
N ALA A 328 39.19 6.59 18.92
CA ALA A 328 38.96 7.29 17.67
C ALA A 328 39.41 8.73 17.79
N GLY A 329 38.91 9.46 18.79
CA GLY A 329 39.45 10.79 19.13
C GLY A 329 38.47 11.92 19.38
N GLY A 330 37.29 11.89 18.76
CA GLY A 330 36.44 13.07 18.80
C GLY A 330 35.61 13.16 20.05
N LEU A 331 35.29 12.01 20.65
CA LEU A 331 34.41 11.92 21.81
C LEU A 331 35.08 11.09 22.90
N PHE A 332 35.29 11.69 24.06
CA PHE A 332 35.88 10.96 25.18
C PHE A 332 35.68 11.76 26.47
N ALA A 333 36.01 11.13 27.60
CA ALA A 333 35.81 11.71 28.93
C ALA A 333 37.06 11.51 29.78
N ILE A 334 37.68 12.61 30.26
CA ILE A 334 38.73 12.52 31.27
C ILE A 334 38.43 13.47 32.39
N GLU A 335 38.89 13.11 33.60
CA GLU A 335 38.87 14.06 34.70
C GLU A 335 39.69 15.28 34.32
N ARG A 336 39.19 16.47 34.66
CA ARG A 336 39.78 17.68 34.10
C ARG A 336 41.21 17.88 34.60
N GLU A 337 41.42 17.70 35.90
CA GLU A 337 42.77 17.83 36.45
C GLU A 337 43.70 16.84 35.77
N PHE A 338 43.27 15.58 35.68
CA PHE A 338 44.10 14.54 35.11
C PHE A 338 44.51 14.84 33.67
N PHE A 339 43.61 15.41 32.87
CA PHE A 339 44.01 15.86 31.53
C PHE A 339 45.12 16.89 31.61
N PHE A 340 45.00 17.88 32.49
CA PHE A 340 46.07 18.87 32.63
C PHE A 340 47.36 18.20 33.10
N GLU A 341 47.24 17.25 34.02
CA GLU A 341 48.43 16.54 34.51
C GLU A 341 49.18 15.88 33.37
N LEU A 342 48.47 15.43 32.33
CA LEU A 342 49.13 14.91 31.14
C LEU A 342 49.50 16.02 30.15
N GLY A 343 49.35 17.26 30.56
CA GLY A 343 49.68 18.39 29.72
C GLY A 343 48.84 18.52 28.48
N LEU A 344 47.59 18.10 28.57
CA LEU A 344 46.64 18.25 27.50
C LEU A 344 47.10 17.60 26.22
N TYR A 345 47.01 18.30 25.11
CA TYR A 345 47.44 17.76 23.85
C TYR A 345 48.73 18.43 23.53
N ASP A 346 49.75 17.64 23.21
CA ASP A 346 51.01 18.18 22.74
C ASP A 346 50.75 19.43 21.90
N PRO A 347 51.20 20.60 22.34
CA PRO A 347 50.96 21.84 21.59
C PRO A 347 51.82 21.98 20.34
N GLY A 348 52.53 20.94 19.94
CA GLY A 348 53.16 20.97 18.63
C GLY A 348 52.30 20.39 17.54
N LEU A 349 51.23 19.73 17.92
CA LEU A 349 50.37 19.13 16.93
C LEU A 349 49.69 20.24 16.18
N GLN A 350 49.72 20.13 14.87
CA GLN A 350 49.12 21.07 13.97
C GLN A 350 47.69 20.63 13.73
N ILE A 351 47.06 21.12 12.69
CA ILE A 351 45.62 21.18 12.64
C ILE A 351 44.96 19.83 12.82
N TRP A 352 45.51 18.78 12.25
CA TRP A 352 44.83 17.49 12.29
C TRP A 352 45.82 16.35 12.20
N GLY A 353 45.37 15.18 12.58
CA GLY A 353 46.17 13.98 12.60
C GLY A 353 46.50 13.77 14.04
N GLY A 354 45.75 12.87 14.64
CA GLY A 354 45.71 12.73 16.08
C GLY A 354 47.03 12.31 16.62
N GLU A 355 47.39 12.81 17.79
CA GLU A 355 46.51 13.53 18.71
C GLU A 355 45.59 12.59 19.46
N ASN A 356 44.77 11.84 18.75
CA ASN A 356 44.00 10.80 19.38
C ASN A 356 44.89 9.70 19.91
N PHE A 357 45.89 9.34 19.12
CA PHE A 357 46.94 8.44 19.54
C PHE A 357 47.85 9.00 20.60
N GLU A 358 48.26 10.25 20.44
CA GLU A 358 49.11 10.86 21.45
C GLU A 358 48.54 10.66 22.85
N ILE A 359 47.26 11.03 23.05
CA ILE A 359 46.66 10.94 24.38
C ILE A 359 46.53 9.48 24.80
N SER A 360 46.22 8.59 23.85
CA SER A 360 46.07 7.17 24.17
C SER A 360 47.35 6.59 24.74
N TYR A 361 48.49 6.83 24.08
CA TYR A 361 49.75 6.36 24.63
C TYR A 361 50.04 7.02 25.97
N LYS A 362 49.90 8.35 26.07
CA LYS A 362 50.15 8.99 27.37
C LYS A 362 49.40 8.27 28.47
N ILE A 363 48.09 8.08 28.29
CA ILE A 363 47.30 7.56 29.40
C ILE A 363 47.75 6.16 29.73
N TRP A 364 48.06 5.35 28.72
CA TRP A 364 48.37 3.96 28.99
C TRP A 364 49.76 3.80 29.56
N GLN A 365 50.74 4.49 28.98
CA GLN A 365 52.09 4.27 29.42
C GLN A 365 52.44 5.06 30.66
N CYS A 366 51.65 6.04 31.08
CA CYS A 366 51.97 6.76 32.30
C CYS A 366 51.08 6.38 33.46
N GLY A 367 50.53 5.18 33.45
CA GLY A 367 49.72 4.66 34.53
C GLY A 367 48.22 4.78 34.49
N GLY A 368 47.67 5.24 33.39
CA GLY A 368 46.24 5.33 33.19
C GLY A 368 45.60 4.13 32.52
N LYS A 369 44.29 4.19 32.37
CA LYS A 369 43.56 3.24 31.56
C LYS A 369 42.67 3.98 30.59
N LEU A 370 42.44 3.42 29.43
CA LEU A 370 41.48 3.96 28.49
C LEU A 370 40.46 2.87 28.27
N LEU A 371 39.19 3.19 28.48
CA LEU A 371 38.12 2.20 28.55
C LEU A 371 36.96 2.58 27.64
N PHE A 372 36.51 1.59 26.86
CA PHE A 372 35.32 1.70 26.04
C PHE A 372 34.15 1.28 26.90
N VAL A 373 33.15 2.14 26.95
CA VAL A 373 31.98 1.85 27.76
C VAL A 373 30.85 1.49 26.86
N PRO A 374 30.48 0.14 26.88
CA PRO A 374 29.41 -0.20 25.96
C PRO A 374 28.09 0.47 26.26
N CYS A 375 27.82 0.68 27.52
CA CYS A 375 26.53 1.17 27.93
C CYS A 375 26.30 2.63 27.62
N SER A 376 27.34 3.31 27.21
CA SER A 376 27.20 4.72 26.87
C SER A 376 27.48 4.86 25.39
N ARG A 377 26.48 5.33 24.65
CA ARG A 377 26.53 5.35 23.19
C ARG A 377 26.25 6.76 22.71
N VAL A 378 26.96 7.16 21.65
CA VAL A 378 26.79 8.47 21.05
C VAL A 378 26.80 8.30 19.56
N GLY A 379 25.85 8.94 18.88
CA GLY A 379 25.79 8.94 17.43
C GLY A 379 26.56 10.12 16.86
N HIS A 380 27.26 9.89 15.77
CA HIS A 380 28.04 10.91 15.10
C HIS A 380 27.60 10.89 13.65
N ILE A 381 27.31 12.04 13.07
CA ILE A 381 26.94 12.07 11.66
C ILE A 381 28.14 11.93 10.77
N TYR A 382 28.04 11.07 9.77
CA TYR A 382 29.14 10.78 8.89
C TYR A 382 28.94 11.40 7.53
N ARG A 383 29.98 12.05 7.04
CA ARG A 383 29.92 12.92 5.90
C ARG A 383 29.66 12.21 4.60
N LEU A 384 29.24 12.98 3.62
CA LEU A 384 28.84 12.49 2.36
C LEU A 384 29.67 13.16 1.34
N GLU A 385 29.77 12.58 0.17
CA GLU A 385 30.63 13.12 -0.84
C GLU A 385 29.97 14.28 -1.46
N GLY A 386 30.77 15.26 -1.81
CA GLY A 386 30.26 16.43 -2.43
C GLY A 386 30.50 17.61 -1.57
N TRP A 387 31.17 17.44 -0.45
CA TRP A 387 31.36 18.54 0.44
C TRP A 387 32.39 19.39 -0.16
N GLN A 388 32.57 20.58 0.37
CA GLN A 388 33.65 21.46 -0.05
C GLN A 388 34.03 22.49 1.02
N GLY A 389 34.73 22.17 2.11
CA GLY A 389 35.42 20.94 2.40
C GLY A 389 36.79 21.12 1.85
N ASN A 390 37.77 21.62 2.64
CA ASN A 390 39.04 22.08 2.05
C ASN A 390 40.31 22.33 2.88
N PRO A 391 41.50 21.89 2.30
CA PRO A 391 42.67 22.03 3.17
C PRO A 391 43.22 23.41 3.17
N PRO A 392 43.98 23.71 4.23
CA PRO A 392 44.65 24.99 4.42
C PRO A 392 45.82 25.00 3.48
N PRO A 393 46.27 26.25 3.02
CA PRO A 393 47.45 26.13 2.17
C PRO A 393 48.66 26.34 3.02
N ILE A 394 49.37 25.27 3.31
CA ILE A 394 50.70 25.37 3.85
C ILE A 394 51.59 24.36 3.14
N TYR A 395 52.72 24.83 2.63
CA TYR A 395 53.69 23.96 2.02
C TYR A 395 55.06 24.17 2.68
N VAL A 396 55.83 23.11 2.79
CA VAL A 396 55.34 21.79 2.54
C VAL A 396 55.73 21.04 3.80
N GLY A 397 54.74 20.53 4.55
CA GLY A 397 55.08 19.91 5.82
C GLY A 397 55.95 18.72 5.47
N SER A 398 55.56 17.96 4.46
CA SER A 398 54.18 17.91 3.99
C SER A 398 53.70 16.49 4.17
N SER A 399 52.51 16.31 4.75
CA SER A 399 51.70 17.37 5.29
C SER A 399 52.15 17.73 6.69
N PRO A 400 51.55 18.88 7.23
CA PRO A 400 51.85 19.06 8.65
C PRO A 400 51.30 17.88 9.41
N THR A 401 50.29 17.23 8.87
CA THR A 401 49.70 16.07 9.50
C THR A 401 50.71 14.94 9.65
N LEU A 402 51.55 14.75 8.65
CA LEU A 402 52.56 13.73 8.66
C LEU A 402 53.57 14.16 9.68
N LYS A 403 53.61 15.46 9.91
CA LYS A 403 54.59 16.01 10.80
C LYS A 403 54.14 15.68 12.20
N ASN A 404 52.83 15.65 12.41
CA ASN A 404 52.30 15.30 13.72
C ASN A 404 52.50 13.85 14.08
N TYR A 405 52.35 12.97 13.10
CA TYR A 405 52.55 11.56 13.33
C TYR A 405 53.97 11.32 13.76
N VAL A 406 54.91 12.00 13.13
CA VAL A 406 56.31 11.78 13.52
C VAL A 406 56.52 12.25 14.96
N ARG A 407 55.88 13.36 15.36
CA ARG A 407 55.99 13.79 16.76
C ARG A 407 55.51 12.72 17.74
N VAL A 408 54.32 12.17 17.52
CA VAL A 408 53.82 11.11 18.40
C VAL A 408 54.78 9.93 18.43
N VAL A 409 55.22 9.46 17.26
CA VAL A 409 56.06 8.27 17.19
C VAL A 409 57.36 8.49 17.95
N GLU A 410 58.04 9.59 17.65
CA GLU A 410 59.40 9.76 18.17
C GLU A 410 59.40 9.75 19.70
N VAL A 411 58.37 10.33 20.32
CA VAL A 411 58.35 10.44 21.78
C VAL A 411 57.83 9.15 22.42
N TRP A 412 56.88 8.47 21.80
CA TRP A 412 56.16 7.40 22.45
C TRP A 412 56.55 6.01 21.99
N TRP A 413 56.73 5.83 20.69
CA TRP A 413 56.94 4.53 20.07
C TRP A 413 58.21 3.76 20.39
N ASP A 414 59.28 4.46 20.73
CA ASP A 414 60.52 3.78 21.03
C ASP A 414 61.01 3.00 19.80
N GLU A 415 61.43 1.77 19.98
CA GLU A 415 62.08 0.98 18.96
C GLU A 415 61.13 0.71 17.83
N TYR A 416 59.86 0.91 18.09
CA TYR A 416 58.83 0.82 17.07
C TYR A 416 59.01 1.88 15.97
N LYS A 417 59.68 2.98 16.24
CA LYS A 417 59.66 4.04 15.24
C LYS A 417 60.17 3.45 13.95
N ASP A 418 60.94 2.38 14.04
CA ASP A 418 61.42 1.68 12.88
C ASP A 418 60.30 1.12 12.01
N TYR A 419 59.25 0.57 12.60
CA TYR A 419 58.12 0.09 11.80
C TYR A 419 57.41 1.25 11.13
N PHE A 420 57.26 2.37 11.83
CA PHE A 420 56.60 3.53 11.25
C PHE A 420 57.39 4.05 10.07
N TYR A 421 58.72 4.12 10.21
CA TYR A 421 59.54 4.77 9.20
C TYR A 421 59.65 3.98 7.92
N ALA A 422 59.50 2.66 7.97
CA ALA A 422 59.49 1.90 6.71
C ALA A 422 58.12 1.85 6.08
N SER A 423 57.05 2.07 6.83
CA SER A 423 55.75 2.27 6.20
C SER A 423 55.65 3.66 5.60
N ARG A 424 56.30 4.62 6.22
CA ARG A 424 56.42 5.90 5.63
C ARG A 424 57.86 6.21 5.74
N PRO A 425 58.60 6.08 4.55
CA PRO A 425 59.98 6.53 4.68
C PRO A 425 60.07 8.00 4.37
N GLU A 426 59.02 8.50 3.74
CA GLU A 426 59.01 9.83 3.23
C GLU A 426 59.14 10.78 4.40
N SER A 427 58.76 10.31 5.57
CA SER A 427 58.73 11.12 6.77
C SER A 427 60.06 11.17 7.48
N GLN A 428 61.03 10.42 6.97
CA GLN A 428 62.19 10.09 7.75
C GLN A 428 62.94 11.32 8.20
N ALA A 429 63.07 12.30 7.33
CA ALA A 429 63.89 13.44 7.67
C ALA A 429 63.10 14.67 7.44
N LEU A 430 62.10 14.80 8.28
CA LEU A 430 61.07 15.78 8.17
C LEU A 430 61.33 16.58 9.39
N PRO A 431 61.36 17.88 9.24
CA PRO A 431 61.58 18.71 10.43
C PRO A 431 60.45 18.63 11.46
N TYR A 432 60.40 17.63 12.37
CA TYR A 432 59.22 17.43 13.21
C TYR A 432 59.14 18.39 14.40
N GLY A 433 60.20 19.15 14.68
CA GLY A 433 60.11 20.26 15.60
C GLY A 433 60.63 19.90 16.98
N ASP A 434 60.45 20.83 17.91
CA ASP A 434 60.86 20.60 19.29
C ASP A 434 59.97 19.59 19.99
N ILE A 435 60.61 18.62 20.64
CA ILE A 435 59.97 17.46 21.23
C ILE A 435 60.55 17.29 22.64
N SER A 436 61.35 18.27 23.07
CA SER A 436 62.18 18.15 24.27
C SER A 436 61.33 18.00 25.53
N GLU A 437 60.48 18.99 25.81
CA GLU A 437 59.64 18.92 27.01
C GLU A 437 58.76 17.67 27.01
N LEU A 438 58.26 17.28 25.85
CA LEU A 438 57.45 16.06 25.76
C LEU A 438 58.28 14.83 26.10
N LYS A 439 59.54 14.77 25.67
CA LYS A 439 60.36 13.65 26.11
C LYS A 439 60.69 13.73 27.60
N LYS A 440 60.95 14.95 28.11
CA LYS A 440 61.24 15.09 29.53
C LYS A 440 60.04 14.71 30.37
N PHE A 441 58.84 15.08 29.92
CA PHE A 441 57.63 14.65 30.62
C PHE A 441 57.65 13.15 30.81
N ARG A 442 57.80 12.42 29.71
CA ARG A 442 57.79 10.96 29.76
C ARG A 442 58.81 10.42 30.74
N GLU A 443 60.00 11.04 30.77
CA GLU A 443 61.04 10.59 31.68
C GLU A 443 60.78 11.01 33.12
N ASP A 444 60.25 12.20 33.33
CA ASP A 444 60.02 12.62 34.71
C ASP A 444 58.97 11.74 35.37
N HIS A 445 57.95 11.37 34.61
CA HIS A 445 56.87 10.56 35.13
C HIS A 445 57.15 9.09 35.06
N ASN A 446 58.33 8.74 34.56
CA ASN A 446 58.74 7.35 34.61
C ASN A 446 57.85 6.46 33.78
N CYS A 447 57.34 7.01 32.69
CA CYS A 447 56.32 6.35 31.91
C CYS A 447 56.89 5.05 31.36
N LYS A 448 56.03 4.03 31.26
CA LYS A 448 56.41 2.69 30.84
C LYS A 448 56.75 2.65 29.38
N SER A 449 57.47 1.63 28.95
CA SER A 449 57.96 1.58 27.57
C SER A 449 56.83 1.26 26.61
N PHE A 450 57.03 1.64 25.35
CA PHE A 450 56.06 1.21 24.35
C PHE A 450 56.09 -0.29 24.21
N LYS A 451 57.24 -0.91 24.51
CA LYS A 451 57.36 -2.35 24.38
C LYS A 451 56.46 -3.06 25.38
N TRP A 452 56.47 -2.61 26.65
CA TRP A 452 55.47 -3.11 27.60
C TRP A 452 54.09 -2.93 27.02
N PHE A 453 53.80 -1.72 26.54
CA PHE A 453 52.46 -1.41 26.06
C PHE A 453 51.99 -2.42 25.03
N MET A 454 52.91 -2.82 24.14
CA MET A 454 52.52 -3.58 22.96
C MET A 454 52.33 -5.04 23.34
N GLU A 455 52.92 -5.46 24.44
CA GLU A 455 52.76 -6.84 24.84
C GLU A 455 51.81 -7.05 25.99
N GLU A 456 51.52 -6.03 26.79
CA GLU A 456 50.57 -6.24 27.88
C GLU A 456 49.17 -5.76 27.49
N ILE A 457 49.03 -4.56 26.91
CA ILE A 457 47.70 -4.03 26.69
C ILE A 457 47.27 -4.02 25.23
N ALA A 458 48.19 -3.97 24.26
CA ALA A 458 47.84 -3.95 22.83
C ALA A 458 48.40 -5.14 22.06
N TYR A 459 48.34 -6.32 22.70
CA TYR A 459 48.82 -7.58 22.16
C TYR A 459 48.18 -7.98 20.83
N ASP A 460 46.95 -7.55 20.54
CA ASP A 460 46.25 -8.10 19.38
C ASP A 460 46.51 -7.35 18.09
N ILE A 461 47.17 -6.19 18.13
CA ILE A 461 47.32 -5.38 16.92
C ILE A 461 48.15 -6.12 15.87
N THR A 462 49.36 -6.57 16.25
CA THR A 462 50.22 -7.23 15.25
C THR A 462 49.59 -8.47 14.66
N SER A 463 48.54 -8.99 15.29
CA SER A 463 47.81 -10.10 14.70
C SER A 463 46.93 -9.62 13.54
N HIS A 464 46.37 -8.41 13.62
CA HIS A 464 45.61 -7.92 12.47
C HIS A 464 46.44 -7.07 11.50
N TYR A 465 47.46 -6.34 11.99
CA TYR A 465 48.28 -5.44 11.18
C TYR A 465 49.75 -5.78 11.42
N PRO A 466 50.29 -6.74 10.68
CA PRO A 466 51.62 -7.25 10.97
C PRO A 466 52.73 -6.23 10.82
N LEU A 467 53.79 -6.41 11.59
CA LEU A 467 54.93 -5.54 11.54
C LEU A 467 55.49 -5.64 10.15
N PRO A 468 55.98 -4.42 9.63
CA PRO A 468 56.36 -4.51 8.23
C PRO A 468 57.81 -4.80 8.02
N PRO A 469 58.13 -5.42 6.80
CA PRO A 469 59.57 -5.64 6.62
C PRO A 469 60.35 -4.37 6.33
N LYS A 470 61.59 -4.31 6.79
CA LYS A 470 62.43 -3.14 6.57
C LYS A 470 62.42 -2.79 5.08
N ASN A 471 62.91 -1.61 4.75
CA ASN A 471 62.99 -1.21 3.35
C ASN A 471 64.36 -1.47 2.75
N VAL A 472 64.39 -1.82 1.47
CA VAL A 472 65.64 -1.79 0.71
C VAL A 472 65.86 -0.43 0.10
N ASP A 473 64.84 0.13 -0.53
CA ASP A 473 64.92 1.48 -1.09
C ASP A 473 63.52 2.04 -1.21
N TRP A 474 63.43 3.35 -1.36
CA TRP A 474 62.15 4.02 -1.49
C TRP A 474 62.35 5.29 -2.30
N GLY A 475 61.29 5.78 -2.90
CA GLY A 475 61.38 7.05 -3.58
C GLY A 475 60.65 7.02 -4.89
N GLU A 476 61.04 7.91 -5.81
CA GLU A 476 60.48 7.83 -7.15
C GLU A 476 61.10 6.64 -7.88
N ILE A 477 60.37 6.10 -8.85
CA ILE A 477 60.98 5.12 -9.75
C ILE A 477 61.13 5.77 -11.11
N ARG A 478 62.27 6.41 -11.37
CA ARG A 478 62.49 7.26 -12.54
C ARG A 478 63.20 6.50 -13.66
N GLY A 479 62.93 6.91 -14.91
CA GLY A 479 63.63 6.30 -16.02
C GLY A 479 65.08 6.76 -16.10
N PHE A 480 66.02 5.81 -16.20
CA PHE A 480 67.44 6.16 -16.16
C PHE A 480 67.78 7.23 -17.18
N GLU A 481 68.31 8.37 -16.69
CA GLU A 481 68.65 9.52 -17.54
C GLU A 481 67.47 9.95 -18.39
N THR A 482 66.26 9.83 -17.83
CA THR A 482 65.05 10.41 -18.41
C THR A 482 64.37 11.23 -17.34
N ALA A 483 63.22 11.80 -17.69
CA ALA A 483 62.39 12.54 -16.75
C ALA A 483 61.00 11.94 -16.71
N TYR A 484 60.90 10.62 -16.83
CA TYR A 484 59.62 9.96 -16.70
C TYR A 484 59.69 9.05 -15.49
N CYS A 485 58.57 8.96 -14.77
CA CYS A 485 58.45 8.21 -13.52
C CYS A 485 57.23 7.32 -13.61
N ILE A 486 57.37 6.10 -13.09
CA ILE A 486 56.19 5.30 -12.80
C ILE A 486 55.31 6.11 -11.90
N ASP A 487 54.03 6.25 -12.26
CA ASP A 487 53.12 6.85 -11.30
C ASP A 487 51.76 6.18 -11.36
N SER A 488 51.15 6.15 -10.18
CA SER A 488 50.00 5.32 -9.87
C SER A 488 48.75 5.84 -10.51
N MET A 489 48.73 7.13 -10.85
CA MET A 489 47.50 7.85 -11.17
C MET A 489 46.50 7.78 -10.04
N GLY A 490 46.95 7.54 -8.81
CA GLY A 490 46.05 7.29 -7.72
C GLY A 490 45.30 5.97 -7.76
N LYS A 491 45.63 5.13 -8.73
CA LYS A 491 44.93 3.88 -8.99
C LYS A 491 45.09 2.92 -7.86
N THR A 492 44.05 2.15 -7.59
CA THR A 492 44.05 1.22 -6.48
C THR A 492 43.42 -0.06 -6.89
N ASN A 493 43.71 -1.11 -6.17
CA ASN A 493 42.93 -2.33 -6.20
C ASN A 493 42.63 -2.95 -7.54
N GLY A 494 43.61 -3.14 -8.42
CA GLY A 494 43.15 -3.70 -9.66
C GLY A 494 43.41 -2.89 -10.90
N GLY A 495 43.73 -1.60 -10.74
CA GLY A 495 44.06 -0.77 -11.87
C GLY A 495 45.50 -0.87 -12.24
N PHE A 496 45.85 -0.21 -13.34
CA PHE A 496 47.15 -0.36 -13.97
C PHE A 496 48.02 0.87 -13.82
N VAL A 497 49.28 0.66 -13.56
CA VAL A 497 50.20 1.72 -13.25
C VAL A 497 50.82 2.24 -14.54
N GLU A 498 51.00 3.55 -14.65
CA GLU A 498 51.41 4.15 -15.90
C GLU A 498 52.71 4.93 -15.72
N LEU A 499 53.16 5.54 -16.80
CA LEU A 499 54.33 6.41 -16.76
C LEU A 499 53.86 7.85 -16.86
N GLY A 500 54.62 8.78 -16.28
CA GLY A 500 54.29 10.18 -16.40
C GLY A 500 55.50 11.05 -16.16
N PRO A 501 55.40 12.33 -16.50
CA PRO A 501 56.54 13.24 -16.27
C PRO A 501 56.82 13.39 -14.78
N CYS A 502 58.08 13.20 -14.40
CA CYS A 502 58.49 13.27 -13.01
C CYS A 502 58.28 14.67 -12.46
N HIS A 503 57.75 14.74 -11.24
CA HIS A 503 57.61 15.98 -10.52
C HIS A 503 58.31 16.05 -9.18
N ARG A 504 58.75 14.92 -8.68
CA ARG A 504 59.56 14.86 -7.47
C ARG A 504 58.79 15.32 -6.27
N MET A 505 57.48 15.23 -6.36
CA MET A 505 56.61 15.69 -5.30
C MET A 505 56.13 14.57 -4.42
N GLY A 506 56.69 13.39 -4.61
CA GLY A 506 56.20 12.20 -3.94
C GLY A 506 54.81 11.84 -4.36
N GLY A 507 53.91 11.62 -3.42
CA GLY A 507 52.54 11.32 -3.79
C GLY A 507 52.32 10.02 -4.55
N ASN A 508 51.78 10.09 -5.75
CA ASN A 508 51.55 8.90 -6.53
C ASN A 508 52.76 8.48 -7.36
N GLN A 509 53.87 9.22 -7.28
CA GLN A 509 55.13 8.80 -7.91
C GLN A 509 56.15 8.34 -6.87
N LEU A 510 55.69 7.86 -5.72
CA LEU A 510 56.54 7.41 -4.63
C LEU A 510 56.25 5.96 -4.35
N PHE A 511 57.29 5.16 -4.18
CA PHE A 511 57.16 3.72 -4.00
C PHE A 511 58.21 3.26 -3.00
N ARG A 512 58.17 2.00 -2.61
CA ARG A 512 59.16 1.50 -1.71
C ARG A 512 59.37 0.04 -1.99
N ILE A 513 60.56 -0.44 -1.72
CA ILE A 513 60.80 -1.86 -1.90
C ILE A 513 61.16 -2.55 -0.60
N ASN A 514 60.42 -3.61 -0.34
CA ASN A 514 60.53 -4.45 0.82
C ASN A 514 61.76 -5.29 0.79
N GLU A 515 62.23 -5.64 1.96
CA GLU A 515 63.15 -6.73 2.11
C GLU A 515 62.43 -7.97 1.66
N ALA A 516 61.13 -8.01 1.91
CA ALA A 516 60.27 -9.15 1.56
C ALA A 516 59.88 -9.18 0.09
N ASN A 517 60.51 -8.35 -0.75
CA ASN A 517 60.34 -8.36 -2.20
C ASN A 517 58.98 -7.82 -2.65
N GLN A 518 58.37 -6.95 -1.84
CA GLN A 518 57.13 -6.30 -2.23
C GLN A 518 57.42 -4.89 -2.73
N LEU A 519 56.85 -4.52 -3.88
CA LEU A 519 56.88 -3.17 -4.38
C LEU A 519 55.56 -2.51 -4.03
N MET A 520 55.60 -1.46 -3.17
CA MET A 520 54.40 -0.95 -2.49
C MET A 520 54.26 0.57 -2.59
N GLN A 521 53.01 0.99 -2.63
CA GLN A 521 52.61 2.40 -2.53
C GLN A 521 51.46 2.43 -1.55
N TYR A 522 51.61 3.21 -0.48
CA TYR A 522 50.68 3.17 0.66
C TYR A 522 50.49 1.72 1.09
N ASP A 523 49.28 1.22 1.11
CA ASP A 523 49.03 -0.12 1.61
C ASP A 523 49.12 -1.15 0.50
N GLN A 524 49.22 -0.69 -0.75
CA GLN A 524 49.01 -1.56 -1.89
C GLN A 524 50.34 -1.95 -2.51
N CYS A 525 50.23 -2.99 -3.32
CA CYS A 525 51.33 -3.63 -3.97
C CYS A 525 51.24 -3.69 -5.44
N LEU A 526 52.38 -3.86 -6.08
CA LEU A 526 52.44 -4.03 -7.49
C LEU A 526 52.73 -5.44 -7.76
N THR A 527 51.99 -5.97 -8.71
CA THR A 527 52.16 -7.31 -9.20
C THR A 527 51.96 -7.27 -10.66
N LYS A 528 51.87 -8.42 -11.26
CA LYS A 528 51.74 -8.52 -12.68
C LYS A 528 50.45 -9.22 -12.92
N GLY A 529 49.59 -8.59 -13.69
CA GLY A 529 48.30 -9.15 -13.92
C GLY A 529 48.26 -9.60 -15.34
N ALA A 530 48.13 -10.90 -15.55
CA ALA A 530 48.00 -11.39 -16.89
C ALA A 530 46.57 -11.20 -17.21
N ASP A 531 46.14 -11.58 -18.39
CA ASP A 531 47.02 -12.01 -19.48
C ASP A 531 48.03 -10.93 -19.76
N GLY A 532 47.76 -9.75 -19.27
CA GLY A 532 48.66 -8.64 -19.47
C GLY A 532 50.08 -8.98 -19.10
N SER A 533 50.90 -8.02 -19.45
CA SER A 533 52.25 -7.84 -19.02
C SER A 533 52.33 -6.47 -18.41
N LYS A 534 51.23 -5.99 -17.87
CA LYS A 534 51.16 -4.68 -17.35
C LYS A 534 51.37 -4.89 -15.91
N VAL A 535 51.59 -3.81 -15.19
CA VAL A 535 51.82 -3.86 -13.78
C VAL A 535 50.62 -3.20 -13.19
N MET A 536 50.13 -3.72 -12.09
CA MET A 536 48.82 -3.42 -11.61
C MET A 536 48.99 -3.18 -10.16
N ILE A 537 48.06 -2.51 -9.49
CA ILE A 537 48.07 -2.37 -8.05
C ILE A 537 46.84 -2.98 -7.43
N THR A 538 47.04 -3.66 -6.32
CA THR A 538 45.96 -4.27 -5.60
C THR A 538 46.28 -4.16 -4.17
N HIS A 539 45.42 -4.70 -3.33
CA HIS A 539 45.68 -4.77 -1.92
C HIS A 539 46.58 -5.94 -1.63
N CYS A 540 47.22 -5.87 -0.49
CA CYS A 540 48.43 -6.53 -0.24
C CYS A 540 48.31 -7.30 0.99
N ASN A 541 49.06 -8.38 1.12
CA ASN A 541 49.06 -9.05 2.39
C ASN A 541 50.44 -9.57 2.58
N LEU A 542 50.81 -9.89 3.80
CA LEU A 542 52.20 -9.93 4.16
C LEU A 542 52.99 -10.87 3.29
N ASN A 543 52.34 -11.89 2.79
CA ASN A 543 53.06 -12.87 2.02
C ASN A 543 52.63 -12.90 0.58
N GLU A 544 52.00 -11.81 0.16
CA GLU A 544 51.42 -11.71 -1.14
C GLU A 544 52.23 -10.78 -1.99
N PHE A 545 52.47 -11.22 -3.20
CA PHE A 545 53.16 -10.45 -4.23
C PHE A 545 54.60 -10.14 -3.90
N LYS A 546 55.27 -11.13 -3.34
CA LYS A 546 56.72 -11.10 -3.06
C LYS A 546 57.47 -11.42 -4.35
N GLU A 547 57.51 -10.45 -5.26
CA GLU A 547 57.89 -10.83 -6.61
C GLU A 547 58.79 -9.83 -7.34
N TRP A 548 59.31 -8.81 -6.66
CA TRP A 548 60.24 -7.88 -7.28
C TRP A 548 61.58 -7.95 -6.56
N GLN A 549 62.66 -7.79 -7.31
CA GLN A 549 63.94 -7.50 -6.69
C GLN A 549 64.60 -6.36 -7.44
N TYR A 550 65.22 -5.45 -6.70
CA TYR A 550 65.79 -4.24 -7.27
C TYR A 550 67.28 -4.25 -7.11
N PHE A 551 67.99 -4.13 -8.21
CA PHE A 551 69.42 -3.97 -8.15
C PHE A 551 69.73 -2.54 -8.51
N LYS A 552 70.25 -1.80 -7.57
CA LYS A 552 70.51 -0.40 -7.81
C LYS A 552 71.58 -0.15 -8.84
N ASN A 553 72.68 -0.87 -8.75
CA ASN A 553 73.77 -0.68 -9.70
C ASN A 553 73.39 -1.06 -11.11
N LEU A 554 72.69 -2.17 -11.23
CA LEU A 554 72.17 -2.63 -12.50
C LEU A 554 71.17 -1.69 -13.11
N HIS A 555 70.45 -0.96 -12.26
CA HIS A 555 69.39 -0.09 -12.71
C HIS A 555 68.24 -0.95 -13.13
N ARG A 556 68.15 -2.15 -12.56
CA ARG A 556 67.16 -3.12 -12.99
C ARG A 556 66.19 -3.48 -11.89
N PHE A 557 64.90 -3.38 -12.19
CA PHE A 557 63.86 -4.08 -11.45
C PHE A 557 63.55 -5.34 -12.21
N THR A 558 63.51 -6.47 -11.54
CA THR A 558 63.18 -7.70 -12.24
C THR A 558 62.06 -8.41 -11.51
N HIS A 559 61.06 -8.85 -12.27
CA HIS A 559 60.01 -9.75 -11.81
C HIS A 559 60.57 -11.11 -11.48
N ILE A 560 60.25 -11.63 -10.31
CA ILE A 560 60.92 -12.86 -9.89
C ILE A 560 60.27 -14.10 -10.49
N PRO A 561 58.89 -14.25 -10.54
CA PRO A 561 58.29 -15.48 -11.10
C PRO A 561 58.53 -15.71 -12.59
N SER A 562 58.29 -14.70 -13.41
CA SER A 562 58.86 -14.76 -14.75
C SER A 562 60.34 -14.48 -14.61
N GLY A 563 61.03 -14.28 -15.72
CA GLY A 563 62.36 -13.75 -15.65
C GLY A 563 62.39 -12.28 -16.02
N LYS A 564 61.21 -11.74 -16.27
CA LYS A 564 61.06 -10.46 -16.92
C LYS A 564 61.51 -9.24 -16.14
N CYS A 565 61.91 -8.20 -16.86
CA CYS A 565 62.36 -6.96 -16.25
C CYS A 565 61.38 -5.86 -16.51
N LEU A 566 61.30 -4.91 -15.60
CA LEU A 566 60.42 -3.78 -15.77
C LEU A 566 60.86 -3.07 -17.01
N ASP A 567 59.90 -2.67 -17.84
CA ASP A 567 60.19 -1.98 -19.07
C ASP A 567 59.17 -0.88 -19.23
N ARG A 568 59.49 0.12 -20.04
CA ARG A 568 58.54 1.18 -20.34
C ARG A 568 58.64 1.59 -21.80
N SER A 569 57.56 2.19 -22.30
CA SER A 569 57.58 2.85 -23.58
C SER A 569 57.36 4.31 -23.30
N GLU A 570 58.27 5.17 -23.71
CA GLU A 570 58.16 6.58 -23.38
C GLU A 570 56.93 7.25 -23.97
N VAL A 571 56.60 6.94 -25.21
CA VAL A 571 55.31 7.32 -25.76
C VAL A 571 54.63 6.11 -26.38
N LEU A 572 53.41 5.79 -25.98
CA LEU A 572 52.67 6.47 -24.93
C LEU A 572 53.25 6.04 -23.63
N HIS A 573 52.91 6.71 -22.56
CA HIS A 573 53.56 6.43 -21.30
C HIS A 573 52.99 5.14 -20.76
N GLN A 574 53.79 4.09 -20.84
CA GLN A 574 53.35 2.75 -20.51
C GLN A 574 54.39 2.04 -19.69
N VAL A 575 53.94 1.22 -18.74
CA VAL A 575 54.83 0.38 -17.98
C VAL A 575 54.40 -1.07 -18.12
N PHE A 576 55.34 -1.94 -18.46
CA PHE A 576 55.08 -3.36 -18.63
C PHE A 576 56.32 -4.13 -18.25
N ILE A 577 56.18 -5.44 -18.05
CA ILE A 577 57.35 -6.29 -17.88
C ILE A 577 57.57 -7.09 -19.15
N SER A 578 58.79 -7.05 -19.64
CA SER A 578 59.15 -7.61 -20.93
C SER A 578 60.42 -8.41 -20.79
N ASN A 579 60.72 -9.25 -21.77
CA ASN A 579 61.88 -10.10 -21.65
C ASN A 579 63.10 -9.24 -21.48
N CYS A 580 63.96 -9.67 -20.58
CA CYS A 580 65.13 -8.92 -20.21
C CYS A 580 66.04 -8.74 -21.39
N ASP A 581 66.54 -7.53 -21.59
CA ASP A 581 67.58 -7.36 -22.57
C ASP A 581 68.40 -6.25 -21.98
N SER A 582 69.70 -6.24 -22.25
CA SER A 582 70.54 -5.21 -21.66
C SER A 582 70.80 -4.10 -22.62
N SER A 583 70.43 -4.33 -23.87
CA SER A 583 70.52 -3.33 -24.91
C SER A 583 69.59 -2.20 -24.58
N LYS A 584 68.40 -2.55 -24.10
CA LYS A 584 67.36 -1.57 -23.92
C LYS A 584 67.64 -0.63 -22.78
N THR A 585 67.54 0.66 -23.08
CA THR A 585 67.64 1.72 -22.09
C THR A 585 66.41 1.84 -21.24
N THR A 586 65.26 1.51 -21.83
CA THR A 586 64.06 1.21 -21.09
C THR A 586 64.48 -0.08 -20.44
N GLN A 587 63.92 -0.44 -19.30
CA GLN A 587 64.44 -1.53 -18.46
C GLN A 587 65.55 -1.03 -17.55
N LYS A 588 65.86 0.24 -17.65
CA LYS A 588 66.82 0.84 -16.75
C LYS A 588 66.11 1.89 -15.91
N TRP A 589 66.24 1.78 -14.58
CA TRP A 589 65.52 2.62 -13.64
C TRP A 589 66.43 2.99 -12.48
N GLU A 590 66.31 4.22 -11.99
CA GLU A 590 66.84 4.52 -10.67
C GLU A 590 65.67 4.61 -9.69
N MET A 591 65.97 4.48 -8.39
CA MET A 591 65.01 4.82 -7.33
C MET A 591 65.63 5.90 -6.45
N ASN A 592 64.95 7.03 -6.30
CA ASN A 592 65.57 8.16 -5.63
C ASN A 592 64.66 8.63 -4.49
N ASN A 593 65.20 8.87 -3.30
CA ASN A 593 64.41 9.44 -2.23
C ASN A 593 63.93 10.81 -2.57
N ILE A 594 62.63 11.00 -2.60
CA ILE A 594 62.10 12.33 -2.64
C ILE A 594 62.00 12.79 -1.22
N HIS A 595 62.55 13.96 -0.97
CA HIS A 595 62.58 14.52 0.37
C HIS A 595 61.63 15.69 0.41
N SER A 596 60.77 15.70 1.42
CA SER A 596 59.84 16.80 1.61
C SER A 596 60.31 17.63 2.78
N VAL A 597 60.48 18.94 2.56
CA VAL A 597 60.91 19.83 3.63
C VAL A 597 59.76 20.61 4.23
N TYR B 52 -40.14 23.93 -53.22
CA TYR B 52 -39.95 23.17 -54.45
C TYR B 52 -38.56 22.57 -54.57
N LEU B 53 -37.62 23.14 -53.84
CA LEU B 53 -36.25 22.65 -53.84
C LEU B 53 -36.15 21.28 -53.20
N THR B 54 -35.24 20.48 -53.71
CA THR B 54 -35.02 19.12 -53.28
C THR B 54 -33.54 18.94 -53.08
N PHE B 55 -33.15 17.98 -52.28
CA PHE B 55 -31.75 17.60 -52.20
C PHE B 55 -31.41 16.61 -53.31
N LYS B 56 -30.14 16.49 -53.63
CA LYS B 56 -29.74 15.60 -54.70
C LYS B 56 -30.11 14.20 -54.28
N PRO B 57 -30.60 13.38 -55.31
CA PRO B 57 -30.99 12.04 -54.85
C PRO B 57 -29.81 11.12 -54.64
N GLN B 58 -30.00 10.05 -53.90
CA GLN B 58 -28.95 9.07 -53.68
C GLN B 58 -28.52 8.43 -54.98
N THR B 59 -27.22 8.27 -55.18
CA THR B 59 -26.76 7.46 -56.28
C THR B 59 -25.85 6.34 -55.79
N PHE B 60 -25.16 6.60 -54.69
CA PHE B 60 -24.24 5.66 -54.09
C PHE B 60 -25.01 4.49 -53.52
N THR B 61 -24.47 3.29 -53.63
CA THR B 61 -25.11 2.11 -53.07
C THR B 61 -24.30 1.52 -51.94
N TYR B 62 -24.93 1.34 -50.79
CA TYR B 62 -24.32 0.76 -49.61
C TYR B 62 -25.31 -0.18 -48.97
N HIS B 63 -24.82 -1.13 -48.19
CA HIS B 63 -25.68 -2.05 -47.47
C HIS B 63 -25.52 -1.80 -45.99
N ASP B 64 -26.62 -1.65 -45.27
CA ASP B 64 -26.55 -1.39 -43.85
C ASP B 64 -25.89 -2.61 -43.24
N PRO B 65 -25.13 -2.44 -42.18
CA PRO B 65 -24.33 -3.57 -41.70
C PRO B 65 -25.12 -4.60 -40.94
N VAL B 66 -24.51 -5.74 -40.71
CA VAL B 66 -25.15 -6.90 -40.11
C VAL B 66 -24.42 -7.28 -38.83
N LEU B 67 -25.17 -7.63 -37.79
CA LEU B 67 -24.56 -8.11 -36.55
C LEU B 67 -24.39 -9.60 -36.63
N ARG B 68 -23.20 -10.08 -36.32
CA ARG B 68 -22.92 -11.50 -36.39
C ARG B 68 -22.31 -11.95 -35.10
N PRO B 69 -23.23 -12.11 -34.05
CA PRO B 69 -22.59 -12.29 -32.74
C PRO B 69 -21.70 -13.50 -32.72
N GLY B 70 -20.58 -13.35 -32.04
CA GLY B 70 -19.62 -14.42 -31.91
C GLY B 70 -18.66 -14.51 -33.08
N ILE B 71 -18.85 -13.63 -34.06
CA ILE B 71 -17.90 -13.56 -35.15
C ILE B 71 -17.31 -12.17 -35.20
N LEU B 72 -16.00 -12.11 -35.13
CA LEU B 72 -15.26 -10.86 -35.06
C LEU B 72 -15.08 -10.22 -36.41
N GLY B 73 -14.63 -8.97 -36.43
CA GLY B 73 -14.30 -8.29 -37.66
C GLY B 73 -15.50 -7.55 -38.16
N ASN B 74 -15.50 -7.21 -39.45
CA ASN B 74 -14.32 -7.19 -40.29
C ASN B 74 -13.34 -6.11 -39.91
N PHE B 75 -13.90 -4.96 -39.56
CA PHE B 75 -13.16 -3.75 -39.27
C PHE B 75 -12.30 -3.64 -38.03
N GLU B 76 -12.75 -4.18 -36.90
CA GLU B 76 -11.99 -4.01 -35.67
C GLU B 76 -10.74 -4.88 -35.67
N PRO B 77 -9.61 -4.27 -35.07
CA PRO B 77 -8.37 -5.02 -35.31
C PRO B 77 -8.33 -6.42 -34.72
N LYS B 78 -7.65 -7.29 -35.47
CA LYS B 78 -7.38 -8.65 -35.10
C LYS B 78 -6.43 -8.83 -33.91
N GLU B 79 -5.42 -7.97 -33.83
CA GLU B 79 -4.43 -8.02 -32.77
C GLU B 79 -4.38 -6.69 -32.04
N PRO B 80 -3.85 -6.74 -30.74
CA PRO B 80 -4.01 -5.47 -29.99
C PRO B 80 -3.17 -4.35 -30.56
N GLU B 81 -3.62 -3.12 -30.39
CA GLU B 81 -2.90 -2.00 -30.94
C GLU B 81 -1.56 -2.01 -30.24
N PRO B 82 -0.44 -1.91 -31.07
CA PRO B 82 0.83 -1.86 -30.32
C PRO B 82 0.97 -0.55 -29.61
N PRO B 83 1.65 -0.52 -28.48
CA PRO B 83 1.74 0.75 -27.77
C PRO B 83 2.76 1.62 -28.47
N GLY B 84 2.62 2.93 -28.35
CA GLY B 84 3.62 3.83 -28.86
C GLY B 84 4.93 3.67 -28.14
N VAL B 85 4.86 3.58 -26.82
CA VAL B 85 6.00 3.32 -26.01
C VAL B 85 5.66 2.19 -25.09
N VAL B 86 6.55 1.23 -24.95
CA VAL B 86 6.27 0.10 -24.10
C VAL B 86 6.99 0.25 -22.80
N GLY B 87 6.26 0.45 -21.71
CA GLY B 87 4.87 0.80 -21.72
C GLY B 87 4.78 1.98 -20.77
N GLY B 88 3.76 2.79 -20.97
CA GLY B 88 3.52 3.99 -20.18
C GLY B 88 4.42 4.94 -20.89
N PRO B 89 4.47 6.30 -20.55
CA PRO B 89 3.48 6.77 -19.57
C PRO B 89 1.99 6.71 -19.88
N GLY B 90 1.62 7.07 -21.10
CA GLY B 90 0.24 7.17 -21.52
C GLY B 90 -0.62 5.94 -21.62
N GLU B 91 -0.02 4.84 -22.02
CA GLU B 91 -0.75 3.64 -22.36
C GLU B 91 -1.24 2.77 -21.19
N LYS B 92 -2.30 2.01 -21.41
CA LYS B 92 -3.23 2.23 -22.49
C LYS B 92 -4.28 3.08 -21.87
N ALA B 93 -4.12 4.38 -21.95
CA ALA B 93 -5.05 5.27 -21.32
C ALA B 93 -5.01 5.13 -19.82
N LYS B 94 -3.91 4.65 -19.28
CA LYS B 94 -3.70 4.72 -17.85
C LYS B 94 -3.55 6.15 -17.44
N PRO B 95 -4.13 6.49 -16.21
CA PRO B 95 -3.85 7.88 -15.81
C PRO B 95 -2.38 8.14 -15.49
N LEU B 96 -1.90 9.32 -15.85
CA LEU B 96 -0.55 9.72 -15.52
C LEU B 96 -0.64 10.65 -14.36
N VAL B 97 -0.06 10.26 -13.24
CA VAL B 97 -0.05 11.13 -12.08
C VAL B 97 1.39 11.49 -11.81
N LEU B 98 1.62 12.78 -11.74
CA LEU B 98 2.96 13.36 -11.61
C LEU B 98 3.16 13.97 -10.22
N GLY B 99 4.18 14.84 -10.12
CA GLY B 99 4.31 15.76 -9.01
C GLY B 99 4.88 15.11 -7.79
N PRO B 100 5.25 15.89 -6.79
CA PRO B 100 5.09 17.33 -6.75
C PRO B 100 6.25 18.08 -7.37
N GLU B 101 7.24 17.34 -7.85
CA GLU B 101 8.39 17.94 -8.48
C GLU B 101 7.90 18.70 -9.69
N PHE B 102 6.88 18.17 -10.34
CA PHE B 102 6.34 18.77 -11.54
C PHE B 102 5.34 19.86 -11.27
N LYS B 103 5.00 20.10 -10.03
CA LYS B 103 3.85 20.93 -9.70
C LYS B 103 3.95 22.33 -10.23
N GLN B 104 5.11 22.96 -10.11
CA GLN B 104 5.27 24.31 -10.60
C GLN B 104 5.11 24.35 -12.11
N ALA B 105 5.69 23.36 -12.76
CA ALA B 105 5.68 23.28 -14.20
C ALA B 105 4.30 23.07 -14.76
N ILE B 106 3.55 22.23 -14.09
CA ILE B 106 2.20 21.89 -14.52
C ILE B 106 1.26 23.05 -14.43
N GLN B 107 1.29 23.76 -13.32
CA GLN B 107 0.43 24.94 -13.16
C GLN B 107 0.72 26.01 -14.20
N ALA B 108 1.99 26.19 -14.58
CA ALA B 108 2.31 27.12 -15.65
C ALA B 108 1.58 26.75 -16.94
N SER B 109 1.77 25.50 -17.40
CA SER B 109 1.18 25.08 -18.67
C SER B 109 -0.34 25.11 -18.61
N ILE B 110 -0.91 24.90 -17.44
CA ILE B 110 -2.34 25.06 -17.29
C ILE B 110 -2.74 26.51 -17.55
N LYS B 111 -1.97 27.47 -17.04
CA LYS B 111 -2.23 28.86 -17.39
C LYS B 111 -2.14 29.08 -18.89
N GLU B 112 -1.16 28.46 -19.57
CA GLU B 112 -1.02 28.76 -20.99
C GLU B 112 -2.09 28.08 -21.83
N PHE B 113 -2.56 26.89 -21.43
CA PHE B 113 -3.38 26.05 -22.30
C PHE B 113 -4.66 25.51 -21.67
N GLY B 114 -4.78 25.55 -20.36
CA GLY B 114 -5.97 25.02 -19.73
C GLY B 114 -5.90 23.51 -19.67
N PHE B 115 -4.74 22.97 -20.00
CA PHE B 115 -4.49 21.55 -19.98
C PHE B 115 -3.19 21.35 -19.26
N ASN B 116 -3.02 20.18 -18.69
CA ASN B 116 -1.78 19.87 -18.03
C ASN B 116 -0.87 19.41 -19.13
N MET B 117 -0.24 20.35 -19.78
CA MET B 117 0.65 20.05 -20.90
C MET B 117 1.87 19.23 -20.53
N VAL B 118 2.47 19.47 -19.37
CA VAL B 118 3.66 18.70 -19.04
C VAL B 118 3.35 17.21 -19.06
N ALA B 119 2.15 16.83 -18.61
CA ALA B 119 1.75 15.43 -18.67
C ALA B 119 1.51 14.99 -20.09
N SER B 120 0.76 15.77 -20.86
CA SER B 120 0.56 15.42 -22.26
C SER B 120 1.88 15.32 -23.01
N ASP B 121 2.86 16.18 -22.65
CA ASP B 121 4.10 16.18 -23.40
C ASP B 121 4.88 14.87 -23.24
N MET B 122 4.68 14.12 -22.15
CA MET B 122 5.39 12.87 -21.99
C MET B 122 4.57 11.64 -22.35
N ILE B 123 3.37 11.82 -22.91
CA ILE B 123 2.61 10.70 -23.45
C ILE B 123 2.83 10.61 -24.95
N SER B 124 2.95 9.40 -25.45
CA SER B 124 3.22 9.19 -26.87
C SER B 124 2.16 9.85 -27.74
N LEU B 125 2.59 10.47 -28.84
CA LEU B 125 1.65 10.86 -29.87
C LEU B 125 0.95 9.65 -30.48
N ASP B 126 1.53 8.46 -30.35
CA ASP B 126 0.97 7.25 -30.93
C ASP B 126 0.46 6.30 -29.86
N ARG B 127 0.09 6.81 -28.71
CA ARG B 127 -0.24 5.92 -27.60
C ARG B 127 -1.43 5.06 -27.97
N SER B 128 -1.45 3.87 -27.38
CA SER B 128 -2.68 3.09 -27.34
C SER B 128 -3.64 3.75 -26.36
N VAL B 129 -4.88 3.29 -26.41
CA VAL B 129 -5.94 3.83 -25.58
C VAL B 129 -6.93 2.74 -25.17
N ASN B 130 -7.66 2.97 -24.09
CA ASN B 130 -8.63 2.02 -23.60
C ASN B 130 -9.87 1.93 -24.46
N ASP B 131 -10.57 0.82 -24.39
CA ASP B 131 -11.73 0.63 -25.21
C ASP B 131 -12.99 0.79 -24.40
N LEU B 132 -13.78 1.79 -24.74
CA LEU B 132 -14.96 2.10 -23.95
C LEU B 132 -16.23 1.59 -24.58
N ARG B 133 -16.15 1.21 -25.85
CA ARG B 133 -17.31 0.69 -26.54
C ARG B 133 -17.68 -0.69 -26.06
N GLN B 134 -18.97 -0.99 -26.10
CA GLN B 134 -19.50 -2.25 -25.64
C GLN B 134 -19.05 -3.35 -26.57
N GLU B 135 -19.13 -4.58 -26.09
CA GLU B 135 -18.64 -5.77 -26.76
C GLU B 135 -19.33 -6.00 -28.08
N GLU B 136 -20.62 -5.71 -28.14
CA GLU B 136 -21.43 -5.96 -29.32
C GLU B 136 -20.88 -5.18 -30.50
N CYS B 137 -20.41 -3.97 -30.26
CA CYS B 137 -19.96 -3.13 -31.35
C CYS B 137 -18.80 -3.85 -32.04
N LYS B 138 -18.14 -4.73 -31.30
CA LYS B 138 -17.07 -5.54 -31.85
C LYS B 138 -17.53 -6.49 -32.95
N TYR B 139 -18.79 -6.88 -32.91
CA TYR B 139 -19.28 -7.91 -33.82
C TYR B 139 -20.04 -7.47 -35.07
N TRP B 140 -20.12 -6.18 -35.33
CA TRP B 140 -20.74 -5.68 -36.56
C TRP B 140 -19.86 -5.85 -37.78
N HIS B 141 -20.46 -6.18 -38.92
CA HIS B 141 -19.73 -6.30 -40.18
C HIS B 141 -20.20 -5.24 -41.16
N TYR B 142 -19.26 -4.54 -41.78
CA TYR B 142 -19.55 -3.37 -42.60
C TYR B 142 -19.19 -3.55 -44.07
N ASP B 143 -19.75 -2.72 -44.93
CA ASP B 143 -19.63 -2.86 -46.38
C ASP B 143 -18.24 -2.78 -46.96
N GLU B 144 -17.41 -1.89 -46.45
CA GLU B 144 -16.07 -1.63 -46.97
C GLU B 144 -16.12 -0.68 -48.13
N ASN B 145 -17.32 -0.29 -48.49
CA ASN B 145 -17.56 0.61 -49.60
C ASN B 145 -17.92 1.97 -49.10
N LEU B 146 -17.41 2.31 -47.93
CA LEU B 146 -17.77 3.56 -47.31
C LEU B 146 -17.23 4.71 -48.07
N LEU B 147 -17.83 5.87 -47.90
CA LEU B 147 -17.37 7.05 -48.57
C LEU B 147 -16.05 7.47 -47.99
N THR B 148 -15.26 8.14 -48.80
CA THR B 148 -13.98 8.69 -48.38
C THR B 148 -14.31 9.94 -47.61
N SER B 149 -13.36 10.40 -46.82
CA SER B 149 -13.60 11.42 -45.81
C SER B 149 -12.41 12.39 -45.72
N SER B 150 -12.73 13.66 -45.54
CA SER B 150 -11.74 14.64 -45.18
C SER B 150 -12.03 15.00 -43.75
N VAL B 151 -11.04 14.90 -42.88
CA VAL B 151 -11.26 15.33 -41.51
C VAL B 151 -10.70 16.74 -41.39
N VAL B 152 -11.51 17.65 -40.85
CA VAL B 152 -11.07 19.01 -40.65
C VAL B 152 -11.02 19.25 -39.15
N ILE B 153 -9.91 19.82 -38.71
CA ILE B 153 -9.56 20.08 -37.33
C ILE B 153 -9.24 21.57 -37.30
N VAL B 154 -10.14 22.37 -36.72
CA VAL B 154 -9.87 23.78 -36.51
C VAL B 154 -9.01 23.90 -35.27
N PHE B 155 -8.08 24.83 -35.25
CA PHE B 155 -7.35 25.02 -34.01
C PHE B 155 -7.01 26.49 -33.84
N HIS B 156 -6.77 26.88 -32.58
CA HIS B 156 -6.28 28.22 -32.25
C HIS B 156 -5.34 28.12 -31.06
N ASN B 157 -4.04 28.27 -31.28
CA ASN B 157 -3.05 28.29 -30.19
C ASN B 157 -3.03 26.98 -29.42
N GLU B 158 -3.40 25.90 -30.08
CA GLU B 158 -3.42 24.59 -29.45
C GLU B 158 -2.00 24.17 -29.11
N GLY B 159 -1.86 23.55 -27.94
CA GLY B 159 -0.57 22.98 -27.58
C GLY B 159 -0.16 21.91 -28.56
N TRP B 160 1.14 21.87 -28.87
CA TRP B 160 1.65 21.02 -29.94
C TRP B 160 1.26 19.57 -29.74
N SER B 161 1.60 19.02 -28.58
CA SER B 161 1.43 17.60 -28.41
C SER B 161 -0.04 17.20 -28.37
N THR B 162 -0.93 18.10 -27.98
CA THR B 162 -2.32 17.68 -28.05
C THR B 162 -2.84 17.74 -29.48
N LEU B 163 -2.40 18.73 -30.26
CA LEU B 163 -2.85 18.82 -31.65
C LEU B 163 -2.30 17.67 -32.48
N MET B 164 -1.00 17.36 -32.32
CA MET B 164 -0.39 16.30 -33.13
C MET B 164 -0.86 14.92 -32.68
N ARG B 165 -1.04 14.71 -31.38
CA ARG B 165 -1.57 13.41 -30.98
C ARG B 165 -2.93 13.18 -31.62
N THR B 166 -3.74 14.24 -31.79
CA THR B 166 -5.03 14.10 -32.47
C THR B 166 -4.85 13.56 -33.86
N VAL B 167 -4.00 14.21 -34.63
CA VAL B 167 -3.75 13.84 -36.00
C VAL B 167 -3.15 12.48 -36.05
N HIS B 168 -2.29 12.17 -35.09
CA HIS B 168 -1.71 10.84 -34.96
C HIS B 168 -2.74 9.76 -34.68
N SER B 169 -3.74 10.09 -33.89
CA SER B 169 -4.78 9.15 -33.51
C SER B 169 -5.57 8.69 -34.68
N VAL B 170 -5.96 9.63 -35.53
CA VAL B 170 -6.54 9.30 -36.80
C VAL B 170 -5.30 8.96 -37.58
N ILE B 171 -5.43 8.36 -38.74
CA ILE B 171 -4.27 7.83 -39.43
C ILE B 171 -3.79 6.54 -38.78
N LYS B 172 -3.51 6.56 -37.50
CA LYS B 172 -3.25 5.31 -36.80
C LYS B 172 -4.48 4.42 -36.73
N ARG B 173 -5.65 5.01 -36.50
CA ARG B 173 -6.83 4.20 -36.32
C ARG B 173 -7.85 4.25 -37.44
N THR B 174 -7.52 4.90 -38.54
CA THR B 174 -8.40 4.93 -39.68
C THR B 174 -7.80 4.15 -40.83
N PRO B 175 -8.57 3.33 -41.50
CA PRO B 175 -8.03 2.62 -42.65
C PRO B 175 -7.63 3.62 -43.70
N ARG B 176 -6.51 3.37 -44.36
CA ARG B 176 -5.89 4.36 -45.23
C ARG B 176 -6.71 4.77 -46.43
N LYS B 177 -7.43 3.86 -47.04
CA LYS B 177 -8.16 4.17 -48.26
C LYS B 177 -9.22 5.23 -48.07
N TYR B 178 -9.92 5.13 -46.95
CA TYR B 178 -11.03 6.01 -46.62
C TYR B 178 -10.67 7.44 -46.32
N LEU B 179 -9.44 7.66 -45.92
CA LEU B 179 -9.00 8.98 -45.50
C LEU B 179 -8.47 9.76 -46.66
N ALA B 180 -9.26 10.71 -47.16
CA ALA B 180 -8.85 11.54 -48.28
C ALA B 180 -7.75 12.55 -47.98
N GLU B 181 -7.87 13.22 -46.85
CA GLU B 181 -6.94 14.26 -46.42
C GLU B 181 -7.27 14.59 -44.96
N ILE B 182 -6.36 15.28 -44.29
CA ILE B 182 -6.62 15.83 -42.96
C ILE B 182 -6.30 17.30 -43.05
N VAL B 183 -7.33 18.13 -43.05
CA VAL B 183 -7.19 19.58 -43.26
C VAL B 183 -7.19 20.28 -41.92
N LEU B 184 -6.08 20.95 -41.61
CA LEU B 184 -5.95 21.71 -40.38
C LEU B 184 -6.27 23.16 -40.72
N ILE B 185 -7.19 23.77 -39.97
CA ILE B 185 -7.56 25.17 -40.20
C ILE B 185 -6.97 26.02 -39.08
N ASP B 186 -5.99 26.84 -39.42
CA ASP B 186 -5.36 27.69 -38.43
C ASP B 186 -6.15 28.96 -38.31
N ASP B 187 -6.85 29.13 -37.21
CA ASP B 187 -7.63 30.34 -37.00
C ASP B 187 -6.78 31.42 -36.36
N PHE B 188 -5.90 31.99 -37.15
CA PHE B 188 -5.07 33.07 -36.70
C PHE B 188 -4.37 32.59 -35.48
N SER B 189 -3.81 31.39 -35.50
CA SER B 189 -3.05 30.99 -34.34
C SER B 189 -1.84 31.91 -34.19
N ASN B 190 -1.47 32.26 -32.97
CA ASN B 190 -0.26 33.08 -32.79
C ASN B 190 0.94 32.44 -32.09
N LYS B 191 0.77 31.26 -31.54
CA LYS B 191 1.88 30.58 -30.89
C LYS B 191 2.87 30.09 -31.93
N GLU B 192 4.16 30.20 -31.63
CA GLU B 192 5.20 29.93 -32.60
C GLU B 192 5.27 28.52 -33.10
N HIS B 193 5.04 27.58 -32.21
CA HIS B 193 5.14 26.18 -32.53
C HIS B 193 4.19 25.78 -33.64
N LEU B 194 3.14 26.56 -33.81
CA LEU B 194 2.09 26.26 -34.78
C LEU B 194 2.40 26.79 -36.17
N LYS B 195 3.50 27.51 -36.31
CA LYS B 195 3.90 28.01 -37.61
C LYS B 195 5.31 27.57 -37.96
N GLU B 196 5.52 27.19 -39.20
CA GLU B 196 6.85 26.82 -39.64
C GLU B 196 7.26 25.47 -39.09
N LYS B 197 7.29 25.36 -37.76
CA LYS B 197 7.60 24.08 -37.19
C LYS B 197 6.50 23.15 -37.63
N LEU B 198 5.28 23.65 -37.61
CA LEU B 198 4.16 22.87 -38.05
C LEU B 198 4.26 22.53 -39.52
N ASP B 199 4.64 23.49 -40.34
CA ASP B 199 4.66 23.25 -41.77
C ASP B 199 5.67 22.19 -42.09
N GLU B 200 6.82 22.25 -41.45
CA GLU B 200 7.88 21.27 -41.62
C GLU B 200 7.55 19.88 -41.13
N TYR B 201 6.87 19.80 -39.99
CA TYR B 201 6.47 18.53 -39.41
C TYR B 201 5.49 17.77 -40.27
N ILE B 202 4.57 18.52 -40.86
CA ILE B 202 3.46 17.99 -41.63
C ILE B 202 3.95 17.33 -42.91
N LYS B 203 5.21 17.56 -43.24
CA LYS B 203 5.85 16.94 -44.38
C LYS B 203 5.90 15.45 -44.21
N LEU B 204 6.03 15.00 -42.97
CA LEU B 204 5.84 13.59 -42.63
C LEU B 204 4.40 13.36 -42.98
N TRP B 205 4.03 12.18 -43.46
CA TRP B 205 2.67 11.93 -43.94
C TRP B 205 2.48 12.38 -45.37
N ASN B 206 3.55 12.86 -45.99
CA ASN B 206 3.62 12.98 -47.43
C ASN B 206 2.48 13.73 -48.07
N GLY B 207 2.06 14.81 -47.45
CA GLY B 207 1.05 15.66 -48.04
C GLY B 207 -0.38 15.25 -47.81
N LEU B 208 -0.58 14.21 -47.02
CA LEU B 208 -1.89 13.80 -46.60
C LEU B 208 -2.51 14.88 -45.74
N VAL B 209 -1.68 15.50 -44.93
CA VAL B 209 -2.14 16.47 -43.96
C VAL B 209 -1.74 17.84 -44.42
N LYS B 210 -2.69 18.77 -44.42
CA LYS B 210 -2.49 20.11 -44.93
C LYS B 210 -2.91 21.10 -43.89
N VAL B 211 -2.33 22.28 -43.93
CA VAL B 211 -2.73 23.36 -43.07
C VAL B 211 -3.07 24.59 -43.89
N PHE B 212 -4.19 25.24 -43.59
CA PHE B 212 -4.56 26.48 -44.22
C PHE B 212 -4.77 27.52 -43.13
N ARG B 213 -4.14 28.69 -43.26
CA ARG B 213 -4.18 29.69 -42.22
C ARG B 213 -5.08 30.85 -42.58
N ASN B 214 -6.01 31.18 -41.70
CA ASN B 214 -6.89 32.30 -41.95
C ASN B 214 -6.19 33.63 -41.81
N GLU B 215 -6.55 34.56 -42.68
CA GLU B 215 -6.00 35.91 -42.67
C GLU B 215 -6.34 36.63 -41.38
N ARG B 216 -7.54 36.37 -40.87
CA ARG B 216 -8.01 37.00 -39.65
C ARG B 216 -8.55 35.91 -38.77
N ARG B 217 -8.77 36.19 -37.51
CA ARG B 217 -9.34 35.19 -36.63
C ARG B 217 -10.82 35.23 -36.88
N GLU B 218 -11.27 34.25 -37.63
CA GLU B 218 -12.65 34.14 -38.10
C GLU B 218 -13.61 33.60 -37.04
N GLY B 219 -13.10 32.98 -35.98
CA GLY B 219 -13.98 32.41 -35.01
C GLY B 219 -14.25 30.97 -35.33
N LEU B 220 -14.67 30.22 -34.33
CA LEU B 220 -14.85 28.78 -34.45
C LEU B 220 -15.90 28.31 -35.42
N ILE B 221 -17.05 28.96 -35.44
CA ILE B 221 -18.10 28.58 -36.38
C ILE B 221 -17.70 28.85 -37.82
N GLN B 222 -17.28 30.06 -38.11
CA GLN B 222 -16.88 30.40 -39.46
C GLN B 222 -15.62 29.69 -39.91
N ALA B 223 -14.77 29.36 -38.96
CA ALA B 223 -13.59 28.59 -39.25
C ALA B 223 -13.97 27.23 -39.78
N ARG B 224 -14.99 26.63 -39.21
CA ARG B 224 -15.50 25.35 -39.68
C ARG B 224 -16.07 25.47 -41.09
N SER B 225 -16.70 26.61 -41.42
CA SER B 225 -17.21 26.79 -42.77
C SER B 225 -16.06 26.86 -43.79
N ILE B 226 -15.00 27.58 -43.44
CA ILE B 226 -13.82 27.66 -44.31
C ILE B 226 -13.24 26.28 -44.51
N GLY B 227 -13.32 25.45 -43.50
CA GLY B 227 -12.76 24.13 -43.55
C GLY B 227 -13.42 23.34 -44.61
N ALA B 228 -14.72 23.44 -44.66
CA ALA B 228 -15.51 22.70 -45.61
C ALA B 228 -15.19 23.11 -47.02
N GLN B 229 -14.99 24.40 -47.19
CA GLN B 229 -14.62 24.96 -48.46
C GLN B 229 -13.25 24.51 -48.89
N LYS B 230 -12.33 24.43 -47.95
CA LYS B 230 -10.94 24.16 -48.24
C LYS B 230 -10.57 22.71 -48.27
N ALA B 231 -11.55 21.83 -48.10
CA ALA B 231 -11.28 20.41 -48.02
C ALA B 231 -12.10 19.70 -49.07
N LYS B 232 -11.67 19.84 -50.30
CA LYS B 232 -12.33 19.26 -51.46
C LYS B 232 -12.36 17.75 -51.61
N LEU B 233 -11.27 17.07 -51.28
CA LEU B 233 -11.06 15.70 -51.71
C LEU B 233 -12.01 14.64 -51.21
N GLY B 234 -12.38 14.71 -49.94
CA GLY B 234 -13.29 13.74 -49.36
C GLY B 234 -14.76 13.84 -49.72
N GLN B 235 -15.42 12.70 -49.81
CA GLN B 235 -16.86 12.64 -49.96
C GLN B 235 -17.64 13.18 -48.76
N VAL B 236 -17.18 12.89 -47.55
CA VAL B 236 -17.86 13.36 -46.35
C VAL B 236 -16.88 14.14 -45.49
N LEU B 237 -17.44 15.10 -44.76
CA LEU B 237 -16.67 15.90 -43.82
C LEU B 237 -16.75 15.29 -42.43
N ILE B 238 -15.60 15.07 -41.80
CA ILE B 238 -15.59 14.67 -40.42
C ILE B 238 -14.92 15.77 -39.66
N TYR B 239 -15.60 16.29 -38.66
CA TYR B 239 -15.10 17.45 -37.95
C TYR B 239 -14.66 16.99 -36.58
N LEU B 240 -13.45 17.37 -36.19
CA LEU B 240 -12.91 16.99 -34.91
C LEU B 240 -12.35 18.17 -34.15
N ASP B 241 -12.52 18.17 -32.84
CA ASP B 241 -11.87 19.14 -32.01
C ASP B 241 -10.40 18.85 -32.11
N ALA B 242 -9.62 19.90 -31.95
CA ALA B 242 -8.17 19.84 -32.06
C ALA B 242 -7.57 19.10 -30.90
N HIS B 243 -8.36 18.79 -29.89
CA HIS B 243 -7.85 18.04 -28.76
C HIS B 243 -8.73 16.82 -28.46
N CYS B 244 -8.67 15.82 -29.32
CA CYS B 244 -9.34 14.54 -29.08
C CYS B 244 -8.55 13.36 -29.58
N GLU B 245 -8.83 12.19 -29.04
CA GLU B 245 -8.27 10.96 -29.57
C GLU B 245 -9.35 10.01 -30.00
N VAL B 246 -9.29 9.62 -31.25
CA VAL B 246 -10.25 8.74 -31.88
C VAL B 246 -10.12 7.29 -31.40
N ALA B 247 -11.21 6.56 -31.24
CA ALA B 247 -11.14 5.18 -30.76
C ALA B 247 -10.94 4.17 -31.91
N VAL B 248 -10.71 2.91 -31.57
CA VAL B 248 -10.52 1.89 -32.60
C VAL B 248 -11.80 1.63 -33.39
N ASN B 249 -11.69 1.53 -34.69
CA ASN B 249 -12.84 1.32 -35.54
C ASN B 249 -13.93 2.35 -35.35
N TRP B 250 -13.54 3.60 -35.19
CA TRP B 250 -14.47 4.71 -35.17
C TRP B 250 -15.13 4.97 -36.49
N TYR B 251 -14.36 4.84 -37.55
CA TYR B 251 -14.77 5.26 -38.88
C TYR B 251 -15.90 4.52 -39.56
N ALA B 252 -15.87 3.20 -39.54
CA ALA B 252 -16.85 2.44 -40.30
C ALA B 252 -18.23 2.65 -39.78
N PRO B 253 -18.41 2.61 -38.46
CA PRO B 253 -19.77 2.83 -37.91
C PRO B 253 -20.26 4.26 -38.09
N LEU B 254 -19.34 5.20 -38.01
CA LEU B 254 -19.65 6.60 -38.22
C LEU B 254 -20.07 6.85 -39.65
N VAL B 255 -19.35 6.32 -40.63
CA VAL B 255 -19.60 6.72 -42.03
C VAL B 255 -20.60 5.81 -42.74
N ALA B 256 -20.89 4.64 -42.20
CA ALA B 256 -21.85 3.76 -42.84
C ALA B 256 -23.25 4.38 -42.95
N PRO B 257 -23.78 4.99 -41.94
CA PRO B 257 -25.09 5.50 -42.13
C PRO B 257 -25.09 6.46 -43.23
N ILE B 258 -24.10 7.30 -43.34
CA ILE B 258 -24.06 8.27 -44.40
C ILE B 258 -23.94 7.68 -45.77
N SER B 259 -23.36 6.52 -45.89
CA SER B 259 -23.21 5.89 -47.16
C SER B 259 -24.50 5.36 -47.67
N LYS B 260 -25.34 4.83 -46.83
CA LYS B 260 -26.64 4.37 -47.23
C LYS B 260 -27.56 5.53 -47.53
N ASP B 261 -27.49 6.59 -46.75
CA ASP B 261 -28.21 7.80 -47.04
C ASP B 261 -27.25 8.94 -47.01
N ARG B 262 -27.35 9.85 -47.95
CA ARG B 262 -26.51 11.01 -47.94
C ARG B 262 -27.11 12.12 -47.21
N THR B 263 -28.32 11.96 -46.75
CA THR B 263 -28.96 13.00 -45.96
C THR B 263 -28.83 12.78 -44.46
N ILE B 264 -28.16 11.71 -44.08
CA ILE B 264 -27.96 11.39 -42.67
C ILE B 264 -26.72 12.07 -42.12
N CYS B 265 -26.82 12.67 -40.94
CA CYS B 265 -25.62 13.25 -40.34
C CYS B 265 -25.28 12.48 -39.08
N THR B 266 -24.02 12.12 -38.92
CA THR B 266 -23.61 11.19 -37.88
C THR B 266 -22.77 11.92 -36.83
N VAL B 267 -22.98 11.56 -35.58
CA VAL B 267 -22.19 12.06 -34.47
C VAL B 267 -21.62 10.86 -33.71
N PRO B 268 -20.35 10.83 -33.39
CA PRO B 268 -19.87 9.77 -32.52
C PRO B 268 -20.21 10.07 -31.07
N LEU B 269 -20.19 9.06 -30.22
CA LEU B 269 -20.32 9.27 -28.81
C LEU B 269 -19.06 9.95 -28.34
N ILE B 270 -19.18 11.01 -27.56
CA ILE B 270 -17.99 11.77 -27.18
C ILE B 270 -17.59 11.48 -25.76
N ASP B 271 -16.38 10.99 -25.59
CA ASP B 271 -15.90 10.52 -24.30
C ASP B 271 -14.92 11.53 -23.72
N VAL B 272 -14.78 11.51 -22.41
CA VAL B 272 -14.00 12.51 -21.73
C VAL B 272 -12.59 12.08 -21.50
N ILE B 273 -11.66 12.89 -21.97
CA ILE B 273 -10.27 12.67 -21.68
C ILE B 273 -9.94 13.65 -20.60
N ASN B 274 -9.50 13.12 -19.47
CA ASN B 274 -9.11 13.96 -18.35
C ASN B 274 -7.97 14.89 -18.75
N GLY B 275 -8.20 16.19 -18.62
CA GLY B 275 -7.22 17.19 -18.97
C GLY B 275 -6.00 17.26 -18.08
N ASN B 276 -5.91 16.40 -17.08
CA ASN B 276 -4.80 16.42 -16.15
C ASN B 276 -4.05 15.10 -16.05
N THR B 277 -4.74 13.96 -16.19
CA THR B 277 -4.10 12.64 -16.13
C THR B 277 -4.38 11.77 -17.37
N TYR B 278 -5.26 12.19 -18.26
CA TYR B 278 -5.45 11.72 -19.62
C TYR B 278 -5.97 10.31 -19.72
N GLU B 279 -6.48 9.73 -18.65
CA GLU B 279 -7.28 8.53 -18.80
C GLU B 279 -8.64 8.91 -19.41
N ILE B 280 -9.30 7.96 -20.05
CA ILE B 280 -10.53 8.26 -20.79
C ILE B 280 -11.72 7.64 -20.08
N ILE B 281 -12.77 8.44 -19.93
CA ILE B 281 -13.97 8.08 -19.22
C ILE B 281 -15.17 8.40 -20.08
N PRO B 282 -16.27 7.54 -19.97
CA PRO B 282 -17.46 8.00 -20.69
C PRO B 282 -18.14 9.17 -20.00
N GLN B 283 -18.84 9.97 -20.79
CA GLN B 283 -19.62 11.08 -20.26
C GLN B 283 -20.84 10.55 -19.52
N GLY B 284 -21.31 11.28 -18.52
CA GLY B 284 -22.41 10.79 -17.71
C GLY B 284 -23.74 11.11 -18.34
N GLY B 285 -24.42 10.06 -18.76
CA GLY B 285 -25.62 10.19 -19.55
C GLY B 285 -26.58 9.13 -19.09
N GLY B 286 -27.85 9.34 -19.36
CA GLY B 286 -28.86 8.55 -18.71
C GLY B 286 -28.91 7.06 -18.92
N ASP B 287 -28.68 6.62 -20.15
CA ASP B 287 -29.18 5.32 -20.54
C ASP B 287 -28.65 4.16 -19.73
N GLU B 288 -27.38 4.18 -19.38
CA GLU B 288 -26.86 3.02 -18.67
C GLU B 288 -27.33 1.74 -19.34
N ASP B 289 -26.87 1.44 -20.55
CA ASP B 289 -25.56 1.85 -21.09
C ASP B 289 -25.61 3.32 -21.26
N GLY B 290 -24.49 4.01 -21.19
CA GLY B 290 -24.57 5.43 -21.04
C GLY B 290 -24.81 6.15 -22.34
N TYR B 291 -25.95 5.89 -22.94
CA TYR B 291 -26.31 6.50 -24.20
C TYR B 291 -27.30 7.57 -23.89
N ALA B 292 -27.00 8.78 -24.30
CA ALA B 292 -27.85 9.92 -24.06
C ALA B 292 -28.05 10.55 -25.40
N ARG B 293 -29.14 11.27 -25.55
CA ARG B 293 -29.33 12.03 -26.77
C ARG B 293 -29.33 13.51 -26.44
N GLY B 294 -28.88 14.33 -27.38
CA GLY B 294 -28.66 15.75 -27.10
C GLY B 294 -29.96 16.55 -27.08
N ALA B 295 -30.03 17.50 -26.14
CA ALA B 295 -31.23 18.28 -25.89
C ALA B 295 -30.81 19.75 -25.69
N TRP B 296 -31.64 20.51 -24.96
CA TRP B 296 -31.53 21.93 -24.67
C TRP B 296 -32.68 22.31 -23.77
N ASP B 297 -32.43 23.26 -22.86
CA ASP B 297 -33.50 23.94 -22.13
C ASP B 297 -33.93 25.14 -22.97
N TRP B 298 -34.85 25.93 -22.46
CA TRP B 298 -35.38 26.96 -23.32
C TRP B 298 -34.60 28.26 -23.27
N SER B 299 -33.53 28.36 -22.48
CA SER B 299 -32.58 29.45 -22.72
C SER B 299 -31.57 29.06 -23.79
N MET B 300 -31.81 27.92 -24.43
CA MET B 300 -30.93 27.32 -25.42
C MET B 300 -29.53 26.91 -24.97
N LEU B 301 -29.45 26.35 -23.77
CA LEU B 301 -28.23 25.77 -23.26
C LEU B 301 -28.25 24.28 -23.53
N TRP B 302 -27.13 23.75 -24.00
CA TRP B 302 -27.06 22.34 -24.34
C TRP B 302 -27.23 21.48 -23.12
N LYS B 303 -28.00 20.42 -23.28
CA LYS B 303 -28.22 19.44 -22.24
C LYS B 303 -28.41 18.08 -22.87
N ARG B 304 -28.14 17.04 -22.10
CA ARG B 304 -28.30 15.69 -22.57
C ARG B 304 -29.32 14.99 -21.71
N VAL B 305 -30.04 14.04 -22.32
CA VAL B 305 -31.05 13.25 -21.61
C VAL B 305 -30.93 11.79 -22.01
N PRO B 306 -31.40 10.88 -21.15
CA PRO B 306 -31.23 9.46 -21.46
C PRO B 306 -31.98 9.05 -22.72
N LEU B 307 -31.41 8.08 -23.43
CA LEU B 307 -32.06 7.49 -24.60
C LEU B 307 -33.39 6.87 -24.19
N THR B 308 -34.43 7.27 -24.89
CA THR B 308 -35.79 6.91 -24.58
C THR B 308 -36.11 5.48 -24.92
N PRO B 309 -37.12 4.93 -24.27
CA PRO B 309 -37.61 3.61 -24.60
C PRO B 309 -38.14 3.63 -26.01
N GLN B 310 -38.75 4.75 -26.39
CA GLN B 310 -39.39 4.85 -27.67
C GLN B 310 -38.39 4.68 -28.78
N GLU B 311 -37.23 5.31 -28.64
CA GLU B 311 -36.15 5.16 -29.60
C GLU B 311 -35.62 3.74 -29.64
N LYS B 312 -35.52 3.15 -28.47
CA LYS B 312 -35.02 1.80 -28.32
C LYS B 312 -35.91 0.80 -29.03
N ARG B 313 -37.20 1.05 -29.00
CA ARG B 313 -38.18 0.20 -29.66
C ARG B 313 -37.94 0.17 -31.16
N LEU B 314 -37.54 1.29 -31.70
CA LEU B 314 -37.27 1.42 -33.11
C LEU B 314 -36.09 0.60 -33.59
N ARG B 315 -35.17 0.29 -32.69
CA ARG B 315 -33.95 -0.38 -33.06
C ARG B 315 -33.90 -1.84 -32.65
N LYS B 316 -33.49 -2.71 -33.58
CA LYS B 316 -33.48 -4.15 -33.33
C LYS B 316 -32.37 -4.54 -32.36
N THR B 317 -31.24 -3.83 -32.44
CA THR B 317 -30.05 -4.09 -31.63
C THR B 317 -29.76 -2.98 -30.66
N LYS B 318 -28.96 -3.25 -29.64
CA LYS B 318 -28.54 -2.24 -28.69
C LYS B 318 -27.66 -1.13 -29.26
N THR B 319 -26.77 -1.52 -30.16
CA THR B 319 -25.66 -0.70 -30.57
C THR B 319 -25.77 0.12 -31.87
N GLU B 320 -26.88 0.03 -32.59
CA GLU B 320 -26.99 0.74 -33.85
C GLU B 320 -27.28 2.23 -33.73
N PRO B 321 -26.91 3.03 -34.72
CA PRO B 321 -27.22 4.45 -34.56
C PRO B 321 -28.61 4.73 -34.04
N TYR B 322 -28.76 5.84 -33.32
CA TYR B 322 -30.07 6.25 -32.85
C TYR B 322 -30.12 7.74 -33.12
N ARG B 323 -31.31 8.24 -33.44
CA ARG B 323 -31.53 9.66 -33.70
C ARG B 323 -31.52 10.53 -32.48
N SER B 324 -31.00 11.74 -32.60
CA SER B 324 -31.01 12.64 -31.46
C SER B 324 -31.52 13.96 -31.95
N PRO B 325 -32.10 14.75 -31.06
CA PRO B 325 -32.57 16.06 -31.52
C PRO B 325 -31.45 16.95 -31.97
N ALA B 326 -30.29 16.89 -31.33
CA ALA B 326 -29.25 17.88 -31.63
C ALA B 326 -27.91 17.30 -31.24
N MET B 327 -26.85 17.94 -31.73
CA MET B 327 -25.50 17.49 -31.48
C MET B 327 -24.78 18.47 -30.55
N ALA B 328 -23.85 17.94 -29.75
CA ALA B 328 -22.99 18.82 -28.97
C ALA B 328 -22.40 19.89 -29.87
N GLY B 329 -21.73 19.48 -30.96
CA GLY B 329 -21.31 20.43 -32.00
C GLY B 329 -19.90 20.32 -32.56
N GLY B 330 -18.95 19.83 -31.75
CA GLY B 330 -17.56 19.94 -32.17
C GLY B 330 -17.13 18.82 -33.10
N LEU B 331 -17.78 17.66 -32.98
CA LEU B 331 -17.42 16.46 -33.73
C LEU B 331 -18.66 15.89 -34.39
N PHE B 332 -18.64 15.80 -35.73
CA PHE B 332 -19.77 15.20 -36.45
C PHE B 332 -19.34 14.89 -37.88
N ALA B 333 -20.22 14.20 -38.60
CA ALA B 333 -19.94 13.75 -39.97
C ALA B 333 -21.14 14.03 -40.87
N ILE B 334 -20.96 14.83 -41.94
CA ILE B 334 -21.98 14.96 -42.99
C ILE B 334 -21.34 14.75 -44.33
N GLU B 335 -22.14 14.35 -45.29
CA GLU B 335 -21.70 14.32 -46.66
C GLU B 335 -21.37 15.73 -47.11
N ARG B 336 -20.35 15.88 -47.94
CA ARG B 336 -19.90 17.20 -48.34
C ARG B 336 -20.95 17.97 -49.10
N GLU B 337 -21.61 17.32 -50.05
CA GLU B 337 -22.59 18.01 -50.85
C GLU B 337 -23.73 18.45 -49.99
N PHE B 338 -24.16 17.56 -49.10
CA PHE B 338 -25.33 17.77 -48.29
C PHE B 338 -25.13 18.98 -47.41
N PHE B 339 -23.93 19.12 -46.86
CA PHE B 339 -23.66 20.26 -46.01
C PHE B 339 -23.77 21.55 -46.79
N PHE B 340 -23.25 21.57 -48.00
CA PHE B 340 -23.37 22.75 -48.85
C PHE B 340 -24.78 23.14 -49.23
N GLU B 341 -25.58 22.13 -49.52
CA GLU B 341 -26.97 22.26 -49.85
C GLU B 341 -27.76 22.82 -48.68
N LEU B 342 -27.36 22.44 -47.47
CA LEU B 342 -27.98 22.87 -46.23
C LEU B 342 -27.57 24.32 -46.03
N GLY B 343 -26.57 24.76 -46.78
CA GLY B 343 -26.10 26.13 -46.64
C GLY B 343 -24.98 26.33 -45.65
N LEU B 344 -24.39 25.24 -45.20
CA LEU B 344 -23.31 25.25 -44.23
C LEU B 344 -23.78 25.85 -42.93
N TYR B 345 -22.98 26.73 -42.35
CA TYR B 345 -23.41 27.31 -41.10
C TYR B 345 -23.84 28.71 -41.44
N ASP B 346 -25.03 29.07 -41.00
CA ASP B 346 -25.50 30.44 -41.14
C ASP B 346 -24.33 31.40 -40.97
N PRO B 347 -23.96 32.14 -42.01
CA PRO B 347 -22.84 33.08 -41.92
C PRO B 347 -23.12 34.33 -41.12
N GLY B 348 -24.26 34.40 -40.43
CA GLY B 348 -24.43 35.48 -39.47
C GLY B 348 -23.98 35.13 -38.08
N LEU B 349 -23.71 33.85 -37.85
CA LEU B 349 -23.28 33.42 -36.54
C LEU B 349 -21.93 33.99 -36.26
N GLN B 350 -21.79 34.63 -35.13
CA GLN B 350 -20.54 35.22 -34.73
C GLN B 350 -19.89 34.18 -33.89
N ILE B 351 -18.72 34.48 -33.37
CA ILE B 351 -17.90 33.44 -32.81
C ILE B 351 -18.68 32.69 -31.78
N TRP B 352 -18.56 31.38 -31.74
CA TRP B 352 -19.14 30.64 -30.63
C TRP B 352 -20.62 30.86 -30.34
N GLY B 353 -21.47 30.79 -31.35
CA GLY B 353 -22.91 30.89 -31.15
C GLY B 353 -23.38 29.50 -30.86
N GLY B 354 -24.68 29.27 -30.94
CA GLY B 354 -25.23 27.92 -31.00
C GLY B 354 -25.31 27.44 -32.43
N GLU B 355 -24.17 27.26 -33.04
CA GLU B 355 -24.02 26.74 -34.38
C GLU B 355 -24.49 25.33 -34.46
N ASN B 356 -24.22 24.59 -33.41
CA ASN B 356 -24.68 23.23 -33.26
C ASN B 356 -26.17 23.00 -33.32
N PHE B 357 -26.92 23.90 -32.73
CA PHE B 357 -28.36 23.83 -32.82
C PHE B 357 -28.87 24.19 -34.18
N GLU B 358 -28.31 25.23 -34.76
CA GLU B 358 -28.72 25.63 -36.10
C GLU B 358 -28.69 24.46 -37.07
N ILE B 359 -27.57 23.74 -37.13
CA ILE B 359 -27.45 22.64 -38.09
C ILE B 359 -28.40 21.51 -37.71
N SER B 360 -28.57 21.25 -36.41
CA SER B 360 -29.47 20.18 -35.97
C SER B 360 -30.89 20.40 -36.44
N TYR B 361 -31.44 21.62 -36.25
CA TYR B 361 -32.77 21.90 -36.76
C TYR B 361 -32.80 21.80 -38.29
N LYS B 362 -31.83 22.43 -38.98
CA LYS B 362 -31.84 22.33 -40.44
C LYS B 362 -31.99 20.88 -40.86
N ILE B 363 -31.13 20.00 -40.33
CA ILE B 363 -31.11 18.63 -40.85
C ILE B 363 -32.44 17.96 -40.56
N TRP B 364 -33.00 18.20 -39.38
CA TRP B 364 -34.19 17.46 -39.00
C TRP B 364 -35.41 18.00 -39.71
N GLN B 365 -35.56 19.32 -39.75
CA GLN B 365 -36.77 19.86 -40.32
C GLN B 365 -36.73 19.94 -41.83
N CYS B 366 -35.59 19.76 -42.49
CA CYS B 366 -35.58 19.79 -43.94
C CYS B 366 -35.41 18.41 -44.56
N GLY B 367 -35.80 17.38 -43.84
CA GLY B 367 -35.76 16.02 -44.34
C GLY B 367 -34.59 15.12 -44.03
N GLY B 368 -33.67 15.58 -43.20
CA GLY B 368 -32.56 14.78 -42.76
C GLY B 368 -32.74 14.02 -41.48
N LYS B 369 -31.73 13.27 -41.09
CA LYS B 369 -31.66 12.65 -39.79
C LYS B 369 -30.35 12.97 -39.14
N LEU B 370 -30.33 13.07 -37.82
CA LEU B 370 -29.10 13.21 -37.08
C LEU B 370 -29.03 12.03 -36.16
N LEU B 371 -27.94 11.28 -36.21
CA LEU B 371 -27.83 9.98 -35.55
C LEU B 371 -26.56 9.88 -34.71
N PHE B 372 -26.74 9.42 -33.49
CA PHE B 372 -25.66 9.10 -32.58
C PHE B 372 -25.24 7.68 -32.86
N VAL B 373 -23.96 7.48 -33.10
CA VAL B 373 -23.46 6.17 -33.39
C VAL B 373 -22.70 5.66 -32.20
N PRO B 374 -23.33 4.63 -31.49
CA PRO B 374 -22.60 4.18 -30.31
C PRO B 374 -21.27 3.56 -30.60
N CYS B 375 -21.17 2.88 -31.71
CA CYS B 375 -19.98 2.11 -32.01
C CYS B 375 -18.79 2.96 -32.41
N SER B 376 -19.03 4.24 -32.62
CA SER B 376 -17.93 5.12 -32.99
C SER B 376 -17.74 6.11 -31.86
N ARG B 377 -16.56 6.11 -31.24
CA ARG B 377 -16.31 6.86 -30.02
C ARG B 377 -15.09 7.72 -30.23
N VAL B 378 -15.13 8.96 -29.75
CA VAL B 378 -13.94 9.80 -29.76
C VAL B 378 -13.76 10.51 -28.43
N GLY B 379 -12.55 10.50 -27.91
CA GLY B 379 -12.23 11.25 -26.73
C GLY B 379 -12.02 12.72 -27.03
N HIS B 380 -12.46 13.55 -26.10
CA HIS B 380 -12.29 14.98 -26.16
C HIS B 380 -11.64 15.40 -24.86
N ILE B 381 -10.60 16.21 -24.89
CA ILE B 381 -10.04 16.72 -23.65
C ILE B 381 -10.85 17.87 -23.10
N TYR B 382 -11.17 17.84 -21.82
CA TYR B 382 -12.03 18.85 -21.23
C TYR B 382 -11.23 19.75 -20.31
N ARG B 383 -11.46 21.05 -20.42
CA ARG B 383 -10.60 22.06 -19.80
C ARG B 383 -10.55 22.09 -18.28
N LEU B 384 -9.36 22.33 -17.77
CA LEU B 384 -9.14 22.56 -16.36
C LEU B 384 -9.42 24.00 -15.99
N GLU B 385 -9.67 24.25 -14.71
CA GLU B 385 -9.79 25.61 -14.22
C GLU B 385 -8.40 26.27 -14.16
N GLY B 386 -8.38 27.59 -14.16
CA GLY B 386 -7.12 28.30 -14.13
C GLY B 386 -6.53 28.69 -15.45
N TRP B 387 -7.27 28.49 -16.53
CA TRP B 387 -6.84 28.94 -17.83
C TRP B 387 -6.94 30.46 -17.95
N GLN B 388 -6.10 31.04 -18.79
CA GLN B 388 -6.24 32.46 -19.17
C GLN B 388 -6.16 32.63 -20.68
N GLY B 389 -7.18 32.12 -21.34
CA GLY B 389 -7.44 32.36 -22.75
C GLY B 389 -8.84 32.95 -22.81
N ASN B 390 -8.99 34.10 -23.46
CA ASN B 390 -10.05 35.06 -23.15
C ASN B 390 -10.89 35.65 -24.27
N PRO B 391 -12.01 36.25 -23.90
CA PRO B 391 -12.96 36.82 -24.85
C PRO B 391 -12.40 38.04 -25.56
N PRO B 392 -12.96 38.32 -26.82
CA PRO B 392 -12.38 39.52 -27.43
C PRO B 392 -13.36 40.64 -27.24
N PRO B 393 -12.83 41.93 -27.29
CA PRO B 393 -13.79 42.96 -26.88
C PRO B 393 -14.95 43.03 -27.83
N ILE B 394 -16.17 43.03 -27.29
CA ILE B 394 -17.36 43.27 -28.12
C ILE B 394 -18.17 44.43 -27.55
N TYR B 395 -18.42 45.45 -28.38
CA TYR B 395 -19.03 46.69 -27.89
C TYR B 395 -20.45 46.57 -27.36
N VAL B 396 -21.30 45.82 -28.05
CA VAL B 396 -22.70 45.75 -27.65
C VAL B 396 -23.33 44.38 -27.83
N GLY B 397 -24.31 44.09 -26.99
CA GLY B 397 -25.05 42.85 -27.08
C GLY B 397 -24.25 41.72 -26.47
N SER B 398 -24.82 40.51 -26.53
CA SER B 398 -24.13 39.33 -26.07
C SER B 398 -24.41 38.16 -26.99
N SER B 399 -23.51 37.21 -26.87
CA SER B 399 -22.30 37.46 -26.10
C SER B 399 -20.92 37.51 -26.80
N PRO B 400 -20.79 37.62 -28.20
CA PRO B 400 -21.98 38.06 -28.95
C PRO B 400 -22.74 36.84 -29.45
N THR B 401 -22.53 35.74 -28.77
CA THR B 401 -23.29 34.53 -28.98
C THR B 401 -24.79 34.71 -28.77
N LEU B 402 -25.22 35.42 -27.74
CA LEU B 402 -26.65 35.58 -27.57
C LEU B 402 -27.30 36.12 -28.82
N LYS B 403 -26.55 36.83 -29.64
CA LYS B 403 -27.16 37.39 -30.83
C LYS B 403 -27.32 36.25 -31.80
N ASN B 404 -26.53 35.21 -31.58
CA ASN B 404 -26.62 33.99 -32.37
C ASN B 404 -27.77 33.13 -31.97
N TYR B 405 -28.01 33.01 -30.67
CA TYR B 405 -29.19 32.26 -30.23
C TYR B 405 -30.45 32.86 -30.84
N VAL B 406 -30.58 34.19 -30.85
CA VAL B 406 -31.81 34.78 -31.39
C VAL B 406 -31.93 34.47 -32.87
N ARG B 407 -30.82 34.49 -33.61
CA ARG B 407 -30.88 34.13 -35.03
C ARG B 407 -31.43 32.72 -35.22
N VAL B 408 -30.88 31.73 -34.52
CA VAL B 408 -31.38 30.36 -34.66
C VAL B 408 -32.87 30.30 -34.32
N VAL B 409 -33.27 30.90 -33.20
CA VAL B 409 -34.66 30.79 -32.74
C VAL B 409 -35.60 31.39 -33.77
N GLU B 410 -35.31 32.62 -34.20
CA GLU B 410 -36.28 33.35 -35.01
C GLU B 410 -36.58 32.59 -36.31
N VAL B 411 -35.56 31.94 -36.90
CA VAL B 411 -35.77 31.27 -38.18
C VAL B 411 -36.37 29.87 -37.99
N TRP B 412 -36.00 29.17 -36.92
CA TRP B 412 -36.31 27.76 -36.81
C TRP B 412 -37.42 27.46 -35.83
N TRP B 413 -37.43 28.11 -34.67
CA TRP B 413 -38.32 27.80 -33.56
C TRP B 413 -39.81 28.03 -33.74
N ASP B 414 -40.18 28.92 -34.65
CA ASP B 414 -41.57 29.18 -34.91
C ASP B 414 -42.21 29.71 -33.63
N GLU B 415 -43.35 29.15 -33.24
CA GLU B 415 -44.13 29.65 -32.12
C GLU B 415 -43.45 29.49 -30.79
N TYR B 416 -42.47 28.61 -30.73
CA TYR B 416 -41.76 28.33 -29.50
C TYR B 416 -40.89 29.51 -29.08
N LYS B 417 -40.70 30.47 -29.98
CA LYS B 417 -39.84 31.60 -29.71
C LYS B 417 -40.34 32.31 -28.47
N ASP B 418 -41.60 32.12 -28.18
CA ASP B 418 -42.17 32.63 -26.96
C ASP B 418 -41.49 32.02 -25.77
N TYR B 419 -41.18 30.72 -25.82
CA TYR B 419 -40.53 30.10 -24.67
C TYR B 419 -39.11 30.64 -24.49
N PHE B 420 -38.41 30.83 -25.61
CA PHE B 420 -37.05 31.37 -25.52
C PHE B 420 -37.06 32.76 -24.95
N TYR B 421 -37.99 33.60 -25.38
CA TYR B 421 -37.97 35.01 -25.02
C TYR B 421 -38.33 35.25 -23.57
N ALA B 422 -39.10 34.37 -22.95
CA ALA B 422 -39.35 34.55 -21.52
C ALA B 422 -38.27 33.94 -20.65
N SER B 423 -37.49 32.99 -21.17
CA SER B 423 -36.30 32.57 -20.44
C SER B 423 -35.19 33.60 -20.58
N ARG B 424 -35.15 34.27 -21.71
CA ARG B 424 -34.27 35.38 -21.86
C ARG B 424 -35.13 36.45 -22.42
N PRO B 425 -35.54 37.42 -21.50
CA PRO B 425 -36.26 38.53 -22.13
C PRO B 425 -35.29 39.59 -22.61
N GLU B 426 -34.09 39.50 -22.08
CA GLU B 426 -33.09 40.51 -22.29
C GLU B 426 -32.78 40.56 -23.78
N SER B 427 -33.05 39.46 -24.46
CA SER B 427 -32.72 39.32 -25.86
C SER B 427 -33.78 39.86 -26.76
N GLN B 428 -34.88 40.32 -26.19
CA GLN B 428 -36.09 40.49 -26.93
C GLN B 428 -35.91 41.47 -28.08
N ALA B 429 -35.19 42.55 -27.84
CA ALA B 429 -35.10 43.59 -28.86
C ALA B 429 -33.66 43.88 -29.08
N LEU B 430 -33.02 42.89 -29.64
CA LEU B 430 -31.60 42.83 -29.81
C LEU B 430 -31.49 42.86 -31.27
N PRO B 431 -30.57 43.61 -31.83
CA PRO B 431 -30.55 43.61 -33.29
C PRO B 431 -29.77 42.41 -33.79
N TYR B 432 -30.51 41.43 -34.30
CA TYR B 432 -29.98 40.14 -34.68
C TYR B 432 -29.61 40.04 -36.14
N GLY B 433 -29.75 41.12 -36.90
CA GLY B 433 -29.32 41.07 -38.28
C GLY B 433 -30.34 40.56 -39.28
N ASP B 434 -29.92 40.45 -40.53
CA ASP B 434 -30.83 40.15 -41.61
C ASP B 434 -30.84 38.66 -41.80
N ILE B 435 -31.97 38.07 -41.47
CA ILE B 435 -32.15 36.64 -41.47
C ILE B 435 -32.99 36.23 -42.67
N SER B 436 -33.14 37.16 -43.59
CA SER B 436 -34.08 37.02 -44.69
C SER B 436 -33.78 35.86 -45.59
N GLU B 437 -32.51 35.67 -45.90
CA GLU B 437 -32.06 34.58 -46.75
C GLU B 437 -32.28 33.21 -46.13
N LEU B 438 -32.01 33.11 -44.84
CA LEU B 438 -32.22 31.90 -44.07
C LEU B 438 -33.67 31.51 -43.95
N LYS B 439 -34.54 32.48 -43.75
CA LYS B 439 -35.94 32.21 -43.71
C LYS B 439 -36.39 31.72 -45.06
N LYS B 440 -35.83 32.31 -46.11
CA LYS B 440 -36.17 31.93 -47.46
C LYS B 440 -35.79 30.49 -47.74
N PHE B 441 -34.64 30.07 -47.25
CA PHE B 441 -34.17 28.72 -47.49
C PHE B 441 -35.15 27.73 -46.89
N ARG B 442 -35.63 28.01 -45.70
CA ARG B 442 -36.59 27.13 -45.06
C ARG B 442 -37.85 27.06 -45.89
N GLU B 443 -38.28 28.21 -46.38
CA GLU B 443 -39.47 28.25 -47.22
C GLU B 443 -39.31 27.58 -48.57
N ASP B 444 -38.19 27.82 -49.25
CA ASP B 444 -38.01 27.22 -50.56
C ASP B 444 -37.95 25.71 -50.46
N HIS B 445 -37.31 25.17 -49.44
CA HIS B 445 -37.26 23.73 -49.28
C HIS B 445 -38.45 23.15 -48.53
N ASN B 446 -39.51 23.90 -48.33
CA ASN B 446 -40.75 23.39 -47.72
C ASN B 446 -40.48 22.65 -46.42
N CYS B 447 -39.53 23.18 -45.63
CA CYS B 447 -39.10 22.50 -44.41
C CYS B 447 -40.26 22.39 -43.41
N LYS B 448 -40.31 21.24 -42.73
CA LYS B 448 -41.28 20.94 -41.67
C LYS B 448 -41.21 21.98 -40.55
N SER B 449 -42.32 22.09 -39.81
CA SER B 449 -42.45 23.07 -38.73
C SER B 449 -41.66 22.62 -37.50
N PHE B 450 -41.30 23.59 -36.66
CA PHE B 450 -40.69 23.20 -35.40
C PHE B 450 -41.69 22.43 -34.56
N LYS B 451 -42.98 22.69 -34.77
CA LYS B 451 -44.00 21.99 -33.98
C LYS B 451 -44.01 20.51 -34.30
N TRP B 452 -43.96 20.13 -35.59
CA TRP B 452 -43.75 18.74 -35.94
C TRP B 452 -42.51 18.23 -35.24
N PHE B 453 -41.41 18.97 -35.35
CA PHE B 453 -40.15 18.50 -34.80
C PHE B 453 -40.28 18.13 -33.35
N MET B 454 -41.03 18.95 -32.59
CA MET B 454 -41.03 18.83 -31.14
C MET B 454 -41.93 17.69 -30.71
N GLU B 455 -42.84 17.28 -31.58
CA GLU B 455 -43.72 16.19 -31.21
C GLU B 455 -43.38 14.88 -31.88
N GLU B 456 -42.65 14.88 -32.99
CA GLU B 456 -42.32 13.60 -33.60
C GLU B 456 -40.91 13.16 -33.21
N ILE B 457 -39.90 14.03 -33.27
CA ILE B 457 -38.54 13.58 -33.05
C ILE B 457 -37.95 14.03 -31.71
N ALA B 458 -38.40 15.14 -31.11
CA ALA B 458 -37.85 15.63 -29.84
C ALA B 458 -38.91 15.68 -28.73
N TYR B 459 -39.75 14.65 -28.70
CA TYR B 459 -40.83 14.51 -27.73
C TYR B 459 -40.38 14.52 -26.28
N ASP B 460 -39.15 14.11 -25.96
CA ASP B 460 -38.79 13.91 -24.56
C ASP B 460 -38.23 15.15 -23.88
N ILE B 461 -37.95 16.22 -24.63
CA ILE B 461 -37.29 17.38 -24.02
C ILE B 461 -38.18 18.02 -22.95
N THR B 462 -39.42 18.37 -23.32
CA THR B 462 -40.30 19.04 -22.34
C THR B 462 -40.55 18.21 -21.10
N SER B 463 -40.26 16.91 -21.16
CA SER B 463 -40.34 16.08 -19.96
C SER B 463 -39.16 16.36 -19.03
N HIS B 464 -37.97 16.66 -19.55
CA HIS B 464 -36.88 17.00 -18.64
C HIS B 464 -36.74 18.51 -18.42
N TYR B 465 -37.08 19.35 -19.41
CA TYR B 465 -36.93 20.81 -19.33
C TYR B 465 -38.27 21.46 -19.69
N PRO B 466 -39.16 21.60 -18.72
CA PRO B 466 -40.53 22.00 -19.00
C PRO B 466 -40.64 23.39 -19.58
N LEU B 467 -41.68 23.62 -20.36
CA LEU B 467 -41.88 24.90 -20.98
C LEU B 467 -42.04 25.91 -19.90
N PRO B 468 -41.45 27.16 -20.18
CA PRO B 468 -41.52 28.10 -19.08
C PRO B 468 -42.79 28.92 -19.07
N PRO B 469 -43.18 29.40 -17.80
CA PRO B 469 -44.33 30.30 -17.85
C PRO B 469 -44.03 31.67 -18.43
N LYS B 470 -45.00 32.32 -19.03
CA LYS B 470 -44.79 33.65 -19.59
C LYS B 470 -44.27 34.58 -18.50
N ASN B 471 -43.78 35.74 -18.91
CA ASN B 471 -43.30 36.71 -17.92
C ASN B 471 -44.36 37.76 -17.58
N VAL B 472 -44.36 38.20 -16.32
CA VAL B 472 -45.11 39.41 -15.97
C VAL B 472 -44.25 40.65 -16.16
N ASP B 473 -43.06 40.62 -15.60
CA ASP B 473 -42.16 41.73 -15.74
C ASP B 473 -40.75 41.23 -15.57
N TRP B 474 -39.80 42.00 -16.08
CA TRP B 474 -38.42 41.63 -15.97
C TRP B 474 -37.57 42.87 -15.99
N GLY B 475 -36.34 42.76 -15.52
CA GLY B 475 -35.41 43.84 -15.58
C GLY B 475 -34.62 43.86 -14.30
N GLU B 476 -33.96 44.98 -14.04
CA GLU B 476 -33.32 45.19 -12.77
C GLU B 476 -34.42 45.41 -11.77
N ILE B 477 -34.15 45.11 -10.52
CA ILE B 477 -35.06 45.53 -9.48
C ILE B 477 -34.39 46.68 -8.78
N ARG B 478 -34.94 47.88 -8.96
CA ARG B 478 -34.30 49.09 -8.43
C ARG B 478 -35.09 49.68 -7.26
N GLY B 479 -34.40 50.35 -6.35
CA GLY B 479 -35.10 51.00 -5.25
C GLY B 479 -35.82 52.25 -5.73
N PHE B 480 -37.11 52.37 -5.38
CA PHE B 480 -37.92 53.47 -5.90
C PHE B 480 -37.26 54.83 -5.61
N GLU B 481 -37.00 55.59 -6.69
CA GLU B 481 -36.31 56.89 -6.62
C GLU B 481 -35.02 56.77 -5.83
N THR B 482 -34.32 55.65 -5.99
CA THR B 482 -32.95 55.46 -5.52
C THR B 482 -32.12 54.97 -6.68
N ALA B 483 -30.84 54.72 -6.41
CA ALA B 483 -29.93 54.14 -7.38
C ALA B 483 -29.32 52.86 -6.82
N TYR B 484 -30.10 52.10 -6.06
CA TYR B 484 -29.63 50.81 -5.57
C TYR B 484 -30.52 49.75 -6.18
N CYS B 485 -29.90 48.61 -6.51
CA CYS B 485 -30.55 47.48 -7.18
C CYS B 485 -30.25 46.22 -6.41
N ILE B 486 -31.25 45.34 -6.29
CA ILE B 486 -30.98 43.98 -5.88
C ILE B 486 -29.97 43.43 -6.86
N ASP B 487 -28.89 42.85 -6.34
CA ASP B 487 -28.01 42.13 -7.24
C ASP B 487 -27.46 40.88 -6.58
N SER B 488 -27.26 39.88 -7.43
CA SER B 488 -27.03 38.50 -7.06
C SER B 488 -25.66 38.30 -6.48
N MET B 489 -24.73 39.19 -6.82
CA MET B 489 -23.30 38.96 -6.62
C MET B 489 -22.83 37.71 -7.33
N GLY B 490 -23.64 37.20 -8.24
CA GLY B 490 -23.29 36.04 -9.02
C GLY B 490 -23.47 34.75 -8.24
N LYS B 491 -23.96 34.87 -7.01
CA LYS B 491 -24.09 33.74 -6.12
C LYS B 491 -25.12 32.75 -6.63
N THR B 492 -25.01 31.49 -6.28
CA THR B 492 -26.08 30.58 -6.63
C THR B 492 -26.21 29.33 -5.79
N ASN B 493 -27.38 28.72 -5.92
CA ASN B 493 -27.61 27.36 -5.48
C ASN B 493 -27.37 27.01 -4.01
N GLY B 494 -27.77 27.85 -3.08
CA GLY B 494 -27.81 29.31 -3.10
C GLY B 494 -27.76 29.53 -1.61
N GLY B 495 -27.27 30.66 -1.11
CA GLY B 495 -26.90 31.83 -1.86
C GLY B 495 -27.76 32.92 -1.31
N PHE B 496 -27.18 34.09 -1.06
CA PHE B 496 -27.95 35.18 -0.48
C PHE B 496 -27.79 36.46 -1.28
N VAL B 497 -28.88 37.17 -1.50
CA VAL B 497 -28.91 38.23 -2.50
C VAL B 497 -28.77 39.57 -1.77
N GLU B 498 -28.01 40.50 -2.35
CA GLU B 498 -27.67 41.74 -1.66
C GLU B 498 -28.14 42.94 -2.48
N LEU B 499 -27.85 44.13 -1.96
CA LEU B 499 -28.14 45.36 -2.66
C LEU B 499 -26.82 45.92 -3.18
N GLY B 500 -26.87 46.67 -4.27
CA GLY B 500 -25.69 47.31 -4.79
C GLY B 500 -26.03 48.49 -5.67
N PRO B 501 -25.05 49.33 -5.98
CA PRO B 501 -25.32 50.48 -6.87
C PRO B 501 -25.71 50.01 -8.26
N CYS B 502 -26.82 50.55 -8.76
CA CYS B 502 -27.34 50.15 -10.07
C CYS B 502 -26.37 50.56 -11.17
N HIS B 503 -26.17 49.64 -12.11
CA HIS B 503 -25.38 49.91 -13.29
C HIS B 503 -26.10 49.74 -14.61
N ARG B 504 -27.28 49.14 -14.60
CA ARG B 504 -28.11 49.04 -15.76
C ARG B 504 -27.49 48.21 -16.84
N MET B 505 -26.58 47.34 -16.44
CA MET B 505 -25.84 46.51 -17.37
C MET B 505 -26.40 45.12 -17.47
N GLY B 506 -27.55 44.90 -16.86
CA GLY B 506 -28.12 43.57 -16.74
C GLY B 506 -27.26 42.66 -15.91
N GLY B 507 -26.94 41.48 -16.41
CA GLY B 507 -26.08 40.60 -15.65
C GLY B 507 -26.63 40.09 -14.34
N ASN B 508 -25.97 40.37 -13.24
CA ASN B 508 -26.44 39.92 -11.95
C ASN B 508 -27.43 40.88 -11.30
N GLN B 509 -27.77 41.99 -11.97
CA GLN B 509 -28.83 42.88 -11.52
C GLN B 509 -30.06 42.77 -12.38
N LEU B 510 -30.28 41.62 -13.02
CA LEU B 510 -31.39 41.39 -13.92
C LEU B 510 -32.20 40.22 -13.38
N PHE B 511 -33.53 40.36 -13.37
CA PHE B 511 -34.41 39.36 -12.80
C PHE B 511 -35.68 39.29 -13.66
N ARG B 512 -36.57 38.37 -13.34
CA ARG B 512 -37.83 38.30 -14.02
C ARG B 512 -38.91 37.70 -13.13
N ILE B 513 -40.16 38.05 -13.38
CA ILE B 513 -41.25 37.45 -12.63
C ILE B 513 -42.12 36.62 -13.53
N ASN B 514 -42.34 35.40 -13.09
CA ASN B 514 -43.19 34.43 -13.70
C ASN B 514 -44.62 34.77 -13.54
N GLU B 515 -45.43 34.31 -14.48
CA GLU B 515 -46.84 34.24 -14.26
C GLU B 515 -47.06 33.26 -13.13
N ALA B 516 -46.17 32.30 -13.02
CA ALA B 516 -46.24 31.27 -11.98
C ALA B 516 -45.69 31.72 -10.63
N ASN B 517 -45.44 33.02 -10.45
CA ASN B 517 -45.04 33.62 -9.17
C ASN B 517 -43.61 33.27 -8.77
N GLN B 518 -42.75 32.96 -9.74
CA GLN B 518 -41.35 32.72 -9.46
C GLN B 518 -40.53 33.96 -9.78
N LEU B 519 -39.66 34.36 -8.85
CA LEU B 519 -38.68 35.41 -9.09
C LEU B 519 -37.36 34.75 -9.42
N MET B 520 -36.87 34.95 -10.65
CA MET B 520 -35.74 34.20 -11.16
C MET B 520 -34.62 35.02 -11.79
N GLN B 521 -33.41 34.52 -11.65
CA GLN B 521 -32.27 34.96 -12.42
C GLN B 521 -31.80 33.71 -13.12
N TYR B 522 -31.57 33.79 -14.43
CA TYR B 522 -31.04 32.64 -15.14
C TYR B 522 -31.98 31.45 -14.89
N ASP B 523 -31.42 30.32 -14.49
CA ASP B 523 -32.19 29.13 -14.21
C ASP B 523 -32.69 29.09 -12.78
N GLN B 524 -32.35 30.10 -12.00
CA GLN B 524 -32.50 30.05 -10.56
C GLN B 524 -33.53 31.02 -10.02
N CYS B 525 -34.11 30.64 -8.88
CA CYS B 525 -35.24 31.30 -8.23
C CYS B 525 -34.84 31.75 -6.84
N LEU B 526 -35.55 32.72 -6.29
CA LEU B 526 -35.27 33.22 -4.95
C LEU B 526 -36.40 32.89 -3.98
N THR B 527 -36.03 32.37 -2.82
CA THR B 527 -37.01 32.06 -1.77
C THR B 527 -36.48 32.44 -0.39
N LYS B 528 -37.41 32.57 0.55
CA LYS B 528 -37.07 32.82 1.94
C LYS B 528 -36.28 31.63 2.42
N GLY B 529 -35.29 31.87 3.27
CA GLY B 529 -34.48 30.78 3.78
C GLY B 529 -34.65 30.55 5.27
N ALA B 530 -34.96 29.30 5.64
CA ALA B 530 -35.16 29.00 7.05
C ALA B 530 -33.84 29.06 7.82
N ASP B 531 -33.84 29.71 8.98
CA ASP B 531 -34.93 30.56 9.41
C ASP B 531 -34.40 31.96 9.24
N GLY B 532 -35.03 32.73 8.37
CA GLY B 532 -34.50 34.03 8.03
C GLY B 532 -35.52 34.99 7.48
N SER B 533 -35.15 36.26 7.47
CA SER B 533 -35.91 37.30 6.80
C SER B 533 -35.23 37.65 5.49
N LYS B 534 -34.26 36.82 5.10
CA LYS B 534 -33.39 37.12 3.97
C LYS B 534 -33.66 36.29 2.72
N VAL B 535 -33.70 36.99 1.58
CA VAL B 535 -33.87 36.37 0.28
C VAL B 535 -32.68 35.48 -0.05
N MET B 536 -32.96 34.36 -0.72
CA MET B 536 -31.91 33.41 -1.05
C MET B 536 -32.09 32.94 -2.49
N ILE B 537 -30.98 32.61 -3.13
CA ILE B 537 -31.04 32.14 -4.51
C ILE B 537 -30.54 30.71 -4.63
N THR B 538 -31.33 29.88 -5.30
CA THR B 538 -30.99 28.49 -5.50
C THR B 538 -31.74 27.97 -6.71
N HIS B 539 -31.34 26.81 -7.19
CA HIS B 539 -31.97 26.27 -8.39
C HIS B 539 -33.42 26.07 -8.13
N CYS B 540 -34.24 26.32 -9.15
CA CYS B 540 -35.67 26.32 -9.02
C CYS B 540 -36.28 25.38 -10.03
N ASN B 541 -37.50 24.95 -9.74
CA ASN B 541 -38.11 23.80 -10.37
C ASN B 541 -39.56 24.13 -10.54
N LEU B 542 -40.26 23.38 -11.37
CA LEU B 542 -41.66 23.65 -11.60
C LEU B 542 -42.53 22.62 -10.89
N ASN B 543 -43.57 23.06 -10.20
CA ASN B 543 -43.77 24.46 -9.87
C ASN B 543 -42.82 25.08 -8.83
N GLU B 544 -42.53 24.36 -7.76
CA GLU B 544 -41.53 24.85 -6.80
C GLU B 544 -41.84 26.22 -6.19
N PHE B 545 -40.89 27.14 -6.22
CA PHE B 545 -40.93 28.34 -5.38
C PHE B 545 -41.79 29.50 -5.90
N LYS B 546 -43.09 29.30 -5.97
CA LYS B 546 -43.97 30.39 -6.37
C LYS B 546 -44.39 31.25 -5.20
N GLU B 547 -43.55 32.18 -4.82
CA GLU B 547 -43.80 32.93 -3.61
C GLU B 547 -43.97 34.40 -3.83
N TRP B 548 -43.83 34.86 -5.04
CA TRP B 548 -43.74 36.28 -5.26
C TRP B 548 -44.79 36.84 -6.16
N GLN B 549 -45.38 37.93 -5.76
CA GLN B 549 -46.26 38.67 -6.64
C GLN B 549 -45.89 40.15 -6.62
N TYR B 550 -45.83 40.76 -7.79
CA TYR B 550 -45.32 42.11 -7.90
C TYR B 550 -46.42 43.06 -8.30
N PHE B 551 -46.57 44.16 -7.56
CA PHE B 551 -47.57 45.15 -7.92
C PHE B 551 -46.87 46.38 -8.47
N LYS B 552 -46.99 46.59 -9.76
CA LYS B 552 -46.21 47.66 -10.39
C LYS B 552 -46.57 49.04 -9.90
N ASN B 553 -47.86 49.32 -9.79
CA ASN B 553 -48.31 50.61 -9.31
C ASN B 553 -47.98 50.83 -7.85
N LEU B 554 -48.17 49.78 -7.07
CA LEU B 554 -47.83 49.81 -5.67
C LEU B 554 -46.34 50.02 -5.52
N HIS B 555 -45.56 49.44 -6.41
CA HIS B 555 -44.13 49.45 -6.22
C HIS B 555 -43.79 48.42 -5.19
N ARG B 556 -44.61 47.40 -5.05
CA ARG B 556 -44.42 46.45 -3.97
C ARG B 556 -44.19 45.04 -4.45
N PHE B 557 -43.28 44.36 -3.80
CA PHE B 557 -43.08 42.95 -4.02
C PHE B 557 -43.49 42.36 -2.69
N THR B 558 -44.38 41.37 -2.69
CA THR B 558 -44.77 40.76 -1.43
C THR B 558 -44.51 39.27 -1.40
N HIS B 559 -43.82 38.80 -0.37
CA HIS B 559 -43.71 37.37 -0.15
C HIS B 559 -45.10 36.83 0.09
N ILE B 560 -45.46 35.79 -0.67
CA ILE B 560 -46.83 35.28 -0.68
C ILE B 560 -47.21 34.68 0.67
N PRO B 561 -46.46 33.64 1.02
CA PRO B 561 -46.58 32.99 2.32
C PRO B 561 -45.90 33.90 3.32
N SER B 562 -46.31 33.89 4.58
CA SER B 562 -45.65 34.73 5.56
C SER B 562 -45.65 36.16 5.03
N GLY B 563 -46.82 36.64 4.62
CA GLY B 563 -46.89 37.80 3.78
C GLY B 563 -46.16 38.94 4.44
N LYS B 564 -45.28 39.50 3.63
CA LYS B 564 -44.17 40.34 4.01
C LYS B 564 -43.66 41.02 2.77
N CYS B 565 -43.50 42.33 2.82
CA CYS B 565 -43.23 43.10 1.63
C CYS B 565 -41.75 43.41 1.60
N LEU B 566 -41.10 43.13 0.48
CA LEU B 566 -39.67 42.96 0.45
C LEU B 566 -39.06 44.28 0.87
N ASP B 567 -38.01 44.21 1.68
CA ASP B 567 -37.36 45.41 2.17
C ASP B 567 -35.89 45.26 1.97
N ARG B 568 -35.19 46.38 1.95
CA ARG B 568 -33.77 46.40 1.67
C ARG B 568 -33.06 47.21 2.76
N SER B 569 -31.78 47.51 2.58
CA SER B 569 -31.04 48.18 3.64
C SER B 569 -29.90 49.06 3.19
N GLU B 570 -30.16 50.33 2.97
CA GLU B 570 -29.27 51.10 2.10
C GLU B 570 -27.84 51.01 2.58
N VAL B 571 -27.65 51.12 3.88
CA VAL B 571 -26.38 50.73 4.46
C VAL B 571 -26.61 50.15 5.83
N LEU B 572 -26.02 49.01 6.14
CA LEU B 572 -25.21 48.20 5.23
C LEU B 572 -26.08 47.67 4.13
N HIS B 573 -25.54 47.50 2.93
CA HIS B 573 -26.39 47.09 1.82
C HIS B 573 -26.96 45.75 2.21
N GLN B 574 -28.28 45.63 2.18
CA GLN B 574 -28.92 44.40 2.64
C GLN B 574 -30.35 44.32 2.14
N VAL B 575 -30.76 43.13 1.70
CA VAL B 575 -32.11 42.88 1.18
C VAL B 575 -32.75 41.78 2.01
N PHE B 576 -33.96 42.05 2.51
CA PHE B 576 -34.69 41.15 3.41
C PHE B 576 -36.19 41.32 3.18
N ILE B 577 -37.02 40.53 3.90
CA ILE B 577 -38.47 40.72 3.91
C ILE B 577 -38.94 41.05 5.32
N SER B 578 -39.79 42.06 5.44
CA SER B 578 -40.28 42.55 6.72
C SER B 578 -41.79 42.77 6.60
N ASN B 579 -42.44 42.99 7.74
CA ASN B 579 -43.88 43.26 7.73
C ASN B 579 -44.17 44.56 6.99
N CYS B 580 -45.22 44.54 6.19
CA CYS B 580 -45.38 45.53 5.14
C CYS B 580 -45.88 46.81 5.79
N ASP B 581 -44.92 47.57 6.31
CA ASP B 581 -45.16 48.85 6.96
C ASP B 581 -45.71 49.90 6.04
N SER B 582 -45.25 49.90 4.80
CA SER B 582 -45.31 51.08 3.95
C SER B 582 -44.28 52.07 4.45
N SER B 583 -43.27 51.50 5.11
CA SER B 583 -42.14 52.23 5.64
C SER B 583 -41.35 52.88 4.53
N LYS B 584 -40.96 54.12 4.78
CA LYS B 584 -40.48 55.01 3.75
C LYS B 584 -38.98 55.25 3.89
N THR B 585 -38.24 55.14 2.78
CA THR B 585 -38.76 55.27 1.43
C THR B 585 -39.83 54.25 1.09
N THR B 586 -39.69 52.99 1.50
CA THR B 586 -38.52 52.14 1.47
C THR B 586 -39.23 50.81 1.38
N GLN B 587 -38.54 49.79 0.90
CA GLN B 587 -39.14 48.48 0.82
C GLN B 587 -40.22 48.43 -0.26
N LYS B 588 -40.18 49.39 -1.17
CA LYS B 588 -40.79 49.23 -2.47
C LYS B 588 -39.74 49.63 -3.49
N TRP B 589 -39.55 48.79 -4.51
CA TRP B 589 -38.64 49.13 -5.58
C TRP B 589 -39.34 49.01 -6.91
N GLU B 590 -38.86 49.76 -7.89
CA GLU B 590 -39.29 49.61 -9.27
C GLU B 590 -38.62 48.42 -9.95
N MET B 591 -39.24 47.92 -11.01
CA MET B 591 -38.64 46.90 -11.87
C MET B 591 -38.57 47.47 -13.27
N ASN B 592 -37.40 47.42 -13.89
CA ASN B 592 -37.15 48.14 -15.11
C ASN B 592 -36.41 47.30 -16.13
N ASN B 593 -36.71 47.52 -17.41
CA ASN B 593 -36.04 46.80 -18.50
C ASN B 593 -34.78 47.47 -19.08
N ILE B 594 -33.70 46.71 -19.17
CA ILE B 594 -32.38 47.23 -19.59
C ILE B 594 -32.09 47.75 -21.01
N HIS B 595 -32.51 47.04 -22.06
CA HIS B 595 -32.20 47.49 -23.43
C HIS B 595 -33.45 48.08 -24.01
N SER B 596 -33.41 49.29 -24.58
CA SER B 596 -32.28 50.21 -24.78
C SER B 596 -32.94 51.56 -25.12
N VAL B 597 -32.20 52.68 -25.22
CA VAL B 597 -32.87 53.87 -25.70
C VAL B 597 -32.32 54.27 -27.07
N TYR C 52 12.99 5.59 -51.80
CA TYR C 52 13.20 5.95 -53.21
C TYR C 52 14.17 7.10 -53.31
N LEU C 53 14.34 7.83 -52.21
CA LEU C 53 15.25 8.96 -52.17
C LEU C 53 16.69 8.50 -52.19
N THR C 54 17.54 9.33 -52.78
CA THR C 54 18.95 9.04 -52.88
C THR C 54 19.74 10.18 -52.33
N PHE C 55 21.05 10.06 -52.40
CA PHE C 55 21.99 11.13 -52.17
C PHE C 55 22.45 11.73 -53.48
N LYS C 56 22.81 13.00 -53.47
CA LYS C 56 23.26 13.66 -54.66
C LYS C 56 24.46 12.93 -55.11
N PRO C 57 24.71 12.99 -56.40
CA PRO C 57 25.78 12.26 -57.06
C PRO C 57 27.10 12.96 -56.92
N GLN C 58 28.18 12.25 -57.16
CA GLN C 58 29.48 12.86 -57.05
C GLN C 58 29.85 13.45 -58.38
N THR C 59 29.66 14.76 -58.49
CA THR C 59 30.19 15.57 -59.56
C THR C 59 31.69 15.71 -59.56
N PHE C 60 32.22 15.90 -58.36
CA PHE C 60 33.62 16.22 -58.15
C PHE C 60 34.54 15.09 -58.51
N THR C 61 35.66 15.40 -59.13
CA THR C 61 36.61 14.36 -59.44
C THR C 61 37.84 14.52 -58.58
N TYR C 62 38.30 13.43 -57.99
CA TYR C 62 39.51 13.42 -57.20
C TYR C 62 40.25 12.14 -57.45
N HIS C 63 41.56 12.16 -57.23
CA HIS C 63 42.41 11.01 -57.41
C HIS C 63 42.96 10.58 -56.08
N ASP C 64 42.87 9.30 -55.78
CA ASP C 64 43.32 8.78 -54.51
C ASP C 64 44.82 8.93 -54.41
N PRO C 65 45.30 9.16 -53.11
CA PRO C 65 46.75 9.40 -53.06
C PRO C 65 47.61 8.16 -53.26
N VAL C 66 48.87 8.39 -53.57
CA VAL C 66 49.84 7.35 -53.90
C VAL C 66 50.96 7.40 -52.87
N LEU C 67 51.48 6.24 -52.51
CA LEU C 67 52.53 6.15 -51.56
C LEU C 67 53.79 5.88 -52.25
N ARG C 68 54.77 6.72 -52.05
CA ARG C 68 55.99 6.66 -52.77
C ARG C 68 57.15 6.51 -51.82
N PRO C 69 57.48 5.32 -51.35
CA PRO C 69 58.46 5.32 -50.26
C PRO C 69 59.75 5.97 -50.68
N GLY C 70 60.37 6.68 -49.74
CA GLY C 70 61.67 7.25 -49.91
C GLY C 70 61.59 8.58 -50.63
N ILE C 71 60.40 8.92 -51.07
CA ILE C 71 60.15 10.20 -51.65
C ILE C 71 59.10 10.78 -50.76
N LEU C 72 59.27 12.03 -50.38
CA LEU C 72 58.38 12.60 -49.40
C LEU C 72 57.90 13.94 -49.89
N GLY C 73 56.77 14.35 -49.37
CA GLY C 73 56.15 15.61 -49.70
C GLY C 73 54.89 14.94 -50.00
N ASN C 74 53.94 15.58 -50.67
CA ASN C 74 54.06 16.95 -51.10
C ASN C 74 53.45 17.90 -50.10
N PHE C 75 52.84 17.31 -49.09
CA PHE C 75 52.19 18.07 -48.04
C PHE C 75 52.98 18.15 -46.76
N GLU C 76 54.18 17.59 -46.76
CA GLU C 76 55.00 17.58 -45.58
C GLU C 76 55.86 18.79 -45.63
N PRO C 77 55.92 19.54 -44.54
CA PRO C 77 56.81 20.69 -44.53
C PRO C 77 58.22 20.19 -44.69
N LYS C 78 59.00 20.87 -45.52
CA LYS C 78 60.35 20.44 -45.80
C LYS C 78 61.31 20.51 -44.61
N GLU C 79 61.15 21.54 -43.80
CA GLU C 79 62.10 21.82 -42.73
C GLU C 79 61.36 22.00 -41.41
N PRO C 80 62.06 21.83 -40.29
CA PRO C 80 61.31 21.79 -39.03
C PRO C 80 60.50 23.03 -38.75
N GLU C 81 59.31 22.81 -38.24
CA GLU C 81 58.39 23.85 -37.84
C GLU C 81 59.00 24.76 -36.81
N PRO C 82 58.91 26.06 -37.04
CA PRO C 82 59.50 27.04 -36.15
C PRO C 82 58.80 27.12 -34.82
N PRO C 83 59.65 27.16 -33.71
CA PRO C 83 58.93 27.18 -32.44
C PRO C 83 58.29 28.53 -32.25
N GLY C 84 57.20 28.60 -31.51
CA GLY C 84 56.62 29.87 -31.14
C GLY C 84 57.55 30.68 -30.26
N VAL C 85 58.18 30.00 -29.34
CA VAL C 85 59.18 30.59 -28.46
C VAL C 85 60.30 29.59 -28.48
N VAL C 86 61.51 30.03 -28.53
CA VAL C 86 62.55 29.10 -28.68
C VAL C 86 63.33 29.29 -27.44
N GLY C 87 63.37 28.32 -26.54
CA GLY C 87 62.61 27.12 -26.62
C GLY C 87 61.95 26.95 -25.28
N GLY C 88 60.85 26.23 -25.28
CA GLY C 88 60.09 25.95 -24.07
C GLY C 88 59.41 27.27 -23.86
N PRO C 89 58.44 27.36 -22.97
CA PRO C 89 58.08 26.30 -22.05
C PRO C 89 57.55 25.00 -22.60
N GLY C 90 56.71 25.01 -23.58
CA GLY C 90 56.16 23.76 -23.95
C GLY C 90 56.32 23.30 -25.33
N GLU C 91 57.47 23.49 -25.92
CA GLU C 91 57.70 23.02 -27.25
C GLU C 91 58.77 22.04 -27.13
N LYS C 92 58.76 21.01 -27.92
CA LYS C 92 57.70 20.73 -28.77
C LYS C 92 57.01 19.62 -28.09
N ALA C 93 56.08 19.98 -27.25
CA ALA C 93 55.30 19.03 -26.50
C ALA C 93 56.13 18.33 -25.50
N LYS C 94 57.14 19.00 -25.00
CA LYS C 94 57.93 18.49 -23.94
C LYS C 94 57.13 18.86 -22.76
N PRO C 95 57.03 17.90 -21.75
CA PRO C 95 56.14 18.30 -20.65
C PRO C 95 56.50 19.48 -19.83
N LEU C 96 55.56 20.18 -19.27
CA LEU C 96 55.89 21.30 -18.47
C LEU C 96 55.47 21.01 -17.09
N VAL C 97 56.40 20.84 -16.21
CA VAL C 97 56.14 20.46 -14.86
C VAL C 97 56.52 21.63 -14.02
N LEU C 98 55.64 22.08 -13.13
CA LEU C 98 55.84 23.28 -12.37
C LEU C 98 55.82 23.02 -10.91
N GLY C 99 55.68 24.02 -10.07
CA GLY C 99 55.43 23.81 -8.66
C GLY C 99 56.71 23.65 -7.87
N PRO C 100 56.59 23.59 -6.55
CA PRO C 100 55.36 23.76 -5.81
C PRO C 100 54.99 25.21 -5.63
N GLU C 101 55.85 26.15 -6.04
CA GLU C 101 55.45 27.54 -5.93
C GLU C 101 54.15 27.80 -6.68
N PHE C 102 53.81 26.99 -7.65
CA PHE C 102 52.67 27.28 -8.45
C PHE C 102 51.51 26.46 -8.04
N LYS C 103 51.60 25.84 -6.89
CA LYS C 103 50.70 24.80 -6.50
C LYS C 103 49.33 25.26 -6.27
N GLN C 104 49.20 26.35 -5.58
CA GLN C 104 47.94 26.79 -5.11
C GLN C 104 47.23 27.49 -6.20
N ALA C 105 48.02 28.06 -7.08
CA ALA C 105 47.45 28.64 -8.29
C ALA C 105 46.95 27.62 -9.28
N ILE C 106 47.67 26.53 -9.44
CA ILE C 106 47.26 25.48 -10.34
C ILE C 106 45.99 24.81 -9.91
N GLN C 107 45.89 24.48 -8.64
CA GLN C 107 44.66 23.86 -8.13
C GLN C 107 43.44 24.77 -8.29
N ALA C 108 43.62 26.09 -8.13
CA ALA C 108 42.52 27.01 -8.39
C ALA C 108 42.01 26.86 -9.83
N SER C 109 42.91 27.00 -10.81
CA SER C 109 42.49 26.96 -12.20
C SER C 109 41.92 25.60 -12.57
N ILE C 110 42.38 24.55 -11.92
CA ILE C 110 41.77 23.26 -12.13
C ILE C 110 40.31 23.28 -11.66
N LYS C 111 40.03 23.90 -10.53
CA LYS C 111 38.63 24.08 -10.12
C LYS C 111 37.85 24.85 -11.17
N GLU C 112 38.45 25.90 -11.77
CA GLU C 112 37.66 26.70 -12.70
C GLU C 112 37.46 26.00 -14.03
N PHE C 113 38.50 25.35 -14.53
CA PHE C 113 38.50 24.80 -15.88
C PHE C 113 38.66 23.30 -16.06
N GLY C 114 39.15 22.60 -15.05
CA GLY C 114 39.39 21.19 -15.16
C GLY C 114 40.69 20.91 -15.88
N PHE C 115 41.40 21.98 -16.19
CA PHE C 115 42.68 21.89 -16.85
C PHE C 115 43.59 22.76 -16.07
N ASN C 116 44.88 22.50 -16.16
CA ASN C 116 45.84 23.33 -15.51
C ASN C 116 46.03 24.45 -16.48
N MET C 117 45.43 25.60 -16.16
CA MET C 117 45.48 26.72 -17.05
C MET C 117 46.69 27.53 -16.76
N VAL C 118 47.43 27.13 -15.74
CA VAL C 118 48.54 27.92 -15.31
C VAL C 118 49.66 27.56 -16.19
N ALA C 119 49.81 26.29 -16.45
CA ALA C 119 50.76 25.83 -17.39
C ALA C 119 50.25 26.28 -18.67
N SER C 120 49.08 25.86 -19.07
CA SER C 120 48.70 26.24 -20.43
C SER C 120 48.97 27.71 -20.70
N ASP C 121 48.79 28.58 -19.68
CA ASP C 121 48.94 30.00 -19.92
C ASP C 121 50.37 30.37 -20.27
N MET C 122 51.38 29.58 -19.87
CA MET C 122 52.75 29.91 -20.21
C MET C 122 53.30 29.13 -21.39
N ILE C 123 52.46 28.36 -22.08
CA ILE C 123 52.87 27.70 -23.32
C ILE C 123 52.39 28.54 -24.49
N SER C 124 53.23 28.65 -25.52
CA SER C 124 52.90 29.48 -26.68
C SER C 124 51.59 29.04 -27.32
N LEU C 125 50.77 30.01 -27.74
CA LEU C 125 49.66 29.70 -28.61
C LEU C 125 50.14 29.13 -29.94
N ASP C 126 51.39 29.38 -30.32
CA ASP C 126 51.93 28.91 -31.58
C ASP C 126 52.98 27.82 -31.40
N ARG C 127 52.90 27.08 -30.31
CA ARG C 127 53.97 26.16 -30.00
C ARG C 127 54.09 25.11 -31.09
N SER C 128 55.31 24.61 -31.27
CA SER C 128 55.49 23.38 -32.00
C SER C 128 55.01 22.22 -31.15
N VAL C 129 54.97 21.05 -31.79
CA VAL C 129 54.41 19.84 -31.22
C VAL C 129 55.14 18.67 -31.84
N ASN C 130 55.17 17.57 -31.10
CA ASN C 130 55.74 16.30 -31.51
C ASN C 130 54.92 15.56 -32.55
N ASP C 131 55.57 14.67 -33.27
CA ASP C 131 54.92 13.95 -34.34
C ASP C 131 54.65 12.51 -33.95
N LEU C 132 53.39 12.15 -33.82
CA LEU C 132 53.04 10.79 -33.45
C LEU C 132 52.76 9.96 -34.67
N ARG C 133 52.90 10.59 -35.82
CA ARG C 133 52.66 9.95 -37.09
C ARG C 133 53.64 8.85 -37.36
N GLN C 134 53.19 7.80 -38.03
CA GLN C 134 54.05 6.73 -38.48
C GLN C 134 54.88 7.27 -39.61
N GLU C 135 56.03 6.68 -39.87
CA GLU C 135 56.88 7.18 -40.93
C GLU C 135 56.26 7.09 -42.32
N GLU C 136 55.62 5.98 -42.65
CA GLU C 136 55.13 5.81 -44.02
C GLU C 136 54.19 6.96 -44.34
N CYS C 137 53.68 7.58 -43.30
CA CYS C 137 52.75 8.69 -43.45
C CYS C 137 53.36 9.83 -44.22
N LYS C 138 54.64 10.05 -43.99
CA LYS C 138 55.35 11.15 -44.63
C LYS C 138 55.56 11.04 -46.13
N TYR C 139 55.24 9.88 -46.69
CA TYR C 139 55.52 9.61 -48.09
C TYR C 139 54.31 9.49 -49.02
N TRP C 140 53.18 10.01 -48.58
CA TRP C 140 51.96 9.99 -49.39
C TRP C 140 51.86 11.28 -50.19
N HIS C 141 51.55 11.16 -51.47
CA HIS C 141 51.41 12.31 -52.36
C HIS C 141 49.94 12.47 -52.73
N TYR C 142 49.37 13.57 -52.25
CA TYR C 142 47.96 13.87 -52.34
C TYR C 142 47.67 14.78 -53.51
N ASP C 143 46.42 14.77 -53.95
CA ASP C 143 46.03 15.44 -55.18
C ASP C 143 46.20 16.95 -55.23
N GLU C 144 45.94 17.62 -54.13
CA GLU C 144 46.04 19.05 -54.13
C GLU C 144 44.73 19.66 -54.58
N ASN C 145 43.76 18.79 -54.82
CA ASN C 145 42.43 19.20 -55.26
C ASN C 145 41.29 19.16 -54.23
N LEU C 146 41.69 19.16 -52.96
CA LEU C 146 40.81 18.82 -51.90
C LEU C 146 39.73 19.84 -51.82
N LEU C 147 38.62 19.43 -51.27
CA LEU C 147 37.52 20.30 -51.02
C LEU C 147 37.93 21.28 -49.94
N THR C 148 37.34 22.47 -49.99
CA THR C 148 37.54 23.50 -49.00
C THR C 148 36.85 23.10 -47.70
N SER C 149 37.28 23.68 -46.59
CA SER C 149 36.73 23.32 -45.28
C SER C 149 36.38 24.52 -44.40
N SER C 150 35.30 24.39 -43.64
CA SER C 150 35.02 25.28 -42.54
C SER C 150 35.22 24.47 -41.29
N VAL C 151 36.05 24.95 -40.37
CA VAL C 151 36.19 24.23 -39.12
C VAL C 151 35.29 24.91 -38.10
N VAL C 152 34.46 24.13 -37.42
CA VAL C 152 33.59 24.67 -36.40
C VAL C 152 34.03 24.10 -35.07
N ILE C 153 34.17 24.99 -34.10
CA ILE C 153 34.68 24.74 -32.76
C ILE C 153 33.59 25.28 -31.84
N VAL C 154 32.83 24.38 -31.22
CA VAL C 154 31.86 24.80 -30.22
C VAL C 154 32.61 25.02 -28.92
N PHE C 155 32.20 26.01 -28.14
CA PHE C 155 32.85 26.13 -26.84
C PHE C 155 31.83 26.63 -25.83
N HIS C 156 32.14 26.36 -24.54
CA HIS C 156 31.36 26.89 -23.43
C HIS C 156 32.30 27.17 -22.27
N ASN C 157 32.57 28.46 -21.99
CA ASN C 157 33.39 28.84 -20.84
C ASN C 157 34.80 28.29 -20.91
N GLU C 158 35.27 28.05 -22.13
CA GLU C 158 36.61 27.53 -22.34
C GLU C 158 37.64 28.54 -21.89
N GLY C 159 38.70 28.07 -21.25
CA GLY C 159 39.81 28.93 -20.91
C GLY C 159 40.43 29.54 -22.15
N TRP C 160 40.82 30.80 -22.05
CA TRP C 160 41.26 31.57 -23.20
C TRP C 160 42.40 30.88 -23.94
N SER C 161 43.47 30.57 -23.23
CA SER C 161 44.65 30.09 -23.90
C SER C 161 44.43 28.70 -24.49
N THR C 162 43.52 27.91 -23.95
CA THR C 162 43.31 26.64 -24.63
C THR C 162 42.45 26.81 -25.87
N LEU C 163 41.48 27.72 -25.84
CA LEU C 163 40.64 27.95 -27.02
C LEU C 163 41.46 28.59 -28.15
N MET C 164 42.28 29.61 -27.82
CA MET C 164 43.03 30.31 -28.86
C MET C 164 44.19 29.45 -29.38
N ARG C 165 44.83 28.69 -28.50
CA ARG C 165 45.87 27.82 -29.03
C ARG C 165 45.28 26.84 -30.05
N THR C 166 44.03 26.41 -29.85
CA THR C 166 43.36 25.54 -30.83
C THR C 166 43.30 26.21 -32.18
N VAL C 167 42.76 27.43 -32.19
CA VAL C 167 42.62 28.20 -33.43
C VAL C 167 43.99 28.47 -34.04
N HIS C 168 44.94 28.94 -33.21
CA HIS C 168 46.31 29.13 -33.69
C HIS C 168 46.86 27.83 -34.28
N SER C 169 46.56 26.72 -33.63
CA SER C 169 47.03 25.45 -34.15
C SER C 169 46.51 25.23 -35.56
N VAL C 170 45.21 25.44 -35.78
CA VAL C 170 44.60 25.21 -37.09
C VAL C 170 45.17 26.14 -38.16
N ILE C 171 45.34 27.42 -37.82
CA ILE C 171 45.86 28.39 -38.78
C ILE C 171 47.30 28.03 -39.16
N LYS C 172 48.10 27.63 -38.18
CA LYS C 172 49.50 27.35 -38.42
C LYS C 172 49.72 26.13 -39.31
N ARG C 173 48.81 25.16 -39.28
CA ARG C 173 49.12 23.88 -39.90
C ARG C 173 48.11 23.49 -40.99
N THR C 174 47.26 24.39 -41.39
CA THR C 174 46.42 24.09 -42.51
C THR C 174 46.82 24.98 -43.68
N PRO C 175 46.96 24.40 -44.86
CA PRO C 175 47.30 25.19 -46.03
C PRO C 175 46.21 26.20 -46.25
N ARG C 176 46.58 27.41 -46.58
CA ARG C 176 45.67 28.54 -46.57
C ARG C 176 44.48 28.46 -47.51
N LYS C 177 44.68 27.93 -48.70
CA LYS C 177 43.63 27.89 -49.71
C LYS C 177 42.45 27.05 -49.30
N TYR C 178 42.75 25.94 -48.65
CA TYR C 178 41.77 25.00 -48.14
C TYR C 178 40.94 25.45 -46.92
N LEU C 179 41.46 26.38 -46.14
CA LEU C 179 40.82 26.83 -44.90
C LEU C 179 39.89 27.98 -45.27
N ALA C 180 38.59 27.67 -45.33
CA ALA C 180 37.62 28.63 -45.82
C ALA C 180 37.18 29.62 -44.76
N GLU C 181 36.95 29.16 -43.53
CA GLU C 181 36.63 29.98 -42.37
C GLU C 181 36.83 29.11 -41.12
N ILE C 182 36.91 29.75 -39.96
CA ILE C 182 36.92 29.04 -38.69
C ILE C 182 35.79 29.63 -37.88
N VAL C 183 34.70 28.86 -37.73
CA VAL C 183 33.49 29.33 -37.08
C VAL C 183 33.48 28.88 -35.63
N LEU C 184 33.48 29.85 -34.71
CA LEU C 184 33.41 29.56 -33.29
C LEU C 184 31.96 29.69 -32.87
N ILE C 185 31.42 28.66 -32.22
CA ILE C 185 30.04 28.68 -31.74
C ILE C 185 30.06 28.83 -30.22
N ASP C 186 29.72 30.02 -29.75
CA ASP C 186 29.68 30.27 -28.30
C ASP C 186 28.35 29.71 -27.79
N ASP C 187 28.41 28.60 -27.05
CA ASP C 187 27.17 28.01 -26.52
C ASP C 187 26.81 28.68 -25.18
N PHE C 188 26.50 29.97 -25.26
CA PHE C 188 25.91 30.71 -24.14
C PHE C 188 26.87 30.76 -22.96
N SER C 189 28.06 31.31 -23.24
CA SER C 189 29.14 31.36 -22.25
C SER C 189 28.84 32.35 -21.13
N ASN C 190 29.41 32.03 -19.97
CA ASN C 190 29.37 32.77 -18.73
C ASN C 190 30.52 33.76 -18.61
N LYS C 191 31.76 33.30 -18.82
CA LYS C 191 32.97 34.02 -18.43
C LYS C 191 33.25 35.21 -19.36
N GLU C 192 33.81 36.27 -18.76
CA GLU C 192 33.94 37.56 -19.45
C GLU C 192 35.06 37.60 -20.48
N HIS C 193 36.13 36.82 -20.31
CA HIS C 193 37.19 36.83 -21.32
C HIS C 193 36.75 36.22 -22.65
N LEU C 194 35.58 35.62 -22.71
CA LEU C 194 35.11 35.09 -23.98
C LEU C 194 34.14 36.02 -24.64
N LYS C 195 33.96 37.22 -24.13
CA LYS C 195 33.13 38.17 -24.84
C LYS C 195 33.83 39.51 -24.93
N GLU C 196 33.74 40.15 -26.07
CA GLU C 196 34.37 41.46 -26.22
C GLU C 196 35.86 41.33 -26.32
N LYS C 197 36.49 40.76 -25.32
CA LYS C 197 37.90 40.54 -25.47
C LYS C 197 38.10 39.63 -26.65
N LEU C 198 37.20 38.67 -26.81
CA LEU C 198 37.33 37.71 -27.91
C LEU C 198 37.06 38.38 -29.24
N ASP C 199 36.07 39.25 -29.27
CA ASP C 199 35.70 39.90 -30.51
C ASP C 199 36.84 40.74 -31.05
N GLU C 200 37.51 41.50 -30.19
CA GLU C 200 38.67 42.27 -30.62
C GLU C 200 39.83 41.41 -31.11
N TYR C 201 40.14 40.36 -30.39
CA TYR C 201 41.29 39.55 -30.70
C TYR C 201 41.15 38.94 -32.07
N ILE C 202 39.94 38.54 -32.39
CA ILE C 202 39.65 37.81 -33.61
C ILE C 202 39.84 38.67 -34.85
N LYS C 203 39.99 39.97 -34.66
CA LYS C 203 40.22 40.89 -35.75
C LYS C 203 41.55 40.55 -36.40
N LEU C 204 42.48 40.01 -35.63
CA LEU C 204 43.69 39.42 -36.17
C LEU C 204 43.16 38.27 -37.00
N TRP C 205 43.73 37.97 -38.15
CA TRP C 205 43.10 36.97 -39.02
C TRP C 205 42.04 37.58 -39.94
N ASN C 206 41.84 38.88 -39.86
CA ASN C 206 41.19 39.60 -40.93
C ASN C 206 39.88 39.00 -41.29
N GLY C 207 39.16 38.48 -40.32
CA GLY C 207 37.83 38.00 -40.58
C GLY C 207 37.75 36.59 -41.06
N LEU C 208 38.87 35.90 -41.04
CA LEU C 208 38.92 34.48 -41.29
C LEU C 208 38.15 33.76 -40.21
N VAL C 209 38.26 34.25 -39.00
CA VAL C 209 37.67 33.60 -37.86
C VAL C 209 36.47 34.37 -37.40
N LYS C 210 35.35 33.69 -37.25
CA LYS C 210 34.11 34.34 -36.87
C LYS C 210 33.52 33.66 -35.68
N VAL C 211 32.77 34.41 -34.89
CA VAL C 211 32.08 33.87 -33.73
C VAL C 211 30.58 34.19 -33.77
N PHE C 212 29.79 33.23 -33.35
CA PHE C 212 28.33 33.33 -33.37
C PHE C 212 27.85 32.90 -32.00
N ARG C 213 27.20 33.81 -31.27
CA ARG C 213 26.66 33.55 -29.94
C ARG C 213 25.34 32.80 -30.05
N ASN C 214 25.02 32.02 -29.03
CA ASN C 214 23.73 31.36 -28.96
C ASN C 214 22.93 32.03 -27.86
N GLU C 215 21.67 32.31 -28.13
CA GLU C 215 20.83 33.09 -27.24
C GLU C 215 20.63 32.41 -25.92
N ARG C 216 20.48 31.10 -25.98
CA ARG C 216 20.26 30.27 -24.83
C ARG C 216 21.27 29.18 -24.97
N ARG C 217 21.54 28.45 -23.90
CA ARG C 217 22.49 27.38 -24.01
C ARG C 217 21.78 26.24 -24.68
N GLU C 218 22.23 25.93 -25.87
CA GLU C 218 21.59 24.90 -26.70
C GLU C 218 22.14 23.50 -26.42
N GLY C 219 23.28 23.37 -25.77
CA GLY C 219 23.83 22.06 -25.55
C GLY C 219 24.78 21.72 -26.66
N LEU C 220 25.66 20.77 -26.39
CA LEU C 220 26.72 20.41 -27.30
C LEU C 220 26.30 19.82 -28.63
N ILE C 221 25.32 18.93 -28.63
CA ILE C 221 24.84 18.34 -29.87
C ILE C 221 24.17 19.37 -30.76
N GLN C 222 23.20 20.09 -30.21
CA GLN C 222 22.51 21.10 -30.99
C GLN C 222 23.38 22.27 -31.37
N ALA C 223 24.37 22.54 -30.56
CA ALA C 223 25.33 23.57 -30.87
C ALA C 223 26.08 23.23 -32.13
N ARG C 224 26.44 21.96 -32.29
CA ARG C 224 27.10 21.50 -33.50
C ARG C 224 26.19 21.64 -34.70
N SER C 225 24.87 21.43 -34.53
CA SER C 225 23.96 21.60 -35.65
C SER C 225 23.90 23.07 -36.10
N ILE C 226 23.86 23.98 -35.14
CA ILE C 226 23.87 25.41 -35.45
C ILE C 226 25.15 25.76 -36.19
N GLY C 227 26.23 25.11 -35.84
CA GLY C 227 27.51 25.39 -36.43
C GLY C 227 27.46 25.12 -37.89
N ALA C 228 26.86 24.01 -38.25
CA ALA C 228 26.78 23.60 -39.62
C ALA C 228 25.96 24.57 -40.42
N GLN C 229 24.91 25.08 -39.84
CA GLN C 229 24.16 26.15 -40.45
C GLN C 229 24.94 27.45 -40.56
N LYS C 230 25.74 27.78 -39.57
CA LYS C 230 26.37 29.07 -39.56
C LYS C 230 27.66 29.12 -40.33
N ALA C 231 28.04 28.01 -40.94
CA ALA C 231 29.32 27.93 -41.62
C ALA C 231 29.10 27.55 -43.05
N LYS C 232 28.63 28.52 -43.82
CA LYS C 232 28.31 28.36 -45.22
C LYS C 232 29.46 28.12 -46.18
N LEU C 233 30.58 28.79 -45.96
CA LEU C 233 31.65 28.90 -46.93
C LEU C 233 32.38 27.64 -47.37
N GLY C 234 32.66 26.72 -46.47
CA GLY C 234 33.41 25.53 -46.85
C GLY C 234 32.66 24.43 -47.53
N GLN C 235 33.35 23.55 -48.25
CA GLN C 235 32.64 22.46 -48.81
C GLN C 235 32.48 21.35 -47.83
N VAL C 236 33.40 21.21 -46.91
CA VAL C 236 33.27 20.16 -45.89
C VAL C 236 33.36 20.80 -44.52
N LEU C 237 32.66 20.15 -43.58
CA LEU C 237 32.69 20.57 -42.18
C LEU C 237 33.76 19.78 -41.43
N ILE C 238 34.66 20.48 -40.74
CA ILE C 238 35.64 19.81 -39.89
C ILE C 238 35.29 20.24 -38.47
N TYR C 239 34.85 19.32 -37.63
CA TYR C 239 34.49 19.74 -36.29
C TYR C 239 35.65 19.47 -35.36
N LEU C 240 35.91 20.42 -34.43
CA LEU C 240 36.98 20.33 -33.41
C LEU C 240 36.54 20.78 -32.01
N ASP C 241 36.88 20.02 -30.99
CA ASP C 241 36.65 20.37 -29.60
C ASP C 241 37.48 21.61 -29.39
N ALA C 242 37.13 22.41 -28.40
CA ALA C 242 37.71 23.73 -28.22
C ALA C 242 39.02 23.69 -27.47
N HIS C 243 39.45 22.49 -27.12
CA HIS C 243 40.72 22.32 -26.46
C HIS C 243 41.48 21.25 -27.22
N CYS C 244 41.84 21.59 -28.44
CA CYS C 244 42.55 20.72 -29.37
C CYS C 244 43.81 21.37 -29.93
N GLU C 245 44.77 20.52 -30.30
CA GLU C 245 45.95 20.89 -31.07
C GLU C 245 46.13 19.93 -32.24
N VAL C 246 46.04 20.44 -33.45
CA VAL C 246 46.02 19.62 -34.66
C VAL C 246 47.47 19.38 -35.12
N ALA C 247 47.76 18.19 -35.66
CA ALA C 247 49.13 17.79 -36.01
C ALA C 247 49.55 18.29 -37.40
N VAL C 248 50.82 18.11 -37.74
CA VAL C 248 51.29 18.55 -39.06
C VAL C 248 50.70 17.72 -40.17
N ASN C 249 50.27 18.38 -41.24
CA ASN C 249 49.65 17.69 -42.36
C ASN C 249 48.46 16.83 -41.96
N TRP C 250 47.65 17.33 -41.06
CA TRP C 250 46.39 16.70 -40.70
C TRP C 250 45.36 16.75 -41.79
N TYR C 251 45.32 17.87 -42.48
CA TYR C 251 44.26 18.15 -43.43
C TYR C 251 44.16 17.33 -44.70
N ALA C 252 45.27 17.11 -45.39
CA ALA C 252 45.20 16.45 -46.66
C ALA C 252 44.73 15.03 -46.53
N PRO C 253 45.24 14.29 -45.56
CA PRO C 253 44.78 12.89 -45.40
C PRO C 253 43.35 12.80 -44.91
N LEU C 254 42.95 13.74 -44.07
CA LEU C 254 41.59 13.81 -43.58
C LEU C 254 40.61 14.11 -44.70
N VAL C 255 40.92 15.08 -45.56
CA VAL C 255 39.91 15.54 -46.53
C VAL C 255 39.97 14.81 -47.86
N ALA C 256 41.06 14.11 -48.15
CA ALA C 256 41.15 13.38 -49.40
C ALA C 256 40.07 12.31 -49.55
N PRO C 257 39.73 11.47 -48.56
CA PRO C 257 38.69 10.48 -48.81
C PRO C 257 37.33 11.08 -49.08
N ILE C 258 36.99 12.21 -48.45
CA ILE C 258 35.71 12.86 -48.77
C ILE C 258 35.72 13.34 -50.20
N SER C 259 36.91 13.68 -50.71
CA SER C 259 37.01 14.28 -52.04
C SER C 259 36.68 13.26 -53.13
N LYS C 260 37.25 12.03 -53.06
CA LYS C 260 36.90 10.99 -54.03
C LYS C 260 35.42 10.67 -53.94
N ASP C 261 34.86 10.72 -52.74
CA ASP C 261 33.53 10.20 -52.49
C ASP C 261 32.85 11.05 -51.43
N ARG C 262 31.80 11.79 -51.83
CA ARG C 262 31.15 12.75 -50.95
C ARG C 262 30.35 12.12 -49.81
N THR C 263 30.17 10.79 -49.75
CA THR C 263 29.47 10.14 -48.63
C THR C 263 30.43 9.36 -47.72
N ILE C 264 31.74 9.56 -47.86
CA ILE C 264 32.69 9.12 -46.86
C ILE C 264 32.73 10.20 -45.78
N CYS C 265 32.74 9.79 -44.52
CA CYS C 265 32.96 10.68 -43.38
C CYS C 265 34.25 10.28 -42.70
N THR C 266 35.09 11.26 -42.40
CA THR C 266 36.45 11.01 -41.96
C THR C 266 36.61 11.42 -40.51
N VAL C 267 37.36 10.62 -39.76
CA VAL C 267 37.72 10.93 -38.38
C VAL C 267 39.24 10.89 -38.27
N PRO C 268 39.88 11.86 -37.67
CA PRO C 268 41.31 11.71 -37.41
C PRO C 268 41.54 10.82 -36.19
N LEU C 269 42.74 10.29 -36.06
CA LEU C 269 43.11 9.59 -34.86
C LEU C 269 43.22 10.62 -33.77
N ILE C 270 42.64 10.36 -32.60
CA ILE C 270 42.62 11.37 -31.56
C ILE C 270 43.61 11.06 -30.48
N ASP C 271 44.55 11.97 -30.26
CA ASP C 271 45.66 11.75 -29.35
C ASP C 271 45.43 12.53 -28.07
N VAL C 272 46.07 12.07 -27.00
CA VAL C 272 45.81 12.65 -25.70
C VAL C 272 46.80 13.72 -25.35
N ILE C 273 46.30 14.87 -24.96
CA ILE C 273 47.13 15.93 -24.42
C ILE C 273 46.88 16.00 -22.93
N ASN C 274 47.96 15.99 -22.15
CA ASN C 274 47.82 16.02 -20.71
C ASN C 274 47.31 17.36 -20.25
N GLY C 275 46.32 17.32 -19.39
CA GLY C 275 45.70 18.50 -18.83
C GLY C 275 46.65 19.23 -17.93
N ASN C 276 47.63 18.52 -17.42
CA ASN C 276 48.56 19.07 -16.47
C ASN C 276 49.84 19.52 -17.10
N THR C 277 50.34 18.67 -17.98
CA THR C 277 51.68 18.77 -18.49
C THR C 277 51.73 19.23 -19.96
N TYR C 278 50.66 18.97 -20.69
CA TYR C 278 50.54 19.40 -22.07
C TYR C 278 51.47 18.70 -23.06
N GLU C 279 52.01 17.56 -22.65
CA GLU C 279 52.67 16.60 -23.53
C GLU C 279 51.62 15.86 -24.29
N ILE C 280 51.96 15.34 -25.47
CA ILE C 280 50.97 14.63 -26.26
C ILE C 280 51.31 13.17 -26.46
N ILE C 281 50.33 12.32 -26.20
CA ILE C 281 50.49 10.88 -26.19
C ILE C 281 49.39 10.31 -27.04
N PRO C 282 49.60 9.16 -27.67
CA PRO C 282 48.51 8.50 -28.37
C PRO C 282 47.70 7.68 -27.39
N GLN C 283 46.46 7.37 -27.78
CA GLN C 283 45.60 6.55 -26.95
C GLN C 283 46.02 5.11 -26.90
N GLY C 284 45.81 4.45 -25.78
CA GLY C 284 46.19 3.07 -25.73
C GLY C 284 45.03 2.19 -26.11
N GLY C 285 45.07 1.68 -27.32
CA GLY C 285 44.07 0.75 -27.73
C GLY C 285 44.61 0.01 -28.92
N GLY C 286 44.10 -1.18 -29.14
CA GLY C 286 44.32 -1.88 -30.39
C GLY C 286 45.71 -2.14 -30.90
N ASP C 287 45.89 -1.78 -32.15
CA ASP C 287 46.65 -2.47 -33.16
C ASP C 287 48.13 -2.70 -32.91
N GLU C 288 48.84 -1.72 -32.39
CA GLU C 288 50.30 -1.82 -32.38
C GLU C 288 50.76 -2.08 -33.80
N ASP C 289 50.51 -1.13 -34.69
CA ASP C 289 50.72 0.30 -34.52
C ASP C 289 49.94 1.06 -33.45
N GLY C 290 48.69 0.73 -33.25
CA GLY C 290 47.92 1.38 -32.22
C GLY C 290 46.69 1.94 -32.87
N TYR C 291 46.18 1.17 -33.82
CA TYR C 291 45.03 1.59 -34.55
C TYR C 291 43.90 0.80 -33.97
N ALA C 292 42.92 1.53 -33.47
CA ALA C 292 41.75 0.94 -32.91
C ALA C 292 40.60 1.48 -33.70
N ARG C 293 39.51 0.75 -33.70
CA ARG C 293 38.28 1.27 -34.33
C ARG C 293 37.21 1.38 -33.26
N GLY C 294 36.30 2.34 -33.43
CA GLY C 294 35.33 2.67 -32.38
C GLY C 294 34.20 1.66 -32.30
N ALA C 295 33.79 1.36 -31.07
CA ALA C 295 32.78 0.33 -30.80
C ALA C 295 31.82 0.87 -29.73
N TRP C 296 31.19 -0.04 -28.98
CA TRP C 296 30.18 0.20 -27.95
C TRP C 296 29.82 -1.15 -27.35
N ASP C 297 29.52 -1.16 -26.05
CA ASP C 297 28.85 -2.29 -25.41
C ASP C 297 27.35 -2.08 -25.56
N TRP C 298 26.57 -2.98 -24.99
CA TRP C 298 25.15 -2.89 -25.27
C TRP C 298 24.40 -1.98 -24.31
N SER C 299 25.05 -1.36 -23.32
CA SER C 299 24.42 -0.22 -22.66
C SER C 299 24.68 1.06 -23.43
N MET C 300 25.36 0.92 -24.58
CA MET C 300 25.71 1.99 -25.51
C MET C 300 26.76 2.93 -24.93
N LEU C 301 27.72 2.36 -24.20
CA LEU C 301 28.88 3.12 -23.77
C LEU C 301 29.97 2.97 -24.83
N TRP C 302 30.69 4.05 -25.10
CA TRP C 302 31.74 3.98 -26.11
C TRP C 302 32.88 3.10 -25.61
N LYS C 303 33.27 2.12 -26.43
CA LYS C 303 34.44 1.30 -26.19
C LYS C 303 35.29 1.35 -27.46
N ARG C 304 36.58 1.02 -27.37
CA ARG C 304 37.42 0.88 -28.55
C ARG C 304 37.98 -0.53 -28.64
N VAL C 305 38.21 -1.01 -29.86
CA VAL C 305 38.76 -2.35 -30.06
C VAL C 305 39.88 -2.27 -31.09
N PRO C 306 40.81 -3.23 -31.06
CA PRO C 306 41.93 -3.20 -32.02
C PRO C 306 41.44 -3.38 -33.44
N LEU C 307 42.18 -2.75 -34.37
CA LEU C 307 41.91 -2.92 -35.80
C LEU C 307 42.10 -4.38 -36.18
N THR C 308 41.11 -4.93 -36.85
CA THR C 308 41.04 -6.35 -37.11
C THR C 308 41.93 -6.75 -38.28
N PRO C 309 42.32 -8.02 -38.35
CA PRO C 309 43.11 -8.51 -39.46
C PRO C 309 42.30 -8.38 -40.72
N GLN C 310 41.01 -8.60 -40.58
CA GLN C 310 40.11 -8.61 -41.68
C GLN C 310 40.05 -7.28 -42.39
N GLU C 311 40.05 -6.20 -41.64
CA GLU C 311 40.14 -4.87 -42.23
C GLU C 311 41.48 -4.65 -42.88
N LYS C 312 42.51 -5.10 -42.20
CA LYS C 312 43.88 -4.93 -42.67
C LYS C 312 44.05 -5.58 -44.03
N ARG C 313 43.38 -6.70 -44.25
CA ARG C 313 43.40 -7.40 -45.51
C ARG C 313 42.85 -6.53 -46.65
N LEU C 314 41.85 -5.74 -46.36
CA LEU C 314 41.24 -4.85 -47.34
C LEU C 314 42.18 -3.78 -47.85
N ARG C 315 43.21 -3.45 -47.08
CA ARG C 315 44.07 -2.33 -47.35
C ARG C 315 45.47 -2.72 -47.77
N LYS C 316 45.98 -2.08 -48.82
CA LYS C 316 47.27 -2.44 -49.39
C LYS C 316 48.43 -1.96 -48.53
N THR C 317 48.29 -0.81 -47.90
CA THR C 317 49.37 -0.25 -47.11
C THR C 317 48.96 -0.12 -45.66
N LYS C 318 49.92 0.03 -44.77
CA LYS C 318 49.68 0.11 -43.34
C LYS C 318 48.88 1.32 -42.91
N THR C 319 49.20 2.46 -43.51
CA THR C 319 48.77 3.76 -43.06
C THR C 319 47.53 4.37 -43.72
N GLU C 320 46.93 3.69 -44.66
CA GLU C 320 45.74 4.22 -45.34
C GLU C 320 44.48 4.13 -44.49
N PRO C 321 43.49 4.96 -44.77
CA PRO C 321 42.34 5.01 -43.87
C PRO C 321 41.76 3.62 -43.66
N TYR C 322 40.89 3.51 -42.65
CA TYR C 322 40.23 2.22 -42.45
C TYR C 322 38.82 2.46 -41.91
N ARG C 323 38.02 1.41 -42.01
CA ARG C 323 36.63 1.43 -41.57
C ARG C 323 36.49 1.24 -40.08
N SER C 324 35.72 2.11 -39.45
CA SER C 324 35.40 1.98 -38.04
C SER C 324 33.89 2.04 -37.90
N PRO C 325 33.30 1.23 -37.02
CA PRO C 325 31.83 1.23 -36.95
C PRO C 325 31.24 2.53 -36.38
N ALA C 326 31.99 3.28 -35.60
CA ALA C 326 31.45 4.51 -35.01
C ALA C 326 32.60 5.42 -34.63
N MET C 327 32.27 6.68 -34.37
CA MET C 327 33.25 7.68 -34.03
C MET C 327 33.11 8.09 -32.57
N ALA C 328 34.23 8.45 -31.94
CA ALA C 328 34.16 9.03 -30.62
C ALA C 328 33.13 10.14 -30.58
N GLY C 329 33.25 11.13 -31.48
CA GLY C 329 32.20 12.13 -31.68
C GLY C 329 32.58 13.60 -31.77
N GLY C 330 33.68 13.99 -31.13
CA GLY C 330 33.94 15.42 -31.01
C GLY C 330 34.63 16.00 -32.23
N LEU C 331 35.40 15.18 -32.95
CA LEU C 331 36.20 15.60 -34.07
C LEU C 331 35.93 14.70 -35.27
N PHE C 332 35.45 15.27 -36.37
CA PHE C 332 35.20 14.49 -37.58
C PHE C 332 35.01 15.44 -38.76
N ALA C 333 34.95 14.86 -39.97
CA ALA C 333 34.86 15.61 -41.21
C ALA C 333 33.79 15.00 -42.12
N ILE C 334 32.75 15.77 -42.49
CA ILE C 334 31.81 15.35 -43.52
C ILE C 334 31.65 16.47 -44.53
N GLU C 335 31.36 16.08 -45.78
CA GLU C 335 30.95 17.07 -46.77
C GLU C 335 29.69 17.77 -46.27
N ARG C 336 29.63 19.09 -46.46
CA ARG C 336 28.60 19.87 -45.78
C ARG C 336 27.21 19.50 -46.30
N GLU C 337 27.06 19.39 -47.62
CA GLU C 337 25.78 18.99 -48.19
C GLU C 337 25.38 17.62 -47.65
N PHE C 338 26.31 16.67 -47.68
CA PHE C 338 26.02 15.31 -47.26
C PHE C 338 25.54 15.25 -45.82
N PHE C 339 26.14 16.06 -44.92
CA PHE C 339 25.62 16.13 -43.56
C PHE C 339 24.17 16.59 -43.54
N PHE C 340 23.83 17.64 -44.31
CA PHE C 340 22.44 18.07 -44.37
C PHE C 340 21.55 16.99 -44.94
N GLU C 341 22.04 16.28 -45.96
CA GLU C 341 21.25 15.20 -46.55
C GLU C 341 20.88 14.15 -45.52
N LEU C 342 21.74 13.93 -44.52
CA LEU C 342 21.40 13.05 -43.40
C LEU C 342 20.61 13.78 -42.32
N GLY C 343 20.21 15.01 -42.58
CA GLY C 343 19.45 15.77 -41.63
C GLY C 343 20.18 16.11 -40.35
N LEU C 344 21.49 16.27 -40.46
CA LEU C 344 22.32 16.70 -39.36
C LEU C 344 22.19 15.78 -38.17
N TYR C 345 22.00 16.32 -36.99
CA TYR C 345 21.89 15.50 -35.81
C TYR C 345 20.44 15.52 -35.45
N ASP C 346 19.86 14.35 -35.25
CA ASP C 346 18.50 14.23 -34.75
C ASP C 346 18.23 15.36 -33.77
N PRO C 347 17.31 16.28 -34.09
CA PRO C 347 17.01 17.40 -33.20
C PRO C 347 16.21 17.04 -31.97
N GLY C 348 16.01 15.74 -31.70
CA GLY C 348 15.46 15.36 -30.41
C GLY C 348 16.52 15.09 -29.37
N LEU C 349 17.79 15.04 -29.72
CA LEU C 349 18.78 14.73 -28.69
C LEU C 349 19.05 15.99 -27.91
N GLN C 350 18.69 15.98 -26.63
CA GLN C 350 18.75 17.19 -25.84
C GLN C 350 20.12 17.76 -25.52
N ILE C 351 20.98 16.96 -24.92
CA ILE C 351 22.31 17.45 -24.65
C ILE C 351 23.16 16.22 -24.47
N TRP C 352 24.46 16.31 -24.70
CA TRP C 352 25.35 15.25 -24.26
C TRP C 352 24.89 13.85 -24.69
N GLY C 353 24.63 13.66 -25.96
CA GLY C 353 24.10 12.39 -26.45
C GLY C 353 25.31 11.51 -26.55
N GLY C 354 25.24 10.36 -27.20
CA GLY C 354 24.08 9.87 -27.93
C GLY C 354 24.18 10.32 -29.37
N GLU C 355 25.00 11.32 -29.59
CA GLU C 355 25.19 12.01 -30.86
C GLU C 355 26.07 11.28 -31.82
N ASN C 356 27.13 10.72 -31.30
CA ASN C 356 28.16 10.13 -32.12
C ASN C 356 27.70 8.85 -32.77
N PHE C 357 26.98 8.04 -32.00
CA PHE C 357 26.37 6.83 -32.51
C PHE C 357 25.28 7.05 -33.52
N GLU C 358 24.42 8.03 -33.29
CA GLU C 358 23.37 8.33 -34.24
C GLU C 358 23.94 8.56 -35.64
N ILE C 359 24.94 9.46 -35.75
CA ILE C 359 25.48 9.78 -37.07
C ILE C 359 26.21 8.58 -37.65
N SER C 360 26.90 7.80 -36.80
CA SER C 360 27.64 6.62 -37.28
C SER C 360 26.71 5.62 -37.94
N TYR C 361 25.60 5.28 -37.29
CA TYR C 361 24.63 4.38 -37.92
C TYR C 361 24.07 5.01 -39.19
N LYS C 362 23.62 6.27 -39.13
CA LYS C 362 23.09 6.88 -40.36
C LYS C 362 24.05 6.67 -41.51
N ILE C 363 25.32 7.05 -41.32
CA ILE C 363 26.23 7.04 -42.45
C ILE C 363 26.41 5.62 -42.96
N TRP C 364 26.50 4.65 -42.06
CA TRP C 364 26.82 3.31 -42.49
C TRP C 364 25.60 2.63 -43.10
N GLN C 365 24.44 2.77 -42.48
CA GLN C 365 23.30 2.05 -42.98
C GLN C 365 22.61 2.75 -44.13
N CYS C 366 22.91 4.02 -44.42
CA CYS C 366 22.28 4.67 -45.57
C CYS C 366 23.22 4.84 -46.73
N GLY C 367 24.23 3.99 -46.83
CA GLY C 367 25.15 3.99 -47.95
C GLY C 367 26.47 4.72 -47.85
N GLY C 368 26.78 5.26 -46.69
CA GLY C 368 28.04 5.92 -46.46
C GLY C 368 29.15 5.05 -45.91
N LYS C 369 30.31 5.63 -45.70
CA LYS C 369 31.41 5.00 -44.99
C LYS C 369 31.92 5.94 -43.92
N LEU C 370 32.39 5.40 -42.82
CA LEU C 370 33.05 6.19 -41.80
C LEU C 370 34.44 5.62 -41.69
N LEU C 371 35.45 6.47 -41.82
CA LEU C 371 36.84 6.05 -41.96
C LEU C 371 37.75 6.79 -40.99
N PHE C 372 38.59 6.01 -40.32
CA PHE C 372 39.65 6.51 -39.45
C PHE C 372 40.85 6.74 -40.33
N VAL C 373 41.40 7.93 -40.26
CA VAL C 373 42.55 8.26 -41.05
C VAL C 373 43.76 8.32 -40.17
N PRO C 374 44.66 7.27 -40.34
CA PRO C 374 45.81 7.32 -39.44
C PRO C 374 46.69 8.51 -39.62
N CYS C 375 46.83 8.96 -40.84
CA CYS C 375 47.78 10.00 -41.15
C CYS C 375 47.37 11.37 -40.68
N SER C 376 46.14 11.49 -40.22
CA SER C 376 45.67 12.78 -39.72
C SER C 376 45.40 12.62 -38.24
N ARG C 377 46.11 13.39 -37.43
CA ARG C 377 46.10 13.22 -35.98
C ARG C 377 45.75 14.54 -35.34
N VAL C 378 44.98 14.48 -34.26
CA VAL C 378 44.58 15.67 -33.52
C VAL C 378 44.68 15.35 -32.04
N GLY C 379 45.28 16.24 -31.28
CA GLY C 379 45.37 16.10 -29.83
C GLY C 379 44.19 16.78 -29.16
N HIS C 380 43.64 16.11 -28.16
CA HIS C 380 42.52 16.60 -27.40
C HIS C 380 42.99 16.61 -25.97
N ILE C 381 42.81 17.73 -25.26
CA ILE C 381 43.17 17.77 -23.85
C ILE C 381 42.17 17.00 -23.02
N TYR C 382 42.66 16.22 -22.07
CA TYR C 382 41.78 15.39 -21.28
C TYR C 382 41.69 15.90 -19.86
N ARG C 383 40.48 15.92 -19.33
CA ARG C 383 40.21 16.56 -18.06
C ARG C 383 40.79 15.89 -16.84
N LEU C 384 40.88 16.66 -15.77
CA LEU C 384 41.46 16.22 -14.53
C LEU C 384 40.44 16.34 -13.43
N GLU C 385 40.63 15.58 -12.36
CA GLU C 385 39.70 15.58 -11.26
C GLU C 385 39.75 16.90 -10.54
N GLY C 386 38.67 17.23 -9.85
CA GLY C 386 38.58 18.48 -9.13
C GLY C 386 37.93 19.63 -9.86
N TRP C 387 37.46 19.37 -11.07
CA TRP C 387 36.73 20.37 -11.81
C TRP C 387 35.38 20.59 -11.19
N GLN C 388 34.87 21.82 -11.28
CA GLN C 388 33.54 22.08 -10.79
C GLN C 388 32.71 22.77 -11.86
N GLY C 389 32.39 22.02 -12.91
CA GLY C 389 31.46 22.44 -13.95
C GLY C 389 30.35 21.40 -13.90
N ASN C 390 29.09 21.84 -13.88
CA ASN C 390 28.00 21.05 -13.34
C ASN C 390 26.75 20.79 -14.18
N PRO C 391 26.04 19.62 -13.83
CA PRO C 391 24.91 19.32 -14.72
C PRO C 391 23.68 20.22 -14.59
N PRO C 392 23.04 20.54 -15.79
CA PRO C 392 21.87 21.41 -15.61
C PRO C 392 20.72 20.69 -14.95
N PRO C 393 19.93 21.37 -14.14
CA PRO C 393 18.84 20.70 -13.44
C PRO C 393 17.79 20.13 -14.38
N ILE C 394 17.37 18.89 -14.14
CA ILE C 394 16.30 18.28 -14.91
C ILE C 394 15.31 17.59 -13.99
N TYR C 395 14.03 17.90 -14.12
CA TYR C 395 13.00 17.20 -13.33
C TYR C 395 12.85 15.73 -13.66
N VAL C 396 12.90 15.41 -14.94
CA VAL C 396 12.76 14.03 -15.38
C VAL C 396 14.11 13.45 -15.77
N GLY C 397 14.69 12.65 -14.88
CA GLY C 397 16.08 12.22 -14.99
C GLY C 397 16.36 10.78 -14.62
N SER C 398 17.50 10.23 -15.07
CA SER C 398 18.46 10.95 -15.90
C SER C 398 17.94 10.86 -17.30
N SER C 399 16.83 11.51 -17.52
CA SER C 399 16.10 11.32 -18.73
C SER C 399 16.96 11.74 -19.89
N PRO C 400 17.70 12.93 -19.72
CA PRO C 400 18.14 13.48 -21.02
C PRO C 400 19.10 12.61 -21.77
N THR C 401 20.17 12.13 -21.14
CA THR C 401 21.10 11.27 -21.85
C THR C 401 20.53 9.91 -22.16
N LEU C 402 19.92 9.31 -21.15
CA LEU C 402 19.32 8.00 -21.30
C LEU C 402 18.24 8.02 -22.36
N LYS C 403 17.46 9.10 -22.36
CA LYS C 403 16.46 9.30 -23.38
C LYS C 403 17.04 9.41 -24.76
N ASN C 404 18.22 10.02 -24.89
CA ASN C 404 18.85 10.06 -26.20
C ASN C 404 19.30 8.72 -26.66
N TYR C 405 19.85 7.92 -25.77
CA TYR C 405 20.20 6.55 -26.15
C TYR C 405 18.99 5.80 -26.68
N VAL C 406 17.84 5.94 -26.01
CA VAL C 406 16.66 5.20 -26.46
C VAL C 406 16.24 5.69 -27.84
N ARG C 407 16.33 6.99 -28.10
CA ARG C 407 16.01 7.50 -29.44
C ARG C 407 16.89 6.85 -30.51
N VAL C 408 18.20 6.85 -30.33
CA VAL C 408 19.08 6.21 -31.31
C VAL C 408 18.71 4.74 -31.50
N VAL C 409 18.55 4.00 -30.40
CA VAL C 409 18.29 2.56 -30.48
C VAL C 409 17.01 2.29 -31.26
N GLU C 410 15.92 2.95 -30.85
CA GLU C 410 14.61 2.59 -31.38
C GLU C 410 14.58 2.75 -32.89
N VAL C 411 15.25 3.78 -33.43
CA VAL C 411 15.18 4.04 -34.87
C VAL C 411 16.20 3.18 -35.64
N TRP C 412 17.36 2.92 -35.06
CA TRP C 412 18.45 2.34 -35.82
C TRP C 412 18.69 0.87 -35.52
N TRP C 413 18.64 0.48 -34.25
CA TRP C 413 19.04 -0.85 -33.79
C TRP C 413 18.19 -2.04 -34.22
N ASP C 414 16.94 -1.79 -34.55
CA ASP C 414 16.08 -2.86 -34.97
C ASP C 414 15.93 -3.91 -33.87
N GLU C 415 16.10 -5.17 -34.21
CA GLU C 415 15.83 -6.26 -33.30
C GLU C 415 16.76 -6.22 -32.12
N TYR C 416 17.88 -5.56 -32.29
CA TYR C 416 18.85 -5.44 -31.23
C TYR C 416 18.31 -4.66 -30.03
N LYS C 417 17.32 -3.83 -30.23
CA LYS C 417 16.89 -2.99 -29.13
C LYS C 417 16.72 -3.88 -27.92
N ASP C 418 16.48 -5.15 -28.15
CA ASP C 418 16.37 -6.13 -27.09
C ASP C 418 17.64 -6.24 -26.25
N TYR C 419 18.81 -6.22 -26.88
CA TYR C 419 20.05 -6.27 -26.11
C TYR C 419 20.21 -4.99 -25.29
N PHE C 420 19.86 -3.84 -25.86
CA PHE C 420 19.96 -2.59 -25.13
C PHE C 420 19.06 -2.60 -23.92
N TYR C 421 17.84 -3.08 -24.09
CA TYR C 421 16.83 -2.96 -23.04
C TYR C 421 17.11 -3.87 -21.85
N ALA C 422 17.80 -4.98 -22.05
CA ALA C 422 18.15 -5.79 -20.89
C ALA C 422 19.44 -5.32 -20.21
N SER C 423 20.30 -4.59 -20.92
CA SER C 423 21.39 -3.93 -20.23
C SER C 423 20.91 -2.70 -19.47
N ARG C 424 19.91 -2.05 -20.00
CA ARG C 424 19.25 -1.02 -19.28
C ARG C 424 17.81 -1.34 -19.38
N PRO C 425 17.24 -1.91 -18.25
CA PRO C 425 15.80 -2.09 -18.36
C PRO C 425 15.09 -0.84 -17.89
N GLU C 426 15.83 -0.02 -17.18
CA GLU C 426 15.29 1.14 -16.53
C GLU C 426 14.74 2.07 -17.59
N SER C 427 15.25 1.93 -18.79
CA SER C 427 14.91 2.81 -19.89
C SER C 427 13.67 2.36 -20.62
N GLN C 428 13.12 1.23 -20.24
CA GLN C 428 12.21 0.52 -21.07
C GLN C 428 10.99 1.35 -21.40
N ALA C 429 10.47 2.08 -20.44
CA ALA C 429 9.23 2.79 -20.65
C ALA C 429 9.43 4.20 -20.27
N LEU C 430 10.27 4.84 -21.06
CA LEU C 430 10.77 6.15 -20.82
C LEU C 430 10.18 6.89 -21.95
N PRO C 431 9.59 8.03 -21.66
CA PRO C 431 9.00 8.82 -22.75
C PRO C 431 10.04 9.35 -23.75
N TYR C 432 10.48 8.57 -24.75
CA TYR C 432 11.62 9.00 -25.60
C TYR C 432 11.26 10.02 -26.66
N GLY C 433 9.98 10.28 -26.88
CA GLY C 433 9.56 11.42 -27.68
C GLY C 433 9.21 11.03 -29.10
N ASP C 434 8.95 12.05 -29.91
CA ASP C 434 8.64 11.81 -31.32
C ASP C 434 9.86 11.37 -32.10
N ILE C 435 9.68 10.30 -32.87
CA ILE C 435 10.75 9.59 -33.58
C ILE C 435 10.26 9.35 -35.02
N SER C 436 9.10 9.95 -35.35
CA SER C 436 8.38 9.63 -36.58
C SER C 436 9.18 9.99 -37.83
N GLU C 437 9.53 11.27 -37.98
CA GLU C 437 10.29 11.70 -39.15
C GLU C 437 11.61 10.96 -39.26
N LEU C 438 12.26 10.68 -38.13
CA LEU C 438 13.50 9.93 -38.17
C LEU C 438 13.29 8.51 -38.66
N LYS C 439 12.18 7.87 -38.28
CA LYS C 439 11.90 6.56 -38.85
C LYS C 439 11.53 6.67 -40.33
N LYS C 440 10.77 7.70 -40.71
CA LYS C 440 10.41 7.87 -42.12
C LYS C 440 11.64 8.14 -42.96
N PHE C 441 12.58 8.93 -42.45
CA PHE C 441 13.83 9.14 -43.16
C PHE C 441 14.45 7.81 -43.52
N ARG C 442 14.65 6.96 -42.51
CA ARG C 442 15.29 5.66 -42.72
C ARG C 442 14.57 4.85 -43.78
N GLU C 443 13.24 4.90 -43.77
CA GLU C 443 12.46 4.15 -44.75
C GLU C 443 12.48 4.80 -46.12
N ASP C 444 12.45 6.13 -46.20
CA ASP C 444 12.45 6.75 -47.51
C ASP C 444 13.76 6.49 -48.23
N HIS C 445 14.87 6.51 -47.52
CA HIS C 445 16.14 6.23 -48.16
C HIS C 445 16.49 4.75 -48.21
N ASN C 446 15.56 3.85 -47.95
CA ASN C 446 15.76 2.40 -48.10
C ASN C 446 17.02 1.94 -47.38
N CYS C 447 17.29 2.53 -46.20
CA CYS C 447 18.52 2.25 -45.47
C CYS C 447 18.60 0.78 -45.06
N LYS C 448 19.81 0.22 -45.16
CA LYS C 448 20.13 -1.15 -44.76
C LYS C 448 19.78 -1.40 -43.28
N SER C 449 19.59 -2.67 -42.95
CA SER C 449 19.19 -3.08 -41.61
C SER C 449 20.36 -2.99 -40.65
N PHE C 450 20.06 -2.88 -39.36
CA PHE C 450 21.14 -2.96 -38.39
C PHE C 450 21.76 -4.34 -38.43
N LYS C 451 20.97 -5.35 -38.81
CA LYS C 451 21.48 -6.71 -38.85
C LYS C 451 22.58 -6.84 -39.91
N TRP C 452 22.35 -6.31 -41.12
CA TRP C 452 23.44 -6.22 -42.09
C TRP C 452 24.63 -5.53 -41.45
N PHE C 453 24.38 -4.38 -40.83
CA PHE C 453 25.47 -3.59 -40.28
C PHE C 453 26.35 -4.41 -39.36
N MET C 454 25.71 -5.26 -38.54
CA MET C 454 26.42 -5.91 -37.46
C MET C 454 27.21 -7.09 -37.98
N GLU C 455 26.83 -7.60 -39.15
CA GLU C 455 27.54 -8.73 -39.69
C GLU C 455 28.47 -8.38 -40.83
N GLU C 456 28.28 -7.25 -41.50
CA GLU C 456 29.19 -6.91 -42.57
C GLU C 456 30.26 -5.93 -42.11
N ILE C 457 29.89 -4.86 -41.40
CA ILE C 457 30.88 -3.84 -41.08
C ILE C 457 31.30 -3.82 -39.61
N ALA C 458 30.45 -4.26 -38.71
CA ALA C 458 30.70 -4.24 -37.26
C ALA C 458 30.87 -5.62 -36.66
N TYR C 459 31.49 -6.52 -37.40
CA TYR C 459 31.61 -7.92 -37.07
C TYR C 459 32.33 -8.22 -35.76
N ASP C 460 33.35 -7.43 -35.43
CA ASP C 460 34.12 -7.64 -34.20
C ASP C 460 33.40 -7.44 -32.87
N ILE C 461 32.48 -6.51 -32.80
CA ILE C 461 32.02 -5.99 -31.51
C ILE C 461 31.61 -7.12 -30.58
N THR C 462 30.71 -8.00 -31.03
CA THR C 462 30.23 -9.07 -30.14
C THR C 462 31.35 -9.98 -29.68
N SER C 463 32.51 -9.94 -30.33
CA SER C 463 33.66 -10.68 -29.86
C SER C 463 34.27 -10.01 -28.63
N HIS C 464 34.25 -8.68 -28.55
CA HIS C 464 34.76 -8.04 -27.33
C HIS C 464 33.67 -7.75 -26.30
N TYR C 465 32.44 -7.47 -26.73
CA TYR C 465 31.32 -7.10 -25.85
C TYR C 465 30.13 -8.01 -26.17
N PRO C 466 30.09 -9.18 -25.58
CA PRO C 466 29.12 -10.20 -25.98
C PRO C 466 27.68 -9.80 -25.72
N LEU C 467 26.78 -10.33 -26.50
CA LEU C 467 25.38 -10.00 -26.37
C LEU C 467 24.94 -10.43 -25.01
N PRO C 468 24.01 -9.57 -24.40
CA PRO C 468 23.69 -9.94 -23.03
C PRO C 468 22.53 -10.92 -22.94
N PRO C 469 22.52 -11.72 -21.79
CA PRO C 469 21.33 -12.56 -21.67
C PRO C 469 20.07 -11.78 -21.31
N LYS C 470 18.90 -12.27 -21.72
CA LYS C 470 17.66 -11.60 -21.39
C LYS C 470 17.55 -11.44 -19.88
N ASN C 471 16.61 -10.63 -19.42
CA ASN C 471 16.41 -10.46 -17.99
C ASN C 471 15.29 -11.35 -17.46
N VAL C 472 15.49 -11.96 -16.30
CA VAL C 472 14.38 -12.49 -15.54
C VAL C 472 13.52 -11.42 -14.88
N ASP C 473 14.18 -10.46 -14.24
CA ASP C 473 13.53 -9.38 -13.52
C ASP C 473 14.56 -8.30 -13.24
N TRP C 474 14.10 -7.11 -12.87
CA TRP C 474 15.00 -6.02 -12.55
C TRP C 474 14.34 -5.04 -11.60
N GLY C 475 15.11 -4.17 -10.95
CA GLY C 475 14.51 -3.15 -10.14
C GLY C 475 15.21 -3.00 -8.82
N GLU C 476 14.51 -2.48 -7.82
CA GLU C 476 15.07 -2.47 -6.48
C GLU C 476 15.03 -3.87 -5.90
N ILE C 477 15.94 -4.16 -4.98
CA ILE C 477 15.83 -5.41 -4.21
C ILE C 477 15.45 -5.04 -2.79
N ARG C 478 14.15 -4.98 -2.49
CA ARG C 478 13.62 -4.44 -1.24
C ARG C 478 13.32 -5.55 -0.23
N GLY C 479 13.43 -5.22 1.06
CA GLY C 479 13.08 -6.18 2.08
C GLY C 479 11.57 -6.39 2.16
N PHE C 480 11.13 -7.66 2.14
CA PHE C 480 9.71 -7.95 2.09
C PHE C 480 8.95 -7.25 3.23
N GLU C 481 7.98 -6.41 2.85
CA GLU C 481 7.20 -5.60 3.81
C GLU C 481 8.12 -4.81 4.74
N THR C 482 9.24 -4.34 4.20
CA THR C 482 10.09 -3.37 4.88
C THR C 482 10.34 -2.22 3.92
N ALA C 483 11.14 -1.26 4.36
CA ALA C 483 11.56 -0.13 3.54
C ALA C 483 13.07 -0.08 3.47
N TYR C 484 13.73 -1.23 3.44
CA TYR C 484 15.17 -1.26 3.27
C TYR C 484 15.45 -1.97 1.97
N CYS C 485 16.48 -1.49 1.27
CA CYS C 485 16.88 -1.97 -0.05
C CYS C 485 18.37 -2.27 -0.04
N ILE C 486 18.76 -3.29 -0.79
CA ILE C 486 20.15 -3.52 -1.02
C ILE C 486 20.61 -2.30 -1.79
N ASP C 487 21.64 -1.67 -1.29
CA ASP C 487 22.17 -0.46 -1.90
C ASP C 487 23.64 -0.65 -2.17
N SER C 488 24.04 -0.38 -3.40
CA SER C 488 25.41 -0.56 -3.83
C SER C 488 26.36 0.35 -3.12
N MET C 489 25.93 1.59 -2.93
CA MET C 489 26.74 2.61 -2.32
C MET C 489 27.75 3.14 -3.31
N GLY C 490 27.57 2.77 -4.56
CA GLY C 490 28.46 3.16 -5.63
C GLY C 490 29.68 2.29 -5.65
N LYS C 491 29.68 1.27 -4.81
CA LYS C 491 30.84 0.42 -4.67
C LYS C 491 31.09 -0.40 -5.91
N THR C 492 32.36 -0.61 -6.23
CA THR C 492 32.72 -1.32 -7.44
C THR C 492 33.86 -2.23 -7.16
N ASN C 493 34.01 -3.23 -8.01
CA ASN C 493 35.25 -3.98 -8.10
C ASN C 493 35.80 -4.57 -6.81
N GLY C 494 35.03 -5.26 -6.00
CA GLY C 494 35.71 -5.71 -4.81
C GLY C 494 35.15 -5.22 -3.49
N GLY C 495 34.32 -4.19 -3.52
CA GLY C 495 33.69 -3.70 -2.31
C GLY C 495 32.43 -4.46 -1.99
N PHE C 496 31.87 -4.14 -0.83
CA PHE C 496 30.77 -4.90 -0.26
C PHE C 496 29.46 -4.15 -0.30
N VAL C 497 28.41 -4.85 -0.61
CA VAL C 497 27.11 -4.25 -0.84
C VAL C 497 26.35 -4.20 0.50
N GLU C 498 25.64 -3.11 0.75
CA GLU C 498 25.04 -2.89 2.06
C GLU C 498 23.52 -2.72 1.93
N LEU C 499 22.88 -2.49 3.05
CA LEU C 499 21.46 -2.21 3.08
C LEU C 499 21.28 -0.72 3.34
N GLY C 500 20.17 -0.15 2.86
CA GLY C 500 19.88 1.24 3.13
C GLY C 500 18.41 1.53 2.96
N PRO C 501 17.95 2.69 3.45
CA PRO C 501 16.53 3.04 3.29
C PRO C 501 16.18 3.22 1.82
N CYS C 502 15.11 2.55 1.40
CA CYS C 502 14.68 2.60 0.00
C CYS C 502 14.25 4.02 -0.39
N HIS C 503 14.68 4.43 -1.56
CA HIS C 503 14.26 5.70 -2.14
C HIS C 503 13.57 5.60 -3.48
N ARG C 504 13.63 4.46 -4.12
CA ARG C 504 12.90 4.21 -5.34
C ARG C 504 13.37 5.07 -6.46
N MET C 505 14.60 5.55 -6.36
CA MET C 505 15.17 6.46 -7.33
C MET C 505 16.06 5.75 -8.31
N GLY C 506 16.07 4.43 -8.28
CA GLY C 506 17.00 3.64 -9.07
C GLY C 506 18.42 3.87 -8.65
N GLY C 507 19.29 4.16 -9.58
CA GLY C 507 20.67 4.43 -9.21
C GLY C 507 21.44 3.27 -8.60
N ASN C 508 21.92 3.44 -7.38
CA ASN C 508 22.67 2.37 -6.74
C ASN C 508 21.77 1.39 -6.00
N GLN C 509 20.44 1.58 -6.03
CA GLN C 509 19.50 0.61 -5.48
C GLN C 509 18.76 -0.12 -6.58
N LEU C 510 19.35 -0.24 -7.76
CA LEU C 510 18.74 -0.87 -8.92
C LEU C 510 19.63 -2.03 -9.35
N PHE C 511 19.01 -3.17 -9.64
CA PHE C 511 19.74 -4.38 -9.98
C PHE C 511 18.96 -5.13 -11.06
N ARG C 512 19.52 -6.23 -11.54
CA ARG C 512 18.81 -7.07 -12.48
C ARG C 512 19.27 -8.50 -12.41
N ILE C 513 18.42 -9.44 -12.78
CA ILE C 513 18.81 -10.83 -12.81
C ILE C 513 18.78 -11.36 -14.22
N ASN C 514 19.89 -11.96 -14.58
CA ASN C 514 20.10 -12.62 -15.84
C ASN C 514 19.35 -13.90 -15.94
N GLU C 515 19.03 -14.28 -17.15
CA GLU C 515 18.65 -15.62 -17.42
C GLU C 515 19.85 -16.50 -17.11
N ALA C 516 21.02 -15.92 -17.28
CA ALA C 516 22.29 -16.63 -17.02
C ALA C 516 22.70 -16.66 -15.57
N ASN C 517 21.79 -16.28 -14.65
CA ASN C 517 21.99 -16.37 -13.20
C ASN C 517 22.99 -15.36 -12.66
N GLN C 518 23.15 -14.23 -13.35
CA GLN C 518 24.01 -13.16 -12.86
C GLN C 518 23.15 -12.07 -12.20
N LEU C 519 23.54 -11.64 -11.02
CA LEU C 519 22.94 -10.48 -10.35
C LEU C 519 23.85 -9.28 -10.61
N MET C 520 23.35 -8.27 -11.34
CA MET C 520 24.19 -7.22 -11.93
C MET C 520 23.68 -5.82 -11.65
N GLN C 521 24.63 -4.90 -11.53
CA GLN C 521 24.39 -3.47 -11.46
C GLN C 521 25.39 -2.84 -12.41
N TYR C 522 24.90 -2.08 -13.38
CA TYR C 522 25.73 -1.58 -14.50
C TYR C 522 26.51 -2.76 -15.08
N ASP C 523 27.82 -2.68 -15.12
CA ASP C 523 28.60 -3.72 -15.76
C ASP C 523 28.98 -4.81 -14.77
N GLN C 524 28.73 -4.58 -13.49
CA GLN C 524 29.31 -5.40 -12.44
C GLN C 524 28.30 -6.40 -11.91
N CYS C 525 28.82 -7.52 -11.41
CA CYS C 525 28.04 -8.59 -10.80
C CYS C 525 28.34 -8.71 -9.32
N LEU C 526 27.36 -9.21 -8.57
CA LEU C 526 27.63 -9.57 -7.19
C LEU C 526 27.81 -11.07 -7.12
N THR C 527 28.67 -11.45 -6.19
CA THR C 527 29.10 -12.80 -5.92
C THR C 527 29.42 -12.85 -4.44
N LYS C 528 30.08 -13.92 -4.03
CA LYS C 528 30.36 -14.21 -2.64
C LYS C 528 31.82 -13.90 -2.33
N GLY C 529 32.02 -13.00 -1.38
CA GLY C 529 33.33 -12.66 -0.91
C GLY C 529 33.97 -13.83 -0.18
N ALA C 530 35.27 -13.96 -0.36
CA ALA C 530 36.00 -15.07 0.25
C ALA C 530 37.04 -14.52 1.20
N ASP C 531 37.09 -15.02 2.43
CA ASP C 531 36.16 -16.03 2.92
C ASP C 531 35.07 -15.25 3.60
N GLY C 532 33.87 -15.36 3.06
CA GLY C 532 32.80 -14.54 3.57
C GLY C 532 31.42 -15.06 3.35
N SER C 533 30.52 -14.53 4.17
CA SER C 533 29.13 -14.63 3.94
C SER C 533 28.74 -13.28 3.39
N LYS C 534 29.72 -12.53 2.92
CA LYS C 534 29.44 -11.15 2.55
C LYS C 534 29.22 -11.06 1.04
N VAL C 535 28.28 -10.25 0.61
CA VAL C 535 28.02 -10.10 -0.81
C VAL C 535 28.81 -8.93 -1.36
N MET C 536 29.57 -9.18 -2.41
CA MET C 536 30.56 -8.27 -2.95
C MET C 536 30.22 -7.94 -4.40
N ILE C 537 30.66 -6.76 -4.87
CA ILE C 537 30.43 -6.30 -6.25
C ILE C 537 31.77 -6.26 -7.00
N THR C 538 31.83 -6.88 -8.18
CA THR C 538 33.04 -6.94 -8.98
C THR C 538 32.72 -6.89 -10.45
N HIS C 539 33.75 -6.78 -11.26
CA HIS C 539 33.61 -6.87 -12.71
C HIS C 539 33.16 -8.27 -13.17
N CYS C 540 32.27 -8.31 -14.16
CA CYS C 540 31.56 -9.53 -14.54
C CYS C 540 32.01 -9.92 -15.93
N ASN C 541 32.11 -11.20 -16.20
CA ASN C 541 32.37 -11.67 -17.53
C ASN C 541 31.34 -12.70 -17.82
N LEU C 542 31.11 -13.00 -19.09
CA LEU C 542 29.87 -13.59 -19.48
C LEU C 542 29.57 -14.87 -18.75
N ASN C 543 30.61 -15.57 -18.35
CA ASN C 543 30.39 -16.84 -17.70
C ASN C 543 30.82 -16.85 -16.26
N GLU C 544 30.94 -15.65 -15.71
CA GLU C 544 31.45 -15.47 -14.39
C GLU C 544 30.34 -15.07 -13.48
N PHE C 545 30.33 -15.69 -12.32
CA PHE C 545 29.42 -15.43 -11.24
C PHE C 545 27.96 -15.73 -11.56
N LYS C 546 27.77 -16.83 -12.25
CA LYS C 546 26.45 -17.39 -12.57
C LYS C 546 25.94 -18.15 -11.34
N GLU C 547 25.51 -17.39 -10.33
CA GLU C 547 25.35 -18.04 -9.05
C GLU C 547 24.13 -17.61 -8.23
N TRP C 548 23.21 -16.85 -8.80
CA TRP C 548 21.98 -16.47 -8.12
C TRP C 548 20.79 -17.03 -8.86
N GLN C 549 19.76 -17.43 -8.13
CA GLN C 549 18.47 -17.64 -8.75
C GLN C 549 17.40 -16.99 -7.89
N TYR C 550 16.43 -16.36 -8.54
CA TYR C 550 15.43 -15.58 -7.86
C TYR C 550 14.07 -16.20 -8.06
N PHE C 551 13.39 -16.51 -6.97
CA PHE C 551 12.04 -17.00 -7.04
C PHE C 551 11.15 -15.89 -6.55
N LYS C 552 10.32 -15.36 -7.45
CA LYS C 552 9.44 -14.25 -7.14
C LYS C 552 8.38 -14.54 -6.10
N ASN C 553 7.76 -15.70 -6.22
CA ASN C 553 6.72 -16.10 -5.28
C ASN C 553 7.26 -16.42 -3.90
N LEU C 554 8.39 -17.11 -3.88
CA LEU C 554 9.09 -17.45 -2.66
C LEU C 554 9.61 -16.23 -1.92
N HIS C 555 9.92 -15.18 -2.66
CA HIS C 555 10.52 -14.00 -2.09
C HIS C 555 11.94 -14.33 -1.73
N ARG C 556 12.51 -15.29 -2.43
CA ARG C 556 13.83 -15.81 -2.08
C ARG C 556 14.85 -15.58 -3.20
N PHE C 557 15.98 -14.97 -2.85
CA PHE C 557 17.20 -15.08 -3.64
C PHE C 557 18.03 -16.16 -3.01
N THR C 558 18.53 -17.09 -3.81
CA THR C 558 19.36 -18.13 -3.23
C THR C 558 20.67 -18.20 -4.01
N HIS C 559 21.77 -18.27 -3.28
CA HIS C 559 23.10 -18.56 -3.81
C HIS C 559 23.17 -19.99 -4.30
N ILE C 560 23.65 -20.19 -5.52
CA ILE C 560 23.56 -21.53 -6.09
C ILE C 560 24.70 -22.43 -5.62
N PRO C 561 26.01 -21.98 -5.54
CA PRO C 561 27.08 -22.90 -5.11
C PRO C 561 27.00 -23.36 -3.66
N SER C 562 26.81 -22.46 -2.73
CA SER C 562 26.35 -22.91 -1.42
C SER C 562 24.88 -23.26 -1.57
N GLY C 563 24.22 -23.61 -0.47
CA GLY C 563 22.77 -23.59 -0.45
C GLY C 563 22.17 -22.27 -0.01
N LYS C 564 22.96 -21.25 0.25
CA LYS C 564 22.55 -20.23 1.18
C LYS C 564 21.60 -19.22 0.54
N CYS C 565 20.82 -18.56 1.39
CA CYS C 565 19.81 -17.62 0.93
C CYS C 565 20.17 -16.23 1.39
N LEU C 566 19.92 -15.24 0.54
CA LEU C 566 20.24 -13.86 0.86
C LEU C 566 19.52 -13.52 2.14
N ASP C 567 20.18 -12.78 3.01
CA ASP C 567 19.60 -12.36 4.26
C ASP C 567 20.24 -11.06 4.63
N ARG C 568 19.64 -10.33 5.55
CA ARG C 568 20.19 -9.06 5.98
C ARG C 568 19.89 -8.77 7.45
N SER C 569 20.57 -7.76 8.00
CA SER C 569 20.25 -7.22 9.31
C SER C 569 19.74 -5.80 9.17
N GLU C 570 18.56 -5.50 9.71
CA GLU C 570 18.04 -4.14 9.60
C GLU C 570 18.90 -3.09 10.34
N VAL C 571 19.37 -3.41 11.53
CA VAL C 571 20.48 -2.69 12.14
C VAL C 571 21.40 -3.77 12.64
N LEU C 572 22.69 -3.75 12.31
CA LEU C 572 23.36 -2.81 11.42
C LEU C 572 22.94 -3.10 10.04
N HIS C 573 23.08 -2.15 9.12
CA HIS C 573 22.53 -2.33 7.81
C HIS C 573 23.52 -3.21 7.08
N GLN C 574 23.19 -4.49 6.97
CA GLN C 574 24.10 -5.42 6.35
C GLN C 574 23.38 -6.44 5.50
N VAL C 575 24.04 -6.87 4.43
CA VAL C 575 23.49 -7.90 3.56
C VAL C 575 24.44 -9.08 3.48
N PHE C 576 23.90 -10.28 3.65
CA PHE C 576 24.74 -11.46 3.70
C PHE C 576 23.94 -12.72 3.40
N ILE C 577 24.65 -13.83 3.18
CA ILE C 577 24.00 -15.12 2.94
C ILE C 577 24.20 -16.09 4.09
N SER C 578 23.12 -16.72 4.50
CA SER C 578 23.14 -17.67 5.60
C SER C 578 22.29 -18.85 5.20
N ASN C 579 22.40 -19.98 5.89
CA ASN C 579 21.59 -21.13 5.52
C ASN C 579 20.15 -20.70 5.60
N CYS C 580 19.39 -21.01 4.58
CA CYS C 580 18.04 -20.51 4.51
C CYS C 580 17.16 -21.13 5.58
N ASP C 581 16.32 -20.30 6.19
CA ASP C 581 15.36 -20.71 7.17
C ASP C 581 14.15 -19.97 6.70
N SER C 582 13.03 -20.65 6.52
CA SER C 582 11.80 -19.94 6.23
C SER C 582 11.50 -19.33 7.55
N SER C 583 10.75 -18.25 7.58
CA SER C 583 10.40 -17.64 8.84
C SER C 583 11.61 -17.10 9.62
N LYS C 584 12.55 -16.47 8.93
CA LYS C 584 13.56 -15.67 9.60
C LYS C 584 13.15 -14.37 10.34
N THR C 585 12.44 -13.42 9.71
CA THR C 585 11.89 -13.45 8.37
C THR C 585 12.75 -12.63 7.42
N THR C 586 13.98 -12.38 7.83
CA THR C 586 14.96 -11.78 6.96
C THR C 586 15.20 -12.88 5.98
N GLN C 587 15.80 -12.59 4.84
CA GLN C 587 15.89 -13.54 3.75
C GLN C 587 14.63 -13.60 2.93
N LYS C 588 13.75 -12.63 3.08
CA LYS C 588 12.68 -12.58 2.11
C LYS C 588 12.77 -11.27 1.39
N TRP C 589 12.85 -11.30 0.08
CA TRP C 589 13.01 -10.08 -0.66
C TRP C 589 12.03 -10.00 -1.80
N GLU C 590 11.73 -8.78 -2.21
CA GLU C 590 10.98 -8.56 -3.44
C GLU C 590 11.82 -7.72 -4.41
N MET C 591 11.57 -7.89 -5.70
CA MET C 591 12.24 -7.10 -6.72
C MET C 591 11.21 -6.30 -7.47
N ASN C 592 11.35 -4.99 -7.53
CA ASN C 592 10.29 -4.17 -8.09
C ASN C 592 10.88 -3.23 -9.15
N ASN C 593 10.23 -3.13 -10.30
CA ASN C 593 10.72 -2.23 -11.32
C ASN C 593 10.55 -0.82 -10.85
N ILE C 594 11.62 -0.05 -10.92
CA ILE C 594 11.61 1.34 -10.52
C ILE C 594 10.87 2.21 -11.50
N HIS C 595 11.23 2.11 -12.76
CA HIS C 595 10.36 2.65 -13.77
C HIS C 595 10.06 4.12 -13.54
N SER C 596 11.08 4.89 -13.21
CA SER C 596 10.92 6.33 -13.09
C SER C 596 10.64 6.95 -14.47
N VAL C 597 9.85 8.01 -14.49
CA VAL C 597 9.48 8.67 -15.74
C VAL C 597 10.41 9.85 -16.02
N TYR D 52 7.97 35.19 37.08
CA TYR D 52 8.52 36.28 37.88
C TYR D 52 8.82 37.47 37.00
N LEU D 53 8.89 37.24 35.70
CA LEU D 53 9.08 38.31 34.76
C LEU D 53 7.85 39.18 34.71
N THR D 54 8.05 40.47 34.54
CA THR D 54 6.97 41.44 34.61
C THR D 54 7.11 42.52 33.55
N PHE D 55 5.99 43.08 33.13
CA PHE D 55 5.98 44.19 32.19
C PHE D 55 6.28 45.50 32.87
N LYS D 56 6.77 46.48 32.10
CA LYS D 56 7.09 47.77 32.67
C LYS D 56 5.82 48.38 33.19
N PRO D 57 5.92 49.13 34.29
CA PRO D 57 4.79 49.80 34.91
C PRO D 57 4.34 51.04 34.18
N GLN D 58 3.12 51.48 34.49
CA GLN D 58 2.55 52.63 33.84
C GLN D 58 2.92 53.93 34.53
N THR D 59 3.99 54.56 34.05
CA THR D 59 4.38 55.89 34.50
C THR D 59 3.42 56.99 34.08
N PHE D 60 2.96 56.92 32.83
CA PHE D 60 2.08 57.90 32.27
C PHE D 60 0.80 57.81 33.06
N THR D 61 0.15 58.95 33.22
CA THR D 61 -1.20 59.03 33.77
C THR D 61 -2.13 59.69 32.77
N TYR D 62 -3.30 59.10 32.53
CA TYR D 62 -4.28 59.62 31.59
C TYR D 62 -5.68 59.43 32.15
N HIS D 63 -6.63 60.22 31.68
CA HIS D 63 -7.99 60.13 32.21
C HIS D 63 -9.04 59.61 31.23
N ASP D 64 -9.77 58.58 31.65
CA ASP D 64 -10.72 57.93 30.77
C ASP D 64 -11.70 58.97 30.29
N PRO D 65 -12.18 58.88 29.06
CA PRO D 65 -13.02 60.00 28.60
C PRO D 65 -14.42 59.97 29.16
N VAL D 66 -15.12 61.07 29.00
CA VAL D 66 -16.45 61.28 29.58
C VAL D 66 -17.45 61.53 28.47
N LEU D 67 -18.63 60.96 28.59
CA LEU D 67 -19.66 61.20 27.59
C LEU D 67 -20.56 62.29 28.08
N ARG D 68 -20.67 63.36 27.31
CA ARG D 68 -21.58 64.43 27.67
C ARG D 68 -22.60 64.58 26.58
N PRO D 69 -23.75 63.96 26.73
CA PRO D 69 -24.73 63.93 25.66
C PRO D 69 -25.22 65.33 25.34
N GLY D 70 -25.35 65.59 24.05
CA GLY D 70 -25.88 66.83 23.57
C GLY D 70 -24.83 67.90 23.55
N ILE D 71 -23.64 67.56 24.00
CA ILE D 71 -22.54 68.50 23.92
C ILE D 71 -21.47 67.92 23.04
N LEU D 72 -21.08 68.67 22.02
CA LEU D 72 -20.19 68.16 21.00
C LEU D 72 -18.78 68.39 21.40
N GLY D 73 -17.85 67.82 20.64
CA GLY D 73 -16.43 68.12 20.78
C GLY D 73 -15.84 66.99 21.54
N ASN D 74 -14.57 67.05 21.92
CA ASN D 74 -13.69 68.11 21.49
C ASN D 74 -12.90 67.76 20.26
N PHE D 75 -12.86 66.47 19.93
CA PHE D 75 -12.09 66.05 18.78
C PHE D 75 -12.97 65.95 17.56
N GLU D 76 -14.26 66.14 17.73
CA GLU D 76 -15.16 66.14 16.62
C GLU D 76 -14.86 67.36 15.79
N PRO D 77 -14.78 67.16 14.41
CA PRO D 77 -14.43 68.39 13.67
C PRO D 77 -15.55 69.40 13.73
N LYS D 78 -15.18 70.68 13.79
CA LYS D 78 -16.16 71.74 13.97
C LYS D 78 -17.15 71.92 12.83
N GLU D 79 -16.64 71.81 11.60
CA GLU D 79 -17.44 72.08 10.42
C GLU D 79 -17.25 70.97 9.41
N PRO D 80 -18.30 70.81 8.48
CA PRO D 80 -18.10 69.65 7.61
C PRO D 80 -16.83 69.72 6.79
N GLU D 81 -16.15 68.59 6.77
CA GLU D 81 -14.88 68.38 6.11
C GLU D 81 -14.93 68.79 4.67
N PRO D 82 -13.95 69.57 4.26
CA PRO D 82 -13.90 70.09 2.90
C PRO D 82 -13.62 69.02 1.90
N PRO D 83 -14.42 69.05 0.75
CA PRO D 83 -14.14 67.96 -0.19
C PRO D 83 -12.83 68.21 -0.87
N GLY D 84 -12.15 67.16 -1.31
CA GLY D 84 -10.96 67.34 -2.11
C GLY D 84 -11.26 67.96 -3.45
N VAL D 85 -12.36 67.54 -4.04
CA VAL D 85 -12.85 68.11 -5.27
C VAL D 85 -14.34 68.32 -5.09
N VAL D 86 -14.87 69.40 -5.62
CA VAL D 86 -16.28 69.67 -5.42
C VAL D 86 -17.00 69.57 -6.76
N GLY D 87 -17.91 68.62 -6.91
CA GLY D 87 -18.08 67.52 -5.99
C GLY D 87 -18.03 66.26 -6.80
N GLY D 88 -17.61 65.17 -6.21
CA GLY D 88 -17.48 63.92 -6.92
C GLY D 88 -16.16 64.12 -7.60
N PRO D 89 -15.58 63.09 -8.20
CA PRO D 89 -16.21 61.79 -8.38
C PRO D 89 -16.58 60.96 -7.17
N GLY D 90 -15.70 60.82 -6.20
CA GLY D 90 -15.87 59.83 -5.16
C GLY D 90 -16.36 60.31 -3.82
N GLU D 91 -16.80 61.55 -3.78
CA GLU D 91 -17.11 62.19 -2.54
C GLU D 91 -18.60 62.40 -2.40
N LYS D 92 -19.17 62.10 -1.24
CA LYS D 92 -18.45 61.55 -0.11
C LYS D 92 -18.81 60.09 0.05
N ALA D 93 -17.86 59.21 -0.21
CA ALA D 93 -18.12 57.79 -0.08
C ALA D 93 -19.34 57.46 -0.90
N LYS D 94 -19.43 58.08 -2.07
CA LYS D 94 -20.58 57.92 -2.94
C LYS D 94 -20.16 57.00 -4.04
N PRO D 95 -21.07 55.98 -4.36
CA PRO D 95 -20.52 55.01 -5.32
C PRO D 95 -20.16 55.65 -6.65
N LEU D 96 -19.00 55.32 -7.17
CA LEU D 96 -18.63 55.76 -8.50
C LEU D 96 -18.92 54.64 -9.45
N VAL D 97 -19.89 54.84 -10.33
CA VAL D 97 -20.30 53.79 -11.24
C VAL D 97 -19.94 54.26 -12.65
N LEU D 98 -19.15 53.41 -13.32
CA LEU D 98 -18.45 53.69 -14.56
C LEU D 98 -18.78 52.61 -15.55
N GLY D 99 -18.41 52.83 -16.81
CA GLY D 99 -18.53 51.82 -17.85
C GLY D 99 -19.57 52.27 -18.86
N PRO D 100 -19.95 51.43 -19.93
CA PRO D 100 -19.23 50.16 -20.05
C PRO D 100 -17.97 50.25 -20.90
N GLU D 101 -17.69 51.42 -21.46
CA GLU D 101 -16.54 51.58 -22.29
C GLU D 101 -15.34 51.25 -21.45
N PHE D 102 -15.42 51.69 -20.20
CA PHE D 102 -14.33 51.57 -19.26
C PHE D 102 -14.00 50.13 -18.96
N LYS D 103 -14.93 49.24 -19.20
CA LYS D 103 -14.81 47.89 -18.67
C LYS D 103 -13.52 47.26 -19.15
N GLN D 104 -13.15 47.51 -20.39
CA GLN D 104 -11.92 46.94 -20.90
C GLN D 104 -10.79 47.47 -20.06
N ALA D 105 -10.80 48.77 -19.77
CA ALA D 105 -9.77 49.32 -18.91
C ALA D 105 -9.89 48.89 -17.46
N ILE D 106 -11.10 48.83 -16.96
CA ILE D 106 -11.33 48.42 -15.59
C ILE D 106 -10.94 46.98 -15.37
N GLN D 107 -11.34 46.10 -16.26
CA GLN D 107 -10.96 44.69 -16.13
C GLN D 107 -9.45 44.48 -16.17
N ALA D 108 -8.74 45.27 -16.99
CA ALA D 108 -7.29 45.19 -16.98
C ALA D 108 -6.73 45.47 -15.59
N SER D 109 -7.09 46.63 -15.01
CA SER D 109 -6.53 47.02 -13.72
C SER D 109 -6.95 46.06 -12.62
N ILE D 110 -8.11 45.44 -12.76
CA ILE D 110 -8.47 44.40 -11.83
C ILE D 110 -7.51 43.23 -11.92
N LYS D 111 -7.13 42.78 -13.10
CA LYS D 111 -6.28 41.61 -13.09
C LYS D 111 -5.00 41.93 -12.36
N GLU D 112 -4.45 43.10 -12.63
CA GLU D 112 -3.19 43.53 -12.02
C GLU D 112 -3.20 43.79 -10.53
N PHE D 113 -4.23 44.46 -10.04
CA PHE D 113 -4.25 44.90 -8.64
C PHE D 113 -5.30 44.26 -7.75
N GLY D 114 -6.31 43.64 -8.33
CA GLY D 114 -7.37 43.05 -7.54
C GLY D 114 -8.39 44.08 -7.09
N PHE D 115 -8.20 45.32 -7.54
CA PHE D 115 -9.10 46.43 -7.22
C PHE D 115 -9.39 47.16 -8.51
N ASN D 116 -10.48 47.92 -8.54
CA ASN D 116 -10.80 48.68 -9.74
C ASN D 116 -10.03 49.97 -9.68
N MET D 117 -8.84 49.94 -10.25
CA MET D 117 -7.94 51.08 -10.26
C MET D 117 -8.46 52.27 -11.05
N VAL D 118 -9.15 52.01 -12.16
CA VAL D 118 -9.57 53.07 -13.05
C VAL D 118 -10.48 54.02 -12.27
N ALA D 119 -11.32 53.42 -11.44
CA ALA D 119 -12.23 54.19 -10.60
C ALA D 119 -11.48 54.87 -9.47
N SER D 120 -10.63 54.13 -8.77
CA SER D 120 -9.82 54.76 -7.72
C SER D 120 -8.99 55.91 -8.28
N ASP D 121 -8.48 55.77 -9.51
CA ASP D 121 -7.60 56.81 -10.04
C ASP D 121 -8.32 58.14 -10.23
N MET D 122 -9.64 58.15 -10.40
CA MET D 122 -10.35 59.42 -10.57
C MET D 122 -11.01 59.91 -9.30
N ILE D 123 -10.80 59.26 -8.16
CA ILE D 123 -11.27 59.77 -6.88
C ILE D 123 -10.13 60.51 -6.19
N SER D 124 -10.46 61.62 -5.55
CA SER D 124 -9.44 62.44 -4.91
C SER D 124 -8.66 61.64 -3.86
N LEU D 125 -7.34 61.87 -3.82
CA LEU D 125 -6.57 61.39 -2.68
C LEU D 125 -7.03 62.03 -1.39
N ASP D 126 -7.69 63.19 -1.45
CA ASP D 126 -8.13 63.90 -0.27
C ASP D 126 -9.64 63.88 -0.12
N ARG D 127 -10.27 62.87 -0.68
CA ARG D 127 -11.72 62.81 -0.76
C ARG D 127 -12.39 62.70 0.58
N SER D 128 -13.54 63.34 0.72
CA SER D 128 -14.38 63.21 1.89
C SER D 128 -15.07 61.87 1.90
N VAL D 129 -15.37 61.36 3.09
CA VAL D 129 -16.07 60.10 3.22
C VAL D 129 -17.19 60.16 4.25
N ASN D 130 -18.16 59.27 4.10
CA ASN D 130 -19.32 59.20 4.98
C ASN D 130 -19.01 58.72 6.38
N ASP D 131 -19.87 59.07 7.33
CA ASP D 131 -19.66 58.75 8.73
C ASP D 131 -20.51 57.57 9.15
N LEU D 132 -19.85 56.45 9.45
CA LEU D 132 -20.56 55.26 9.84
C LEU D 132 -20.75 55.21 11.34
N ARG D 133 -20.19 56.20 12.02
CA ARG D 133 -20.22 56.28 13.46
C ARG D 133 -21.63 56.46 13.95
N GLN D 134 -21.93 55.86 15.08
CA GLN D 134 -23.19 56.09 15.75
C GLN D 134 -23.07 57.51 16.25
N GLU D 135 -24.19 58.19 16.45
CA GLU D 135 -24.16 59.57 16.88
C GLU D 135 -23.45 59.77 18.20
N GLU D 136 -23.61 58.80 19.07
CA GLU D 136 -23.17 58.94 20.44
C GLU D 136 -21.71 59.22 20.43
N CYS D 137 -21.02 58.67 19.45
CA CYS D 137 -19.57 58.78 19.42
C CYS D 137 -19.17 60.25 19.24
N LYS D 138 -20.10 61.10 18.86
CA LYS D 138 -19.75 62.52 18.70
C LYS D 138 -19.68 63.33 19.99
N TYR D 139 -20.11 62.75 21.10
CA TYR D 139 -20.20 63.45 22.36
C TYR D 139 -19.23 63.05 23.45
N TRP D 140 -18.15 62.38 23.08
CA TRP D 140 -17.12 61.96 24.03
C TRP D 140 -16.04 63.02 24.10
N HIS D 141 -15.63 63.37 25.30
CA HIS D 141 -14.54 64.32 25.48
C HIS D 141 -13.30 63.59 25.95
N TYR D 142 -12.16 63.87 25.35
CA TYR D 142 -10.99 63.11 25.67
C TYR D 142 -9.97 64.00 26.31
N ASP D 143 -9.02 63.42 27.00
CA ASP D 143 -7.90 64.14 27.53
C ASP D 143 -7.18 64.53 26.33
N GLU D 144 -6.89 65.80 26.16
CA GLU D 144 -6.12 66.23 25.01
C GLU D 144 -4.80 65.52 24.94
N ASN D 145 -4.49 64.83 26.00
CA ASN D 145 -3.22 64.20 26.28
C ASN D 145 -3.18 62.73 25.92
N LEU D 146 -3.00 62.45 24.64
CA LEU D 146 -2.96 61.07 24.21
C LEU D 146 -1.57 60.89 23.84
N LEU D 147 -1.25 59.74 23.30
CA LEU D 147 0.11 59.46 23.00
C LEU D 147 0.39 59.68 21.57
N THR D 148 1.66 59.89 21.27
CA THR D 148 2.14 60.00 19.90
C THR D 148 2.05 58.63 19.25
N SER D 149 1.83 58.59 17.94
CA SER D 149 1.77 57.31 17.28
C SER D 149 2.60 57.32 16.02
N SER D 150 3.20 56.19 15.71
CA SER D 150 3.86 56.03 14.45
C SER D 150 2.96 55.12 13.68
N VAL D 151 2.53 55.53 12.50
CA VAL D 151 1.62 54.72 11.74
C VAL D 151 2.47 53.95 10.77
N VAL D 152 2.35 52.63 10.83
CA VAL D 152 3.19 51.78 10.03
C VAL D 152 2.34 51.11 8.99
N ILE D 153 2.70 51.31 7.73
CA ILE D 153 1.97 50.66 6.66
C ILE D 153 2.88 49.81 5.82
N VAL D 154 2.55 48.53 5.69
CA VAL D 154 3.32 47.63 4.86
C VAL D 154 2.66 47.62 3.48
N PHE D 155 3.46 47.53 2.42
CA PHE D 155 2.81 47.39 1.13
C PHE D 155 3.67 46.49 0.24
N HIS D 156 3.02 45.91 -0.78
CA HIS D 156 3.71 45.16 -1.81
C HIS D 156 2.98 45.36 -3.14
N ASN D 157 3.58 46.14 -4.05
CA ASN D 157 3.02 46.32 -5.39
C ASN D 157 1.65 46.98 -5.37
N GLU D 158 1.40 47.75 -4.32
CA GLU D 158 0.13 48.45 -4.17
C GLU D 158 -0.03 49.48 -5.26
N GLY D 159 -1.24 49.60 -5.79
CA GLY D 159 -1.53 50.65 -6.74
C GLY D 159 -1.33 52.01 -6.12
N TRP D 160 -0.79 52.94 -6.91
CA TRP D 160 -0.37 54.24 -6.39
C TRP D 160 -1.50 54.95 -5.67
N SER D 161 -2.62 55.13 -6.35
CA SER D 161 -3.66 55.97 -5.80
C SER D 161 -4.30 55.33 -4.58
N THR D 162 -4.27 54.02 -4.45
CA THR D 162 -4.83 53.49 -3.21
C THR D 162 -3.85 53.65 -2.07
N LEU D 163 -2.58 53.36 -2.31
CA LEU D 163 -1.59 53.46 -1.26
C LEU D 163 -1.47 54.90 -0.84
N MET D 164 -1.47 55.77 -1.81
CA MET D 164 -1.39 57.19 -1.55
C MET D 164 -2.60 57.77 -0.84
N ARG D 165 -3.79 57.30 -1.20
CA ARG D 165 -5.00 57.78 -0.56
C ARG D 165 -4.96 57.46 0.92
N THR D 166 -4.42 56.31 1.26
CA THR D 166 -4.35 55.90 2.64
C THR D 166 -3.52 56.88 3.45
N VAL D 167 -2.38 57.30 2.93
CA VAL D 167 -1.53 58.26 3.62
C VAL D 167 -2.21 59.62 3.71
N HIS D 168 -2.74 60.10 2.58
CA HIS D 168 -3.51 61.35 2.60
C HIS D 168 -4.65 61.27 3.62
N SER D 169 -5.30 60.12 3.67
CA SER D 169 -6.38 59.96 4.63
C SER D 169 -5.88 60.18 6.05
N VAL D 170 -4.75 59.56 6.41
CA VAL D 170 -4.20 59.66 7.76
C VAL D 170 -3.78 61.11 8.09
N ILE D 171 -3.11 61.77 7.14
CA ILE D 171 -2.66 63.14 7.38
C ILE D 171 -3.85 64.08 7.56
N LYS D 172 -4.89 63.89 6.75
CA LYS D 172 -6.05 64.78 6.79
C LYS D 172 -6.82 64.66 8.10
N ARG D 173 -6.83 63.50 8.74
CA ARG D 173 -7.76 63.29 9.83
C ARG D 173 -7.09 62.94 11.16
N THR D 174 -5.80 63.07 11.23
CA THR D 174 -5.16 62.91 12.51
C THR D 174 -4.63 64.25 12.97
N PRO D 175 -4.87 64.59 14.23
CA PRO D 175 -4.35 65.84 14.76
C PRO D 175 -2.86 65.80 14.69
N ARG D 176 -2.25 66.83 14.18
CA ARG D 176 -0.91 66.68 13.74
C ARG D 176 0.03 66.39 14.89
N LYS D 177 -0.28 66.91 16.05
CA LYS D 177 0.64 66.83 17.15
C LYS D 177 1.02 65.42 17.42
N TYR D 178 0.05 64.57 17.25
CA TYR D 178 0.00 63.23 17.75
C TYR D 178 0.57 62.27 16.75
N LEU D 179 0.73 62.72 15.54
CA LEU D 179 1.23 61.92 14.43
C LEU D 179 2.74 62.05 14.34
N ALA D 180 3.46 61.20 15.05
CA ALA D 180 4.91 61.30 15.06
C ALA D 180 5.55 61.03 13.72
N GLU D 181 5.08 60.01 13.03
CA GLU D 181 5.60 59.69 11.72
C GLU D 181 4.66 58.77 10.98
N ILE D 182 4.85 58.64 9.68
CA ILE D 182 4.24 57.56 8.93
C ILE D 182 5.35 56.78 8.26
N VAL D 183 5.48 55.52 8.62
CA VAL D 183 6.54 54.66 8.10
C VAL D 183 5.95 53.68 7.09
N LEU D 184 6.41 53.74 5.85
CA LEU D 184 5.94 52.78 4.87
C LEU D 184 6.98 51.70 4.71
N ILE D 185 6.57 50.44 4.78
CA ILE D 185 7.49 49.34 4.57
C ILE D 185 7.19 48.67 3.26
N ASP D 186 8.22 48.49 2.45
CA ASP D 186 8.07 47.87 1.16
C ASP D 186 8.63 46.47 1.20
N ASP D 187 7.78 45.51 0.93
CA ASP D 187 8.21 44.14 0.76
C ASP D 187 8.59 43.83 -0.68
N PHE D 188 9.75 44.30 -1.11
CA PHE D 188 10.33 43.82 -2.35
C PHE D 188 9.44 43.97 -3.58
N SER D 189 8.73 45.09 -3.69
CA SER D 189 7.82 45.28 -4.80
C SER D 189 8.51 45.39 -6.16
N ASN D 190 7.92 44.79 -7.18
CA ASN D 190 8.37 44.89 -8.58
C ASN D 190 8.06 46.16 -9.35
N LYS D 191 6.83 46.64 -9.20
CA LYS D 191 6.29 47.77 -9.93
C LYS D 191 7.08 49.05 -9.76
N GLU D 192 7.22 49.79 -10.85
CA GLU D 192 8.12 50.94 -10.94
C GLU D 192 7.55 52.21 -10.32
N HIS D 193 6.23 52.39 -10.31
CA HIS D 193 5.68 53.60 -9.69
C HIS D 193 5.86 53.62 -8.18
N LEU D 194 6.27 52.49 -7.61
CA LEU D 194 6.57 52.38 -6.20
C LEU D 194 8.03 52.66 -5.86
N LYS D 195 8.85 52.88 -6.89
CA LYS D 195 10.25 53.17 -6.67
C LYS D 195 10.67 54.49 -7.31
N GLU D 196 11.41 55.30 -6.58
CA GLU D 196 11.88 56.57 -7.10
C GLU D 196 10.73 57.55 -7.19
N LYS D 197 9.68 57.17 -7.89
CA LYS D 197 8.56 58.06 -8.02
C LYS D 197 8.03 58.29 -6.62
N LEU D 198 7.97 57.22 -5.85
CA LEU D 198 7.46 57.28 -4.50
C LEU D 198 8.33 58.17 -3.66
N ASP D 199 9.65 58.02 -3.79
CA ASP D 199 10.55 58.77 -2.96
C ASP D 199 10.41 60.25 -3.23
N GLU D 200 10.32 60.59 -4.50
CA GLU D 200 10.16 61.99 -4.90
C GLU D 200 8.86 62.56 -4.41
N TYR D 201 7.79 61.79 -4.56
CA TYR D 201 6.45 62.23 -4.19
C TYR D 201 6.35 62.49 -2.70
N ILE D 202 6.97 61.61 -1.94
CA ILE D 202 6.85 61.59 -0.50
C ILE D 202 7.43 62.84 0.11
N LYS D 203 8.15 63.58 -0.72
CA LYS D 203 8.87 64.76 -0.28
C LYS D 203 7.86 65.74 0.23
N LEU D 204 6.66 65.68 -0.34
CA LEU D 204 5.54 66.41 0.19
C LEU D 204 5.35 65.83 1.58
N TRP D 205 4.94 66.68 2.52
CA TRP D 205 4.81 66.36 3.93
C TRP D 205 6.13 66.55 4.63
N ASN D 206 7.14 66.96 3.88
CA ASN D 206 8.39 67.41 4.46
C ASN D 206 9.08 66.42 5.39
N GLY D 207 9.10 65.14 5.02
CA GLY D 207 9.82 64.15 5.79
C GLY D 207 9.07 63.53 6.96
N LEU D 208 7.82 63.92 7.10
CA LEU D 208 6.85 63.31 7.99
C LEU D 208 6.64 61.88 7.60
N VAL D 209 6.65 61.64 6.30
CA VAL D 209 6.41 60.32 5.76
C VAL D 209 7.69 59.72 5.25
N LYS D 210 7.99 58.51 5.67
CA LYS D 210 9.23 57.85 5.29
C LYS D 210 8.97 56.44 4.79
N VAL D 211 9.82 55.93 3.92
CA VAL D 211 9.66 54.58 3.44
C VAL D 211 10.98 53.81 3.50
N PHE D 212 10.94 52.58 4.00
CA PHE D 212 12.13 51.73 4.03
C PHE D 212 11.97 50.50 3.16
N ARG D 213 12.83 50.34 2.18
CA ARG D 213 12.78 49.19 1.29
C ARG D 213 13.35 47.96 1.95
N ASN D 214 12.91 46.80 1.49
CA ASN D 214 13.32 45.54 2.09
C ASN D 214 14.14 44.71 1.13
N GLU D 215 15.27 44.20 1.57
CA GLU D 215 16.09 43.41 0.68
C GLU D 215 15.43 42.11 0.27
N ARG D 216 14.67 41.46 1.13
CA ARG D 216 14.31 40.04 0.91
C ARG D 216 12.93 39.62 0.48
N ARG D 217 11.94 40.46 0.59
CA ARG D 217 10.56 40.00 0.55
C ARG D 217 10.40 39.06 1.70
N GLU D 218 10.32 39.67 2.85
CA GLU D 218 10.09 38.95 4.08
C GLU D 218 8.67 38.41 4.25
N GLY D 219 7.66 38.97 3.61
CA GLY D 219 6.34 38.48 3.94
C GLY D 219 5.65 39.45 4.85
N LEU D 220 4.33 39.37 4.89
CA LEU D 220 3.52 40.32 5.61
C LEU D 220 3.70 40.36 7.12
N ILE D 221 3.80 39.20 7.75
CA ILE D 221 4.02 39.17 9.18
C ILE D 221 5.36 39.74 9.58
N GLN D 222 6.42 39.26 8.98
CA GLN D 222 7.75 39.75 9.30
C GLN D 222 7.98 41.17 8.85
N ALA D 223 7.27 41.58 7.83
CA ALA D 223 7.33 42.95 7.38
C ALA D 223 6.82 43.87 8.46
N ARG D 224 5.76 43.47 9.14
CA ARG D 224 5.21 44.24 10.24
C ARG D 224 6.20 44.30 11.39
N SER D 225 6.98 43.24 11.63
CA SER D 225 7.98 43.29 12.69
C SER D 225 9.08 44.29 12.36
N ILE D 226 9.53 44.32 11.11
CA ILE D 226 10.53 45.29 10.67
C ILE D 226 9.99 46.70 10.86
N GLY D 227 8.71 46.87 10.66
CA GLY D 227 8.10 48.16 10.75
C GLY D 227 8.25 48.69 12.12
N ALA D 228 8.01 47.84 13.10
CA ALA D 228 8.07 48.23 14.48
C ALA D 228 9.46 48.65 14.85
N GLN D 229 10.45 47.95 14.34
CA GLN D 229 11.83 48.35 14.49
C GLN D 229 12.15 49.66 13.78
N LYS D 230 11.59 49.87 12.63
CA LYS D 230 12.03 50.98 11.83
C LYS D 230 11.30 52.25 12.18
N ALA D 231 10.39 52.17 13.13
CA ALA D 231 9.61 53.33 13.48
C ALA D 231 9.79 53.66 14.93
N LYS D 232 10.92 54.30 15.23
CA LYS D 232 11.26 54.69 16.58
C LYS D 232 10.38 55.73 17.22
N LEU D 233 9.96 56.73 16.49
CA LEU D 233 9.46 57.97 17.07
C LEU D 233 8.18 57.99 17.82
N GLY D 234 7.20 57.25 17.36
CA GLY D 234 5.91 57.30 17.99
C GLY D 234 5.97 56.60 19.30
N GLN D 235 5.03 56.88 20.16
CA GLN D 235 4.97 56.22 21.42
C GLN D 235 4.17 54.98 21.30
N VAL D 236 3.34 54.90 20.27
CA VAL D 236 2.49 53.75 20.01
C VAL D 236 2.58 53.37 18.56
N LEU D 237 2.34 52.11 18.26
CA LEU D 237 2.32 51.68 16.86
C LEU D 237 0.87 51.57 16.39
N ILE D 238 0.56 52.22 15.27
CA ILE D 238 -0.76 52.08 14.67
C ILE D 238 -0.52 51.39 13.33
N TYR D 239 -0.98 50.16 13.16
CA TYR D 239 -0.70 49.49 11.90
C TYR D 239 -1.91 49.66 10.99
N LEU D 240 -1.65 49.90 9.69
CA LEU D 240 -2.70 50.05 8.65
C LEU D 240 -2.35 49.34 7.33
N ASP D 241 -3.32 48.64 6.77
CA ASP D 241 -3.20 47.99 5.46
C ASP D 241 -3.02 49.13 4.51
N ALA D 242 -2.43 48.87 3.35
CA ALA D 242 -2.01 49.91 2.43
C ALA D 242 -3.13 50.39 1.54
N HIS D 243 -4.30 49.82 1.73
CA HIS D 243 -5.47 50.24 0.99
C HIS D 243 -6.57 50.50 1.99
N CYS D 244 -6.35 51.54 2.79
CA CYS D 244 -7.26 51.97 3.84
C CYS D 244 -7.62 53.44 3.74
N GLU D 245 -8.81 53.78 4.26
CA GLU D 245 -9.25 55.16 4.48
C GLU D 245 -9.79 55.30 5.90
N VAL D 246 -9.14 56.12 6.70
CA VAL D 246 -9.43 56.25 8.12
C VAL D 246 -10.53 57.29 8.32
N ALA D 247 -11.42 57.08 9.29
CA ALA D 247 -12.60 57.92 9.50
C ALA D 247 -12.31 59.17 10.33
N VAL D 248 -13.32 60.02 10.46
CA VAL D 248 -13.24 61.20 11.27
C VAL D 248 -13.11 60.87 12.75
N ASN D 249 -12.18 61.53 13.41
CA ASN D 249 -11.92 61.32 14.83
C ASN D 249 -11.61 59.88 15.18
N TRP D 250 -10.94 59.19 14.29
CA TRP D 250 -10.50 57.84 14.57
C TRP D 250 -9.46 57.76 15.67
N TYR D 251 -8.52 58.70 15.67
CA TYR D 251 -7.36 58.63 16.54
C TYR D 251 -7.59 58.70 18.05
N ALA D 252 -8.44 59.62 18.50
CA ALA D 252 -8.58 59.84 19.93
C ALA D 252 -9.15 58.65 20.65
N PRO D 253 -10.20 58.07 20.12
CA PRO D 253 -10.84 56.89 20.75
C PRO D 253 -9.96 55.65 20.70
N LEU D 254 -9.22 55.52 19.61
CA LEU D 254 -8.29 54.42 19.45
C LEU D 254 -7.18 54.41 20.47
N VAL D 255 -6.53 55.54 20.64
CA VAL D 255 -5.38 55.65 21.52
C VAL D 255 -5.71 56.01 22.94
N ALA D 256 -6.98 56.28 23.23
CA ALA D 256 -7.38 56.65 24.57
C ALA D 256 -7.18 55.54 25.59
N PRO D 257 -7.50 54.31 25.20
CA PRO D 257 -7.37 53.18 26.13
C PRO D 257 -5.93 52.76 26.34
N ILE D 258 -5.06 52.86 25.33
CA ILE D 258 -3.65 52.55 25.56
C ILE D 258 -3.06 53.53 26.54
N SER D 259 -3.57 54.77 26.54
CA SER D 259 -2.99 55.81 27.36
C SER D 259 -3.19 55.56 28.84
N LYS D 260 -4.43 55.21 29.27
CA LYS D 260 -4.69 54.85 30.67
C LYS D 260 -3.85 53.67 31.07
N ASP D 261 -3.65 52.74 30.14
CA ASP D 261 -3.09 51.43 30.47
C ASP D 261 -2.25 50.94 29.30
N ARG D 262 -0.92 50.87 29.49
CA ARG D 262 0.00 50.55 28.42
C ARG D 262 -0.06 49.09 27.94
N THR D 263 -0.83 48.20 28.57
CA THR D 263 -0.99 46.82 28.09
C THR D 263 -2.38 46.56 27.50
N ILE D 264 -3.15 47.61 27.25
CA ILE D 264 -4.34 47.49 26.40
C ILE D 264 -3.86 47.59 24.96
N CYS D 265 -4.40 46.74 24.09
CA CYS D 265 -4.19 46.84 22.64
C CYS D 265 -5.53 47.14 21.99
N THR D 266 -5.54 48.10 21.08
CA THR D 266 -6.78 48.64 20.54
C THR D 266 -6.92 48.26 19.07
N VAL D 267 -8.13 47.93 18.67
CA VAL D 267 -8.46 47.67 17.27
C VAL D 267 -9.61 48.58 16.88
N PRO D 268 -9.56 49.27 15.76
CA PRO D 268 -10.73 50.00 15.31
C PRO D 268 -11.73 49.05 14.66
N LEU D 269 -12.97 49.48 14.56
CA LEU D 269 -13.95 48.72 13.80
C LEU D 269 -13.56 48.85 12.35
N ILE D 270 -13.54 47.75 11.61
CA ILE D 270 -13.08 47.80 10.24
C ILE D 270 -14.22 47.73 9.26
N ASP D 271 -14.34 48.76 8.44
CA ASP D 271 -15.45 48.93 7.53
C ASP D 271 -15.04 48.59 6.12
N VAL D 272 -16.00 48.22 5.30
CA VAL D 272 -15.70 47.74 3.98
C VAL D 272 -15.77 48.83 2.95
N ILE D 273 -14.70 49.00 2.21
CA ILE D 273 -14.69 49.91 1.10
C ILE D 273 -14.83 49.02 -0.12
N ASN D 274 -15.89 49.25 -0.87
CA ASN D 274 -16.12 48.49 -2.08
C ASN D 274 -14.97 48.68 -3.05
N GLY D 275 -14.35 47.56 -3.44
CA GLY D 275 -13.22 47.59 -4.35
C GLY D 275 -13.54 47.95 -5.78
N ASN D 276 -14.79 48.26 -6.08
CA ASN D 276 -15.20 48.58 -7.43
C ASN D 276 -15.87 49.95 -7.56
N THR D 277 -16.64 50.38 -6.56
CA THR D 277 -17.31 51.67 -6.57
C THR D 277 -16.99 52.56 -5.37
N TYR D 278 -16.28 52.05 -4.37
CA TYR D 278 -15.59 52.76 -3.31
C TYR D 278 -16.50 53.48 -2.34
N GLU D 279 -17.80 53.20 -2.34
CA GLU D 279 -18.61 53.60 -1.21
C GLU D 279 -18.26 52.73 0.00
N ILE D 280 -18.53 53.23 1.20
CA ILE D 280 -18.10 52.53 2.41
C ILE D 280 -19.32 51.98 3.15
N ILE D 281 -19.23 50.71 3.55
CA ILE D 281 -20.27 49.87 4.16
C ILE D 281 -19.67 49.24 5.40
N PRO D 282 -20.35 49.24 6.53
CA PRO D 282 -19.87 48.50 7.68
C PRO D 282 -20.02 47.00 7.43
N GLN D 283 -19.26 46.20 8.17
CA GLN D 283 -19.35 44.76 8.05
C GLN D 283 -20.63 44.20 8.62
N GLY D 284 -21.13 43.14 8.04
CA GLY D 284 -22.34 42.58 8.60
C GLY D 284 -22.01 41.50 9.58
N GLY D 285 -22.20 41.80 10.84
CA GLY D 285 -22.06 40.82 11.87
C GLY D 285 -22.68 41.41 13.09
N GLY D 286 -23.06 40.56 14.03
CA GLY D 286 -23.12 40.93 15.41
C GLY D 286 -24.28 41.78 15.83
N ASP D 287 -24.39 41.95 17.14
CA ASP D 287 -25.33 42.87 17.74
C ASP D 287 -26.80 42.73 17.31
N GLU D 288 -27.52 43.76 16.83
CA GLU D 288 -27.11 45.13 16.55
C GLU D 288 -27.08 45.90 17.83
N ASP D 289 -26.47 47.08 17.81
CA ASP D 289 -26.22 47.83 16.59
C ASP D 289 -24.96 47.44 15.86
N GLY D 290 -24.98 46.24 15.28
CA GLY D 290 -23.89 45.78 14.44
C GLY D 290 -22.55 45.76 15.13
N TYR D 291 -22.51 45.32 16.37
CA TYR D 291 -21.24 45.18 17.06
C TYR D 291 -20.90 43.71 17.23
N ALA D 292 -19.72 43.34 16.74
CA ALA D 292 -19.22 41.98 16.78
C ALA D 292 -17.81 41.92 17.34
N ARG D 293 -17.45 40.78 17.90
CA ARG D 293 -16.11 40.56 18.43
C ARG D 293 -15.47 39.39 17.70
N GLY D 294 -14.15 39.42 17.57
CA GLY D 294 -13.45 38.46 16.73
C GLY D 294 -13.31 37.09 17.39
N ALA D 295 -13.47 36.04 16.59
CA ALA D 295 -13.48 34.66 17.07
C ALA D 295 -12.65 33.82 16.11
N TRP D 296 -12.94 32.51 16.05
CA TRP D 296 -12.27 31.47 15.28
C TRP D 296 -13.02 30.17 15.51
N ASP D 297 -13.07 29.33 14.48
CA ASP D 297 -13.47 27.94 14.63
C ASP D 297 -12.22 27.13 14.97
N TRP D 298 -12.37 25.82 15.09
CA TRP D 298 -11.24 25.08 15.58
C TRP D 298 -10.28 24.61 14.49
N SER D 299 -10.54 24.91 13.21
CA SER D 299 -9.46 24.82 12.24
C SER D 299 -8.63 26.09 12.20
N MET D 300 -8.99 27.03 13.10
CA MET D 300 -8.35 28.33 13.28
C MET D 300 -8.60 29.27 12.11
N LEU D 301 -9.80 29.22 11.57
CA LEU D 301 -10.23 30.21 10.59
C LEU D 301 -10.91 31.40 11.25
N TRP D 302 -10.65 32.60 10.75
CA TRP D 302 -11.21 33.79 11.37
C TRP D 302 -12.72 33.79 11.28
N LYS D 303 -13.36 34.09 12.39
CA LYS D 303 -14.79 34.18 12.43
C LYS D 303 -15.19 35.34 13.32
N ARG D 304 -16.40 35.86 13.13
CA ARG D 304 -16.90 36.93 13.97
C ARG D 304 -18.19 36.48 14.60
N VAL D 305 -18.46 37.02 15.77
CA VAL D 305 -19.71 36.73 16.49
C VAL D 305 -20.25 38.02 17.08
N PRO D 306 -21.57 38.08 17.31
CA PRO D 306 -22.16 39.31 17.88
C PRO D 306 -21.64 39.58 19.27
N LEU D 307 -21.62 40.86 19.65
CA LEU D 307 -21.24 41.27 20.99
C LEU D 307 -22.24 40.74 22.01
N THR D 308 -21.73 40.18 23.09
CA THR D 308 -22.53 39.51 24.10
C THR D 308 -23.21 40.41 25.11
N PRO D 309 -24.33 39.84 25.73
CA PRO D 309 -24.87 40.68 26.82
C PRO D 309 -23.86 40.87 27.92
N GLN D 310 -23.04 39.86 28.16
CA GLN D 310 -22.11 39.90 29.27
C GLN D 310 -21.17 41.08 29.21
N GLU D 311 -20.63 41.34 28.04
CA GLU D 311 -19.78 42.49 27.83
C GLU D 311 -20.53 43.79 28.02
N LYS D 312 -21.78 43.80 27.58
CA LYS D 312 -22.62 44.98 27.65
C LYS D 312 -22.85 45.34 29.10
N ARG D 313 -23.05 44.35 29.95
CA ARG D 313 -23.28 44.65 31.35
C ARG D 313 -22.12 45.41 31.92
N LEU D 314 -20.93 45.03 31.50
CA LEU D 314 -19.70 45.63 31.97
C LEU D 314 -19.67 47.08 31.53
N ARG D 315 -20.36 47.39 30.45
CA ARG D 315 -20.22 48.73 29.89
C ARG D 315 -21.43 49.60 30.11
N LYS D 316 -21.15 50.79 30.62
CA LYS D 316 -22.10 51.82 30.96
C LYS D 316 -22.81 52.37 29.72
N THR D 317 -22.06 52.56 28.65
CA THR D 317 -22.58 53.18 27.44
C THR D 317 -22.56 52.21 26.29
N LYS D 318 -23.33 52.51 25.26
CA LYS D 318 -23.30 51.72 24.04
C LYS D 318 -21.97 51.77 23.29
N THR D 319 -21.33 52.92 23.27
CA THR D 319 -20.20 53.10 22.38
C THR D 319 -18.80 53.05 22.94
N GLU D 320 -18.62 52.71 24.21
CA GLU D 320 -17.28 52.58 24.76
C GLU D 320 -16.61 51.31 24.28
N PRO D 321 -15.30 51.24 24.37
CA PRO D 321 -14.61 50.06 23.83
C PRO D 321 -15.16 48.79 24.45
N TYR D 322 -14.86 47.65 23.83
CA TYR D 322 -15.26 46.37 24.41
C TYR D 322 -14.23 45.29 24.18
N ARG D 323 -14.24 44.28 25.04
CA ARG D 323 -13.29 43.19 24.94
C ARG D 323 -13.56 42.33 23.73
N SER D 324 -12.49 41.98 23.02
CA SER D 324 -12.59 41.01 21.96
C SER D 324 -11.56 39.93 22.16
N PRO D 325 -12.01 38.64 21.90
CA PRO D 325 -10.97 37.62 22.05
C PRO D 325 -9.77 37.75 21.10
N ALA D 326 -9.98 38.18 19.85
CA ALA D 326 -8.89 38.23 18.88
C ALA D 326 -9.19 39.32 17.87
N MET D 327 -8.16 39.69 17.11
CA MET D 327 -8.29 40.74 16.13
C MET D 327 -8.21 40.14 14.72
N ALA D 328 -8.90 40.79 13.78
CA ALA D 328 -8.74 40.42 12.38
C ALA D 328 -7.25 40.35 12.03
N GLY D 329 -6.50 41.44 12.28
CA GLY D 329 -5.05 41.40 12.18
C GLY D 329 -4.33 42.54 11.48
N GLY D 330 -4.98 43.17 10.50
CA GLY D 330 -4.25 44.10 9.65
C GLY D 330 -4.12 45.48 10.25
N LEU D 331 -5.07 45.87 11.10
CA LEU D 331 -5.14 47.19 11.68
C LEU D 331 -5.31 47.09 13.18
N PHE D 332 -4.35 47.64 13.94
CA PHE D 332 -4.45 47.63 15.39
C PHE D 332 -3.45 48.63 15.97
N ALA D 333 -3.55 48.84 17.29
CA ALA D 333 -2.73 49.83 18.00
C ALA D 333 -2.18 49.21 19.29
N ILE D 334 -0.83 49.15 19.45
CA ILE D 334 -0.24 48.80 20.74
C ILE D 334 0.82 49.83 21.07
N GLU D 335 1.03 50.03 22.38
CA GLU D 335 2.18 50.80 22.82
C GLU D 335 3.45 50.13 22.33
N ARG D 336 4.38 50.92 21.83
CA ARG D 336 5.53 50.33 21.18
C ARG D 336 6.28 49.48 22.15
N GLU D 337 6.41 49.97 23.37
CA GLU D 337 7.18 49.26 24.37
C GLU D 337 6.54 47.93 24.69
N PHE D 338 5.23 47.93 24.80
CA PHE D 338 4.49 46.72 25.12
C PHE D 338 4.66 45.70 24.03
N PHE D 339 4.60 46.14 22.78
CA PHE D 339 4.74 45.17 21.70
C PHE D 339 6.09 44.46 21.77
N PHE D 340 7.19 45.21 21.98
CA PHE D 340 8.49 44.57 22.11
C PHE D 340 8.52 43.64 23.32
N GLU D 341 7.91 44.07 24.43
CA GLU D 341 7.87 43.24 25.62
C GLU D 341 7.22 41.89 25.33
N LEU D 342 6.27 41.83 24.41
CA LEU D 342 5.71 40.57 23.97
C LEU D 342 6.54 39.92 22.86
N GLY D 343 7.70 40.49 22.57
CA GLY D 343 8.57 39.94 21.55
C GLY D 343 8.00 39.99 20.15
N LEU D 344 7.19 40.99 19.89
CA LEU D 344 6.66 41.25 18.57
C LEU D 344 5.89 40.05 18.03
N TYR D 345 6.14 39.66 16.81
CA TYR D 345 5.45 38.53 16.24
C TYR D 345 6.44 37.41 16.23
N ASP D 346 6.02 36.27 16.76
CA ASP D 346 6.84 35.05 16.68
C ASP D 346 7.59 35.04 15.35
N PRO D 347 8.92 35.10 15.37
CA PRO D 347 9.71 35.11 14.14
C PRO D 347 9.78 33.76 13.45
N GLY D 348 9.01 32.77 13.89
CA GLY D 348 8.90 31.55 13.10
C GLY D 348 7.74 31.59 12.12
N LEU D 349 6.87 32.55 12.26
CA LEU D 349 5.75 32.66 11.39
C LEU D 349 6.22 32.98 10.00
N GLN D 350 5.74 32.24 9.03
CA GLN D 350 6.05 32.48 7.65
C GLN D 350 4.90 33.24 7.06
N ILE D 351 4.94 33.55 5.78
CA ILE D 351 4.04 34.52 5.21
C ILE D 351 2.58 34.16 5.43
N TRP D 352 1.78 35.16 5.80
CA TRP D 352 0.34 34.99 5.99
C TRP D 352 -0.11 33.87 6.95
N GLY D 353 0.49 33.81 8.12
CA GLY D 353 0.07 32.85 9.14
C GLY D 353 -1.05 33.38 9.99
N GLY D 354 -1.39 32.66 11.04
CA GLY D 354 -2.28 33.21 12.05
C GLY D 354 -1.47 34.04 13.02
N GLU D 355 -0.90 35.10 12.49
CA GLU D 355 -0.19 36.12 13.25
C GLU D 355 -1.14 36.85 14.16
N ASN D 356 -2.34 37.11 13.67
CA ASN D 356 -3.33 37.84 14.41
C ASN D 356 -3.72 37.10 15.65
N PHE D 357 -3.82 35.79 15.52
CA PHE D 357 -4.17 34.99 16.68
C PHE D 357 -3.05 34.92 17.68
N GLU D 358 -1.84 34.73 17.20
CA GLU D 358 -0.70 34.67 18.09
C GLU D 358 -0.67 35.88 19.04
N ILE D 359 -0.76 37.10 18.49
CA ILE D 359 -0.68 38.29 19.33
C ILE D 359 -1.90 38.37 20.25
N SER D 360 -3.07 37.97 19.76
CA SER D 360 -4.28 38.02 20.58
C SER D 360 -4.15 37.17 21.83
N TYR D 361 -3.70 35.91 21.68
CA TYR D 361 -3.49 35.08 22.86
C TYR D 361 -2.41 35.69 23.75
N LYS D 362 -1.25 36.08 23.19
CA LYS D 362 -0.22 36.68 24.03
C LYS D 362 -0.82 37.76 24.91
N ILE D 363 -1.53 38.72 24.30
CA ILE D 363 -1.96 39.88 25.06
C ILE D 363 -2.92 39.44 26.15
N TRP D 364 -3.81 38.50 25.83
CA TRP D 364 -4.85 38.16 26.79
C TRP D 364 -4.29 37.29 27.90
N GLN D 365 -3.51 36.29 27.55
CA GLN D 365 -3.05 35.37 28.57
C GLN D 365 -1.86 35.88 29.35
N CYS D 366 -1.18 36.93 28.91
CA CYS D 366 -0.06 37.46 29.69
C CYS D 366 -0.39 38.75 30.40
N GLY D 367 -1.66 38.98 30.69
CA GLY D 367 -2.10 40.14 31.43
C GLY D 367 -2.58 41.38 30.72
N GLY D 368 -2.68 41.32 29.41
CA GLY D 368 -3.21 42.41 28.62
C GLY D 368 -4.69 42.37 28.34
N LYS D 369 -5.17 43.37 27.63
CA LYS D 369 -6.53 43.38 27.10
C LYS D 369 -6.49 43.72 25.63
N LEU D 370 -7.41 43.20 24.86
CA LEU D 370 -7.57 43.58 23.48
C LEU D 370 -8.97 44.12 23.36
N LEU D 371 -9.10 45.32 22.84
CA LEU D 371 -10.36 46.08 22.87
C LEU D 371 -10.72 46.62 21.50
N PHE D 372 -11.97 46.40 21.13
CA PHE D 372 -12.57 46.95 19.93
C PHE D 372 -13.11 48.32 20.30
N VAL D 373 -12.73 49.33 19.54
CA VAL D 373 -13.17 50.66 19.81
C VAL D 373 -14.18 51.05 18.78
N PRO D 374 -15.50 51.14 19.24
CA PRO D 374 -16.48 51.48 18.20
C PRO D 374 -16.28 52.83 17.59
N CYS D 375 -15.85 53.78 18.37
CA CYS D 375 -15.77 55.15 17.93
C CYS D 375 -14.66 55.42 16.95
N SER D 376 -13.79 54.45 16.77
CA SER D 376 -12.70 54.62 15.82
C SER D 376 -12.90 53.63 14.70
N ARG D 377 -13.07 54.14 13.48
CA ARG D 377 -13.46 53.32 12.35
C ARG D 377 -12.46 53.53 11.23
N VAL D 378 -12.17 52.45 10.51
CA VAL D 378 -11.24 52.49 9.38
C VAL D 378 -11.83 51.64 8.28
N GLY D 379 -11.82 52.17 7.06
CA GLY D 379 -12.27 51.44 5.90
C GLY D 379 -11.10 50.71 5.24
N HIS D 380 -11.34 49.46 4.85
CA HIS D 380 -10.36 48.62 4.21
C HIS D 380 -10.96 48.12 2.92
N ILE D 381 -10.28 48.29 1.80
CA ILE D 381 -10.78 47.78 0.53
C ILE D 381 -10.68 46.27 0.51
N TYR D 382 -11.68 45.61 -0.05
CA TYR D 382 -11.71 44.17 -0.09
C TYR D 382 -11.58 43.70 -1.51
N ARG D 383 -10.75 42.69 -1.72
CA ARG D 383 -10.35 42.25 -3.05
C ARG D 383 -11.47 41.63 -3.86
N LEU D 384 -11.31 41.67 -5.17
CA LEU D 384 -12.32 41.21 -6.09
C LEU D 384 -11.80 40.03 -6.89
N GLU D 385 -12.73 39.24 -7.40
CA GLU D 385 -12.42 38.00 -8.04
C GLU D 385 -11.64 38.26 -9.31
N GLY D 386 -10.71 37.37 -9.62
CA GLY D 386 -9.88 37.54 -10.78
C GLY D 386 -8.56 38.26 -10.57
N TRP D 387 -8.21 38.56 -9.34
CA TRP D 387 -6.90 39.13 -9.08
C TRP D 387 -5.85 38.12 -9.45
N GLN D 388 -4.76 38.57 -10.05
CA GLN D 388 -3.71 37.66 -10.50
C GLN D 388 -2.40 37.63 -9.67
N GLY D 389 -2.40 38.25 -8.49
CA GLY D 389 -1.29 38.15 -7.56
C GLY D 389 -1.26 36.75 -6.97
N ASN D 390 -0.07 36.18 -6.77
CA ASN D 390 0.01 34.75 -6.50
C ASN D 390 1.01 34.22 -5.47
N PRO D 391 0.81 32.98 -5.06
CA PRO D 391 1.62 32.34 -4.03
C PRO D 391 3.03 32.08 -4.50
N PRO D 392 4.01 31.98 -3.50
CA PRO D 392 5.35 31.72 -4.03
C PRO D 392 5.62 30.25 -3.81
N PRO D 393 6.52 29.65 -4.58
CA PRO D 393 6.63 28.19 -4.53
C PRO D 393 7.07 27.65 -3.18
N ILE D 394 6.33 26.64 -2.71
CA ILE D 394 6.59 25.97 -1.46
C ILE D 394 6.91 24.51 -1.71
N TYR D 395 8.03 24.04 -1.16
CA TYR D 395 8.37 22.65 -1.25
C TYR D 395 7.41 21.73 -0.53
N VAL D 396 7.08 22.05 0.72
CA VAL D 396 6.31 21.16 1.59
C VAL D 396 4.90 20.86 1.12
N GLY D 397 4.22 21.86 0.58
CA GLY D 397 2.89 21.70 0.05
C GLY D 397 1.85 21.64 1.16
N SER D 398 2.35 21.53 2.39
CA SER D 398 1.56 21.77 3.59
C SER D 398 1.92 23.16 4.16
N SER D 399 3.17 23.50 4.01
CA SER D 399 3.73 24.75 4.48
C SER D 399 3.25 25.84 3.55
N PRO D 400 3.40 27.12 3.91
CA PRO D 400 3.89 27.60 5.21
C PRO D 400 2.80 27.79 6.23
N THR D 401 1.62 28.25 5.85
CA THR D 401 0.63 28.68 6.82
C THR D 401 0.19 27.60 7.79
N LEU D 402 -0.05 26.40 7.32
CA LEU D 402 -0.50 25.35 8.22
C LEU D 402 0.54 25.23 9.30
N LYS D 403 1.78 25.43 8.89
CA LYS D 403 2.90 25.38 9.81
C LYS D 403 2.72 26.46 10.85
N ASN D 404 2.24 27.63 10.44
CA ASN D 404 2.09 28.71 11.40
C ASN D 404 0.97 28.48 12.35
N TYR D 405 -0.14 27.96 11.87
CA TYR D 405 -1.23 27.59 12.77
C TYR D 405 -0.73 26.63 13.84
N VAL D 406 0.04 25.62 13.46
CA VAL D 406 0.49 24.65 14.45
C VAL D 406 1.40 25.32 15.47
N ARG D 407 2.26 26.24 15.03
CA ARG D 407 3.09 26.98 15.99
C ARG D 407 2.24 27.72 17.04
N VAL D 408 1.25 28.50 16.60
CA VAL D 408 0.40 29.20 17.55
C VAL D 408 -0.27 28.22 18.51
N VAL D 409 -0.87 27.14 17.98
CA VAL D 409 -1.63 26.20 18.81
C VAL D 409 -0.72 25.58 19.86
N GLU D 410 0.41 25.04 19.43
CA GLU D 410 1.23 24.24 20.32
C GLU D 410 1.65 25.05 21.55
N VAL D 411 1.97 26.34 21.35
CA VAL D 411 2.49 27.15 22.45
C VAL D 411 1.33 27.71 23.31
N TRP D 412 0.20 28.04 22.70
CA TRP D 412 -0.81 28.81 23.39
C TRP D 412 -2.03 27.99 23.80
N TRP D 413 -2.50 27.11 22.93
CA TRP D 413 -3.76 26.39 23.10
C TRP D 413 -3.86 25.38 24.24
N ASP D 414 -2.73 24.84 24.67
CA ASP D 414 -2.77 23.92 25.78
C ASP D 414 -3.60 22.68 25.43
N GLU D 415 -4.55 22.32 26.27
CA GLU D 415 -5.31 21.09 26.13
C GLU D 415 -6.04 21.10 24.83
N TYR D 416 -6.38 22.27 24.38
CA TYR D 416 -7.20 22.43 23.20
C TYR D 416 -6.53 21.92 21.93
N LYS D 417 -5.21 21.81 21.91
CA LYS D 417 -4.57 21.46 20.66
C LYS D 417 -5.28 20.24 20.10
N ASP D 418 -5.91 19.48 20.97
CA ASP D 418 -6.69 18.33 20.57
C ASP D 418 -7.86 18.70 19.65
N TYR D 419 -8.56 19.79 19.91
CA TYR D 419 -9.63 20.21 19.02
C TYR D 419 -9.07 20.63 17.67
N PHE D 420 -7.94 21.33 17.68
CA PHE D 420 -7.33 21.75 16.42
C PHE D 420 -6.93 20.55 15.60
N TYR D 421 -6.23 19.61 16.21
CA TYR D 421 -5.74 18.47 15.48
C TYR D 421 -6.87 17.65 14.93
N ALA D 422 -7.96 17.57 15.67
CA ALA D 422 -9.11 16.84 15.20
C ALA D 422 -9.64 17.46 13.94
N SER D 423 -9.69 18.78 13.94
CA SER D 423 -10.12 19.53 12.77
C SER D 423 -9.18 19.38 11.60
N ARG D 424 -7.89 19.34 11.90
CA ARG D 424 -6.86 19.25 10.90
C ARG D 424 -5.90 18.12 11.19
N PRO D 425 -6.41 16.84 10.92
CA PRO D 425 -5.49 15.76 11.28
C PRO D 425 -4.23 15.85 10.48
N GLU D 426 -4.36 16.27 9.24
CA GLU D 426 -3.26 16.24 8.29
C GLU D 426 -2.13 17.12 8.80
N SER D 427 -2.48 18.06 9.65
CA SER D 427 -1.55 18.98 10.25
C SER D 427 -0.68 18.32 11.29
N GLN D 428 -1.03 17.10 11.66
CA GLN D 428 -0.56 16.51 12.90
C GLN D 428 0.94 16.33 13.06
N ALA D 429 1.62 15.82 12.04
CA ALA D 429 3.04 15.55 12.20
C ALA D 429 3.77 16.31 11.15
N LEU D 430 3.68 17.61 11.29
CA LEU D 430 4.22 18.55 10.36
C LEU D 430 5.34 19.13 11.12
N PRO D 431 6.49 19.21 10.51
CA PRO D 431 7.66 19.81 11.18
C PRO D 431 7.47 21.29 11.54
N TYR D 432 6.84 21.63 12.68
CA TYR D 432 6.46 23.04 12.94
C TYR D 432 7.63 23.90 13.43
N GLY D 433 8.76 23.31 13.75
CA GLY D 433 9.98 24.07 13.97
C GLY D 433 10.26 24.32 15.43
N ASP D 434 11.26 25.14 15.70
CA ASP D 434 11.70 25.34 17.06
C ASP D 434 10.85 26.40 17.71
N ILE D 435 10.13 26.03 18.76
CA ILE D 435 9.32 26.96 19.54
C ILE D 435 9.78 27.04 20.97
N SER D 436 11.03 26.67 21.22
CA SER D 436 11.52 26.62 22.58
C SER D 436 11.49 27.97 23.23
N GLU D 437 11.91 28.99 22.51
CA GLU D 437 11.98 30.34 23.07
C GLU D 437 10.61 30.87 23.45
N LEU D 438 9.65 30.58 22.60
CA LEU D 438 8.27 31.00 22.73
C LEU D 438 7.57 30.29 23.89
N LYS D 439 7.88 29.02 24.12
CA LYS D 439 7.32 28.37 25.29
C LYS D 439 7.95 28.91 26.59
N LYS D 440 9.26 29.19 26.56
CA LYS D 440 9.91 29.74 27.74
C LYS D 440 9.38 31.11 28.06
N PHE D 441 9.13 31.92 27.04
CA PHE D 441 8.50 33.22 27.27
C PHE D 441 7.25 33.06 28.09
N ARG D 442 6.33 32.21 27.62
CA ARG D 442 5.06 32.01 28.29
C ARG D 442 5.25 31.59 29.73
N GLU D 443 6.24 30.73 29.99
CA GLU D 443 6.50 30.27 31.34
C GLU D 443 7.19 31.33 32.19
N ASP D 444 8.12 32.10 31.61
CA ASP D 444 8.80 33.10 32.42
C ASP D 444 7.82 34.17 32.88
N HIS D 445 6.88 34.57 32.03
CA HIS D 445 5.92 35.57 32.44
C HIS D 445 4.69 34.98 33.13
N ASN D 446 4.72 33.73 33.54
CA ASN D 446 3.64 33.12 34.33
C ASN D 446 2.27 33.32 33.68
N CYS D 447 2.24 33.25 32.35
CA CYS D 447 1.02 33.56 31.60
C CYS D 447 -0.10 32.57 31.94
N LYS D 448 -1.32 33.07 31.91
CA LYS D 448 -2.52 32.32 32.23
C LYS D 448 -2.83 31.25 31.22
N SER D 449 -3.55 30.23 31.68
CA SER D 449 -3.88 29.10 30.86
C SER D 449 -4.88 29.44 29.78
N PHE D 450 -4.84 28.71 28.69
CA PHE D 450 -5.81 28.85 27.64
C PHE D 450 -7.18 28.50 28.21
N LYS D 451 -7.22 27.55 29.12
CA LYS D 451 -8.47 27.17 29.73
C LYS D 451 -9.09 28.33 30.47
N TRP D 452 -8.29 29.11 31.18
CA TRP D 452 -8.81 30.31 31.80
C TRP D 452 -9.31 31.24 30.71
N PHE D 453 -8.54 31.38 29.65
CA PHE D 453 -8.90 32.29 28.57
C PHE D 453 -10.27 31.94 28.01
N MET D 454 -10.53 30.64 27.86
CA MET D 454 -11.69 30.20 27.10
C MET D 454 -12.94 30.30 27.96
N GLU D 455 -12.77 30.35 29.28
CA GLU D 455 -13.93 30.44 30.13
C GLU D 455 -14.14 31.82 30.73
N GLU D 456 -13.11 32.66 30.79
CA GLU D 456 -13.34 33.99 31.34
C GLU D 456 -13.54 35.02 30.24
N ILE D 457 -12.71 35.03 29.19
CA ILE D 457 -12.80 36.10 28.22
C ILE D 457 -13.38 35.67 26.87
N ALA D 458 -13.27 34.39 26.47
CA ALA D 458 -13.81 33.93 25.18
C ALA D 458 -14.87 32.85 25.34
N TYR D 459 -15.74 33.04 26.34
CA TYR D 459 -16.84 32.14 26.67
C TYR D 459 -17.81 31.89 25.53
N ASP D 460 -17.98 32.81 24.59
CA ASP D 460 -19.07 32.67 23.61
C ASP D 460 -18.68 31.89 22.37
N ILE D 461 -17.40 31.58 22.17
CA ILE D 461 -16.98 30.93 20.92
C ILE D 461 -17.63 29.56 20.77
N THR D 462 -17.55 28.74 21.79
CA THR D 462 -18.04 27.39 21.69
C THR D 462 -19.51 27.41 21.40
N SER D 463 -20.15 28.50 21.77
CA SER D 463 -21.56 28.64 21.52
C SER D 463 -21.91 28.65 20.04
N HIS D 464 -21.11 29.35 19.24
CA HIS D 464 -21.33 29.39 17.80
C HIS D 464 -20.50 28.37 17.03
N TYR D 465 -19.40 27.96 17.62
CA TYR D 465 -18.44 27.09 16.96
C TYR D 465 -18.08 25.95 17.86
N PRO D 466 -18.91 24.91 17.87
CA PRO D 466 -18.80 23.90 18.90
C PRO D 466 -17.56 23.05 18.78
N LEU D 467 -17.09 22.53 19.91
CA LEU D 467 -15.90 21.73 19.93
C LEU D 467 -16.14 20.52 19.08
N PRO D 468 -15.02 20.11 18.34
CA PRO D 468 -15.31 19.00 17.44
C PRO D 468 -15.15 17.64 18.08
N PRO D 469 -15.92 16.62 17.50
CA PRO D 469 -15.62 15.29 18.06
C PRO D 469 -14.29 14.72 17.64
N LYS D 470 -13.68 13.89 18.48
CA LYS D 470 -12.41 13.27 18.13
C LYS D 470 -12.53 12.55 16.79
N ASN D 471 -11.39 12.17 16.22
CA ASN D 471 -11.43 11.42 14.97
C ASN D 471 -11.32 9.92 15.19
N VAL D 472 -11.99 9.16 14.34
CA VAL D 472 -11.73 7.72 14.26
C VAL D 472 -10.61 7.43 13.27
N ASP D 473 -10.69 8.03 12.09
CA ASP D 473 -9.65 7.90 11.08
C ASP D 473 -9.71 9.10 10.15
N TRP D 474 -8.62 9.30 9.41
CA TRP D 474 -8.56 10.41 8.48
C TRP D 474 -7.59 10.02 7.37
N GLY D 475 -7.74 10.66 6.22
CA GLY D 475 -6.78 10.45 5.16
C GLY D 475 -7.46 10.34 3.82
N GLU D 476 -6.81 9.69 2.87
CA GLU D 476 -7.48 9.40 1.61
C GLU D 476 -8.49 8.30 1.81
N ILE D 477 -9.53 8.28 0.98
CA ILE D 477 -10.44 7.13 0.96
C ILE D 477 -10.20 6.39 -0.35
N ARG D 478 -9.29 5.41 -0.34
CA ARG D 478 -8.80 4.75 -1.56
C ARG D 478 -9.53 3.43 -1.81
N GLY D 479 -9.63 3.06 -3.08
CA GLY D 479 -10.23 1.77 -3.40
C GLY D 479 -9.31 0.62 -3.06
N PHE D 480 -9.82 -0.39 -2.32
CA PHE D 480 -8.98 -1.47 -1.83
C PHE D 480 -8.20 -2.12 -2.98
N GLU D 481 -6.86 -2.11 -2.87
CA GLU D 481 -5.97 -2.63 -3.90
C GLU D 481 -6.29 -2.04 -5.27
N THR D 482 -6.57 -0.74 -5.28
CA THR D 482 -6.77 0.06 -6.49
C THR D 482 -6.15 1.44 -6.36
N ALA D 483 -6.01 2.14 -7.48
CA ALA D 483 -5.39 3.46 -7.49
C ALA D 483 -6.37 4.60 -7.59
N TYR D 484 -7.65 4.34 -7.37
CA TYR D 484 -8.65 5.38 -7.45
C TYR D 484 -9.11 5.78 -6.07
N CYS D 485 -9.26 7.08 -5.85
CA CYS D 485 -9.64 7.57 -4.55
C CYS D 485 -10.85 8.44 -4.71
N ILE D 486 -11.66 8.51 -3.68
CA ILE D 486 -12.79 9.42 -3.69
C ILE D 486 -12.21 10.81 -3.67
N ASP D 487 -12.76 11.71 -4.46
CA ASP D 487 -12.30 13.08 -4.37
C ASP D 487 -13.42 14.05 -4.69
N SER D 488 -13.32 15.19 -4.00
CA SER D 488 -14.38 16.16 -3.87
C SER D 488 -14.58 16.94 -5.14
N MET D 489 -13.55 17.00 -5.98
CA MET D 489 -13.47 17.96 -7.07
C MET D 489 -13.58 19.39 -6.58
N GLY D 490 -13.25 19.63 -5.30
CA GLY D 490 -13.50 20.93 -4.70
C GLY D 490 -14.95 21.28 -4.47
N LYS D 491 -15.85 20.35 -4.73
CA LYS D 491 -17.29 20.57 -4.69
C LYS D 491 -17.75 20.88 -3.30
N THR D 492 -18.74 21.75 -3.18
CA THR D 492 -19.22 22.19 -1.89
C THR D 492 -20.71 22.28 -1.93
N ASN D 493 -21.31 22.24 -0.76
CA ASN D 493 -22.69 22.67 -0.57
C ASN D 493 -23.74 22.07 -1.49
N GLY D 494 -23.79 20.75 -1.59
CA GLY D 494 -24.71 20.08 -2.49
C GLY D 494 -24.16 19.54 -3.79
N GLY D 495 -22.86 19.69 -4.02
CA GLY D 495 -22.19 19.04 -5.12
C GLY D 495 -21.99 17.56 -4.88
N PHE D 496 -21.83 16.77 -5.93
CA PHE D 496 -21.65 15.34 -5.81
C PHE D 496 -20.19 14.92 -5.87
N VAL D 497 -19.84 13.98 -5.03
CA VAL D 497 -18.46 13.57 -4.86
C VAL D 497 -18.16 12.44 -5.86
N GLU D 498 -16.97 12.47 -6.45
CA GLU D 498 -16.65 11.55 -7.54
C GLU D 498 -15.43 10.71 -7.18
N LEU D 499 -15.03 9.86 -8.11
CA LEU D 499 -13.83 9.06 -7.97
C LEU D 499 -12.76 9.66 -8.88
N GLY D 500 -11.49 9.50 -8.52
CA GLY D 500 -10.42 9.95 -9.36
C GLY D 500 -9.13 9.23 -9.05
N PRO D 501 -8.13 9.35 -9.92
CA PRO D 501 -6.84 8.69 -9.66
C PRO D 501 -6.17 9.28 -8.43
N CYS D 502 -5.75 8.41 -7.52
CA CYS D 502 -5.14 8.83 -6.27
C CYS D 502 -3.82 9.55 -6.54
N HIS D 503 -3.61 10.64 -5.83
CA HIS D 503 -2.36 11.36 -5.88
C HIS D 503 -1.64 11.52 -4.55
N ARG D 504 -2.32 11.23 -3.45
CA ARG D 504 -1.72 11.21 -2.14
C ARG D 504 -1.25 12.55 -1.72
N MET D 505 -1.84 13.58 -2.30
CA MET D 505 -1.45 14.95 -2.04
C MET D 505 -2.36 15.62 -1.05
N GLY D 506 -3.25 14.86 -0.44
CA GLY D 506 -4.28 15.41 0.41
C GLY D 506 -5.25 16.28 -0.36
N GLY D 507 -5.50 17.48 0.11
CA GLY D 507 -6.38 18.37 -0.63
C GLY D 507 -7.83 17.91 -0.75
N ASN D 508 -8.31 17.72 -1.96
CA ASN D 508 -9.68 17.29 -2.14
C ASN D 508 -9.84 15.78 -2.11
N GLN D 509 -8.75 15.03 -1.90
CA GLN D 509 -8.83 13.59 -1.68
C GLN D 509 -8.55 13.22 -0.24
N LEU D 510 -8.82 14.13 0.69
CA LEU D 510 -8.57 13.94 2.12
C LEU D 510 -9.89 14.08 2.85
N PHE D 511 -10.14 13.19 3.78
CA PHE D 511 -11.38 13.17 4.51
C PHE D 511 -11.06 12.73 5.91
N ARG D 512 -11.98 12.95 6.83
CA ARG D 512 -11.82 12.44 8.18
C ARG D 512 -13.14 11.87 8.62
N ILE D 513 -13.11 10.96 9.58
CA ILE D 513 -14.36 10.47 10.12
C ILE D 513 -14.49 10.70 11.63
N ASN D 514 -15.61 11.28 12.02
CA ASN D 514 -15.97 11.62 13.38
C ASN D 514 -16.32 10.45 14.27
N GLU D 515 -16.02 10.58 15.56
CA GLU D 515 -16.59 9.70 16.53
C GLU D 515 -18.09 9.84 16.42
N ALA D 516 -18.53 11.02 16.05
CA ALA D 516 -19.96 11.34 15.91
C ALA D 516 -20.57 10.87 14.60
N ASN D 517 -19.84 10.05 13.83
CA ASN D 517 -20.34 9.40 12.61
C ASN D 517 -20.49 10.38 11.44
N GLN D 518 -19.72 11.46 11.44
CA GLN D 518 -19.72 12.40 10.32
C GLN D 518 -18.52 12.12 9.42
N LEU D 519 -18.76 12.04 8.12
CA LEU D 519 -17.68 11.98 7.13
C LEU D 519 -17.50 13.37 6.56
N MET D 520 -16.31 13.97 6.79
CA MET D 520 -16.10 15.41 6.60
C MET D 520 -14.86 15.74 5.80
N GLN D 521 -14.96 16.83 5.04
CA GLN D 521 -13.84 17.45 4.33
C GLN D 521 -13.96 18.93 4.61
N TYR D 522 -12.91 19.52 5.17
CA TYR D 522 -12.95 20.89 5.71
C TYR D 522 -14.17 21.03 6.60
N ASP D 523 -15.05 21.97 6.30
CA ASP D 523 -16.25 22.14 7.11
C ASP D 523 -17.46 21.36 6.61
N GLN D 524 -17.36 20.89 5.38
CA GLN D 524 -18.43 20.14 4.72
C GLN D 524 -18.55 18.71 5.20
N CYS D 525 -19.73 18.13 5.01
CA CYS D 525 -20.01 16.75 5.40
C CYS D 525 -20.54 15.98 4.19
N LEU D 526 -20.44 14.66 4.23
CA LEU D 526 -20.97 13.82 3.17
C LEU D 526 -22.24 13.12 3.65
N THR D 527 -23.29 13.15 2.84
CA THR D 527 -24.55 12.54 3.18
C THR D 527 -25.12 11.99 1.88
N LYS D 528 -26.39 11.63 1.92
CA LYS D 528 -27.05 10.96 0.83
C LYS D 528 -27.96 11.94 0.11
N GLY D 529 -27.66 12.20 -1.15
CA GLY D 529 -28.40 13.17 -1.92
C GLY D 529 -29.64 12.59 -2.55
N ALA D 530 -30.65 12.36 -1.73
CA ALA D 530 -31.91 11.86 -2.23
C ALA D 530 -32.54 12.91 -3.12
N ASP D 531 -33.27 12.50 -4.17
CA ASP D 531 -33.62 11.10 -4.39
C ASP D 531 -32.47 10.42 -5.08
N GLY D 532 -31.42 10.16 -4.31
CA GLY D 532 -30.21 9.66 -4.90
C GLY D 532 -29.57 8.51 -4.17
N SER D 533 -28.77 7.76 -4.91
CA SER D 533 -27.90 6.76 -4.37
C SER D 533 -26.56 7.44 -4.36
N LYS D 534 -26.60 8.75 -4.57
CA LYS D 534 -25.41 9.54 -4.86
C LYS D 534 -24.90 10.18 -3.59
N VAL D 535 -23.59 10.23 -3.42
CA VAL D 535 -23.01 10.84 -2.22
C VAL D 535 -22.69 12.30 -2.51
N MET D 536 -23.20 13.17 -1.65
CA MET D 536 -23.20 14.60 -1.85
C MET D 536 -22.44 15.29 -0.72
N ILE D 537 -21.88 16.47 -0.97
CA ILE D 537 -21.13 17.26 0.01
C ILE D 537 -21.91 18.54 0.35
N THR D 538 -22.14 18.81 1.63
CA THR D 538 -22.89 19.97 2.09
C THR D 538 -22.33 20.51 3.37
N HIS D 539 -22.73 21.70 3.74
CA HIS D 539 -22.29 22.26 4.99
C HIS D 539 -22.98 21.49 6.08
N CYS D 540 -22.27 21.13 7.13
CA CYS D 540 -22.91 20.37 8.19
C CYS D 540 -22.76 20.96 9.59
N ASN D 541 -23.70 20.56 10.45
CA ASN D 541 -23.82 21.07 11.80
C ASN D 541 -23.82 19.93 12.77
N LEU D 542 -23.49 20.23 14.00
CA LEU D 542 -22.89 19.27 14.89
C LEU D 542 -23.69 17.99 14.96
N ASN D 543 -24.97 18.08 14.74
CA ASN D 543 -25.79 16.90 14.87
C ASN D 543 -26.40 16.47 13.55
N GLU D 544 -25.80 16.96 12.49
CA GLU D 544 -26.31 16.75 11.16
C GLU D 544 -25.44 15.79 10.42
N PHE D 545 -26.08 14.87 9.76
CA PHE D 545 -25.45 13.88 8.90
C PHE D 545 -24.55 12.91 9.63
N LYS D 546 -25.00 12.49 10.80
CA LYS D 546 -24.35 11.46 11.61
C LYS D 546 -24.74 10.08 11.06
N GLU D 547 -24.13 9.74 9.92
CA GLU D 547 -24.71 8.62 9.18
C GLU D 547 -23.70 7.67 8.54
N TRP D 548 -22.42 7.77 8.85
CA TRP D 548 -21.43 6.84 8.34
C TRP D 548 -20.78 6.10 9.51
N GLN D 549 -20.47 4.84 9.31
CA GLN D 549 -19.58 4.16 10.22
C GLN D 549 -18.52 3.52 9.37
N TYR D 550 -17.27 3.62 9.80
CA TYR D 550 -16.20 3.07 9.02
C TYR D 550 -15.55 1.91 9.73
N PHE D 551 -15.50 0.75 9.07
CA PHE D 551 -14.85 -0.38 9.66
C PHE D 551 -13.53 -0.58 8.94
N LYS D 552 -12.42 -0.37 9.62
CA LYS D 552 -11.14 -0.43 8.97
C LYS D 552 -10.83 -1.81 8.46
N ASN D 553 -11.06 -2.82 9.28
CA ASN D 553 -10.76 -4.20 8.93
C ASN D 553 -11.63 -4.79 7.83
N LEU D 554 -12.90 -4.46 7.89
CA LEU D 554 -13.88 -4.89 6.92
C LEU D 554 -13.50 -4.30 5.60
N HIS D 555 -12.98 -3.08 5.67
CA HIS D 555 -12.75 -2.30 4.48
C HIS D 555 -14.06 -1.73 4.04
N ARG D 556 -14.98 -1.55 4.98
CA ARG D 556 -16.32 -1.14 4.65
C ARG D 556 -16.68 0.21 5.27
N PHE D 557 -17.17 1.13 4.44
CA PHE D 557 -17.95 2.26 4.90
C PHE D 557 -19.40 1.89 4.71
N THR D 558 -20.21 2.08 5.74
CA THR D 558 -21.62 1.77 5.57
C THR D 558 -22.45 2.97 6.00
N HIS D 559 -23.44 3.31 5.18
CA HIS D 559 -24.49 4.28 5.49
C HIS D 559 -25.38 3.75 6.58
N ILE D 560 -25.61 4.56 7.61
CA ILE D 560 -26.33 4.01 8.76
C ILE D 560 -27.84 4.02 8.57
N PRO D 561 -28.50 5.10 7.99
CA PRO D 561 -29.97 5.08 7.85
C PRO D 561 -30.51 4.05 6.87
N SER D 562 -29.96 3.97 5.67
CA SER D 562 -30.19 2.78 4.89
C SER D 562 -29.33 1.68 5.50
N GLY D 563 -29.31 0.51 4.87
CA GLY D 563 -28.26 -0.46 5.16
C GLY D 563 -27.04 -0.32 4.28
N LYS D 564 -26.98 0.67 3.39
CA LYS D 564 -26.19 0.51 2.19
C LYS D 564 -24.71 0.76 2.44
N CYS D 565 -23.91 0.17 1.58
CA CYS D 565 -22.45 0.24 1.62
C CYS D 565 -21.98 1.28 0.60
N LEU D 566 -20.86 1.91 0.90
CA LEU D 566 -20.25 2.76 -0.11
C LEU D 566 -19.74 1.90 -1.25
N ASP D 567 -19.96 2.40 -2.46
CA ASP D 567 -19.70 1.68 -3.69
C ASP D 567 -19.25 2.66 -4.75
N ARG D 568 -18.60 2.15 -5.78
CA ARG D 568 -18.11 2.97 -6.87
C ARG D 568 -18.09 2.15 -8.15
N SER D 569 -18.01 2.84 -9.28
CA SER D 569 -17.78 2.19 -10.54
C SER D 569 -16.46 2.72 -11.06
N GLU D 570 -15.50 1.86 -11.38
CA GLU D 570 -14.23 2.42 -11.84
C GLU D 570 -14.30 3.35 -13.07
N VAL D 571 -15.13 3.00 -14.03
CA VAL D 571 -15.54 3.91 -15.08
C VAL D 571 -17.04 3.79 -15.19
N LEU D 572 -17.80 4.87 -15.16
CA LEU D 572 -17.34 6.23 -15.07
C LEU D 572 -16.85 6.45 -13.66
N HIS D 573 -16.22 7.58 -13.42
CA HIS D 573 -15.60 7.79 -12.14
C HIS D 573 -16.70 8.18 -11.19
N GLN D 574 -17.43 7.18 -10.71
CA GLN D 574 -18.63 7.42 -9.93
C GLN D 574 -18.64 6.75 -8.57
N VAL D 575 -19.13 7.47 -7.58
CA VAL D 575 -19.24 7.01 -6.19
C VAL D 575 -20.69 7.10 -5.76
N PHE D 576 -21.22 6.00 -5.22
CA PHE D 576 -22.63 5.86 -4.84
C PHE D 576 -22.73 4.91 -3.65
N ILE D 577 -23.96 4.70 -3.13
CA ILE D 577 -24.22 3.67 -2.12
C ILE D 577 -25.22 2.65 -2.67
N SER D 578 -24.91 1.38 -2.46
CA SER D 578 -25.71 0.27 -2.97
C SER D 578 -25.87 -0.76 -1.87
N ASN D 579 -26.76 -1.72 -2.07
CA ASN D 579 -26.96 -2.79 -1.10
C ASN D 579 -25.69 -3.62 -0.95
N CYS D 580 -25.25 -3.77 0.28
CA CYS D 580 -23.94 -4.28 0.46
C CYS D 580 -23.98 -5.66 -0.16
N ASP D 581 -23.02 -5.96 -1.00
CA ASP D 581 -22.96 -7.24 -1.67
C ASP D 581 -21.54 -7.75 -1.64
N SER D 582 -20.88 -7.61 -0.51
CA SER D 582 -19.48 -7.95 -0.45
C SER D 582 -19.36 -9.40 -0.85
N SER D 583 -18.49 -9.71 -1.80
CA SER D 583 -17.75 -8.73 -2.58
C SER D 583 -18.16 -8.92 -4.02
N LYS D 584 -18.45 -7.84 -4.75
CA LYS D 584 -18.28 -6.42 -4.39
C LYS D 584 -16.93 -5.86 -3.97
N THR D 585 -15.93 -6.05 -4.80
CA THR D 585 -14.64 -5.44 -4.59
C THR D 585 -14.79 -3.92 -4.61
N THR D 586 -15.80 -3.45 -5.32
CA THR D 586 -16.08 -2.04 -5.45
C THR D 586 -16.42 -1.39 -4.13
N GLN D 587 -16.92 -2.19 -3.19
CA GLN D 587 -17.28 -1.69 -1.86
C GLN D 587 -16.21 -1.81 -0.79
N LYS D 588 -15.00 -2.26 -1.13
CA LYS D 588 -13.92 -2.33 -0.17
C LYS D 588 -13.06 -1.06 -0.30
N TRP D 589 -12.82 -0.39 0.83
CA TRP D 589 -12.07 0.85 0.91
C TRP D 589 -11.06 0.79 2.04
N GLU D 590 -9.89 1.37 1.85
CA GLU D 590 -9.04 1.70 2.98
C GLU D 590 -9.12 3.20 3.23
N MET D 591 -8.73 3.63 4.43
CA MET D 591 -8.48 5.04 4.72
C MET D 591 -7.04 5.21 5.20
N ASN D 592 -6.26 6.04 4.52
CA ASN D 592 -4.84 6.08 4.82
C ASN D 592 -4.42 7.52 5.13
N ASN D 593 -3.63 7.75 6.17
CA ASN D 593 -3.13 9.09 6.46
C ASN D 593 -2.16 9.63 5.42
N ILE D 594 -2.35 10.88 5.03
CA ILE D 594 -1.53 11.51 4.01
C ILE D 594 -0.15 12.02 4.44
N HIS D 595 -0.04 12.59 5.63
CA HIS D 595 1.28 12.91 6.15
C HIS D 595 2.13 13.77 5.23
N SER D 596 1.54 14.82 4.70
CA SER D 596 2.29 15.76 3.87
C SER D 596 3.40 16.36 4.73
N VAL D 597 4.55 16.62 4.13
CA VAL D 597 5.68 17.16 4.87
C VAL D 597 5.68 18.69 4.84
N TYR E 52 -38.58 -32.22 11.03
CA TYR E 52 -38.91 -31.40 9.88
C TYR E 52 -38.61 -29.94 10.17
N LEU E 53 -38.66 -29.57 11.45
CA LEU E 53 -38.47 -28.20 11.88
C LEU E 53 -37.03 -27.76 11.74
N THR E 54 -36.82 -26.45 11.56
CA THR E 54 -35.49 -25.91 11.31
C THR E 54 -35.25 -24.61 12.05
N PHE E 55 -33.98 -24.28 12.27
CA PHE E 55 -33.61 -22.99 12.83
C PHE E 55 -33.58 -21.93 11.74
N LYS E 56 -33.84 -20.69 12.11
CA LYS E 56 -33.86 -19.63 11.13
C LYS E 56 -32.47 -19.53 10.56
N PRO E 57 -32.39 -19.25 9.27
CA PRO E 57 -31.13 -19.20 8.53
C PRO E 57 -30.30 -17.98 8.86
N GLN E 58 -29.02 -18.01 8.52
CA GLN E 58 -28.11 -16.96 8.93
C GLN E 58 -28.02 -15.84 7.90
N THR E 59 -28.64 -14.72 8.23
CA THR E 59 -28.60 -13.47 7.47
C THR E 59 -27.28 -12.72 7.37
N PHE E 60 -26.55 -12.53 8.42
CA PHE E 60 -25.52 -11.60 8.12
C PHE E 60 -24.17 -12.24 7.97
N THR E 61 -23.59 -12.03 6.81
CA THR E 61 -22.30 -12.61 6.56
C THR E 61 -21.34 -11.95 7.54
N TYR E 62 -20.51 -12.76 8.17
CA TYR E 62 -19.44 -12.25 8.99
C TYR E 62 -18.25 -13.07 8.61
N HIS E 63 -17.07 -12.47 8.70
CA HIS E 63 -15.89 -13.15 8.26
C HIS E 63 -15.03 -13.49 9.45
N ASP E 64 -14.61 -14.73 9.51
CA ASP E 64 -13.77 -15.21 10.60
C ASP E 64 -12.53 -14.34 10.72
N PRO E 65 -12.03 -14.12 11.93
CA PRO E 65 -10.88 -13.22 12.04
C PRO E 65 -9.57 -13.83 11.56
N VAL E 66 -8.58 -12.99 11.41
CA VAL E 66 -7.29 -13.37 10.83
C VAL E 66 -6.19 -13.10 11.84
N LEU E 67 -5.24 -14.01 11.95
CA LEU E 67 -4.13 -13.78 12.86
C LEU E 67 -2.97 -13.21 12.09
N ARG E 68 -2.51 -12.04 12.48
CA ARG E 68 -1.36 -11.45 11.85
C ARG E 68 -0.27 -11.28 12.88
N PRO E 69 0.66 -12.23 12.95
CA PRO E 69 1.69 -12.17 13.98
C PRO E 69 2.53 -10.94 13.84
N GLY E 70 2.79 -10.29 14.95
CA GLY E 70 3.66 -9.13 15.00
C GLY E 70 2.91 -7.86 14.69
N ILE E 71 1.66 -7.98 14.29
CA ILE E 71 0.86 -6.80 14.09
C ILE E 71 -0.25 -6.79 15.10
N LEU E 72 -0.25 -5.75 15.90
CA LEU E 72 -1.18 -5.64 17.00
C LEU E 72 -2.49 -5.13 16.50
N GLY E 73 -3.50 -5.14 17.36
CA GLY E 73 -4.78 -4.49 17.08
C GLY E 73 -5.71 -5.58 16.70
N ASN E 74 -6.89 -5.28 16.16
CA ASN E 74 -7.45 -3.96 16.08
C ASN E 74 -8.30 -3.68 17.28
N PHE E 75 -8.64 -4.73 18.02
CA PHE E 75 -9.44 -4.59 19.21
C PHE E 75 -8.57 -4.57 20.44
N GLU E 76 -7.26 -4.75 20.31
CA GLU E 76 -6.40 -4.67 21.50
C GLU E 76 -6.26 -3.23 21.90
N PRO E 77 -6.28 -2.93 23.20
CA PRO E 77 -6.22 -1.51 23.57
C PRO E 77 -4.89 -0.97 23.13
N LYS E 78 -4.88 0.25 22.66
CA LYS E 78 -3.66 0.90 22.23
C LYS E 78 -2.71 1.16 23.40
N GLU E 79 -3.24 1.58 24.53
CA GLU E 79 -2.41 2.02 25.64
C GLU E 79 -2.72 1.27 26.91
N PRO E 80 -1.68 1.25 27.85
CA PRO E 80 -2.02 0.49 29.06
C PRO E 80 -3.20 1.12 29.73
N GLU E 81 -4.06 0.27 30.26
CA GLU E 81 -5.29 0.65 30.90
C GLU E 81 -5.04 1.45 32.15
N PRO E 82 -5.72 2.58 32.26
CA PRO E 82 -5.54 3.47 33.40
C PRO E 82 -6.06 2.89 34.68
N PRO E 83 -5.21 3.03 35.78
CA PRO E 83 -5.74 2.41 37.00
C PRO E 83 -6.88 3.24 37.52
N GLY E 84 -7.81 2.63 38.24
CA GLY E 84 -8.84 3.37 38.91
C GLY E 84 -8.29 4.25 40.00
N VAL E 85 -7.32 3.73 40.73
CA VAL E 85 -6.61 4.46 41.75
C VAL E 85 -5.15 4.16 41.55
N VAL E 86 -4.29 5.15 41.74
CA VAL E 86 -2.89 4.91 41.52
C VAL E 86 -2.15 5.02 42.84
N GLY E 87 -1.55 3.94 43.31
CA GLY E 87 -1.75 2.61 42.78
C GLY E 87 -2.12 1.73 43.94
N GLY E 88 -2.89 0.69 43.70
CA GLY E 88 -3.32 -0.20 44.76
C GLY E 88 -4.49 0.59 45.30
N PRO E 89 -5.23 0.02 46.23
CA PRO E 89 -5.11 -1.40 46.54
C PRO E 89 -5.74 -2.19 45.42
N GLY E 90 -5.25 -3.39 45.15
CA GLY E 90 -5.89 -4.21 44.16
C GLY E 90 -5.60 -4.04 42.69
N GLU E 91 -4.58 -3.29 42.32
CA GLU E 91 -4.21 -3.18 40.91
C GLU E 91 -2.77 -3.60 40.74
N LYS E 92 -2.38 -4.03 39.56
CA LYS E 92 -3.32 -4.41 38.56
C LYS E 92 -3.53 -5.84 38.95
N ALA E 93 -4.45 -6.05 39.86
CA ALA E 93 -4.69 -7.35 40.44
C ALA E 93 -3.55 -7.88 41.26
N LYS E 94 -2.74 -7.01 41.84
CA LYS E 94 -1.84 -7.45 42.87
C LYS E 94 -2.66 -7.91 44.05
N PRO E 95 -2.23 -9.11 44.65
CA PRO E 95 -3.07 -9.52 45.79
C PRO E 95 -3.08 -8.57 46.97
N LEU E 96 -4.23 -8.44 47.61
CA LEU E 96 -4.41 -7.54 48.74
C LEU E 96 -4.43 -8.35 50.00
N VAL E 97 -3.46 -8.09 50.87
CA VAL E 97 -3.32 -8.87 52.08
C VAL E 97 -3.45 -7.92 53.26
N LEU E 98 -4.44 -8.17 54.12
CA LEU E 98 -4.82 -7.27 55.22
C LEU E 98 -4.40 -7.83 56.57
N GLY E 99 -5.01 -7.31 57.64
CA GLY E 99 -5.00 -7.96 58.94
C GLY E 99 -3.71 -7.71 59.68
N PRO E 100 -3.66 -8.14 60.93
CA PRO E 100 -4.77 -8.73 61.67
C PRO E 100 -5.72 -7.70 62.22
N GLU E 101 -5.40 -6.41 62.09
CA GLU E 101 -6.35 -5.42 62.56
C GLU E 101 -7.70 -5.60 61.87
N PHE E 102 -7.72 -6.17 60.69
CA PHE E 102 -8.98 -6.30 60.00
C PHE E 102 -9.66 -7.63 60.21
N LYS E 103 -9.06 -8.50 61.00
CA LYS E 103 -9.48 -9.88 61.05
C LYS E 103 -10.91 -10.13 61.51
N GLN E 104 -11.34 -9.41 62.53
CA GLN E 104 -12.71 -9.60 63.02
C GLN E 104 -13.71 -9.18 61.98
N ALA E 105 -13.45 -8.04 61.34
CA ALA E 105 -14.32 -7.52 60.33
C ALA E 105 -14.36 -8.42 59.12
N ILE E 106 -13.21 -8.95 58.75
CA ILE E 106 -13.11 -9.81 57.58
C ILE E 106 -13.92 -11.07 57.75
N GLN E 107 -13.82 -11.68 58.91
CA GLN E 107 -14.59 -12.88 59.21
C GLN E 107 -16.09 -12.60 59.28
N ALA E 108 -16.50 -11.44 59.78
CA ALA E 108 -17.91 -11.08 59.75
C ALA E 108 -18.44 -11.08 58.32
N SER E 109 -17.79 -10.31 57.43
CA SER E 109 -18.28 -10.19 56.06
C SER E 109 -18.24 -11.53 55.33
N ILE E 110 -17.29 -12.37 55.67
CA ILE E 110 -17.24 -13.67 55.05
C ILE E 110 -18.48 -14.45 55.41
N LYS E 111 -18.93 -14.34 56.65
CA LYS E 111 -20.13 -15.03 57.07
C LYS E 111 -21.34 -14.53 56.32
N GLU E 112 -21.47 -13.22 56.18
CA GLU E 112 -22.57 -12.65 55.42
C GLU E 112 -22.55 -12.95 53.94
N PHE E 113 -21.41 -12.77 53.30
CA PHE E 113 -21.34 -12.89 51.85
C PHE E 113 -20.57 -14.06 51.29
N GLY E 114 -19.72 -14.66 52.08
CA GLY E 114 -18.89 -15.75 51.60
C GLY E 114 -17.69 -15.24 50.84
N PHE E 115 -17.57 -13.93 50.79
CA PHE E 115 -16.46 -13.27 50.15
C PHE E 115 -15.89 -12.32 51.16
N ASN E 116 -14.63 -12.00 51.01
CA ASN E 116 -14.01 -11.08 51.92
C ASN E 116 -14.37 -9.71 51.41
N MET E 117 -15.51 -9.24 51.89
CA MET E 117 -16.05 -7.95 51.48
C MET E 117 -15.19 -6.78 51.90
N VAL E 118 -14.58 -6.87 53.07
CA VAL E 118 -13.78 -5.75 53.54
C VAL E 118 -12.64 -5.47 52.60
N ALA E 119 -11.99 -6.50 52.08
CA ALA E 119 -10.95 -6.33 51.08
C ALA E 119 -11.54 -5.84 49.77
N SER E 120 -12.60 -6.47 49.30
CA SER E 120 -13.25 -5.98 48.09
C SER E 120 -13.68 -4.52 48.22
N ASP E 121 -14.13 -4.11 49.43
CA ASP E 121 -14.63 -2.76 49.58
C ASP E 121 -13.56 -1.71 49.38
N MET E 122 -12.27 -2.04 49.58
CA MET E 122 -11.22 -1.05 49.37
C MET E 122 -10.52 -1.19 48.03
N ILE E 123 -10.99 -2.06 47.15
CA ILE E 123 -10.47 -2.12 45.79
C ILE E 123 -11.37 -1.33 44.86
N SER E 124 -10.78 -0.61 43.93
CA SER E 124 -11.55 0.24 43.02
C SER E 124 -12.60 -0.57 42.26
N LEU E 125 -13.78 0.01 42.10
CA LEU E 125 -14.73 -0.53 41.14
C LEU E 125 -14.19 -0.48 39.72
N ASP E 126 -13.22 0.38 39.46
CA ASP E 126 -12.65 0.53 38.12
C ASP E 126 -11.22 0.03 38.03
N ARG E 127 -10.85 -0.90 38.89
CA ARG E 127 -9.46 -1.32 38.98
C ARG E 127 -8.97 -1.99 37.73
N SER E 128 -7.71 -1.77 37.41
CA SER E 128 -7.04 -2.49 36.35
C SER E 128 -6.74 -3.89 36.80
N VAL E 129 -6.66 -4.82 35.86
CA VAL E 129 -6.41 -6.20 36.15
C VAL E 129 -5.37 -6.78 35.21
N ASN E 130 -4.74 -7.86 35.65
CA ASN E 130 -3.71 -8.59 34.93
C ASN E 130 -4.22 -9.33 33.70
N ASP E 131 -3.32 -9.62 32.78
CA ASP E 131 -3.69 -10.27 31.54
C ASP E 131 -3.26 -11.73 31.53
N LEU E 132 -4.22 -12.63 31.58
CA LEU E 132 -3.89 -14.04 31.60
C LEU E 132 -3.91 -14.65 30.21
N ARG E 133 -4.40 -13.90 29.24
CA ARG E 133 -4.54 -14.39 27.88
C ARG E 133 -3.17 -14.55 27.25
N GLN E 134 -3.04 -15.57 26.42
CA GLN E 134 -1.78 -15.84 25.73
C GLN E 134 -1.51 -14.78 24.70
N GLU E 135 -0.24 -14.51 24.45
CA GLU E 135 0.15 -13.38 23.65
C GLU E 135 -0.47 -13.40 22.29
N GLU E 136 -0.60 -14.57 21.71
CA GLU E 136 -1.00 -14.69 20.32
C GLU E 136 -2.35 -14.05 20.25
N CYS E 137 -3.03 -14.00 21.37
CA CYS E 137 -4.38 -13.46 21.42
C CYS E 137 -4.40 -12.00 20.97
N LYS E 138 -3.32 -11.31 21.24
CA LYS E 138 -3.18 -9.90 20.95
C LYS E 138 -3.18 -9.60 19.46
N TYR E 139 -2.80 -10.59 18.67
CA TYR E 139 -2.62 -10.40 17.24
C TYR E 139 -3.77 -10.80 16.32
N TRP E 140 -4.90 -11.19 16.88
CA TRP E 140 -6.08 -11.42 16.07
C TRP E 140 -6.69 -10.13 15.59
N HIS E 141 -7.13 -10.09 14.34
CA HIS E 141 -7.80 -8.92 13.80
C HIS E 141 -9.24 -9.26 13.47
N TYR E 142 -10.18 -8.55 14.05
CA TYR E 142 -11.58 -8.90 13.87
C TYR E 142 -12.30 -7.87 13.03
N ASP E 143 -13.18 -8.33 12.18
CA ASP E 143 -14.03 -7.43 11.43
C ASP E 143 -14.89 -6.80 12.47
N GLU E 144 -15.34 -5.59 12.21
CA GLU E 144 -16.01 -4.75 13.19
C GLU E 144 -17.49 -4.99 13.18
N ASN E 145 -17.89 -6.02 12.47
CA ASN E 145 -19.25 -6.27 12.07
C ASN E 145 -20.07 -6.93 13.15
N LEU E 146 -19.47 -7.14 14.30
CA LEU E 146 -20.04 -8.06 15.30
C LEU E 146 -21.44 -7.69 15.71
N LEU E 147 -22.14 -8.62 16.34
CA LEU E 147 -23.47 -8.36 16.86
C LEU E 147 -23.46 -7.57 18.17
N THR E 148 -24.56 -6.88 18.45
CA THR E 148 -24.70 -6.14 19.66
C THR E 148 -25.10 -7.14 20.71
N SER E 149 -25.05 -6.75 21.97
CA SER E 149 -25.18 -7.69 23.07
C SER E 149 -25.88 -7.06 24.27
N SER E 150 -26.72 -7.84 24.92
CA SER E 150 -27.26 -7.46 26.21
C SER E 150 -26.59 -8.39 27.20
N VAL E 151 -25.98 -7.83 28.22
CA VAL E 151 -25.41 -8.70 29.26
C VAL E 151 -26.41 -8.76 30.40
N VAL E 152 -26.74 -9.97 30.82
CA VAL E 152 -27.66 -10.14 31.92
C VAL E 152 -26.87 -10.77 33.07
N ILE E 153 -27.04 -10.18 34.25
CA ILE E 153 -26.35 -10.50 35.47
C ILE E 153 -27.46 -10.77 36.48
N VAL E 154 -27.69 -12.03 36.82
CA VAL E 154 -28.64 -12.37 37.88
C VAL E 154 -27.94 -12.15 39.21
N PHE E 155 -28.65 -11.69 40.21
CA PHE E 155 -28.00 -11.60 41.51
C PHE E 155 -29.02 -11.89 42.60
N HIS E 156 -28.51 -12.30 43.76
CA HIS E 156 -29.33 -12.46 44.97
C HIS E 156 -28.49 -12.09 46.18
N ASN E 157 -28.79 -10.94 46.79
CA ASN E 157 -28.11 -10.53 48.03
C ASN E 157 -26.61 -10.33 47.85
N GLU E 158 -26.22 -10.03 46.62
CA GLU E 158 -24.81 -9.83 46.31
C GLU E 158 -24.29 -8.60 47.04
N GLY E 159 -23.07 -8.70 47.55
CA GLY E 159 -22.43 -7.54 48.14
C GLY E 159 -22.26 -6.45 47.11
N TRP E 160 -22.45 -5.20 47.56
CA TRP E 160 -22.51 -4.06 46.66
C TRP E 160 -21.27 -3.97 45.79
N SER E 161 -20.11 -3.92 46.42
CA SER E 161 -18.91 -3.64 45.68
C SER E 161 -18.55 -4.78 44.73
N THR E 162 -18.97 -6.00 45.01
CA THR E 162 -18.66 -7.01 44.01
C THR E 162 -19.63 -6.94 42.84
N LEU E 163 -20.90 -6.67 43.09
CA LEU E 163 -21.83 -6.51 42.00
C LEU E 163 -21.50 -5.31 41.13
N MET E 164 -21.17 -4.21 41.76
CA MET E 164 -20.84 -3.00 41.02
C MET E 164 -19.55 -3.08 40.22
N ARG E 165 -18.54 -3.72 40.77
CA ARG E 165 -17.29 -3.85 40.06
C ARG E 165 -17.55 -4.63 38.83
N THR E 166 -18.43 -5.60 38.94
CA THR E 166 -18.74 -6.40 37.76
C THR E 166 -19.24 -5.51 36.63
N VAL E 167 -20.26 -4.70 36.93
CA VAL E 167 -20.84 -3.81 35.94
C VAL E 167 -19.80 -2.80 35.46
N HIS E 168 -19.08 -2.18 36.40
CA HIS E 168 -17.98 -1.28 36.02
C HIS E 168 -16.97 -2.00 35.12
N SER E 169 -16.70 -3.26 35.44
CA SER E 169 -15.77 -4.00 34.62
C SER E 169 -16.27 -4.08 33.19
N VAL E 170 -17.55 -4.42 33.00
CA VAL E 170 -18.13 -4.58 31.65
C VAL E 170 -18.13 -3.25 30.89
N ILE E 171 -18.51 -2.16 31.56
CA ILE E 171 -18.56 -0.86 30.90
C ILE E 171 -17.17 -0.42 30.48
N LYS E 172 -16.18 -0.64 31.34
CA LYS E 172 -14.81 -0.20 31.06
C LYS E 172 -14.19 -0.93 29.90
N ARG E 173 -14.57 -2.18 29.64
CA ARG E 173 -13.79 -2.98 28.69
C ARG E 173 -14.62 -3.49 27.52
N THR E 174 -15.80 -2.96 27.33
CA THR E 174 -16.56 -3.32 26.19
C THR E 174 -16.66 -2.12 25.29
N PRO E 175 -16.39 -2.37 23.93
CA PRO E 175 -16.55 -1.17 23.09
C PRO E 175 -17.97 -0.69 23.19
N ARG E 176 -18.17 0.62 23.18
CA ARG E 176 -19.46 1.19 23.48
C ARG E 176 -20.59 0.81 22.53
N LYS E 177 -20.31 0.69 21.24
CA LYS E 177 -21.34 0.40 20.24
C LYS E 177 -22.01 -0.95 20.42
N TYR E 178 -21.22 -1.94 20.76
CA TYR E 178 -21.67 -3.30 20.95
C TYR E 178 -22.54 -3.53 22.16
N LEU E 179 -22.34 -2.73 23.18
CA LEU E 179 -22.99 -2.94 24.48
C LEU E 179 -24.36 -2.29 24.41
N ALA E 180 -25.40 -3.11 24.24
CA ALA E 180 -26.74 -2.61 24.00
C ALA E 180 -27.45 -2.22 25.28
N GLU E 181 -27.33 -3.03 26.33
CA GLU E 181 -27.87 -2.75 27.66
C GLU E 181 -27.17 -3.72 28.63
N ILE E 182 -27.27 -3.42 29.93
CA ILE E 182 -26.83 -4.34 30.97
C ILE E 182 -28.01 -4.55 31.88
N VAL E 183 -28.63 -5.73 31.79
CA VAL E 183 -29.86 -6.03 32.52
C VAL E 183 -29.53 -6.79 33.79
N LEU E 184 -29.86 -6.19 34.93
CA LEU E 184 -29.64 -6.82 36.23
C LEU E 184 -30.96 -7.47 36.64
N ILE E 185 -30.92 -8.75 36.97
CA ILE E 185 -32.12 -9.46 37.40
C ILE E 185 -32.02 -9.70 38.91
N ASP E 186 -32.79 -8.95 39.68
CA ASP E 186 -32.80 -9.11 41.13
C ASP E 186 -33.68 -10.32 41.44
N ASP E 187 -33.07 -11.44 41.86
CA ASP E 187 -33.86 -12.63 42.19
C ASP E 187 -34.34 -12.56 43.65
N PHE E 188 -35.20 -11.56 43.91
CA PHE E 188 -35.94 -11.47 45.17
C PHE E 188 -34.98 -11.28 46.34
N SER E 189 -34.19 -10.21 46.25
CA SER E 189 -33.15 -9.92 47.24
C SER E 189 -33.74 -9.49 48.58
N ASN E 190 -32.96 -9.79 49.62
CA ASN E 190 -33.21 -9.48 51.01
C ASN E 190 -32.61 -8.14 51.42
N LYS E 191 -31.33 -7.93 51.12
CA LYS E 191 -30.52 -6.87 51.71
C LYS E 191 -30.88 -5.49 51.15
N GLU E 192 -30.78 -4.47 52.01
CA GLU E 192 -31.30 -3.15 51.70
C GLU E 192 -30.42 -2.35 50.74
N HIS E 193 -29.11 -2.59 50.73
CA HIS E 193 -28.27 -1.85 49.79
C HIS E 193 -28.53 -2.23 48.33
N LEU E 194 -29.32 -3.26 48.08
CA LEU E 194 -29.62 -3.61 46.72
C LEU E 194 -30.97 -3.08 46.30
N LYS E 195 -31.61 -2.26 47.10
CA LYS E 195 -32.84 -1.65 46.65
C LYS E 195 -32.81 -0.17 46.94
N GLU E 196 -33.28 0.64 46.01
CA GLU E 196 -33.31 2.07 46.22
C GLU E 196 -31.94 2.66 46.13
N LYS E 197 -31.02 2.21 46.96
CA LYS E 197 -29.67 2.69 46.79
C LYS E 197 -29.22 2.28 45.41
N LEU E 198 -29.61 1.10 44.98
CA LEU E 198 -29.19 0.61 43.67
C LEU E 198 -29.86 1.39 42.56
N ASP E 199 -31.14 1.68 42.70
CA ASP E 199 -31.86 2.37 41.64
C ASP E 199 -31.28 3.74 41.38
N GLU E 200 -30.99 4.48 42.43
CA GLU E 200 -30.41 5.80 42.26
C GLU E 200 -29.01 5.80 41.68
N TYR E 201 -28.18 4.87 42.13
CA TYR E 201 -26.82 4.81 41.67
C TYR E 201 -26.78 4.49 40.20
N ILE E 202 -27.70 3.65 39.76
CA ILE E 202 -27.68 3.15 38.40
C ILE E 202 -27.90 4.18 37.32
N LYS E 203 -28.32 5.35 37.80
CA LYS E 203 -28.71 6.53 37.08
C LYS E 203 -27.55 7.08 36.31
N LEU E 204 -26.37 6.98 36.90
CA LEU E 204 -25.12 7.19 36.20
C LEU E 204 -25.13 6.09 35.22
N TRP E 205 -24.58 6.30 34.05
CA TRP E 205 -24.80 5.39 32.92
C TRP E 205 -26.11 5.60 32.18
N ASN E 206 -26.87 6.61 32.57
CA ASN E 206 -27.87 7.20 31.72
C ASN E 206 -28.83 6.19 31.18
N GLY E 207 -29.13 5.18 31.96
CA GLY E 207 -30.13 4.23 31.56
C GLY E 207 -29.63 3.10 30.72
N LEU E 208 -28.33 3.01 30.57
CA LEU E 208 -27.69 1.87 29.95
C LEU E 208 -27.94 0.64 30.79
N VAL E 209 -27.93 0.82 32.09
CA VAL E 209 -28.05 -0.27 33.02
C VAL E 209 -29.42 -0.19 33.65
N LYS E 210 -30.09 -1.31 33.73
CA LYS E 210 -31.44 -1.34 34.25
C LYS E 210 -31.62 -2.53 35.16
N VAL E 211 -32.53 -2.42 36.11
CA VAL E 211 -32.77 -3.51 37.03
C VAL E 211 -34.22 -3.94 37.00
N PHE E 212 -34.45 -5.25 36.97
CA PHE E 212 -35.79 -5.78 37.09
C PHE E 212 -35.88 -6.70 38.30
N ARG E 213 -36.77 -6.35 39.21
CA ARG E 213 -36.99 -7.12 40.40
C ARG E 213 -37.84 -8.30 40.08
N ASN E 214 -37.75 -9.33 40.88
CA ASN E 214 -38.57 -10.51 40.65
C ASN E 214 -39.57 -10.57 41.76
N GLU E 215 -40.81 -10.94 41.43
CA GLU E 215 -41.89 -10.90 42.39
C GLU E 215 -41.64 -11.83 43.55
N ARG E 216 -41.08 -12.99 43.25
CA ARG E 216 -40.74 -14.00 44.23
C ARG E 216 -39.40 -14.52 43.82
N ARG E 217 -38.76 -15.29 44.67
CA ARG E 217 -37.47 -15.84 44.31
C ARG E 217 -37.70 -16.99 43.38
N GLU E 218 -37.30 -16.79 42.14
CA GLU E 218 -37.49 -17.76 41.06
C GLU E 218 -36.36 -18.79 40.97
N GLY E 219 -35.23 -18.54 41.58
CA GLY E 219 -34.14 -19.47 41.46
C GLY E 219 -33.24 -19.07 40.32
N LEU E 220 -32.02 -19.55 40.34
CA LEU E 220 -31.00 -19.16 39.40
C LEU E 220 -31.25 -19.53 37.95
N ILE E 221 -31.73 -20.73 37.70
CA ILE E 221 -32.03 -21.13 36.34
C ILE E 221 -33.18 -20.34 35.73
N GLN E 222 -34.29 -20.29 36.43
CA GLN E 222 -35.43 -19.54 35.93
C GLN E 222 -35.21 -18.05 35.90
N ALA E 223 -34.37 -17.57 36.78
CA ALA E 223 -33.99 -16.19 36.77
C ALA E 223 -33.30 -15.83 35.49
N ARG E 224 -32.44 -16.71 35.01
CA ARG E 224 -31.77 -16.52 33.73
C ARG E 224 -32.76 -16.51 32.59
N SER E 225 -33.82 -17.32 32.67
CA SER E 225 -34.83 -17.30 31.61
C SER E 225 -35.57 -15.96 31.57
N ILE E 226 -35.91 -15.43 32.74
CA ILE E 226 -36.55 -14.12 32.81
C ILE E 226 -35.65 -13.06 32.23
N GLY E 227 -34.36 -13.23 32.41
CA GLY E 227 -33.40 -12.26 31.95
C GLY E 227 -33.47 -12.15 30.47
N ALA E 228 -33.55 -13.28 29.81
CA ALA E 228 -33.59 -13.34 28.37
C ALA E 228 -34.82 -12.67 27.85
N GLN E 229 -35.94 -12.86 28.52
CA GLN E 229 -37.19 -12.23 28.13
C GLN E 229 -37.16 -10.73 28.26
N LYS E 230 -36.51 -10.26 29.30
CA LYS E 230 -36.56 -8.86 29.70
C LYS E 230 -35.44 -8.02 29.12
N ALA E 231 -34.62 -8.61 28.27
CA ALA E 231 -33.47 -7.93 27.75
C ALA E 231 -33.58 -7.96 26.25
N LYS E 232 -34.50 -7.16 25.74
CA LYS E 232 -34.83 -7.07 24.34
C LYS E 232 -33.78 -6.50 23.36
N LEU E 233 -33.04 -5.49 23.78
CA LEU E 233 -32.25 -4.66 22.88
C LEU E 233 -31.09 -5.25 22.08
N GLY E 234 -30.29 -6.11 22.68
CA GLY E 234 -29.16 -6.74 22.00
C GLY E 234 -29.46 -7.94 21.12
N GLN E 235 -28.56 -8.28 20.21
CA GLN E 235 -28.76 -9.40 19.36
C GLN E 235 -28.34 -10.67 20.00
N VAL E 236 -27.35 -10.60 20.88
CA VAL E 236 -26.90 -11.81 21.57
C VAL E 236 -26.97 -11.57 23.07
N LEU E 237 -27.21 -12.67 23.79
CA LEU E 237 -27.23 -12.65 25.24
C LEU E 237 -25.86 -13.03 25.78
N ILE E 238 -25.29 -12.19 26.65
CA ILE E 238 -24.03 -12.53 27.31
C ILE E 238 -24.39 -12.68 28.79
N TYR E 239 -24.29 -13.87 29.35
CA TYR E 239 -24.68 -14.02 30.74
C TYR E 239 -23.43 -13.94 31.60
N LEU E 240 -23.52 -13.28 32.74
CA LEU E 240 -22.42 -13.15 33.67
C LEU E 240 -22.88 -13.37 35.11
N ASP E 241 -22.01 -13.90 35.95
CA ASP E 241 -22.28 -14.05 37.37
C ASP E 241 -22.21 -12.67 37.98
N ALA E 242 -22.78 -12.51 39.16
CA ALA E 242 -22.84 -11.24 39.84
C ALA E 242 -21.48 -10.77 40.32
N HIS E 243 -20.54 -11.69 40.43
CA HIS E 243 -19.26 -11.43 41.04
C HIS E 243 -18.19 -11.82 40.05
N CYS E 244 -18.15 -11.07 38.96
CA CYS E 244 -17.21 -11.26 37.85
C CYS E 244 -16.43 -10.00 37.52
N GLU E 245 -15.23 -10.20 36.96
CA GLU E 245 -14.43 -9.16 36.35
C GLU E 245 -13.96 -9.62 34.96
N VAL E 246 -14.39 -8.92 33.93
CA VAL E 246 -14.16 -9.32 32.55
C VAL E 246 -12.81 -8.76 32.08
N ALA E 247 -12.08 -9.52 31.24
CA ALA E 247 -10.72 -9.17 30.83
C ALA E 247 -10.69 -8.21 29.64
N VAL E 248 -9.52 -7.70 29.29
CA VAL E 248 -9.42 -6.79 28.15
C VAL E 248 -9.70 -7.49 26.83
N ASN E 249 -10.48 -6.85 25.98
CA ASN E 249 -10.84 -7.45 24.70
C ASN E 249 -11.48 -8.81 24.83
N TRP E 250 -12.34 -8.98 25.82
CA TRP E 250 -13.15 -10.17 25.96
C TRP E 250 -14.20 -10.32 24.89
N TYR E 251 -14.80 -9.21 24.53
CA TYR E 251 -15.97 -9.21 23.67
C TYR E 251 -15.82 -9.65 22.22
N ALA E 252 -14.80 -9.17 21.53
CA ALA E 252 -14.70 -9.45 20.12
C ALA E 252 -14.49 -10.91 19.86
N PRO E 253 -13.61 -11.55 20.61
CA PRO E 253 -13.39 -12.99 20.39
C PRO E 253 -14.58 -13.84 20.79
N LEU E 254 -15.27 -13.41 21.84
CA LEU E 254 -16.46 -14.09 22.31
C LEU E 254 -17.58 -14.00 21.28
N VAL E 255 -17.81 -12.82 20.72
CA VAL E 255 -19.01 -12.64 19.89
C VAL E 255 -18.77 -12.90 18.40
N ALA E 256 -17.52 -12.95 17.98
CA ALA E 256 -17.25 -13.22 16.58
C ALA E 256 -17.76 -14.59 16.11
N PRO E 257 -17.58 -15.70 16.84
CA PRO E 257 -18.12 -16.97 16.30
C PRO E 257 -19.62 -16.98 16.17
N ILE E 258 -20.34 -16.33 17.08
CA ILE E 258 -21.80 -16.27 16.92
C ILE E 258 -22.14 -15.50 15.66
N SER E 259 -21.35 -14.48 15.36
CA SER E 259 -21.65 -13.64 14.22
C SER E 259 -21.55 -14.36 12.88
N LYS E 260 -20.52 -15.15 12.67
CA LYS E 260 -20.41 -15.90 11.42
C LYS E 260 -21.55 -16.88 11.34
N ASP E 261 -21.82 -17.53 12.46
CA ASP E 261 -22.88 -18.52 12.55
C ASP E 261 -23.71 -18.27 13.79
N ARG E 262 -25.02 -18.28 13.63
CA ARG E 262 -25.92 -17.92 14.71
C ARG E 262 -26.32 -19.07 15.64
N THR E 263 -25.94 -20.29 15.29
CA THR E 263 -26.17 -21.43 16.18
C THR E 263 -24.88 -21.91 16.87
N ILE E 264 -23.82 -21.11 16.81
CA ILE E 264 -22.67 -21.30 17.69
C ILE E 264 -23.01 -20.64 19.02
N CYS E 265 -22.69 -21.30 20.13
CA CYS E 265 -22.77 -20.71 21.46
C CYS E 265 -21.37 -20.64 22.04
N THR E 266 -21.02 -19.49 22.61
CA THR E 266 -19.65 -19.21 22.99
C THR E 266 -19.54 -19.14 24.50
N VAL E 267 -18.45 -19.68 25.04
CA VAL E 267 -18.13 -19.59 26.45
C VAL E 267 -16.74 -18.98 26.58
N PRO E 268 -16.53 -18.01 27.44
CA PRO E 268 -15.18 -17.56 27.68
C PRO E 268 -14.45 -18.51 28.62
N LEU E 269 -13.14 -18.46 28.64
CA LEU E 269 -12.38 -19.20 29.61
C LEU E 269 -12.62 -18.53 30.94
N ILE E 270 -12.92 -19.30 31.98
CA ILE E 270 -13.27 -18.70 33.25
C ILE E 270 -12.14 -18.79 34.25
N ASP E 271 -11.68 -17.65 34.71
CA ASP E 271 -10.50 -17.56 35.56
C ASP E 271 -10.91 -17.32 36.99
N VAL E 272 -10.05 -17.68 37.91
CA VAL E 272 -10.39 -17.63 39.32
C VAL E 272 -9.94 -16.35 39.96
N ILE E 273 -10.88 -15.66 40.58
CA ILE E 273 -10.56 -14.50 41.36
C ILE E 273 -10.61 -14.97 42.78
N ASN E 274 -9.48 -14.85 43.46
CA ASN E 274 -9.40 -15.23 44.86
C ASN E 274 -10.40 -14.43 45.69
N GLY E 275 -11.29 -15.13 46.38
CA GLY E 275 -12.31 -14.50 47.20
C GLY E 275 -11.81 -13.83 48.46
N ASN E 276 -10.51 -13.83 48.69
CA ASN E 276 -9.94 -13.26 49.89
C ASN E 276 -8.89 -12.18 49.61
N THR E 277 -8.09 -12.32 48.55
CA THR E 277 -7.07 -11.34 48.20
C THR E 277 -7.19 -10.79 46.76
N TYR E 278 -8.07 -11.37 45.95
CA TYR E 278 -8.60 -10.83 44.70
C TYR E 278 -7.58 -10.75 43.58
N GLU E 279 -6.42 -11.39 43.72
CA GLU E 279 -5.59 -11.60 42.54
C GLU E 279 -6.25 -12.67 41.65
N ILE E 280 -5.93 -12.65 40.36
CA ILE E 280 -6.61 -13.52 39.42
C ILE E 280 -5.66 -14.60 38.92
N ILE E 281 -6.14 -15.85 38.94
CA ILE E 281 -5.43 -17.11 38.64
C ILE E 281 -6.27 -17.88 37.63
N PRO E 282 -5.67 -18.42 36.59
CA PRO E 282 -6.42 -19.30 35.70
C PRO E 282 -6.70 -20.63 36.41
N GLN E 283 -7.70 -21.35 35.93
CA GLN E 283 -8.03 -22.65 36.48
C GLN E 283 -7.01 -23.71 36.16
N GLY E 284 -6.80 -24.64 37.05
CA GLY E 284 -5.84 -25.68 36.75
C GLY E 284 -6.53 -26.85 36.13
N GLY E 285 -6.36 -27.01 34.84
CA GLY E 285 -6.87 -28.15 34.13
C GLY E 285 -6.19 -28.14 32.81
N GLY E 286 -6.29 -29.22 32.06
CA GLY E 286 -6.01 -29.15 30.65
C GLY E 286 -4.57 -29.15 30.26
N ASP E 287 -4.33 -28.89 28.99
CA ASP E 287 -3.10 -29.19 28.36
C ASP E 287 -2.11 -28.16 28.75
N GLU E 288 -0.99 -28.16 28.06
CA GLU E 288 0.16 -27.40 28.43
C GLU E 288 -0.28 -25.96 28.48
N ASP E 289 -1.13 -25.59 27.54
CA ASP E 289 -1.64 -24.23 27.46
C ASP E 289 -2.68 -23.91 28.53
N GLY E 290 -3.14 -24.94 29.25
CA GLY E 290 -4.07 -24.73 30.33
C GLY E 290 -5.51 -24.76 29.90
N TYR E 291 -5.69 -25.11 28.64
CA TYR E 291 -7.00 -25.21 28.04
C TYR E 291 -7.61 -26.54 28.35
N ALA E 292 -8.80 -26.49 28.90
CA ALA E 292 -9.60 -27.65 29.21
C ALA E 292 -10.95 -27.55 28.52
N ARG E 293 -11.60 -28.68 28.29
CA ARG E 293 -12.97 -28.64 27.81
C ARG E 293 -13.88 -29.29 28.83
N GLY E 294 -15.13 -28.83 28.90
CA GLY E 294 -16.02 -29.24 29.98
C GLY E 294 -16.60 -30.64 29.76
N ALA E 295 -16.70 -31.39 30.85
CA ALA E 295 -17.13 -32.79 30.82
C ALA E 295 -18.11 -33.02 31.98
N TRP E 296 -18.21 -34.28 32.44
CA TRP E 296 -19.11 -34.79 33.46
C TRP E 296 -18.77 -36.25 33.68
N ASP E 297 -18.92 -36.71 34.92
CA ASP E 297 -18.95 -38.14 35.23
C ASP E 297 -20.39 -38.61 35.10
N TRP E 298 -20.64 -39.87 35.40
CA TRP E 298 -21.97 -40.35 35.12
C TRP E 298 -22.95 -40.17 36.27
N SER E 299 -22.53 -39.58 37.40
CA SER E 299 -23.54 -39.05 38.32
C SER E 299 -23.95 -37.64 37.93
N MET E 300 -23.52 -37.21 36.75
CA MET E 300 -23.78 -35.87 36.23
C MET E 300 -23.22 -34.71 37.04
N LEU E 301 -22.02 -34.91 37.55
CA LEU E 301 -21.30 -33.86 38.24
C LEU E 301 -20.30 -33.28 37.26
N TRP E 302 -20.16 -31.97 37.26
CA TRP E 302 -19.27 -31.30 36.32
C TRP E 302 -17.82 -31.66 36.52
N LYS E 303 -17.13 -31.89 35.42
CA LYS E 303 -15.71 -32.18 35.45
C LYS E 303 -15.01 -31.56 34.26
N ARG E 304 -13.71 -31.35 34.35
CA ARG E 304 -12.95 -30.75 33.27
C ARG E 304 -11.85 -31.69 32.81
N VAL E 305 -11.60 -31.74 31.50
CA VAL E 305 -10.53 -32.59 30.96
C VAL E 305 -9.67 -31.76 30.01
N PRO E 306 -8.41 -32.16 29.82
CA PRO E 306 -7.54 -31.40 28.92
C PRO E 306 -8.03 -31.42 27.48
N LEU E 307 -7.75 -30.32 26.78
CA LEU E 307 -8.05 -30.23 25.35
C LEU E 307 -7.28 -31.31 24.59
N THR E 308 -8.04 -32.11 23.88
CA THR E 308 -7.55 -33.30 23.25
C THR E 308 -6.72 -33.01 22.03
N PRO E 309 -5.85 -33.92 21.66
CA PRO E 309 -5.05 -33.77 20.46
C PRO E 309 -5.97 -33.73 19.26
N GLN E 310 -7.07 -34.47 19.35
CA GLN E 310 -7.99 -34.53 18.24
C GLN E 310 -8.54 -33.15 17.97
N GLU E 311 -8.92 -32.44 19.00
CA GLU E 311 -9.42 -31.09 18.83
C GLU E 311 -8.33 -30.19 18.31
N LYS E 312 -7.14 -30.37 18.83
CA LYS E 312 -6.02 -29.54 18.45
C LYS E 312 -5.72 -29.71 16.98
N ARG E 313 -5.85 -30.93 16.49
CA ARG E 313 -5.57 -31.23 15.10
C ARG E 313 -6.47 -30.41 14.20
N LEU E 314 -7.71 -30.25 14.63
CA LEU E 314 -8.74 -29.53 13.90
C LEU E 314 -8.42 -28.05 13.69
N ARG E 315 -7.71 -27.48 14.63
CA ARG E 315 -7.51 -26.05 14.64
C ARG E 315 -6.13 -25.66 14.17
N LYS E 316 -6.10 -24.74 13.21
CA LYS E 316 -4.88 -24.30 12.59
C LYS E 316 -3.93 -23.60 13.56
N THR E 317 -4.51 -22.87 14.50
CA THR E 317 -3.76 -22.04 15.42
C THR E 317 -4.10 -22.38 16.85
N LYS E 318 -3.18 -22.08 17.75
CA LYS E 318 -3.33 -22.40 19.17
C LYS E 318 -4.48 -21.70 19.87
N THR E 319 -4.70 -20.44 19.52
CA THR E 319 -5.57 -19.57 20.28
C THR E 319 -7.01 -19.42 19.81
N GLU E 320 -7.40 -20.16 18.78
CA GLU E 320 -8.72 -19.98 18.16
C GLU E 320 -9.71 -20.85 18.93
N PRO E 321 -10.99 -20.53 18.84
CA PRO E 321 -11.96 -21.23 19.69
C PRO E 321 -11.84 -22.74 19.52
N TYR E 322 -12.46 -23.48 20.43
CA TYR E 322 -12.48 -24.93 20.31
C TYR E 322 -13.78 -25.52 20.83
N ARG E 323 -14.12 -26.69 20.34
CA ARG E 323 -15.34 -27.34 20.76
C ARG E 323 -15.26 -27.89 22.17
N SER E 324 -16.34 -27.73 22.91
CA SER E 324 -16.42 -28.30 24.23
C SER E 324 -17.72 -29.06 24.39
N PRO E 325 -17.62 -30.26 25.10
CA PRO E 325 -18.90 -30.97 25.23
C PRO E 325 -19.99 -30.19 25.96
N ALA E 326 -19.61 -29.41 26.97
CA ALA E 326 -20.58 -28.75 27.85
C ALA E 326 -19.90 -27.56 28.49
N MET E 327 -20.73 -26.69 29.05
CA MET E 327 -20.25 -25.46 29.67
C MET E 327 -20.42 -25.55 31.19
N ALA E 328 -19.52 -24.88 31.91
CA ALA E 328 -19.69 -24.75 33.35
C ALA E 328 -21.10 -24.27 33.66
N GLY E 329 -21.52 -23.14 33.06
CA GLY E 329 -22.91 -22.72 33.10
C GLY E 329 -23.22 -21.26 33.41
N GLY E 330 -22.36 -20.58 34.16
CA GLY E 330 -22.74 -19.27 34.66
C GLY E 330 -22.50 -18.16 33.66
N LEU E 331 -21.52 -18.35 32.77
CA LEU E 331 -21.10 -17.35 31.81
C LEU E 331 -21.07 -17.95 30.41
N PHE E 332 -21.87 -17.39 29.50
CA PHE E 332 -21.86 -17.87 28.12
C PHE E 332 -22.56 -16.85 27.22
N ALA E 333 -22.48 -17.08 25.91
CA ALA E 333 -23.02 -16.16 24.91
C ALA E 333 -23.80 -16.94 23.85
N ILE E 334 -25.11 -16.66 23.68
CA ILE E 334 -25.86 -17.18 22.54
C ILE E 334 -26.59 -16.04 21.87
N GLU E 335 -26.81 -16.20 20.56
CA GLU E 335 -27.70 -15.29 19.86
C GLU E 335 -29.09 -15.38 20.49
N ARG E 336 -29.74 -14.22 20.66
CA ARG E 336 -30.93 -14.20 21.49
C ARG E 336 -32.07 -15.01 20.87
N GLU E 337 -32.29 -14.84 19.55
CA GLU E 337 -33.31 -15.63 18.86
C GLU E 337 -33.02 -17.10 19.02
N PHE E 338 -31.78 -17.50 18.75
CA PHE E 338 -31.38 -18.90 18.79
C PHE E 338 -31.64 -19.52 20.16
N PHE E 339 -31.38 -18.78 21.25
CA PHE E 339 -31.73 -19.30 22.58
C PHE E 339 -33.24 -19.56 22.68
N PHE E 340 -34.07 -18.61 22.20
CA PHE E 340 -35.51 -18.86 22.23
C PHE E 340 -35.88 -20.04 21.37
N GLU E 341 -35.24 -20.18 20.21
CA GLU E 341 -35.52 -21.31 19.33
C GLU E 341 -35.29 -22.64 20.04
N LEU E 342 -34.33 -22.68 20.97
CA LEU E 342 -34.14 -23.87 21.80
C LEU E 342 -35.05 -23.87 23.02
N GLY E 343 -35.97 -22.93 23.09
CA GLY E 343 -36.90 -22.84 24.19
C GLY E 343 -36.27 -22.54 25.53
N LEU E 344 -35.18 -21.80 25.50
CA LEU E 344 -34.52 -21.33 26.69
C LEU E 344 -34.09 -22.48 27.59
N TYR E 345 -34.39 -22.39 28.87
CA TYR E 345 -34.02 -23.43 29.79
C TYR E 345 -35.28 -24.16 30.11
N ASP E 346 -35.25 -25.47 29.97
CA ASP E 346 -36.37 -26.30 30.39
C ASP E 346 -37.01 -25.70 31.63
N PRO E 347 -38.29 -25.33 31.51
CA PRO E 347 -39.02 -24.65 32.57
C PRO E 347 -39.14 -25.53 33.77
N GLY E 348 -39.00 -26.82 33.55
CA GLY E 348 -39.14 -27.80 34.60
C GLY E 348 -38.10 -27.68 35.69
N LEU E 349 -36.87 -27.40 35.32
CA LEU E 349 -35.78 -27.25 36.28
C LEU E 349 -35.95 -26.01 37.11
N GLN E 350 -35.57 -26.11 38.38
CA GLN E 350 -35.58 -24.96 39.24
C GLN E 350 -34.42 -25.02 40.22
N ILE E 351 -33.96 -23.87 40.68
CA ILE E 351 -33.05 -23.86 41.81
C ILE E 351 -31.74 -24.63 41.64
N TRP E 352 -30.81 -24.17 40.82
CA TRP E 352 -29.57 -24.92 40.69
C TRP E 352 -29.71 -26.36 40.18
N GLY E 353 -30.44 -26.55 39.10
CA GLY E 353 -30.50 -27.84 38.43
C GLY E 353 -29.29 -28.01 37.53
N GLY E 354 -29.26 -29.09 36.75
CA GLY E 354 -28.23 -29.22 35.73
C GLY E 354 -28.68 -28.50 34.48
N GLU E 355 -28.85 -27.20 34.60
CA GLU E 355 -29.25 -26.33 33.51
C GLU E 355 -28.18 -26.30 32.46
N ASN E 356 -26.94 -26.24 32.91
CA ASN E 356 -25.80 -26.09 32.03
C ASN E 356 -25.66 -27.26 31.11
N PHE E 357 -25.91 -28.45 31.63
CA PHE E 357 -25.89 -29.61 30.78
C PHE E 357 -27.04 -29.66 29.81
N GLU E 358 -28.21 -29.32 30.28
CA GLU E 358 -29.39 -29.31 29.42
C GLU E 358 -29.12 -28.51 28.15
N ILE E 359 -28.63 -27.26 28.29
CA ILE E 359 -28.42 -26.41 27.12
C ILE E 359 -27.30 -26.97 26.26
N SER E 360 -26.26 -27.54 26.90
CA SER E 360 -25.13 -28.10 26.15
C SER E 360 -25.58 -29.21 25.21
N TYR E 361 -26.36 -30.17 25.73
CA TYR E 361 -26.89 -31.22 24.85
C TYR E 361 -27.80 -30.62 23.78
N LYS E 362 -28.75 -29.75 24.16
CA LYS E 362 -29.61 -29.16 23.14
C LYS E 362 -28.78 -28.62 21.99
N ILE E 363 -27.79 -27.78 22.30
CA ILE E 363 -27.09 -27.09 21.23
C ILE E 363 -26.35 -28.09 20.36
N TRP E 364 -25.76 -29.11 20.98
CA TRP E 364 -24.93 -30.02 20.22
C TRP E 364 -25.78 -30.99 19.41
N GLN E 365 -26.81 -31.56 20.03
CA GLN E 365 -27.56 -32.56 19.32
C GLN E 365 -28.60 -31.98 18.38
N CYS E 366 -28.92 -30.69 18.45
CA CYS E 366 -29.89 -30.13 17.51
C CYS E 366 -29.23 -29.27 16.45
N GLY E 367 -27.97 -29.53 16.15
CA GLY E 367 -27.25 -28.83 15.10
C GLY E 367 -26.39 -27.63 15.41
N GLY E 368 -26.23 -27.32 16.68
CA GLY E 368 -25.37 -26.25 17.11
C GLY E 368 -23.95 -26.64 17.44
N LYS E 369 -23.14 -25.65 17.82
CA LYS E 369 -21.83 -25.88 18.36
C LYS E 369 -21.68 -25.12 19.65
N LEU E 370 -20.90 -25.63 20.59
CA LEU E 370 -20.55 -24.92 21.79
C LEU E 370 -19.05 -24.81 21.78
N LEU E 371 -18.54 -23.60 21.91
CA LEU E 371 -17.13 -23.29 21.68
C LEU E 371 -16.54 -22.49 22.83
N PHE E 372 -15.38 -22.96 23.30
CA PHE E 372 -14.58 -22.26 24.28
C PHE E 372 -13.68 -21.30 23.53
N VAL E 373 -13.71 -20.04 23.93
CA VAL E 373 -12.92 -19.04 23.28
C VAL E 373 -11.77 -18.68 24.18
N PRO E 374 -10.53 -19.13 23.75
CA PRO E 374 -9.42 -18.79 24.66
C PRO E 374 -9.17 -17.33 24.83
N CYS E 375 -9.38 -16.58 23.78
CA CYS E 375 -9.02 -15.19 23.77
C CYS E 375 -9.94 -14.31 24.59
N SER E 376 -11.04 -14.87 25.02
CA SER E 376 -11.98 -14.11 25.84
C SER E 376 -11.99 -14.72 27.22
N ARG E 377 -11.62 -13.95 28.23
CA ARG E 377 -11.41 -14.46 29.57
C ARG E 377 -12.24 -13.64 30.53
N VAL E 378 -12.82 -14.31 31.51
CA VAL E 378 -13.60 -13.64 32.53
C VAL E 378 -13.21 -14.22 33.86
N GLY E 379 -13.18 -13.39 34.87
CA GLY E 379 -12.74 -13.80 36.17
C GLY E 379 -13.95 -13.91 37.04
N HIS E 380 -14.02 -15.00 37.78
CA HIS E 380 -15.17 -15.25 38.62
C HIS E 380 -14.70 -15.49 40.03
N ILE E 381 -15.19 -14.71 40.99
CA ILE E 381 -14.88 -14.98 42.40
C ILE E 381 -15.43 -16.29 42.93
N TYR E 382 -14.64 -16.99 43.73
CA TYR E 382 -15.01 -18.28 44.25
C TYR E 382 -15.18 -18.20 45.74
N ARG E 383 -16.25 -18.76 46.25
CA ARG E 383 -16.65 -18.58 47.63
C ARG E 383 -15.76 -19.28 48.62
N LEU E 384 -15.77 -18.81 49.86
CA LEU E 384 -14.93 -19.35 50.91
C LEU E 384 -15.77 -20.04 51.97
N GLU E 385 -15.20 -21.07 52.59
CA GLU E 385 -15.92 -21.82 53.61
C GLU E 385 -16.23 -20.96 54.81
N GLY E 386 -17.37 -21.20 55.44
CA GLY E 386 -17.83 -20.37 56.53
C GLY E 386 -18.87 -19.34 56.17
N TRP E 387 -19.35 -19.38 54.93
CA TRP E 387 -20.47 -18.57 54.50
C TRP E 387 -21.76 -19.11 55.12
N GLN E 388 -22.74 -18.25 55.41
CA GLN E 388 -24.00 -18.75 55.91
C GLN E 388 -25.15 -18.27 55.04
N GLY E 389 -25.20 -18.78 53.83
CA GLY E 389 -26.26 -18.53 52.87
C GLY E 389 -26.89 -19.85 52.47
N ASN E 390 -28.21 -19.93 52.56
CA ASN E 390 -28.92 -21.21 52.56
C ASN E 390 -30.16 -21.30 51.70
N PRO E 391 -30.52 -22.60 51.30
CA PRO E 391 -31.71 -22.64 50.43
C PRO E 391 -33.06 -22.54 51.15
N PRO E 392 -34.17 -22.28 50.33
CA PRO E 392 -35.46 -22.39 51.03
C PRO E 392 -35.88 -23.84 51.33
N PRO E 393 -36.78 -24.00 52.28
CA PRO E 393 -37.07 -25.30 52.89
C PRO E 393 -37.63 -26.29 51.89
N ILE E 394 -37.19 -27.54 52.00
CA ILE E 394 -37.59 -28.62 51.10
C ILE E 394 -38.33 -29.70 51.87
N TYR E 395 -39.54 -30.01 51.42
CA TYR E 395 -40.25 -31.22 51.80
C TYR E 395 -39.57 -32.44 51.20
N VAL E 396 -39.21 -32.31 49.93
CA VAL E 396 -38.63 -33.41 49.15
C VAL E 396 -37.17 -33.15 48.78
N GLY E 397 -36.56 -32.16 49.41
CA GLY E 397 -35.18 -31.83 49.11
C GLY E 397 -34.26 -32.99 49.45
N SER E 398 -33.15 -33.13 48.73
CA SER E 398 -32.67 -32.12 47.79
C SER E 398 -33.27 -32.24 46.40
N SER E 399 -34.58 -32.08 46.36
CA SER E 399 -35.36 -32.61 45.26
C SER E 399 -34.95 -31.98 43.96
N PRO E 400 -34.72 -30.60 44.07
CA PRO E 400 -34.58 -29.97 42.75
C PRO E 400 -33.40 -30.47 41.93
N THR E 401 -32.21 -30.62 42.52
CA THR E 401 -31.09 -31.06 41.71
C THR E 401 -31.24 -32.49 41.21
N LEU E 402 -31.66 -33.38 42.09
CA LEU E 402 -31.99 -34.73 41.75
C LEU E 402 -33.09 -34.65 40.74
N LYS E 403 -34.05 -33.74 40.89
CA LYS E 403 -35.17 -33.96 39.99
C LYS E 403 -34.88 -33.32 38.65
N ASN E 404 -33.96 -32.37 38.69
CA ASN E 404 -33.47 -31.73 37.49
C ASN E 404 -32.56 -32.65 36.71
N TYR E 405 -31.70 -33.37 37.41
CA TYR E 405 -30.74 -34.21 36.75
C TYR E 405 -31.45 -35.28 35.97
N VAL E 406 -32.45 -35.89 36.59
CA VAL E 406 -33.23 -36.94 35.93
C VAL E 406 -33.96 -36.37 34.72
N ARG E 407 -34.47 -35.14 34.82
CA ARG E 407 -35.11 -34.53 33.66
C ARG E 407 -34.16 -34.42 32.47
N VAL E 408 -32.97 -33.89 32.70
CA VAL E 408 -32.06 -33.71 31.60
C VAL E 408 -31.71 -35.06 31.01
N VAL E 409 -31.47 -36.03 31.88
CA VAL E 409 -31.08 -37.35 31.42
C VAL E 409 -32.18 -38.06 30.65
N GLU E 410 -33.41 -38.00 31.15
CA GLU E 410 -34.48 -38.73 30.51
C GLU E 410 -34.76 -38.23 29.11
N VAL E 411 -34.72 -36.92 28.88
CA VAL E 411 -34.88 -36.51 27.49
C VAL E 411 -33.67 -36.61 26.53
N TRP E 412 -32.47 -36.33 27.03
CA TRP E 412 -31.31 -36.31 26.16
C TRP E 412 -30.38 -37.51 26.16
N TRP E 413 -30.22 -38.14 27.30
CA TRP E 413 -29.23 -39.20 27.44
C TRP E 413 -29.50 -40.44 26.62
N ASP E 414 -30.76 -40.72 26.34
CA ASP E 414 -31.09 -41.94 25.65
C ASP E 414 -30.65 -43.11 26.52
N GLU E 415 -30.02 -44.11 25.92
CA GLU E 415 -29.65 -45.35 26.58
C GLU E 415 -28.64 -45.13 27.68
N TYR E 416 -27.93 -44.03 27.61
CA TYR E 416 -26.89 -43.76 28.56
C TYR E 416 -27.50 -43.58 29.93
N LYS E 417 -28.79 -43.32 29.95
CA LYS E 417 -29.45 -43.08 31.21
C LYS E 417 -29.28 -44.33 32.07
N ASP E 418 -29.01 -45.45 31.43
CA ASP E 418 -28.74 -46.66 32.17
C ASP E 418 -27.53 -46.39 33.03
N TYR E 419 -26.57 -45.66 32.49
CA TYR E 419 -25.36 -45.34 33.23
C TYR E 419 -25.60 -44.40 34.38
N PHE E 420 -26.46 -43.41 34.18
CA PHE E 420 -26.72 -42.45 35.22
C PHE E 420 -27.30 -43.19 36.38
N TYR E 421 -28.20 -44.11 36.07
CA TYR E 421 -28.93 -44.83 37.08
C TYR E 421 -28.10 -45.73 38.00
N ALA E 422 -27.07 -46.34 37.43
CA ALA E 422 -26.18 -47.16 38.22
C ALA E 422 -25.47 -46.28 39.23
N SER E 423 -25.09 -45.10 38.82
CA SER E 423 -24.55 -44.11 39.74
C SER E 423 -25.55 -43.62 40.78
N ARG E 424 -26.78 -43.37 40.36
CA ARG E 424 -27.77 -42.77 41.25
C ARG E 424 -29.01 -43.64 41.23
N PRO E 425 -28.89 -44.82 41.82
CA PRO E 425 -29.95 -45.82 41.83
C PRO E 425 -31.16 -45.28 42.54
N GLU E 426 -30.92 -44.51 43.59
CA GLU E 426 -31.99 -44.02 44.44
C GLU E 426 -32.92 -43.17 43.62
N SER E 427 -32.41 -42.71 42.49
CA SER E 427 -33.09 -41.75 41.64
C SER E 427 -33.99 -42.44 40.67
N GLN E 428 -34.01 -43.76 40.72
CA GLN E 428 -34.69 -44.53 39.70
C GLN E 428 -36.17 -44.24 39.64
N ALA E 429 -36.80 -44.06 40.79
CA ALA E 429 -38.24 -43.84 40.80
C ALA E 429 -38.52 -42.58 41.54
N LEU E 430 -38.23 -41.47 40.88
CA LEU E 430 -38.34 -40.17 41.48
C LEU E 430 -39.31 -39.52 40.58
N PRO E 431 -40.28 -38.80 41.13
CA PRO E 431 -41.29 -38.19 40.27
C PRO E 431 -40.73 -36.93 39.63
N TYR E 432 -40.63 -36.90 38.31
CA TYR E 432 -39.95 -35.81 37.63
C TYR E 432 -40.77 -34.88 36.76
N GLY E 433 -42.09 -34.96 36.80
CA GLY E 433 -42.92 -34.01 36.07
C GLY E 433 -43.08 -34.32 34.60
N ASP E 434 -43.72 -33.43 33.87
CA ASP E 434 -43.97 -33.67 32.46
C ASP E 434 -42.83 -33.23 31.61
N ILE E 435 -42.23 -34.18 30.92
CA ILE E 435 -41.10 -33.94 30.03
C ILE E 435 -41.57 -34.05 28.59
N SER E 436 -42.89 -34.11 28.40
CA SER E 436 -43.45 -34.39 27.08
C SER E 436 -43.12 -33.36 26.02
N GLU E 437 -43.23 -32.08 26.35
CA GLU E 437 -42.92 -31.05 25.38
C GLU E 437 -41.46 -31.09 25.01
N LEU E 438 -40.59 -31.25 25.99
CA LEU E 438 -39.15 -31.29 25.74
C LEU E 438 -38.76 -32.46 24.87
N LYS E 439 -39.39 -33.61 25.11
CA LYS E 439 -39.16 -34.78 24.29
C LYS E 439 -39.64 -34.52 22.89
N LYS E 440 -40.78 -33.86 22.77
CA LYS E 440 -41.33 -33.51 21.47
C LYS E 440 -40.42 -32.56 20.73
N PHE E 441 -39.89 -31.59 21.45
CA PHE E 441 -39.05 -30.61 20.79
C PHE E 441 -37.92 -31.35 20.12
N ARG E 442 -37.37 -32.34 20.80
CA ARG E 442 -36.29 -33.09 20.23
C ARG E 442 -36.73 -33.83 18.98
N GLU E 443 -37.90 -34.44 19.02
CA GLU E 443 -38.42 -35.16 17.88
C GLU E 443 -38.72 -34.22 16.73
N ASP E 444 -39.32 -33.08 17.04
CA ASP E 444 -39.78 -32.16 16.03
C ASP E 444 -38.59 -31.68 15.24
N HIS E 445 -37.49 -31.42 15.94
CA HIS E 445 -36.31 -30.82 15.35
C HIS E 445 -35.35 -31.82 14.76
N ASN E 446 -35.68 -33.10 14.85
CA ASN E 446 -34.84 -34.13 14.27
C ASN E 446 -33.46 -34.16 14.91
N CYS E 447 -33.40 -33.92 16.20
CA CYS E 447 -32.13 -33.85 16.91
C CYS E 447 -31.40 -35.20 16.87
N LYS E 448 -30.09 -35.16 16.66
CA LYS E 448 -29.17 -36.29 16.69
C LYS E 448 -29.23 -37.02 18.03
N SER E 449 -28.80 -38.28 18.01
CA SER E 449 -28.84 -39.15 19.18
C SER E 449 -27.74 -38.79 20.16
N PHE E 450 -27.93 -39.14 21.42
CA PHE E 450 -26.83 -38.97 22.36
C PHE E 450 -25.68 -39.87 21.98
N LYS E 451 -25.98 -40.99 21.32
CA LYS E 451 -24.93 -41.92 20.92
C LYS E 451 -24.00 -41.28 19.89
N TRP E 452 -24.56 -40.63 18.87
CA TRP E 452 -23.71 -39.82 17.99
C TRP E 452 -22.90 -38.85 18.81
N PHE E 453 -23.56 -38.13 19.70
CA PHE E 453 -22.88 -37.08 20.47
C PHE E 453 -21.65 -37.63 21.16
N MET E 454 -21.81 -38.71 21.89
CA MET E 454 -20.73 -39.19 22.72
C MET E 454 -19.56 -39.64 21.90
N GLU E 455 -19.83 -40.31 20.81
CA GLU E 455 -18.80 -40.66 19.84
C GLU E 455 -18.21 -39.50 19.06
N GLU E 456 -19.06 -38.60 18.58
CA GLU E 456 -18.57 -37.47 17.80
C GLU E 456 -17.86 -36.33 18.48
N ILE E 457 -18.42 -35.82 19.57
CA ILE E 457 -17.87 -34.61 20.17
C ILE E 457 -17.38 -34.78 21.59
N ALA E 458 -17.85 -35.83 22.25
CA ALA E 458 -17.49 -36.12 23.62
C ALA E 458 -16.60 -37.36 23.70
N TYR E 459 -16.00 -37.75 22.59
CA TYR E 459 -15.23 -38.99 22.59
C TYR E 459 -14.31 -39.16 23.78
N ASP E 460 -13.83 -38.08 24.40
CA ASP E 460 -12.77 -38.24 25.41
C ASP E 460 -13.29 -38.45 26.82
N ILE E 461 -14.57 -38.25 27.07
CA ILE E 461 -15.07 -38.31 28.44
C ILE E 461 -14.90 -39.67 29.07
N THR E 462 -15.19 -40.73 28.33
CA THR E 462 -15.17 -42.05 28.88
C THR E 462 -13.78 -42.37 29.35
N SER E 463 -12.80 -41.86 28.64
CA SER E 463 -11.43 -42.12 28.98
C SER E 463 -11.16 -41.59 30.38
N HIS E 464 -11.65 -40.39 30.65
CA HIS E 464 -11.58 -39.83 32.00
C HIS E 464 -12.47 -40.37 33.10
N TYR E 465 -13.73 -40.63 32.77
CA TYR E 465 -14.64 -41.22 33.73
C TYR E 465 -15.28 -42.40 33.03
N PRO E 466 -14.83 -43.65 33.48
CA PRO E 466 -15.29 -44.75 32.64
C PRO E 466 -16.69 -45.15 32.96
N LEU E 467 -17.38 -45.71 31.98
CA LEU E 467 -18.75 -46.09 32.17
C LEU E 467 -18.83 -46.99 33.35
N PRO E 468 -19.90 -46.86 34.13
CA PRO E 468 -20.10 -47.65 35.35
C PRO E 468 -20.53 -49.08 35.10
N PRO E 469 -20.23 -50.02 36.10
CA PRO E 469 -20.89 -51.30 35.91
C PRO E 469 -22.31 -51.24 36.43
N LYS E 470 -23.16 -52.20 36.06
CA LYS E 470 -24.53 -52.24 36.55
C LYS E 470 -24.57 -52.65 38.01
N ASN E 471 -25.68 -52.39 38.68
CA ASN E 471 -25.73 -52.65 40.10
C ASN E 471 -26.37 -53.98 40.38
N VAL E 472 -25.65 -54.84 41.10
CA VAL E 472 -26.27 -56.02 41.60
C VAL E 472 -27.36 -55.62 42.58
N ASP E 473 -27.05 -54.68 43.46
CA ASP E 473 -28.03 -54.18 44.42
C ASP E 473 -27.63 -52.85 45.04
N TRP E 474 -28.60 -52.18 45.65
CA TRP E 474 -28.36 -50.90 46.32
C TRP E 474 -29.36 -50.66 47.43
N GLY E 475 -29.03 -49.76 48.34
CA GLY E 475 -29.94 -49.38 49.40
C GLY E 475 -29.19 -49.19 50.69
N GLU E 476 -29.91 -49.12 51.80
CA GLU E 476 -29.29 -49.19 53.10
C GLU E 476 -28.65 -50.56 53.28
N ILE E 477 -27.61 -50.63 54.12
CA ILE E 477 -27.08 -51.93 54.52
C ILE E 477 -27.44 -52.14 55.98
N ARG E 478 -28.60 -52.76 56.24
CA ARG E 478 -29.19 -52.84 57.59
C ARG E 478 -28.87 -54.17 58.26
N GLY E 479 -28.64 -54.13 59.57
CA GLY E 479 -28.21 -55.32 60.28
C GLY E 479 -29.39 -56.23 60.34
N PHE E 480 -29.21 -57.52 60.09
CA PHE E 480 -30.34 -58.38 59.89
C PHE E 480 -31.20 -58.37 61.14
N GLU E 481 -32.48 -58.14 60.96
CA GLU E 481 -33.39 -58.12 62.09
C GLU E 481 -32.89 -57.10 63.11
N THR E 482 -32.36 -55.99 62.62
CA THR E 482 -31.82 -54.95 63.48
C THR E 482 -32.20 -53.59 62.98
N ALA E 483 -32.01 -52.60 63.85
CA ALA E 483 -32.28 -51.22 63.55
C ALA E 483 -30.99 -50.46 63.32
N TYR E 484 -29.90 -51.19 63.14
CA TYR E 484 -28.60 -50.58 62.93
C TYR E 484 -28.15 -50.76 61.50
N CYS E 485 -27.67 -49.68 60.91
CA CYS E 485 -27.20 -49.70 59.53
C CYS E 485 -25.79 -49.17 59.44
N ILE E 486 -25.01 -49.73 58.52
CA ILE E 486 -23.72 -49.18 58.19
C ILE E 486 -23.95 -47.76 57.76
N ASP E 487 -23.20 -46.82 58.35
CA ASP E 487 -23.25 -45.48 57.81
C ASP E 487 -21.88 -44.83 57.85
N SER E 488 -21.66 -43.99 56.84
CA SER E 488 -20.40 -43.37 56.52
C SER E 488 -19.94 -42.40 57.56
N MET E 489 -20.87 -41.64 58.11
CA MET E 489 -20.47 -40.56 58.98
C MET E 489 -19.85 -39.45 58.14
N GLY E 490 -20.06 -39.53 56.82
CA GLY E 490 -19.61 -38.54 55.87
C GLY E 490 -18.17 -38.74 55.50
N LYS E 491 -17.56 -39.75 56.08
CA LYS E 491 -16.14 -39.94 55.90
C LYS E 491 -15.80 -40.24 54.45
N THR E 492 -14.68 -39.72 53.98
CA THR E 492 -14.19 -40.05 52.66
C THR E 492 -12.69 -40.12 52.64
N ASN E 493 -12.17 -40.97 51.76
CA ASN E 493 -10.73 -41.04 51.53
C ASN E 493 -9.88 -41.50 52.70
N GLY E 494 -10.18 -42.69 53.23
CA GLY E 494 -9.44 -43.22 54.34
C GLY E 494 -10.09 -43.15 55.70
N GLY E 495 -11.33 -42.73 55.72
CA GLY E 495 -12.16 -42.81 56.89
C GLY E 495 -12.59 -44.24 57.07
N PHE E 496 -13.10 -44.57 58.26
CA PHE E 496 -13.61 -45.89 58.55
C PHE E 496 -15.10 -45.82 58.83
N VAL E 497 -15.85 -46.71 58.21
CA VAL E 497 -17.28 -46.74 58.40
C VAL E 497 -17.68 -47.23 59.77
N GLU E 498 -18.87 -46.86 60.19
CA GLU E 498 -19.37 -47.12 61.52
C GLU E 498 -20.77 -47.62 61.43
N LEU E 499 -21.33 -48.06 62.55
CA LEU E 499 -22.72 -48.47 62.65
C LEU E 499 -23.58 -47.39 63.30
N GLY E 500 -24.80 -47.22 62.84
CA GLY E 500 -25.66 -46.23 63.47
C GLY E 500 -27.11 -46.60 63.35
N PRO E 501 -27.98 -45.93 64.11
CA PRO E 501 -29.41 -46.22 64.02
C PRO E 501 -29.96 -45.86 62.65
N CYS E 502 -30.53 -46.86 61.98
CA CYS E 502 -30.91 -46.69 60.59
C CYS E 502 -32.03 -45.68 60.54
N HIS E 503 -31.98 -44.78 59.57
CA HIS E 503 -33.01 -43.74 59.42
C HIS E 503 -33.82 -43.82 58.13
N ARG E 504 -33.34 -44.62 57.18
CA ARG E 504 -34.03 -44.83 55.93
C ARG E 504 -34.10 -43.53 55.19
N MET E 505 -33.17 -42.64 55.49
CA MET E 505 -33.12 -41.34 54.86
C MET E 505 -32.08 -41.33 53.77
N GLY E 506 -31.50 -42.48 53.47
CA GLY E 506 -30.41 -42.57 52.53
C GLY E 506 -29.23 -41.76 52.96
N GLY E 507 -28.70 -40.93 52.06
CA GLY E 507 -27.56 -40.12 52.41
C GLY E 507 -26.42 -41.03 52.78
N ASN E 508 -25.87 -40.85 53.97
CA ASN E 508 -24.78 -41.68 54.44
C ASN E 508 -25.13 -43.15 54.63
N GLN E 509 -26.37 -43.44 54.98
CA GLN E 509 -26.82 -44.81 55.19
C GLN E 509 -26.71 -45.68 53.93
N LEU E 510 -27.04 -45.14 52.77
CA LEU E 510 -27.06 -45.91 51.54
C LEU E 510 -25.73 -46.20 50.79
N PHE E 511 -25.77 -47.23 49.96
CA PHE E 511 -24.62 -47.86 49.33
C PHE E 511 -25.09 -48.59 48.07
N ARG E 512 -24.17 -49.17 47.32
CA ARG E 512 -24.52 -49.96 46.18
C ARG E 512 -23.47 -51.00 45.88
N ILE E 513 -23.86 -52.12 45.27
CA ILE E 513 -22.88 -53.14 44.94
C ILE E 513 -22.70 -53.28 43.45
N ASN E 514 -21.46 -53.21 43.02
CA ASN E 514 -21.10 -53.32 41.63
C ASN E 514 -21.22 -54.72 41.10
N GLU E 515 -21.54 -54.83 39.83
CA GLU E 515 -21.39 -56.07 39.11
C GLU E 515 -19.91 -56.40 39.06
N ALA E 516 -19.07 -55.37 39.21
CA ALA E 516 -17.64 -55.50 39.21
C ALA E 516 -17.12 -55.71 40.62
N ASN E 517 -18.03 -55.90 41.57
CA ASN E 517 -17.64 -56.26 42.93
C ASN E 517 -17.19 -55.14 43.85
N GLN E 518 -17.52 -53.90 43.53
CA GLN E 518 -17.16 -52.80 44.39
C GLN E 518 -18.35 -52.26 45.19
N LEU E 519 -18.14 -52.12 46.48
CA LEU E 519 -19.12 -51.56 47.41
C LEU E 519 -18.93 -50.05 47.45
N MET E 520 -19.86 -49.30 46.87
CA MET E 520 -19.68 -47.87 46.82
C MET E 520 -20.71 -46.92 47.35
N GLN E 521 -20.23 -45.83 47.91
CA GLN E 521 -21.06 -44.72 48.33
C GLN E 521 -20.54 -43.54 47.55
N TYR E 522 -21.41 -42.84 46.84
CA TYR E 522 -20.95 -41.73 46.02
C TYR E 522 -19.89 -42.27 45.08
N ASP E 523 -18.76 -41.59 44.96
CA ASP E 523 -17.69 -42.07 44.08
C ASP E 523 -16.68 -42.94 44.80
N GLN E 524 -16.85 -43.13 46.10
CA GLN E 524 -15.87 -43.82 46.90
C GLN E 524 -16.29 -45.26 47.13
N CYS E 525 -15.27 -46.12 47.32
CA CYS E 525 -15.45 -47.54 47.61
C CYS E 525 -14.98 -47.88 49.02
N LEU E 526 -15.56 -48.93 49.58
CA LEU E 526 -15.03 -49.46 50.82
C LEU E 526 -14.20 -50.69 50.49
N THR E 527 -13.11 -50.79 51.26
CA THR E 527 -12.05 -51.77 51.11
C THR E 527 -11.58 -52.16 52.51
N LYS E 528 -10.98 -53.32 52.63
CA LYS E 528 -10.43 -53.73 53.90
C LYS E 528 -9.30 -52.79 54.23
N GLY E 529 -9.31 -52.31 55.46
CA GLY E 529 -8.27 -51.41 55.90
C GLY E 529 -6.98 -52.15 56.03
N ALA E 530 -5.90 -51.50 55.63
CA ALA E 530 -4.57 -52.03 55.86
C ALA E 530 -3.97 -51.23 57.00
N ASP E 531 -3.59 -51.89 58.09
CA ASP E 531 -3.85 -53.31 58.30
C ASP E 531 -4.92 -53.41 59.35
N GLY E 532 -6.07 -53.94 58.98
CA GLY E 532 -7.19 -53.97 59.89
C GLY E 532 -8.26 -54.98 59.55
N SER E 533 -9.12 -55.23 60.50
CA SER E 533 -10.35 -55.89 60.24
C SER E 533 -11.34 -54.77 60.05
N LYS E 534 -10.84 -53.57 59.82
CA LYS E 534 -11.73 -52.41 59.81
C LYS E 534 -12.11 -52.06 58.39
N VAL E 535 -13.36 -51.69 58.17
CA VAL E 535 -13.80 -51.31 56.83
C VAL E 535 -13.66 -49.82 56.64
N MET E 536 -12.99 -49.44 55.57
CA MET E 536 -12.55 -48.08 55.32
C MET E 536 -13.15 -47.58 54.01
N ILE E 537 -13.31 -46.26 53.86
CA ILE E 537 -13.86 -45.63 52.65
C ILE E 537 -12.76 -44.80 51.97
N THR E 538 -12.57 -45.03 50.67
CA THR E 538 -11.57 -44.35 49.87
C THR E 538 -12.01 -44.23 48.43
N HIS E 539 -11.37 -43.37 47.66
CA HIS E 539 -11.82 -43.13 46.31
C HIS E 539 -11.70 -44.41 45.51
N CYS E 540 -12.78 -44.77 44.82
CA CYS E 540 -12.80 -45.96 44.02
C CYS E 540 -12.40 -45.53 42.64
N ASN E 541 -11.39 -46.18 42.09
CA ASN E 541 -11.06 -46.04 40.68
C ASN E 541 -11.27 -47.40 40.05
N LEU E 542 -11.70 -47.42 38.80
CA LEU E 542 -12.24 -48.64 38.24
C LEU E 542 -11.19 -49.70 38.31
N ASN E 543 -11.65 -50.93 38.55
CA ASN E 543 -10.77 -52.05 38.78
C ASN E 543 -9.90 -51.88 40.00
N GLU E 544 -10.45 -51.23 41.02
CA GLU E 544 -9.81 -51.21 42.32
C GLU E 544 -10.84 -51.64 43.35
N PHE E 545 -10.42 -52.37 44.35
CA PHE E 545 -11.33 -52.79 45.38
C PHE E 545 -12.51 -53.58 44.81
N LYS E 546 -12.26 -54.44 43.84
CA LYS E 546 -13.31 -55.33 43.40
C LYS E 546 -13.28 -56.53 44.34
N GLU E 547 -13.71 -56.31 45.57
CA GLU E 547 -13.48 -57.25 46.67
C GLU E 547 -14.70 -57.82 47.39
N TRP E 548 -15.89 -57.34 47.06
CA TRP E 548 -17.10 -57.67 47.81
C TRP E 548 -18.11 -58.48 47.03
N GLN E 549 -18.69 -59.51 47.63
CA GLN E 549 -19.81 -60.11 46.95
C GLN E 549 -20.96 -60.26 47.93
N TYR E 550 -22.17 -59.99 47.45
CA TYR E 550 -23.34 -59.93 48.29
C TYR E 550 -24.31 -61.03 47.89
N PHE E 551 -24.63 -61.90 48.84
CA PHE E 551 -25.60 -62.97 48.61
C PHE E 551 -26.87 -62.62 49.34
N LYS E 552 -27.93 -62.37 48.58
CA LYS E 552 -29.15 -61.89 49.19
C LYS E 552 -29.75 -62.92 50.13
N ASN E 553 -29.81 -64.16 49.68
CA ASN E 553 -30.43 -65.20 50.49
C ASN E 553 -29.68 -65.51 51.76
N LEU E 554 -28.37 -65.52 51.65
CA LEU E 554 -27.51 -65.71 52.79
C LEU E 554 -27.65 -64.57 53.78
N HIS E 555 -27.92 -63.36 53.27
CA HIS E 555 -27.83 -62.22 54.16
C HIS E 555 -26.39 -61.95 54.44
N ARG E 556 -25.53 -62.36 53.53
CA ARG E 556 -24.09 -62.28 53.77
C ARG E 556 -23.39 -61.35 52.77
N PHE E 557 -22.62 -60.41 53.29
CA PHE E 557 -21.56 -59.75 52.52
C PHE E 557 -20.28 -60.47 52.87
N THR E 558 -19.50 -60.84 51.86
CA THR E 558 -18.25 -61.50 52.16
C THR E 558 -17.12 -60.78 51.41
N HIS E 559 -16.04 -60.52 52.13
CA HIS E 559 -14.77 -60.05 51.57
C HIS E 559 -14.14 -61.13 50.71
N ILE E 560 -13.74 -60.77 49.50
CA ILE E 560 -13.29 -61.83 48.59
C ILE E 560 -11.83 -62.21 48.84
N PRO E 561 -10.85 -61.24 49.06
CA PRO E 561 -9.45 -61.66 49.26
C PRO E 561 -9.17 -62.46 50.52
N SER E 562 -9.73 -62.00 51.64
CA SER E 562 -9.88 -62.84 52.80
C SER E 562 -11.10 -63.70 52.55
N GLY E 563 -11.31 -64.69 53.39
CA GLY E 563 -12.54 -65.45 53.38
C GLY E 563 -13.54 -64.80 54.31
N LYS E 564 -13.17 -63.67 54.87
CA LYS E 564 -13.95 -63.02 55.92
C LYS E 564 -15.28 -62.46 55.46
N CYS E 565 -16.20 -62.33 56.39
CA CYS E 565 -17.54 -61.89 56.11
C CYS E 565 -17.72 -60.64 56.91
N LEU E 566 -18.49 -59.69 56.40
CA LEU E 566 -18.73 -58.47 57.15
C LEU E 566 -19.45 -58.84 58.44
N ASP E 567 -19.02 -58.28 59.54
CA ASP E 567 -19.68 -58.48 60.81
C ASP E 567 -19.50 -57.22 61.63
N ARG E 568 -20.31 -57.07 62.67
CA ARG E 568 -20.45 -55.79 63.38
C ARG E 568 -20.52 -55.98 64.88
N SER E 569 -20.33 -54.91 65.64
CA SER E 569 -20.61 -54.98 67.06
C SER E 569 -21.70 -53.96 67.34
N GLU E 570 -22.78 -54.37 68.00
CA GLU E 570 -23.87 -53.44 68.26
C GLU E 570 -23.49 -52.29 69.20
N VAL E 571 -22.76 -52.61 70.27
CA VAL E 571 -22.07 -51.62 71.07
C VAL E 571 -20.72 -52.22 71.34
N LEU E 572 -19.64 -51.52 71.02
CA LEU E 572 -19.61 -50.21 70.40
C LEU E 572 -20.07 -50.33 68.97
N HIS E 573 -20.44 -49.21 68.34
CA HIS E 573 -21.00 -49.25 67.00
C HIS E 573 -19.89 -49.37 65.99
N GLN E 574 -19.42 -50.59 65.78
CA GLN E 574 -18.25 -50.81 64.96
C GLN E 574 -18.51 -51.81 63.85
N VAL E 575 -17.88 -51.57 62.70
CA VAL E 575 -18.00 -52.45 61.55
C VAL E 575 -16.65 -53.01 61.14
N PHE E 576 -16.57 -54.32 60.97
CA PHE E 576 -15.32 -54.98 60.65
C PHE E 576 -15.58 -56.34 60.01
N ILE E 577 -14.54 -56.93 59.44
CA ILE E 577 -14.62 -58.26 58.86
C ILE E 577 -13.94 -59.29 59.75
N SER E 578 -14.65 -60.38 60.02
CA SER E 578 -14.18 -61.44 60.88
C SER E 578 -14.31 -62.74 60.10
N ASN E 579 -13.70 -63.80 60.58
CA ASN E 579 -13.83 -65.07 59.91
C ASN E 579 -15.31 -65.36 59.91
N CYS E 580 -15.82 -65.97 58.85
CA CYS E 580 -17.26 -66.09 58.72
C CYS E 580 -17.74 -67.28 59.51
N ASP E 581 -17.95 -67.06 60.80
CA ASP E 581 -18.38 -68.12 61.70
C ASP E 581 -19.75 -68.63 61.30
N SER E 582 -20.64 -67.70 60.99
CA SER E 582 -21.97 -68.02 60.48
C SER E 582 -22.94 -68.41 61.57
N SER E 583 -22.47 -68.45 62.81
CA SER E 583 -23.37 -68.71 63.91
C SER E 583 -23.66 -67.41 64.59
N LYS E 584 -23.01 -66.37 64.07
CA LYS E 584 -23.12 -65.04 64.62
C LYS E 584 -24.21 -64.30 63.91
N THR E 585 -25.15 -63.81 64.70
CA THR E 585 -26.27 -63.05 64.19
C THR E 585 -25.78 -61.82 63.48
N THR E 586 -24.74 -61.21 64.04
CA THR E 586 -23.98 -60.19 63.34
C THR E 586 -23.33 -61.00 62.26
N GLN E 587 -23.01 -60.37 61.14
CA GLN E 587 -22.58 -61.05 59.92
C GLN E 587 -23.76 -61.43 59.05
N LYS E 588 -24.99 -61.11 59.44
CA LYS E 588 -26.02 -61.13 58.42
C LYS E 588 -26.69 -59.78 58.26
N TRP E 589 -26.79 -59.31 57.02
CA TRP E 589 -27.46 -58.06 56.72
C TRP E 589 -28.35 -58.14 55.49
N GLU E 590 -29.33 -57.26 55.44
CA GLU E 590 -30.12 -57.05 54.23
C GLU E 590 -29.62 -55.79 53.54
N MET E 591 -29.94 -55.65 52.24
CA MET E 591 -29.79 -54.38 51.52
C MET E 591 -31.14 -53.97 50.97
N ASN E 592 -31.60 -52.77 51.33
CA ASN E 592 -32.97 -52.40 50.99
C ASN E 592 -32.96 -51.06 50.23
N ASN E 593 -33.71 -50.96 49.15
CA ASN E 593 -33.84 -49.69 48.46
C ASN E 593 -34.51 -48.61 49.31
N ILE E 594 -33.76 -47.56 49.63
CA ILE E 594 -34.31 -46.38 50.29
C ILE E 594 -35.32 -45.58 49.46
N HIS E 595 -35.09 -45.46 48.17
CA HIS E 595 -36.04 -44.75 47.33
C HIS E 595 -36.28 -43.30 47.78
N SER E 596 -35.23 -42.52 47.84
CA SER E 596 -35.38 -41.12 48.21
C SER E 596 -36.31 -40.42 47.22
N VAL E 597 -37.16 -39.54 47.74
CA VAL E 597 -38.11 -38.81 46.91
C VAL E 597 -37.54 -37.46 46.48
N TYR F 52 -8.72 -50.74 22.54
CA TYR F 52 -7.34 -50.61 23.00
C TYR F 52 -6.38 -50.78 21.85
N LEU F 53 -6.79 -51.53 20.84
CA LEU F 53 -6.00 -51.68 19.62
C LEU F 53 -6.04 -50.41 18.79
N THR F 54 -4.93 -50.10 18.13
CA THR F 54 -4.82 -48.90 17.32
C THR F 54 -3.96 -49.12 16.09
N PHE F 55 -4.15 -48.25 15.09
CA PHE F 55 -3.34 -48.26 13.88
C PHE F 55 -1.96 -47.65 14.06
N LYS F 56 -1.04 -48.02 13.18
CA LYS F 56 0.30 -47.48 13.23
C LYS F 56 0.20 -45.99 13.00
N PRO F 57 0.95 -45.22 13.78
CA PRO F 57 0.94 -43.77 13.67
C PRO F 57 1.68 -43.31 12.46
N GLN F 58 1.41 -42.11 12.00
CA GLN F 58 2.10 -41.61 10.83
C GLN F 58 3.57 -41.44 11.13
N THR F 59 4.42 -41.93 10.22
CA THR F 59 5.85 -41.69 10.29
C THR F 59 6.32 -40.95 9.06
N PHE F 60 5.40 -40.73 8.13
CA PHE F 60 5.70 -40.11 6.85
C PHE F 60 5.19 -38.68 6.89
N THR F 61 6.03 -37.72 6.54
CA THR F 61 5.63 -36.33 6.57
C THR F 61 5.38 -35.82 5.18
N TYR F 62 4.17 -35.31 4.94
CA TYR F 62 3.79 -34.82 3.63
C TYR F 62 3.02 -33.52 3.76
N HIS F 63 2.98 -32.73 2.69
CA HIS F 63 2.27 -31.45 2.71
C HIS F 63 1.14 -31.38 1.68
N ASP F 64 -0.01 -30.89 2.14
CA ASP F 64 -1.23 -30.83 1.35
C ASP F 64 -1.00 -29.93 0.16
N PRO F 65 -1.54 -30.27 -1.01
CA PRO F 65 -1.16 -29.44 -2.15
C PRO F 65 -1.80 -28.07 -2.15
N VAL F 66 -1.30 -27.20 -2.99
CA VAL F 66 -1.69 -25.79 -3.04
C VAL F 66 -2.25 -25.46 -4.41
N LEU F 67 -3.32 -24.69 -4.47
CA LEU F 67 -3.85 -24.34 -5.78
C LEU F 67 -3.24 -23.05 -6.25
N ARG F 68 -2.40 -23.13 -7.27
CA ARG F 68 -1.82 -21.94 -7.85
C ARG F 68 -2.59 -21.61 -9.11
N PRO F 69 -3.58 -20.62 -8.95
CA PRO F 69 -4.32 -20.37 -10.19
C PRO F 69 -3.46 -19.70 -11.23
N GLY F 70 -3.76 -20.02 -12.48
CA GLY F 70 -3.13 -19.39 -13.62
C GLY F 70 -1.79 -20.00 -13.90
N ILE F 71 -1.42 -20.98 -13.10
CA ILE F 71 -0.08 -21.53 -13.22
C ILE F 71 -0.11 -23.04 -13.42
N LEU F 72 0.56 -23.49 -14.47
CA LEU F 72 0.57 -24.89 -14.86
C LEU F 72 1.49 -25.74 -14.01
N GLY F 73 1.44 -27.04 -14.21
CA GLY F 73 2.34 -27.96 -13.55
C GLY F 73 1.86 -28.22 -12.15
N ASN F 74 2.62 -28.96 -11.35
CA ASN F 74 3.86 -29.55 -11.83
C ASN F 74 3.63 -30.96 -12.31
N PHE F 75 2.38 -31.41 -12.24
CA PHE F 75 2.04 -32.72 -12.81
C PHE F 75 1.25 -32.65 -14.11
N GLU F 76 1.07 -31.46 -14.66
CA GLU F 76 0.46 -31.29 -15.97
C GLU F 76 1.42 -31.76 -17.04
N PRO F 77 0.89 -32.30 -18.13
CA PRO F 77 1.70 -32.70 -19.28
C PRO F 77 2.39 -31.51 -19.91
N LYS F 78 1.71 -30.37 -19.94
CA LYS F 78 2.23 -29.16 -20.55
C LYS F 78 2.15 -29.26 -22.06
N GLU F 79 2.76 -30.27 -22.64
CA GLU F 79 2.69 -30.44 -24.08
C GLU F 79 1.83 -31.65 -24.41
N PRO F 80 0.85 -31.44 -25.27
CA PRO F 80 -0.23 -32.44 -25.51
C PRO F 80 0.32 -33.84 -25.74
N GLU F 81 -0.34 -34.86 -25.19
CA GLU F 81 0.18 -36.21 -25.31
C GLU F 81 -0.03 -36.66 -26.73
N PRO F 82 0.91 -37.42 -27.29
CA PRO F 82 0.78 -37.66 -28.73
C PRO F 82 0.13 -38.99 -28.97
N PRO F 83 -0.87 -39.02 -29.83
CA PRO F 83 -1.62 -40.26 -30.00
C PRO F 83 -0.72 -41.42 -30.35
N GLY F 84 -1.15 -42.62 -30.00
CA GLY F 84 -0.40 -43.81 -30.34
C GLY F 84 -0.34 -43.94 -31.84
N VAL F 85 -1.45 -43.67 -32.50
CA VAL F 85 -1.46 -43.66 -33.94
C VAL F 85 -2.10 -42.39 -34.43
N VAL F 86 -1.63 -41.88 -35.54
CA VAL F 86 -2.21 -40.67 -36.08
C VAL F 86 -2.84 -40.99 -37.42
N GLY F 87 -4.13 -40.70 -37.59
CA GLY F 87 -5.00 -40.26 -36.52
C GLY F 87 -6.23 -41.14 -36.50
N GLY F 88 -6.69 -41.49 -35.32
CA GLY F 88 -7.75 -42.48 -35.17
C GLY F 88 -7.00 -43.79 -35.28
N PRO F 89 -7.72 -44.91 -35.23
CA PRO F 89 -9.17 -44.85 -35.04
C PRO F 89 -9.66 -44.31 -33.69
N GLY F 90 -9.09 -44.75 -32.57
CA GLY F 90 -9.60 -44.35 -31.28
C GLY F 90 -9.56 -42.91 -30.79
N GLU F 91 -8.44 -42.23 -31.01
CA GLU F 91 -8.15 -40.94 -30.39
C GLU F 91 -8.95 -39.78 -30.99
N LYS F 92 -8.99 -38.63 -30.31
CA LYS F 92 -8.45 -38.46 -28.98
C LYS F 92 -9.24 -39.27 -27.97
N ALA F 93 -10.55 -39.18 -28.03
CA ALA F 93 -11.38 -40.21 -27.42
C ALA F 93 -12.55 -40.31 -28.37
N LYS F 94 -12.37 -39.94 -29.62
CA LYS F 94 -13.49 -39.80 -30.54
C LYS F 94 -14.18 -41.13 -30.72
N PRO F 95 -15.52 -41.13 -30.78
CA PRO F 95 -16.17 -42.43 -30.92
C PRO F 95 -15.84 -43.14 -32.21
N LEU F 96 -15.70 -44.46 -32.16
CA LEU F 96 -15.42 -45.25 -33.33
C LEU F 96 -16.70 -45.91 -33.75
N VAL F 97 -17.22 -45.53 -34.90
CA VAL F 97 -18.50 -46.06 -35.35
C VAL F 97 -18.22 -46.87 -36.61
N LEU F 98 -18.56 -48.16 -36.57
CA LEU F 98 -18.22 -49.14 -37.60
C LEU F 98 -19.45 -49.53 -38.42
N GLY F 99 -19.34 -50.66 -39.13
CA GLY F 99 -20.49 -51.35 -39.67
C GLY F 99 -20.99 -50.73 -40.93
N PRO F 100 -22.00 -51.35 -41.54
CA PRO F 100 -22.70 -52.49 -40.95
C PRO F 100 -22.10 -53.80 -41.39
N GLU F 101 -21.06 -53.75 -42.21
CA GLU F 101 -20.46 -54.97 -42.68
C GLU F 101 -19.97 -55.70 -41.46
N PHE F 102 -19.58 -54.93 -40.46
CA PHE F 102 -18.97 -55.44 -39.25
C PHE F 102 -19.89 -56.16 -38.28
N LYS F 103 -21.20 -56.09 -38.49
CA LYS F 103 -22.14 -56.47 -37.43
C LYS F 103 -22.00 -57.90 -36.96
N GLN F 104 -21.81 -58.85 -37.87
CA GLN F 104 -21.77 -60.24 -37.45
C GLN F 104 -20.62 -60.39 -36.50
N ALA F 105 -19.50 -59.79 -36.85
CA ALA F 105 -18.30 -59.89 -36.04
C ALA F 105 -18.45 -59.22 -34.70
N ILE F 106 -19.00 -58.02 -34.69
CA ILE F 106 -19.14 -57.32 -33.43
C ILE F 106 -20.11 -58.09 -32.57
N GLN F 107 -21.16 -58.57 -33.20
CA GLN F 107 -22.18 -59.28 -32.47
C GLN F 107 -21.53 -60.50 -31.87
N ALA F 108 -20.65 -61.13 -32.63
CA ALA F 108 -19.94 -62.29 -32.10
C ALA F 108 -19.13 -61.92 -30.87
N SER F 109 -18.29 -60.90 -31.01
CA SER F 109 -17.41 -60.49 -29.93
C SER F 109 -18.19 -60.08 -28.69
N ILE F 110 -19.32 -59.42 -28.89
CA ILE F 110 -20.10 -58.98 -27.75
C ILE F 110 -20.54 -60.18 -26.95
N LYS F 111 -20.92 -61.25 -27.63
CA LYS F 111 -21.35 -62.46 -26.95
C LYS F 111 -20.21 -63.05 -26.15
N GLU F 112 -19.03 -63.12 -26.73
CA GLU F 112 -17.88 -63.60 -25.98
C GLU F 112 -17.46 -62.73 -24.81
N PHE F 113 -17.42 -61.41 -25.00
CA PHE F 113 -16.92 -60.52 -23.96
C PHE F 113 -17.84 -59.43 -23.45
N GLY F 114 -19.01 -59.22 -24.05
CA GLY F 114 -19.81 -58.13 -23.58
C GLY F 114 -19.26 -56.78 -23.92
N PHE F 115 -18.13 -56.72 -24.60
CA PHE F 115 -17.64 -55.50 -25.22
C PHE F 115 -17.57 -55.69 -26.73
N ASN F 116 -17.69 -54.57 -27.45
CA ASN F 116 -17.38 -54.56 -28.87
C ASN F 116 -15.88 -54.80 -29.08
N MET F 117 -15.42 -56.06 -29.10
CA MET F 117 -13.99 -56.29 -29.24
C MET F 117 -13.44 -55.92 -30.61
N VAL F 118 -14.24 -55.98 -31.66
CA VAL F 118 -13.68 -55.64 -32.96
C VAL F 118 -13.32 -54.16 -33.00
N ALA F 119 -14.16 -53.33 -32.40
CA ALA F 119 -13.87 -51.92 -32.28
C ALA F 119 -12.67 -51.67 -31.40
N SER F 120 -12.57 -52.38 -30.29
CA SER F 120 -11.46 -52.18 -29.37
C SER F 120 -10.14 -52.55 -30.00
N ASP F 121 -10.15 -53.62 -30.75
CA ASP F 121 -8.92 -54.12 -31.30
C ASP F 121 -8.31 -53.08 -32.20
N MET F 122 -9.13 -52.33 -32.94
CA MET F 122 -8.48 -51.39 -33.86
C MET F 122 -8.17 -50.05 -33.23
N ILE F 123 -8.30 -49.96 -31.92
CA ILE F 123 -7.94 -48.76 -31.22
C ILE F 123 -6.60 -48.96 -30.57
N SER F 124 -5.72 -47.99 -30.73
CA SER F 124 -4.35 -48.13 -30.27
C SER F 124 -4.34 -48.33 -28.78
N LEU F 125 -3.48 -49.25 -28.34
CA LEU F 125 -3.34 -49.54 -26.92
C LEU F 125 -2.83 -48.31 -26.22
N ASP F 126 -2.06 -47.50 -26.94
CA ASP F 126 -1.46 -46.29 -26.41
C ASP F 126 -2.23 -45.04 -26.79
N ARG F 127 -3.52 -45.18 -27.03
CA ARG F 127 -4.27 -44.06 -27.56
C ARG F 127 -4.25 -42.91 -26.57
N SER F 128 -4.33 -41.70 -27.12
CA SER F 128 -4.68 -40.56 -26.31
C SER F 128 -6.15 -40.64 -25.94
N VAL F 129 -6.55 -39.74 -25.05
CA VAL F 129 -7.89 -39.71 -24.45
C VAL F 129 -8.20 -38.27 -24.12
N ASN F 130 -9.50 -37.98 -24.09
CA ASN F 130 -10.06 -36.69 -23.71
C ASN F 130 -9.96 -36.38 -22.23
N ASP F 131 -10.01 -35.10 -21.89
CA ASP F 131 -9.87 -34.69 -20.51
C ASP F 131 -11.21 -34.25 -19.93
N LEU F 132 -11.70 -35.00 -18.97
CA LEU F 132 -12.96 -34.67 -18.39
C LEU F 132 -12.76 -33.82 -17.17
N ARG F 133 -11.50 -33.61 -16.82
CA ARG F 133 -11.12 -32.90 -15.63
C ARG F 133 -11.54 -31.46 -15.73
N GLN F 134 -11.95 -30.90 -14.59
CA GLN F 134 -12.21 -29.48 -14.46
C GLN F 134 -10.86 -28.80 -14.59
N GLU F 135 -10.88 -27.57 -15.10
CA GLU F 135 -9.68 -26.79 -15.42
C GLU F 135 -8.84 -26.52 -14.18
N GLU F 136 -9.52 -26.32 -13.07
CA GLU F 136 -8.86 -25.94 -11.84
C GLU F 136 -7.84 -27.00 -11.56
N CYS F 137 -8.19 -28.23 -11.89
CA CYS F 137 -7.41 -29.37 -11.51
C CYS F 137 -6.02 -29.26 -12.13
N LYS F 138 -5.89 -28.52 -13.23
CA LYS F 138 -4.57 -28.35 -13.81
C LYS F 138 -3.65 -27.44 -13.00
N TYR F 139 -4.22 -26.72 -12.05
CA TYR F 139 -3.48 -25.70 -11.31
C TYR F 139 -3.07 -26.04 -9.87
N TRP F 140 -3.06 -27.31 -9.53
CA TRP F 140 -2.67 -27.79 -8.21
C TRP F 140 -1.21 -28.22 -8.24
N HIS F 141 -0.44 -27.78 -7.25
CA HIS F 141 0.98 -28.12 -7.13
C HIS F 141 1.17 -29.08 -5.96
N TYR F 142 1.59 -30.30 -6.27
CA TYR F 142 1.79 -31.34 -5.28
C TYR F 142 3.24 -31.54 -4.92
N ASP F 143 3.43 -32.14 -3.75
CA ASP F 143 4.68 -32.25 -3.05
C ASP F 143 5.76 -33.02 -3.81
N GLU F 144 5.36 -34.08 -4.50
CA GLU F 144 6.30 -34.95 -5.19
C GLU F 144 6.94 -35.91 -4.21
N ASN F 145 6.44 -35.90 -2.98
CA ASN F 145 6.91 -36.84 -1.96
C ASN F 145 5.97 -38.02 -1.96
N LEU F 146 5.21 -38.17 -3.02
CA LEU F 146 4.17 -39.20 -3.06
C LEU F 146 4.63 -40.60 -2.87
N LEU F 147 3.82 -41.38 -2.15
CA LEU F 147 4.11 -42.76 -1.82
C LEU F 147 4.16 -43.53 -3.14
N THR F 148 4.90 -44.63 -3.16
CA THR F 148 4.99 -45.47 -4.31
C THR F 148 3.77 -46.34 -4.28
N SER F 149 3.49 -47.03 -5.37
CA SER F 149 2.21 -47.71 -5.54
C SER F 149 2.37 -49.00 -6.35
N SER F 150 1.65 -50.02 -5.94
CA SER F 150 1.50 -51.22 -6.75
C SER F 150 0.07 -51.18 -7.25
N VAL F 151 -0.12 -51.28 -8.55
CA VAL F 151 -1.49 -51.35 -9.06
C VAL F 151 -1.80 -52.82 -9.29
N VAL F 152 -2.93 -53.27 -8.76
CA VAL F 152 -3.34 -54.63 -8.96
C VAL F 152 -4.62 -54.60 -9.79
N ILE F 153 -4.63 -55.44 -10.82
CA ILE F 153 -5.68 -55.56 -11.82
C ILE F 153 -6.06 -57.03 -11.80
N VAL F 154 -7.23 -57.34 -11.24
CA VAL F 154 -7.73 -58.71 -11.29
C VAL F 154 -8.27 -58.97 -12.69
N PHE F 155 -8.10 -60.16 -13.21
CA PHE F 155 -8.78 -60.45 -14.45
C PHE F 155 -9.33 -61.87 -14.56
N HIS F 156 -10.32 -62.00 -15.43
CA HIS F 156 -10.98 -63.28 -15.70
C HIS F 156 -11.47 -63.30 -17.14
N ASN F 157 -10.71 -63.93 -18.04
CA ASN F 157 -11.14 -64.10 -19.42
C ASN F 157 -11.31 -62.77 -20.14
N GLU F 158 -10.60 -61.77 -19.66
CA GLU F 158 -10.66 -60.43 -20.19
C GLU F 158 -10.12 -60.42 -21.60
N GLY F 159 -10.71 -59.64 -22.47
CA GLY F 159 -10.24 -59.54 -23.83
C GLY F 159 -8.85 -58.95 -23.83
N TRP F 160 -8.02 -59.37 -24.76
CA TRP F 160 -6.63 -58.94 -24.76
C TRP F 160 -6.45 -57.44 -24.93
N SER F 161 -7.18 -56.84 -25.86
CA SER F 161 -7.03 -55.41 -26.09
C SER F 161 -7.45 -54.60 -24.90
N THR F 162 -8.59 -54.93 -24.32
CA THR F 162 -9.08 -54.17 -23.19
C THR F 162 -8.16 -54.26 -21.99
N LEU F 163 -7.69 -55.47 -21.70
CA LEU F 163 -6.79 -55.64 -20.57
C LEU F 163 -5.48 -54.94 -20.79
N MET F 164 -4.92 -55.12 -21.97
CA MET F 164 -3.68 -54.47 -22.31
C MET F 164 -3.81 -52.96 -22.37
N ARG F 165 -4.95 -52.49 -22.83
CA ARG F 165 -5.16 -51.08 -22.95
C ARG F 165 -5.08 -50.47 -21.58
N THR F 166 -5.69 -51.14 -20.60
CA THR F 166 -5.66 -50.67 -19.23
C THR F 166 -4.25 -50.69 -18.68
N VAL F 167 -3.52 -51.75 -18.94
CA VAL F 167 -2.17 -51.84 -18.40
C VAL F 167 -1.42 -50.69 -19.03
N HIS F 168 -1.61 -50.49 -20.32
CA HIS F 168 -0.80 -49.52 -21.02
C HIS F 168 -0.97 -48.13 -20.45
N SER F 169 -2.19 -47.76 -20.09
CA SER F 169 -2.44 -46.42 -19.62
C SER F 169 -1.68 -46.07 -18.34
N VAL F 170 -1.63 -46.99 -17.39
CA VAL F 170 -0.99 -46.68 -16.12
C VAL F 170 0.48 -46.39 -16.34
N ILE F 171 1.08 -47.21 -17.18
CA ILE F 171 2.47 -47.08 -17.57
C ILE F 171 2.71 -45.78 -18.32
N LYS F 172 1.75 -45.45 -19.17
CA LYS F 172 1.89 -44.27 -20.01
C LYS F 172 1.69 -42.98 -19.25
N ARG F 173 0.70 -42.96 -18.37
CA ARG F 173 0.30 -41.74 -17.68
C ARG F 173 0.73 -41.60 -16.22
N THR F 174 1.51 -42.53 -15.72
CA THR F 174 1.96 -42.44 -14.34
C THR F 174 3.46 -42.24 -14.25
N PRO F 175 3.89 -41.21 -13.51
CA PRO F 175 5.32 -40.96 -13.40
C PRO F 175 6.05 -42.18 -12.90
N ARG F 176 7.19 -42.46 -13.51
CA ARG F 176 7.88 -43.74 -13.36
C ARG F 176 8.33 -44.11 -11.96
N LYS F 177 8.79 -43.12 -11.19
CA LYS F 177 9.33 -43.39 -9.87
C LYS F 177 8.30 -43.94 -8.91
N TYR F 178 7.10 -43.41 -9.00
CA TYR F 178 5.96 -43.81 -8.21
C TYR F 178 5.34 -45.17 -8.51
N LEU F 179 5.53 -45.68 -9.72
CA LEU F 179 4.93 -46.93 -10.16
C LEU F 179 5.88 -48.06 -9.79
N ALA F 180 5.55 -48.76 -8.71
CA ALA F 180 6.46 -49.76 -8.15
C ALA F 180 6.38 -51.09 -8.88
N GLU F 181 5.18 -51.55 -9.21
CA GLU F 181 4.92 -52.75 -10.00
C GLU F 181 3.47 -52.69 -10.48
N ILE F 182 3.12 -53.51 -11.46
CA ILE F 182 1.74 -53.69 -11.89
C ILE F 182 1.47 -55.18 -11.80
N VAL F 183 0.69 -55.58 -10.79
CA VAL F 183 0.43 -56.98 -10.51
C VAL F 183 -0.89 -57.40 -11.13
N LEU F 184 -0.84 -58.34 -12.06
CA LEU F 184 -2.04 -58.87 -12.70
C LEU F 184 -2.40 -60.15 -11.97
N ILE F 185 -3.63 -60.25 -11.51
CA ILE F 185 -4.05 -61.45 -10.80
C ILE F 185 -5.02 -62.15 -11.71
N ASP F 186 -4.72 -63.41 -11.97
CA ASP F 186 -5.55 -64.23 -12.80
C ASP F 186 -6.36 -65.02 -11.82
N ASP F 187 -7.65 -64.76 -11.80
CA ASP F 187 -8.58 -65.66 -11.14
C ASP F 187 -8.58 -66.72 -12.18
N PHE F 188 -9.09 -67.91 -11.90
CA PHE F 188 -8.87 -69.01 -12.80
C PHE F 188 -9.49 -68.59 -14.11
N SER F 189 -8.66 -68.49 -15.14
CA SER F 189 -9.15 -68.13 -16.47
C SER F 189 -9.01 -69.24 -17.52
N ASN F 190 -10.01 -69.32 -18.39
CA ASN F 190 -10.01 -70.24 -19.53
C ASN F 190 -9.37 -69.85 -20.86
N LYS F 191 -9.54 -68.60 -21.29
CA LYS F 191 -9.12 -68.24 -22.62
C LYS F 191 -7.64 -68.34 -22.87
N GLU F 192 -7.30 -68.75 -24.07
CA GLU F 192 -5.94 -69.05 -24.48
C GLU F 192 -4.97 -67.88 -24.44
N HIS F 193 -5.44 -66.71 -24.85
CA HIS F 193 -4.56 -65.56 -24.99
C HIS F 193 -3.95 -65.21 -23.66
N LEU F 194 -4.70 -65.42 -22.61
CA LEU F 194 -4.26 -65.05 -21.28
C LEU F 194 -3.10 -65.99 -20.96
N LYS F 195 -3.10 -67.21 -21.47
CA LYS F 195 -2.01 -68.11 -21.09
C LYS F 195 -1.01 -68.40 -22.19
N GLU F 196 0.25 -68.14 -21.91
CA GLU F 196 1.36 -68.50 -22.77
C GLU F 196 1.61 -67.49 -23.87
N LYS F 197 0.78 -66.46 -23.94
CA LYS F 197 0.96 -65.41 -24.90
C LYS F 197 1.12 -64.17 -24.06
N LEU F 198 0.27 -64.11 -23.05
CA LEU F 198 0.21 -63.02 -22.10
C LEU F 198 1.50 -62.92 -21.34
N ASP F 199 2.04 -64.06 -20.96
CA ASP F 199 3.27 -64.06 -20.19
C ASP F 199 4.33 -63.53 -21.14
N GLU F 200 4.31 -63.96 -22.39
CA GLU F 200 5.34 -63.48 -23.32
C GLU F 200 5.34 -61.99 -23.63
N TYR F 201 4.19 -61.40 -23.88
CA TYR F 201 4.11 -59.96 -24.03
C TYR F 201 4.59 -59.15 -22.86
N ILE F 202 4.40 -59.64 -21.65
CA ILE F 202 4.62 -58.83 -20.46
C ILE F 202 6.07 -58.36 -20.35
N LYS F 203 6.92 -59.08 -21.07
CA LYS F 203 8.36 -59.00 -20.95
C LYS F 203 8.75 -57.60 -21.36
N LEU F 204 7.95 -57.00 -22.22
CA LEU F 204 8.32 -55.76 -22.84
C LEU F 204 8.69 -54.75 -21.77
N TRP F 205 7.88 -54.79 -20.72
CA TRP F 205 8.11 -53.90 -19.61
C TRP F 205 9.28 -54.19 -18.67
N ASN F 206 10.04 -55.22 -19.00
CA ASN F 206 11.22 -55.57 -18.22
C ASN F 206 10.90 -55.96 -16.79
N GLY F 207 9.80 -56.67 -16.61
CA GLY F 207 9.46 -57.22 -15.32
C GLY F 207 8.79 -56.22 -14.41
N LEU F 208 8.51 -55.05 -14.97
CA LEU F 208 7.76 -54.07 -14.20
C LEU F 208 6.39 -54.66 -13.96
N VAL F 209 5.91 -55.42 -14.93
CA VAL F 209 4.57 -55.96 -14.85
C VAL F 209 4.64 -57.45 -14.57
N LYS F 210 3.92 -57.89 -13.54
CA LYS F 210 3.99 -59.26 -13.09
C LYS F 210 2.61 -59.90 -13.08
N VAL F 211 2.54 -61.15 -13.47
CA VAL F 211 1.28 -61.87 -13.50
C VAL F 211 1.31 -63.07 -12.57
N PHE F 212 0.25 -63.23 -11.78
CA PHE F 212 0.14 -64.39 -10.93
C PHE F 212 -1.08 -65.27 -11.19
N ARG F 213 -0.87 -66.53 -11.51
CA ARG F 213 -2.00 -67.45 -11.69
C ARG F 213 -2.64 -67.87 -10.36
N ASN F 214 -3.91 -68.26 -10.42
CA ASN F 214 -4.72 -68.65 -9.28
C ASN F 214 -5.13 -70.08 -9.54
N GLU F 215 -5.01 -70.93 -8.53
CA GLU F 215 -5.21 -72.36 -8.73
C GLU F 215 -6.67 -72.65 -8.97
N ARG F 216 -7.51 -71.94 -8.25
CA ARG F 216 -8.93 -72.14 -8.27
C ARG F 216 -9.51 -70.81 -8.60
N ARG F 217 -10.76 -70.78 -9.05
CA ARG F 217 -11.38 -69.51 -9.33
C ARG F 217 -11.82 -69.01 -7.98
N GLU F 218 -11.07 -68.05 -7.47
CA GLU F 218 -11.32 -67.55 -6.13
C GLU F 218 -12.45 -66.51 -6.05
N GLY F 219 -12.85 -65.94 -7.16
CA GLY F 219 -13.87 -64.93 -7.12
C GLY F 219 -13.24 -63.56 -7.01
N LEU F 220 -14.00 -62.55 -7.37
CA LEU F 220 -13.49 -61.20 -7.45
C LEU F 220 -13.05 -60.57 -6.14
N ILE F 221 -13.81 -60.76 -5.08
CA ILE F 221 -13.42 -60.22 -3.79
C ILE F 221 -12.16 -60.86 -3.25
N GLN F 222 -12.13 -62.17 -3.19
CA GLN F 222 -10.96 -62.86 -2.70
C GLN F 222 -9.76 -62.73 -3.60
N ALA F 223 -10.00 -62.56 -4.88
CA ALA F 223 -8.95 -62.31 -5.82
C ALA F 223 -8.23 -61.03 -5.48
N ARG F 224 -8.98 -60.01 -5.10
CA ARG F 224 -8.40 -58.75 -4.68
C ARG F 224 -7.57 -58.91 -3.42
N SER F 225 -8.00 -59.80 -2.50
CA SER F 225 -7.21 -60.03 -1.29
C SER F 225 -5.87 -60.68 -1.63
N ILE F 226 -5.88 -61.65 -2.53
CA ILE F 226 -4.64 -62.28 -2.98
C ILE F 226 -3.71 -61.25 -3.62
N GLY F 227 -4.30 -60.29 -4.29
CA GLY F 227 -3.54 -59.29 -4.97
C GLY F 227 -2.73 -58.51 -4.00
N ALA F 228 -3.35 -58.15 -2.90
CA ALA F 228 -2.71 -57.37 -1.88
C ALA F 228 -1.55 -58.11 -1.28
N GLN F 229 -1.71 -59.41 -1.09
CA GLN F 229 -0.63 -60.25 -0.67
C GLN F 229 0.47 -60.37 -1.72
N LYS F 230 0.12 -60.48 -2.99
CA LYS F 230 1.11 -60.84 -3.97
C LYS F 230 1.90 -59.65 -4.46
N ALA F 231 1.58 -58.47 -3.96
CA ALA F 231 2.20 -57.26 -4.44
C ALA F 231 2.84 -56.52 -3.30
N LYS F 232 4.01 -56.99 -2.92
CA LYS F 232 4.82 -56.42 -1.86
C LYS F 232 5.39 -55.02 -2.09
N LEU F 233 5.77 -54.72 -3.31
CA LEU F 233 6.67 -53.61 -3.60
C LEU F 233 6.21 -52.20 -3.24
N GLY F 234 4.94 -51.89 -3.48
CA GLY F 234 4.46 -50.54 -3.29
C GLY F 234 4.05 -50.15 -1.90
N GLN F 235 4.00 -48.86 -1.60
CA GLN F 235 3.52 -48.49 -0.32
C GLN F 235 2.03 -48.44 -0.27
N VAL F 236 1.40 -48.12 -1.39
CA VAL F 236 -0.06 -48.09 -1.42
C VAL F 236 -0.54 -49.01 -2.53
N LEU F 237 -1.74 -49.56 -2.30
CA LEU F 237 -2.40 -50.40 -3.29
C LEU F 237 -3.35 -49.55 -4.13
N ILE F 238 -3.22 -49.61 -5.45
CA ILE F 238 -4.16 -48.95 -6.34
C ILE F 238 -4.89 -50.06 -7.08
N TYR F 239 -6.17 -50.24 -6.85
CA TYR F 239 -6.84 -51.33 -7.53
C TYR F 239 -7.54 -50.79 -8.76
N LEU F 240 -7.47 -51.55 -9.89
CA LEU F 240 -8.11 -51.21 -11.16
C LEU F 240 -8.80 -52.40 -11.85
N ASP F 241 -10.01 -52.19 -12.35
CA ASP F 241 -10.75 -53.17 -13.11
C ASP F 241 -9.91 -53.38 -14.35
N ALA F 242 -10.06 -54.51 -15.01
CA ALA F 242 -9.18 -54.91 -16.08
C ALA F 242 -9.56 -54.32 -17.42
N HIS F 243 -10.61 -53.51 -17.40
CA HIS F 243 -11.04 -52.83 -18.60
C HIS F 243 -11.18 -51.36 -18.24
N CYS F 244 -10.07 -50.71 -17.92
CA CYS F 244 -10.10 -49.29 -17.57
C CYS F 244 -9.08 -48.51 -18.35
N GLU F 245 -9.30 -47.22 -18.51
CA GLU F 245 -8.29 -46.31 -19.02
C GLU F 245 -8.14 -45.15 -18.03
N VAL F 246 -6.92 -44.90 -17.56
CA VAL F 246 -6.67 -43.91 -16.52
C VAL F 246 -6.35 -42.57 -17.17
N ALA F 247 -6.79 -41.47 -16.56
CA ALA F 247 -6.67 -40.12 -17.15
C ALA F 247 -5.31 -39.47 -16.89
N VAL F 248 -5.05 -38.34 -17.50
CA VAL F 248 -3.77 -37.66 -17.28
C VAL F 248 -3.66 -37.11 -15.87
N ASN F 249 -2.51 -37.29 -15.25
CA ASN F 249 -2.30 -36.83 -13.88
C ASN F 249 -3.33 -37.37 -12.89
N TRP F 250 -3.70 -38.63 -13.06
CA TRP F 250 -4.54 -39.32 -12.11
C TRP F 250 -3.87 -39.57 -10.78
N TYR F 251 -2.60 -39.91 -10.84
CA TYR F 251 -1.88 -40.38 -9.68
C TYR F 251 -1.60 -39.43 -8.54
N ALA F 252 -1.15 -38.22 -8.84
CA ALA F 252 -0.75 -37.33 -7.78
C ALA F 252 -1.91 -36.94 -6.91
N PRO F 253 -3.05 -36.60 -7.51
CA PRO F 253 -4.21 -36.24 -6.67
C PRO F 253 -4.79 -37.40 -5.90
N LEU F 254 -4.73 -38.58 -6.51
CA LEU F 254 -5.19 -39.79 -5.86
C LEU F 254 -4.32 -40.14 -4.66
N VAL F 255 -3.00 -40.07 -4.80
CA VAL F 255 -2.13 -40.60 -3.74
C VAL F 255 -1.72 -39.55 -2.71
N ALA F 256 -1.90 -38.28 -3.02
CA ALA F 256 -1.54 -37.24 -2.06
C ALA F 256 -2.32 -37.33 -0.75
N PRO F 257 -3.64 -37.55 -0.72
CA PRO F 257 -4.30 -37.63 0.59
C PRO F 257 -3.86 -38.79 1.43
N ILE F 258 -3.53 -39.94 0.83
CA ILE F 258 -2.99 -41.05 1.63
C ILE F 258 -1.66 -40.65 2.22
N SER F 259 -0.92 -39.79 1.53
CA SER F 259 0.43 -39.44 1.96
C SER F 259 0.41 -38.63 3.25
N LYS F 260 -0.43 -37.59 3.33
CA LYS F 260 -0.56 -36.81 4.57
C LYS F 260 -1.02 -37.71 5.70
N ASP F 261 -1.87 -38.67 5.39
CA ASP F 261 -2.59 -39.42 6.41
C ASP F 261 -2.79 -40.86 5.93
N ARG F 262 -2.12 -41.82 6.57
CA ARG F 262 -2.11 -43.21 6.12
C ARG F 262 -3.45 -43.93 6.31
N THR F 263 -4.46 -43.35 6.97
CA THR F 263 -5.78 -43.98 7.10
C THR F 263 -6.85 -43.29 6.25
N ILE F 264 -6.44 -42.42 5.32
CA ILE F 264 -7.34 -41.96 4.28
C ILE F 264 -7.31 -43.02 3.18
N CYS F 265 -8.48 -43.35 2.62
CA CYS F 265 -8.60 -44.21 1.45
C CYS F 265 -9.20 -43.38 0.32
N THR F 266 -8.60 -43.47 -0.85
CA THR F 266 -8.92 -42.57 -1.96
C THR F 266 -9.60 -43.34 -3.06
N VAL F 267 -10.61 -42.71 -3.68
CA VAL F 267 -11.29 -43.25 -4.84
C VAL F 267 -11.23 -42.21 -5.94
N PRO F 268 -10.87 -42.57 -7.15
CA PRO F 268 -10.98 -41.61 -8.24
C PRO F 268 -12.43 -41.51 -8.72
N LEU F 269 -12.75 -40.43 -9.41
CA LEU F 269 -14.04 -40.32 -10.04
C LEU F 269 -14.05 -41.31 -11.18
N ILE F 270 -15.09 -42.10 -11.32
CA ILE F 270 -15.10 -43.14 -12.34
C ILE F 270 -15.95 -42.76 -13.52
N ASP F 271 -15.34 -42.70 -14.69
CA ASP F 271 -16.00 -42.22 -15.89
C ASP F 271 -16.35 -43.37 -16.79
N VAL F 272 -17.34 -43.16 -17.64
CA VAL F 272 -17.86 -44.25 -18.45
C VAL F 272 -17.21 -44.31 -19.81
N ILE F 273 -16.66 -45.45 -20.14
CA ILE F 273 -16.15 -45.68 -21.45
C ILE F 273 -17.21 -46.50 -22.14
N ASN F 274 -17.74 -45.97 -23.22
CA ASN F 274 -18.74 -46.68 -24.00
C ASN F 274 -18.18 -48.00 -24.51
N GLY F 275 -18.84 -49.09 -24.14
CA GLY F 275 -18.43 -50.43 -24.54
C GLY F 275 -18.60 -50.76 -26.01
N ASN F 276 -19.07 -49.82 -26.80
CA ASN F 276 -19.30 -50.06 -28.21
C ASN F 276 -18.56 -49.09 -29.13
N THR F 277 -18.40 -47.83 -28.73
CA THR F 277 -17.69 -46.83 -29.52
C THR F 277 -16.53 -46.14 -28.79
N TYR F 278 -16.37 -46.39 -27.50
CA TYR F 278 -15.20 -46.13 -26.68
C TYR F 278 -14.89 -44.67 -26.48
N GLU F 279 -15.80 -43.76 -26.79
CA GLU F 279 -15.65 -42.40 -26.28
C GLU F 279 -15.93 -42.40 -24.78
N ILE F 280 -15.41 -41.39 -24.08
CA ILE F 280 -15.51 -41.38 -22.62
C ILE F 280 -16.44 -40.26 -22.18
N ILE F 281 -17.36 -40.61 -21.26
CA ILE F 281 -18.47 -39.80 -20.73
C ILE F 281 -18.41 -39.88 -19.21
N PRO F 282 -18.53 -38.77 -18.50
CA PRO F 282 -18.65 -38.86 -17.06
C PRO F 282 -20.00 -39.41 -16.68
N GLN F 283 -20.11 -39.94 -15.47
CA GLN F 283 -21.37 -40.46 -14.96
C GLN F 283 -22.38 -39.39 -14.68
N GLY F 284 -23.65 -39.67 -14.88
CA GLY F 284 -24.63 -38.67 -14.58
C GLY F 284 -25.14 -38.82 -13.18
N GLY F 285 -24.68 -37.92 -12.32
CA GLY F 285 -25.22 -37.77 -11.00
C GLY F 285 -24.82 -36.45 -10.38
N GLY F 286 -25.56 -36.03 -9.36
CA GLY F 286 -25.09 -35.07 -8.40
C GLY F 286 -25.14 -33.62 -8.80
N ASP F 287 -24.79 -32.74 -7.88
CA ASP F 287 -24.64 -31.33 -8.20
C ASP F 287 -23.45 -31.24 -9.11
N GLU F 288 -23.62 -30.43 -10.15
CA GLU F 288 -22.66 -30.29 -11.23
C GLU F 288 -21.32 -29.73 -10.83
N ASP F 289 -20.20 -30.33 -11.24
CA ASP F 289 -20.18 -31.35 -12.25
C ASP F 289 -20.49 -32.69 -11.65
N GLY F 290 -21.73 -32.84 -11.20
CA GLY F 290 -22.18 -34.14 -10.77
C GLY F 290 -21.24 -34.72 -9.75
N TYR F 291 -20.89 -33.92 -8.75
CA TYR F 291 -20.00 -34.43 -7.75
C TYR F 291 -20.92 -35.23 -6.85
N ALA F 292 -21.11 -36.45 -7.32
CA ALA F 292 -21.73 -37.57 -6.64
C ALA F 292 -20.93 -38.10 -5.44
N ARG F 293 -21.65 -38.62 -4.46
CA ARG F 293 -21.08 -39.34 -3.35
C ARG F 293 -21.71 -40.69 -3.38
N GLY F 294 -21.01 -41.73 -2.96
CA GLY F 294 -21.62 -43.06 -3.02
C GLY F 294 -22.52 -43.33 -1.82
N ALA F 295 -23.64 -44.00 -2.10
CA ALA F 295 -24.69 -44.27 -1.11
C ALA F 295 -25.15 -45.72 -1.27
N TRP F 296 -26.39 -45.99 -0.85
CA TRP F 296 -27.05 -47.29 -0.83
C TRP F 296 -28.48 -47.07 -0.34
N ASP F 297 -29.42 -47.87 -0.86
CA ASP F 297 -30.74 -47.99 -0.26
C ASP F 297 -30.68 -49.10 0.78
N TRP F 298 -31.80 -49.41 1.39
CA TRP F 298 -31.71 -50.32 2.51
C TRP F 298 -31.82 -51.80 2.10
N SER F 299 -31.99 -52.12 0.83
CA SER F 299 -31.70 -53.49 0.40
C SER F 299 -30.22 -53.68 0.11
N MET F 300 -29.45 -52.60 0.33
CA MET F 300 -28.00 -52.51 0.16
C MET F 300 -27.61 -52.57 -1.32
N LEU F 301 -28.39 -51.91 -2.15
CA LEU F 301 -28.01 -51.71 -3.54
C LEU F 301 -27.25 -50.39 -3.64
N TRP F 302 -26.25 -50.34 -4.49
CA TRP F 302 -25.46 -49.12 -4.63
C TRP F 302 -26.29 -48.05 -5.23
N LYS F 303 -26.08 -46.83 -4.76
CA LYS F 303 -26.77 -45.67 -5.27
C LYS F 303 -25.83 -44.51 -5.19
N ARG F 304 -26.09 -43.47 -5.96
CA ARG F 304 -25.27 -42.28 -5.90
C ARG F 304 -26.16 -41.11 -5.63
N VAL F 305 -25.64 -40.15 -4.88
CA VAL F 305 -26.40 -38.93 -4.58
C VAL F 305 -25.49 -37.72 -4.82
N PRO F 306 -26.08 -36.55 -5.08
CA PRO F 306 -25.27 -35.35 -5.33
C PRO F 306 -24.47 -34.95 -4.11
N LEU F 307 -23.29 -34.37 -4.37
CA LEU F 307 -22.46 -33.82 -3.29
C LEU F 307 -23.22 -32.71 -2.58
N THR F 308 -23.24 -32.83 -1.27
CA THR F 308 -23.99 -31.96 -0.39
C THR F 308 -23.36 -30.62 -0.17
N PRO F 309 -24.18 -29.66 0.23
CA PRO F 309 -23.67 -28.34 0.61
C PRO F 309 -22.75 -28.42 1.82
N GLN F 310 -23.11 -29.25 2.79
CA GLN F 310 -22.37 -29.29 4.03
C GLN F 310 -20.95 -29.76 3.73
N GLU F 311 -20.81 -30.72 2.84
CA GLU F 311 -19.49 -31.17 2.45
C GLU F 311 -18.71 -30.05 1.77
N LYS F 312 -19.40 -29.31 0.93
CA LYS F 312 -18.80 -28.18 0.24
C LYS F 312 -18.34 -27.09 1.20
N ARG F 313 -19.12 -26.85 2.25
CA ARG F 313 -18.79 -25.82 3.21
C ARG F 313 -17.40 -26.03 3.78
N LEU F 314 -17.07 -27.27 4.07
CA LEU F 314 -15.77 -27.61 4.63
C LEU F 314 -14.62 -27.30 3.69
N ARG F 315 -14.87 -27.48 2.41
CA ARG F 315 -13.82 -27.44 1.39
C ARG F 315 -13.65 -26.02 0.88
N LYS F 316 -12.40 -25.56 0.86
CA LYS F 316 -12.10 -24.20 0.43
C LYS F 316 -12.22 -24.05 -1.08
N THR F 317 -11.80 -25.06 -1.84
CA THR F 317 -11.80 -24.98 -3.29
C THR F 317 -12.74 -25.99 -3.92
N LYS F 318 -13.08 -25.74 -5.18
CA LYS F 318 -14.06 -26.56 -5.87
C LYS F 318 -13.63 -27.99 -6.04
N THR F 319 -12.35 -28.18 -6.34
CA THR F 319 -11.86 -29.49 -6.74
C THR F 319 -11.16 -30.36 -5.71
N GLU F 320 -11.05 -29.93 -4.47
CA GLU F 320 -10.33 -30.73 -3.47
C GLU F 320 -11.13 -31.97 -3.13
N PRO F 321 -10.46 -33.03 -2.71
CA PRO F 321 -11.18 -34.27 -2.44
C PRO F 321 -12.39 -34.01 -1.55
N TYR F 322 -13.27 -35.00 -1.46
CA TYR F 322 -14.41 -34.84 -0.56
C TYR F 322 -14.60 -36.28 -0.07
N ARG F 323 -15.32 -36.38 1.03
CA ARG F 323 -15.58 -37.64 1.67
C ARG F 323 -16.92 -38.18 1.22
N SER F 324 -16.95 -39.48 0.89
CA SER F 324 -18.19 -40.08 0.45
C SER F 324 -18.44 -41.24 1.40
N PRO F 325 -19.69 -41.60 1.66
CA PRO F 325 -19.92 -42.66 2.66
C PRO F 325 -19.45 -44.04 2.20
N ALA F 326 -19.36 -44.30 0.89
CA ALA F 326 -18.95 -45.62 0.42
C ALA F 326 -18.43 -45.49 -0.99
N MET F 327 -17.75 -46.53 -1.45
CA MET F 327 -17.15 -46.54 -2.77
C MET F 327 -17.89 -47.53 -3.67
N ALA F 328 -17.85 -47.29 -4.97
CA ALA F 328 -18.45 -48.19 -5.91
C ALA F 328 -17.76 -49.51 -5.74
N GLY F 329 -16.45 -49.42 -5.50
CA GLY F 329 -15.64 -50.56 -5.14
C GLY F 329 -14.76 -51.20 -6.19
N GLY F 330 -14.96 -50.84 -7.44
CA GLY F 330 -14.07 -51.34 -8.47
C GLY F 330 -12.65 -50.82 -8.37
N LEU F 331 -12.51 -49.53 -8.11
CA LEU F 331 -11.21 -48.88 -8.11
C LEU F 331 -11.01 -48.04 -6.87
N PHE F 332 -9.86 -48.15 -6.25
CA PHE F 332 -9.60 -47.35 -5.06
C PHE F 332 -8.14 -47.46 -4.66
N ALA F 333 -7.74 -46.64 -3.68
CA ALA F 333 -6.34 -46.57 -3.23
C ALA F 333 -6.28 -46.57 -1.70
N ILE F 334 -5.60 -47.56 -1.09
CA ILE F 334 -5.30 -47.53 0.33
C ILE F 334 -3.83 -47.80 0.53
N GLU F 335 -3.27 -47.23 1.61
CA GLU F 335 -1.93 -47.62 2.03
C GLU F 335 -1.93 -49.11 2.34
N ARG F 336 -0.88 -49.80 1.90
CA ARG F 336 -0.87 -51.23 1.97
C ARG F 336 -0.95 -51.70 3.39
N GLU F 337 -0.19 -51.05 4.26
CA GLU F 337 -0.18 -51.47 5.64
C GLU F 337 -1.55 -51.30 6.20
N PHE F 338 -2.18 -50.18 5.90
CA PHE F 338 -3.47 -49.87 6.49
C PHE F 338 -4.50 -50.88 6.08
N PHE F 339 -4.51 -51.26 4.80
CA PHE F 339 -5.46 -52.28 4.37
C PHE F 339 -5.31 -53.56 5.19
N PHE F 340 -4.08 -54.02 5.41
CA PHE F 340 -3.90 -55.22 6.23
C PHE F 340 -4.38 -54.98 7.64
N GLU F 341 -4.13 -53.79 8.19
CA GLU F 341 -4.57 -53.47 9.54
C GLU F 341 -6.09 -53.61 9.67
N LEU F 342 -6.83 -53.35 8.58
CA LEU F 342 -8.26 -53.60 8.58
C LEU F 342 -8.60 -55.04 8.20
N GLY F 343 -7.59 -55.88 8.10
CA GLY F 343 -7.79 -57.28 7.77
C GLY F 343 -8.33 -57.52 6.39
N LEU F 344 -7.99 -56.65 5.46
CA LEU F 344 -8.34 -56.81 4.06
C LEU F 344 -9.84 -56.91 3.88
N TYR F 345 -10.30 -57.87 3.10
CA TYR F 345 -11.70 -58.04 2.87
C TYR F 345 -12.12 -59.23 3.68
N ASP F 346 -13.16 -59.06 4.47
CA ASP F 346 -13.75 -60.19 5.20
C ASP F 346 -13.64 -61.45 4.35
N PRO F 347 -12.88 -62.45 4.78
CA PRO F 347 -12.73 -63.68 4.01
C PRO F 347 -13.95 -64.60 4.03
N GLY F 348 -15.07 -64.14 4.58
CA GLY F 348 -16.30 -64.89 4.39
C GLY F 348 -17.08 -64.48 3.18
N LEU F 349 -16.71 -63.36 2.59
CA LEU F 349 -17.42 -62.88 1.43
C LEU F 349 -17.19 -63.83 0.29
N GLN F 350 -18.27 -64.17 -0.39
CA GLN F 350 -18.21 -65.07 -1.52
C GLN F 350 -18.49 -64.21 -2.72
N ILE F 351 -18.15 -64.69 -3.89
CA ILE F 351 -17.91 -63.85 -5.03
C ILE F 351 -19.06 -62.91 -5.31
N TRP F 352 -18.72 -61.67 -5.60
CA TRP F 352 -19.65 -60.57 -5.83
C TRP F 352 -20.64 -60.21 -4.71
N GLY F 353 -20.13 -60.19 -3.49
CA GLY F 353 -20.86 -59.67 -2.36
C GLY F 353 -20.65 -58.17 -2.29
N GLY F 354 -21.20 -57.52 -1.28
CA GLY F 354 -20.96 -56.11 -1.11
C GLY F 354 -19.66 -55.90 -0.38
N GLU F 355 -18.57 -56.27 -1.04
CA GLU F 355 -17.25 -56.09 -0.51
C GLU F 355 -16.93 -54.63 -0.37
N ASN F 356 -17.39 -53.86 -1.32
CA ASN F 356 -17.26 -52.42 -1.30
C ASN F 356 -17.86 -51.71 -0.12
N PHE F 357 -19.01 -52.17 0.35
CA PHE F 357 -19.59 -51.61 1.54
C PHE F 357 -18.86 -52.01 2.79
N GLU F 358 -18.47 -53.27 2.87
CA GLU F 358 -17.73 -53.74 4.03
C GLU F 358 -16.53 -52.84 4.32
N ILE F 359 -15.69 -52.59 3.30
CA ILE F 359 -14.48 -51.78 3.52
C ILE F 359 -14.86 -50.34 3.85
N SER F 360 -15.92 -49.82 3.21
CA SER F 360 -16.34 -48.44 3.47
C SER F 360 -16.70 -48.23 4.93
N TYR F 361 -17.54 -49.12 5.49
CA TYR F 361 -17.85 -49.01 6.92
C TYR F 361 -16.60 -49.17 7.77
N LYS F 362 -15.80 -50.22 7.51
CA LYS F 362 -14.57 -50.38 8.31
C LYS F 362 -13.81 -49.08 8.37
N ILE F 363 -13.53 -48.48 7.21
CA ILE F 363 -12.64 -47.32 7.22
C ILE F 363 -13.27 -46.18 7.99
N TRP F 364 -14.59 -46.00 7.83
CA TRP F 364 -15.21 -44.82 8.43
C TRP F 364 -15.41 -45.02 9.92
N GLN F 365 -15.89 -46.19 10.32
CA GLN F 365 -16.19 -46.38 11.73
C GLN F 365 -14.98 -46.73 12.55
N CYS F 366 -13.84 -47.08 11.97
CA CYS F 366 -12.66 -47.37 12.78
C CYS F 366 -11.62 -46.28 12.71
N GLY F 367 -12.04 -45.06 12.42
CA GLY F 367 -11.15 -43.91 12.40
C GLY F 367 -10.54 -43.44 11.11
N GLY F 368 -10.93 -44.04 10.00
CA GLY F 368 -10.46 -43.62 8.68
C GLY F 368 -11.34 -42.61 7.98
N LYS F 369 -10.91 -42.22 6.79
CA LYS F 369 -11.72 -41.43 5.89
C LYS F 369 -11.74 -42.07 4.53
N LEU F 370 -12.82 -41.93 3.80
CA LEU F 370 -12.88 -42.36 2.42
C LEU F 370 -13.20 -41.13 1.63
N LEU F 371 -12.39 -40.83 0.62
CA LEU F 371 -12.41 -39.56 -0.10
C LEU F 371 -12.45 -39.76 -1.60
N PHE F 372 -13.37 -39.05 -2.23
CA PHE F 372 -13.48 -38.98 -3.68
C PHE F 372 -12.57 -37.86 -4.14
N VAL F 373 -11.69 -38.17 -5.08
CA VAL F 373 -10.78 -37.19 -5.57
C VAL F 373 -11.20 -36.77 -6.94
N PRO F 374 -11.73 -35.48 -7.04
CA PRO F 374 -12.18 -35.11 -8.37
C PRO F 374 -11.10 -35.06 -9.41
N CYS F 375 -9.92 -34.68 -9.01
CA CYS F 375 -8.85 -34.43 -9.94
C CYS F 375 -8.24 -35.70 -10.52
N SER F 376 -8.62 -36.83 -9.96
CA SER F 376 -8.10 -38.09 -10.45
C SER F 376 -9.27 -38.87 -11.05
N ARG F 377 -9.19 -39.16 -12.34
CA ARG F 377 -10.31 -39.73 -13.07
C ARG F 377 -9.85 -40.99 -13.76
N VAL F 378 -10.74 -41.99 -13.81
CA VAL F 378 -10.45 -43.25 -14.46
C VAL F 378 -11.69 -43.67 -15.22
N GLY F 379 -11.51 -44.09 -16.46
CA GLY F 379 -12.59 -44.60 -17.28
C GLY F 379 -12.71 -46.11 -17.12
N HIS F 380 -13.95 -46.58 -17.07
CA HIS F 380 -14.29 -47.99 -16.92
C HIS F 380 -15.26 -48.30 -18.06
N ILE F 381 -15.13 -49.46 -18.67
CA ILE F 381 -15.99 -49.84 -19.78
C ILE F 381 -17.31 -50.41 -19.29
N TYR F 382 -18.39 -49.82 -19.78
CA TYR F 382 -19.74 -50.29 -19.55
C TYR F 382 -19.95 -51.54 -20.40
N ARG F 383 -20.85 -52.41 -19.97
CA ARG F 383 -21.09 -53.65 -20.69
C ARG F 383 -22.41 -53.70 -21.47
N LEU F 384 -22.34 -54.12 -22.72
CA LEU F 384 -23.51 -54.26 -23.57
C LEU F 384 -24.38 -55.47 -23.29
N GLU F 385 -25.61 -55.39 -23.77
CA GLU F 385 -26.58 -56.45 -23.66
C GLU F 385 -26.12 -57.67 -24.44
N GLY F 386 -26.49 -58.86 -23.96
CA GLY F 386 -26.22 -60.09 -24.70
C GLY F 386 -24.91 -60.82 -24.46
N TRP F 387 -24.12 -60.31 -23.52
CA TRP F 387 -22.92 -60.99 -23.12
C TRP F 387 -23.41 -62.20 -22.40
N GLN F 388 -22.67 -63.29 -22.45
CA GLN F 388 -23.05 -64.39 -21.57
C GLN F 388 -21.98 -64.69 -20.54
N GLY F 389 -22.33 -64.47 -19.28
CA GLY F 389 -21.45 -64.67 -18.15
C GLY F 389 -22.16 -65.63 -17.23
N ASN F 390 -21.42 -66.60 -16.69
CA ASN F 390 -22.02 -67.76 -16.05
C ASN F 390 -21.92 -67.77 -14.53
N PRO F 391 -23.08 -68.20 -13.87
CA PRO F 391 -22.96 -68.16 -12.40
C PRO F 391 -22.82 -69.57 -11.85
N PRO F 392 -21.79 -69.77 -10.92
CA PRO F 392 -21.66 -71.18 -10.50
C PRO F 392 -22.89 -71.67 -9.74
N PRO F 393 -23.22 -72.95 -9.79
CA PRO F 393 -24.41 -73.38 -9.07
C PRO F 393 -24.15 -73.08 -7.61
N ILE F 394 -25.08 -72.37 -6.98
CA ILE F 394 -24.81 -71.82 -5.66
C ILE F 394 -24.64 -72.85 -4.54
N TYR F 395 -25.49 -73.87 -4.51
CA TYR F 395 -26.71 -73.91 -5.28
C TYR F 395 -27.87 -73.39 -4.44
N VAL F 396 -27.55 -72.95 -3.23
CA VAL F 396 -28.53 -72.67 -2.21
C VAL F 396 -28.49 -71.27 -1.59
N GLY F 397 -29.59 -70.89 -0.95
CA GLY F 397 -29.71 -69.64 -0.24
C GLY F 397 -30.32 -68.41 -0.92
N SER F 398 -30.52 -68.42 -2.23
CA SER F 398 -29.85 -69.33 -3.16
C SER F 398 -28.55 -68.68 -3.65
N SER F 399 -28.30 -67.46 -3.20
CA SER F 399 -27.16 -66.70 -3.68
C SER F 399 -26.19 -66.33 -2.58
N PRO F 400 -24.92 -66.60 -2.85
CA PRO F 400 -23.80 -66.22 -1.98
C PRO F 400 -23.79 -64.73 -1.76
N THR F 401 -24.07 -63.98 -2.81
CA THR F 401 -24.02 -62.54 -2.73
C THR F 401 -25.09 -61.98 -1.81
N LEU F 402 -26.10 -62.75 -1.49
CA LEU F 402 -27.11 -62.25 -0.60
C LEU F 402 -26.61 -62.49 0.81
N LYS F 403 -25.85 -63.56 0.97
CA LYS F 403 -25.37 -63.99 2.27
C LYS F 403 -24.26 -63.06 2.69
N ASN F 404 -23.66 -62.43 1.70
CA ASN F 404 -22.58 -61.49 1.90
C ASN F 404 -23.16 -60.22 2.43
N TYR F 405 -24.29 -59.79 1.88
CA TYR F 405 -24.96 -58.61 2.43
C TYR F 405 -25.28 -58.82 3.91
N VAL F 406 -25.77 -60.00 4.28
CA VAL F 406 -26.14 -60.22 5.68
C VAL F 406 -24.88 -60.15 6.55
N ARG F 407 -23.76 -60.70 6.07
CA ARG F 407 -22.52 -60.60 6.84
C ARG F 407 -22.13 -59.15 7.11
N VAL F 408 -22.10 -58.30 6.09
CA VAL F 408 -21.78 -56.89 6.29
C VAL F 408 -22.74 -56.25 7.29
N VAL F 409 -24.05 -56.46 7.10
CA VAL F 409 -25.05 -55.80 7.94
C VAL F 409 -24.87 -56.20 9.40
N GLU F 410 -24.80 -57.50 9.65
CA GLU F 410 -24.84 -57.99 11.02
C GLU F 410 -23.69 -57.41 11.84
N VAL F 411 -22.50 -57.28 11.23
CA VAL F 411 -21.32 -56.83 11.98
C VAL F 411 -21.30 -55.29 12.07
N TRP F 412 -21.74 -54.59 11.04
CA TRP F 412 -21.50 -53.16 10.96
C TRP F 412 -22.73 -52.31 11.25
N TRP F 413 -23.89 -52.70 10.73
CA TRP F 413 -25.11 -51.90 10.77
C TRP F 413 -25.75 -51.63 12.11
N ASP F 414 -25.56 -52.51 13.08
CA ASP F 414 -26.17 -52.30 14.37
C ASP F 414 -27.70 -52.29 14.24
N GLU F 415 -28.36 -51.34 14.88
CA GLU F 415 -29.80 -51.30 14.99
C GLU F 415 -30.43 -51.12 13.64
N TYR F 416 -29.61 -50.71 12.69
CA TYR F 416 -30.03 -50.61 11.31
C TYR F 416 -30.40 -51.97 10.70
N LYS F 417 -29.91 -53.07 11.24
CA LYS F 417 -30.12 -54.32 10.56
C LYS F 417 -31.60 -54.49 10.37
N ASP F 418 -32.38 -53.85 11.22
CA ASP F 418 -33.82 -53.87 11.10
C ASP F 418 -34.33 -53.28 9.79
N TYR F 419 -33.74 -52.20 9.31
CA TYR F 419 -34.15 -51.65 8.02
C TYR F 419 -33.80 -52.62 6.89
N PHE F 420 -32.62 -53.24 6.98
CA PHE F 420 -32.21 -54.19 5.96
C PHE F 420 -33.16 -55.36 5.91
N TYR F 421 -33.55 -55.88 7.07
CA TYR F 421 -34.30 -57.12 7.13
C TYR F 421 -35.74 -56.97 6.65
N ALA F 422 -36.31 -55.77 6.75
CA ALA F 422 -37.65 -55.59 6.19
C ALA F 422 -37.63 -55.26 4.72
N SER F 423 -36.51 -54.74 4.20
CA SER F 423 -36.38 -54.65 2.75
C SER F 423 -36.09 -56.01 2.13
N ARG F 424 -35.38 -56.84 2.86
CA ARG F 424 -35.22 -58.20 2.46
C ARG F 424 -35.55 -58.98 3.67
N PRO F 425 -36.82 -59.57 3.69
CA PRO F 425 -37.03 -60.44 4.83
C PRO F 425 -36.54 -61.84 4.52
N GLU F 426 -36.36 -62.09 3.24
CA GLU F 426 -36.06 -63.40 2.75
C GLU F 426 -34.72 -63.82 3.35
N SER F 427 -33.92 -62.84 3.74
CA SER F 427 -32.59 -63.08 4.22
C SER F 427 -32.55 -63.36 5.69
N GLN F 428 -33.70 -63.30 6.34
CA GLN F 428 -33.73 -63.17 7.78
C GLN F 428 -33.05 -64.34 8.45
N ALA F 429 -33.27 -65.54 7.97
CA ALA F 429 -32.76 -66.70 8.65
C ALA F 429 -31.98 -67.52 7.68
N LEU F 430 -30.89 -66.93 7.28
CA LEU F 430 -30.06 -67.40 6.22
C LEU F 430 -28.82 -67.74 6.95
N PRO F 431 -28.27 -68.90 6.72
CA PRO F 431 -27.03 -69.24 7.41
C PRO F 431 -25.83 -68.37 7.02
N TYR F 432 -25.64 -67.17 7.61
CA TYR F 432 -24.63 -66.23 7.11
C TYR F 432 -23.21 -66.57 7.53
N GLY F 433 -23.02 -67.52 8.43
CA GLY F 433 -21.71 -68.09 8.70
C GLY F 433 -21.05 -67.48 9.91
N ASP F 434 -19.79 -67.85 10.11
CA ASP F 434 -19.02 -67.31 11.22
C ASP F 434 -18.64 -65.85 11.01
N ILE F 435 -18.91 -65.03 12.02
CA ILE F 435 -18.79 -63.58 11.98
C ILE F 435 -18.02 -63.14 13.24
N SER F 436 -17.51 -64.13 13.99
CA SER F 436 -16.98 -63.91 15.34
C SER F 436 -15.77 -62.99 15.32
N GLU F 437 -14.71 -63.38 14.61
CA GLU F 437 -13.50 -62.57 14.56
C GLU F 437 -13.80 -61.17 14.01
N LEU F 438 -14.63 -61.11 12.99
CA LEU F 438 -15.00 -59.83 12.41
C LEU F 438 -15.74 -59.01 13.42
N LYS F 439 -16.63 -59.64 14.17
CA LYS F 439 -17.28 -58.96 15.26
C LYS F 439 -16.26 -58.58 16.31
N LYS F 440 -15.29 -59.45 16.56
CA LYS F 440 -14.22 -59.15 17.51
C LYS F 440 -13.36 -57.99 17.07
N PHE F 441 -13.07 -57.90 15.79
CA PHE F 441 -12.19 -56.87 15.29
C PHE F 441 -12.75 -55.49 15.58
N ARG F 442 -14.06 -55.37 15.43
CA ARG F 442 -14.75 -54.10 15.65
C ARG F 442 -14.68 -53.69 17.11
N GLU F 443 -14.81 -54.65 18.03
CA GLU F 443 -14.76 -54.33 19.45
C GLU F 443 -13.35 -54.06 19.92
N ASP F 444 -12.36 -54.79 19.43
CA ASP F 444 -11.01 -54.54 19.90
C ASP F 444 -10.54 -53.15 19.50
N HIS F 445 -10.88 -52.70 18.30
CA HIS F 445 -10.48 -51.37 17.89
C HIS F 445 -11.46 -50.28 18.31
N ASN F 446 -12.40 -50.57 19.21
CA ASN F 446 -13.31 -49.55 19.76
C ASN F 446 -13.99 -48.73 18.68
N CYS F 447 -14.35 -49.40 17.57
CA CYS F 447 -14.90 -48.71 16.41
C CYS F 447 -16.22 -48.03 16.75
N LYS F 448 -16.41 -46.83 16.19
CA LYS F 448 -17.62 -46.03 16.34
C LYS F 448 -18.86 -46.79 15.85
N SER F 449 -20.02 -46.38 16.35
CA SER F 449 -21.29 -47.04 16.03
C SER F 449 -21.75 -46.70 14.64
N PHE F 450 -22.62 -47.52 14.08
CA PHE F 450 -23.28 -47.20 12.83
C PHE F 450 -24.13 -45.95 12.98
N LYS F 451 -24.76 -45.79 14.13
CA LYS F 451 -25.61 -44.65 14.36
C LYS F 451 -24.82 -43.35 14.25
N TRP F 452 -23.61 -43.32 14.80
CA TRP F 452 -22.79 -42.14 14.65
C TRP F 452 -22.46 -41.95 13.19
N PHE F 453 -22.13 -43.03 12.51
CA PHE F 453 -21.81 -42.95 11.10
C PHE F 453 -22.93 -42.29 10.32
N MET F 454 -24.18 -42.65 10.65
CA MET F 454 -25.31 -42.27 9.82
C MET F 454 -25.69 -40.83 10.08
N GLU F 455 -25.29 -40.29 11.22
CA GLU F 455 -25.65 -38.92 11.50
C GLU F 455 -24.50 -37.95 11.35
N GLU F 456 -23.25 -38.42 11.38
CA GLU F 456 -22.16 -37.47 11.20
C GLU F 456 -21.65 -37.47 9.76
N ILE F 457 -21.42 -38.65 9.16
CA ILE F 457 -20.79 -38.67 7.85
C ILE F 457 -21.74 -39.05 6.71
N ALA F 458 -22.82 -39.81 6.96
CA ALA F 458 -23.75 -40.22 5.90
C ALA F 458 -25.17 -39.69 6.14
N TYR F 459 -25.26 -38.45 6.60
CA TYR F 459 -26.51 -37.76 6.90
C TYR F 459 -27.47 -37.67 5.73
N ASP F 460 -27.00 -37.67 4.48
CA ASP F 460 -27.89 -37.35 3.36
C ASP F 460 -28.60 -38.57 2.79
N ILE F 461 -28.22 -39.79 3.18
CA ILE F 461 -28.79 -40.98 2.55
C ILE F 461 -30.29 -41.06 2.79
N THR F 462 -30.72 -41.01 4.07
CA THR F 462 -32.15 -41.14 4.36
C THR F 462 -33.00 -40.07 3.70
N SER F 463 -32.37 -38.99 3.24
CA SER F 463 -33.10 -37.99 2.48
C SER F 463 -33.38 -38.49 1.06
N HIS F 464 -32.49 -39.27 0.45
CA HIS F 464 -32.83 -39.81 -0.87
C HIS F 464 -33.46 -41.21 -0.81
N TYR F 465 -33.10 -42.03 0.19
CA TYR F 465 -33.59 -43.41 0.31
C TYR F 465 -34.15 -43.60 1.71
N PRO F 466 -35.41 -43.25 1.92
CA PRO F 466 -35.97 -43.18 3.26
C PRO F 466 -36.04 -44.54 3.95
N LEU F 467 -35.99 -44.49 5.27
CA LEU F 467 -36.00 -45.68 6.09
C LEU F 467 -37.29 -46.42 5.87
N PRO F 468 -37.15 -47.81 5.71
CA PRO F 468 -38.42 -48.48 5.39
C PRO F 468 -39.32 -48.75 6.57
N PRO F 469 -40.68 -48.84 6.26
CA PRO F 469 -41.50 -49.29 7.40
C PRO F 469 -41.33 -50.76 7.72
N LYS F 470 -41.69 -51.14 8.93
CA LYS F 470 -41.55 -52.52 9.36
C LYS F 470 -42.53 -53.37 8.57
N ASN F 471 -42.30 -54.67 8.53
CA ASN F 471 -43.19 -55.55 7.79
C ASN F 471 -44.31 -56.08 8.66
N VAL F 472 -45.49 -56.26 8.05
CA VAL F 472 -46.55 -57.05 8.69
C VAL F 472 -46.40 -58.52 8.35
N ASP F 473 -46.20 -58.83 7.07
CA ASP F 473 -45.97 -60.20 6.65
C ASP F 473 -45.21 -60.18 5.32
N TRP F 474 -44.62 -61.31 4.99
CA TRP F 474 -43.87 -61.43 3.75
C TRP F 474 -43.92 -62.88 3.30
N GLY F 475 -43.71 -63.10 2.02
CA GLY F 475 -43.61 -64.47 1.54
C GLY F 475 -44.34 -64.64 0.24
N GLU F 476 -44.75 -65.87 -0.07
CA GLU F 476 -45.59 -66.09 -1.23
C GLU F 476 -46.99 -65.61 -0.92
N ILE F 477 -47.73 -65.22 -1.96
CA ILE F 477 -49.16 -64.95 -1.78
C ILE F 477 -49.92 -66.06 -2.48
N ARG F 478 -50.24 -67.13 -1.76
CA ARG F 478 -50.78 -68.38 -2.32
C ARG F 478 -52.31 -68.42 -2.22
N GLY F 479 -52.94 -69.12 -3.16
CA GLY F 479 -54.38 -69.28 -3.07
C GLY F 479 -54.78 -70.26 -1.98
N PHE F 480 -55.71 -69.86 -1.11
CA PHE F 480 -56.05 -70.68 0.05
C PHE F 480 -56.43 -72.11 -0.37
N GLU F 481 -55.69 -73.08 0.17
CA GLU F 481 -55.87 -74.51 -0.17
C GLU F 481 -55.83 -74.72 -1.68
N THR F 482 -54.99 -73.96 -2.37
CA THR F 482 -54.66 -74.19 -3.77
C THR F 482 -53.15 -74.22 -3.90
N ALA F 483 -52.68 -74.39 -5.12
CA ALA F 483 -51.26 -74.36 -5.43
C ALA F 483 -50.98 -73.29 -6.48
N TYR F 484 -51.74 -72.22 -6.43
CA TYR F 484 -51.52 -71.16 -7.37
C TYR F 484 -51.12 -69.98 -6.54
N CYS F 485 -50.04 -69.34 -6.94
CA CYS F 485 -49.47 -68.25 -6.19
C CYS F 485 -49.33 -67.08 -7.12
N ILE F 486 -49.60 -65.87 -6.64
CA ILE F 486 -49.47 -64.69 -7.45
C ILE F 486 -48.03 -64.54 -7.84
N ASP F 487 -47.76 -64.16 -9.07
CA ASP F 487 -46.37 -63.96 -9.42
C ASP F 487 -46.21 -62.88 -10.49
N SER F 488 -45.08 -62.19 -10.37
CA SER F 488 -44.81 -60.94 -11.03
C SER F 488 -44.55 -61.13 -12.49
N MET F 489 -44.13 -62.33 -12.89
CA MET F 489 -43.53 -62.59 -14.19
C MET F 489 -42.31 -61.72 -14.41
N GLY F 490 -41.78 -61.15 -13.35
CA GLY F 490 -40.64 -60.27 -13.47
C GLY F 490 -41.07 -58.90 -13.95
N LYS F 491 -42.37 -58.71 -14.05
CA LYS F 491 -42.93 -57.49 -14.60
C LYS F 491 -42.63 -56.29 -13.72
N THR F 492 -42.48 -55.13 -14.32
CA THR F 492 -42.15 -53.93 -13.59
C THR F 492 -42.76 -52.68 -14.19
N ASN F 493 -42.84 -51.62 -13.40
CA ASN F 493 -43.20 -50.34 -13.97
C ASN F 493 -44.49 -50.33 -14.76
N GLY F 494 -45.55 -50.89 -14.19
CA GLY F 494 -46.84 -50.84 -14.85
C GLY F 494 -47.28 -52.07 -15.58
N GLY F 495 -46.50 -53.14 -15.48
CA GLY F 495 -46.90 -54.44 -15.98
C GLY F 495 -47.97 -55.00 -15.07
N PHE F 496 -48.69 -55.99 -15.55
CA PHE F 496 -49.78 -56.59 -14.79
C PHE F 496 -49.40 -57.91 -14.17
N VAL F 497 -49.73 -58.06 -12.90
CA VAL F 497 -49.31 -59.21 -12.12
C VAL F 497 -50.29 -60.36 -12.37
N GLU F 498 -49.77 -61.58 -12.48
CA GLU F 498 -50.58 -62.72 -12.89
C GLU F 498 -50.56 -63.81 -11.82
N LEU F 499 -51.24 -64.90 -12.10
CA LEU F 499 -51.23 -66.06 -11.24
C LEU F 499 -50.38 -67.14 -11.91
N GLY F 500 -49.77 -68.00 -11.10
CA GLY F 500 -49.00 -69.09 -11.65
C GLY F 500 -48.85 -70.22 -10.64
N PRO F 501 -48.35 -71.35 -11.09
CA PRO F 501 -48.16 -72.49 -10.21
C PRO F 501 -47.15 -72.12 -9.17
N CYS F 502 -47.39 -72.49 -7.92
CA CYS F 502 -46.47 -72.14 -6.86
C CYS F 502 -45.20 -72.98 -6.93
N HIS F 503 -44.05 -72.33 -6.76
CA HIS F 503 -42.79 -73.06 -6.68
C HIS F 503 -42.05 -72.94 -5.35
N ARG F 504 -42.44 -71.98 -4.52
CA ARG F 504 -41.86 -71.81 -3.21
C ARG F 504 -40.42 -71.46 -3.28
N MET F 505 -40.01 -70.91 -4.41
CA MET F 505 -38.61 -70.57 -4.65
C MET F 505 -38.34 -69.11 -4.41
N GLY F 506 -39.30 -68.40 -3.86
CA GLY F 506 -39.22 -66.96 -3.75
C GLY F 506 -39.16 -66.27 -5.07
N GLY F 507 -38.20 -65.40 -5.28
CA GLY F 507 -38.11 -64.75 -6.58
C GLY F 507 -39.26 -63.84 -6.97
N ASN F 508 -39.93 -64.15 -8.06
CA ASN F 508 -41.05 -63.32 -8.49
C ASN F 508 -42.37 -63.74 -7.87
N GLN F 509 -42.36 -64.76 -7.00
CA GLN F 509 -43.55 -65.13 -6.23
C GLN F 509 -43.41 -64.76 -4.76
N LEU F 510 -42.60 -63.75 -4.46
CA LEU F 510 -42.32 -63.30 -3.11
C LEU F 510 -42.74 -61.84 -2.99
N PHE F 511 -43.44 -61.51 -1.90
CA PHE F 511 -43.98 -60.18 -1.71
C PHE F 511 -43.86 -59.82 -0.23
N ARG F 512 -44.25 -58.61 0.13
CA ARG F 512 -44.27 -58.22 1.52
C ARG F 512 -45.30 -57.14 1.77
N ILE F 513 -45.81 -57.06 2.99
CA ILE F 513 -46.73 -55.99 3.32
C ILE F 513 -46.15 -55.09 4.37
N ASN F 514 -46.18 -53.81 4.05
CA ASN F 514 -45.77 -52.73 4.89
C ASN F 514 -46.71 -52.51 6.03
N GLU F 515 -46.17 -51.98 7.11
CA GLU F 515 -47.00 -51.37 8.11
C GLU F 515 -47.69 -50.20 7.46
N ALA F 516 -47.03 -49.61 6.49
CA ALA F 516 -47.55 -48.44 5.75
C ALA F 516 -48.53 -48.80 4.65
N ASN F 517 -48.99 -50.06 4.61
CA ASN F 517 -50.05 -50.52 3.69
C ASN F 517 -49.57 -50.63 2.24
N GLN F 518 -48.27 -50.83 2.04
CA GLN F 518 -47.74 -51.04 0.70
C GLN F 518 -47.52 -52.54 0.47
N LEU F 519 -47.99 -53.04 -0.68
CA LEU F 519 -47.69 -54.39 -1.12
C LEU F 519 -46.56 -54.31 -2.13
N MET F 520 -45.38 -54.89 -1.80
CA MET F 520 -44.13 -54.61 -2.51
C MET F 520 -43.37 -55.87 -2.91
N GLN F 521 -42.69 -55.76 -4.04
CA GLN F 521 -41.75 -56.76 -4.53
C GLN F 521 -40.52 -55.98 -4.97
N TYR F 522 -39.37 -56.31 -4.40
CA TYR F 522 -38.14 -55.50 -4.56
C TYR F 522 -38.48 -54.03 -4.27
N ASP F 523 -38.25 -53.14 -5.20
CA ASP F 523 -38.46 -51.73 -4.95
C ASP F 523 -39.88 -51.31 -5.31
N GLN F 524 -40.63 -52.18 -5.95
CA GLN F 524 -41.86 -51.80 -6.60
C GLN F 524 -43.06 -52.20 -5.76
N CYS F 525 -44.17 -51.49 -5.94
CA CYS F 525 -45.38 -51.76 -5.20
C CYS F 525 -46.48 -52.04 -6.19
N LEU F 526 -47.49 -52.81 -5.79
CA LEU F 526 -48.67 -53.04 -6.59
C LEU F 526 -49.76 -52.11 -6.13
N THR F 527 -50.57 -51.72 -7.10
CA THR F 527 -51.67 -50.80 -6.97
C THR F 527 -52.69 -51.21 -8.01
N LYS F 528 -53.74 -50.42 -8.16
CA LYS F 528 -54.80 -50.78 -9.08
C LYS F 528 -54.66 -49.91 -10.30
N GLY F 529 -54.39 -50.52 -11.44
CA GLY F 529 -54.18 -49.75 -12.65
C GLY F 529 -55.47 -49.60 -13.40
N ALA F 530 -55.96 -48.37 -13.43
CA ALA F 530 -57.18 -48.05 -14.13
C ALA F 530 -56.91 -48.04 -15.62
N ASP F 531 -57.96 -48.21 -16.41
CA ASP F 531 -59.32 -48.35 -15.92
C ASP F 531 -59.61 -49.69 -15.26
N GLY F 532 -58.70 -50.63 -15.45
CA GLY F 532 -58.95 -52.01 -15.08
C GLY F 532 -59.03 -52.32 -13.61
N SER F 533 -59.59 -53.48 -13.32
CA SER F 533 -59.56 -54.08 -11.99
C SER F 533 -58.25 -54.88 -11.84
N LYS F 534 -57.43 -54.86 -12.87
CA LYS F 534 -56.15 -55.51 -12.85
C LYS F 534 -55.23 -54.87 -11.84
N VAL F 535 -54.45 -55.72 -11.19
CA VAL F 535 -53.39 -55.34 -10.26
C VAL F 535 -52.09 -55.20 -11.02
N MET F 536 -51.45 -54.05 -10.83
CA MET F 536 -50.31 -53.61 -11.63
C MET F 536 -49.11 -53.39 -10.71
N ILE F 537 -47.89 -53.51 -11.25
CA ILE F 537 -46.64 -53.31 -10.51
C ILE F 537 -45.94 -52.05 -11.04
N THR F 538 -45.61 -51.14 -10.13
CA THR F 538 -44.90 -49.91 -10.44
C THR F 538 -44.04 -49.52 -9.26
N HIS F 539 -43.17 -48.56 -9.47
CA HIS F 539 -42.31 -48.05 -8.43
C HIS F 539 -43.18 -47.39 -7.39
N CYS F 540 -42.93 -47.62 -6.10
CA CYS F 540 -43.65 -46.85 -5.10
C CYS F 540 -42.75 -46.04 -4.20
N ASN F 541 -43.06 -44.74 -4.12
CA ASN F 541 -42.44 -43.83 -3.19
C ASN F 541 -43.09 -43.95 -1.84
N LEU F 542 -42.49 -43.34 -0.84
CA LEU F 542 -42.78 -43.72 0.52
C LEU F 542 -44.23 -43.54 0.86
N ASN F 543 -44.89 -42.61 0.20
CA ASN F 543 -46.27 -42.34 0.54
C ASN F 543 -47.22 -42.69 -0.58
N GLU F 544 -46.72 -43.52 -1.48
CA GLU F 544 -47.45 -43.85 -2.68
C GLU F 544 -47.93 -45.26 -2.59
N PHE F 545 -49.17 -45.44 -2.97
CA PHE F 545 -49.83 -46.73 -3.05
C PHE F 545 -49.99 -47.43 -1.72
N LYS F 546 -50.34 -46.65 -0.71
CA LYS F 546 -50.67 -47.12 0.64
C LYS F 546 -52.12 -47.62 0.63
N GLU F 547 -52.33 -48.79 0.03
CA GLU F 547 -53.70 -49.12 -0.31
C GLU F 547 -54.11 -50.58 -0.10
N TRP F 548 -53.27 -51.38 0.55
CA TRP F 548 -53.62 -52.76 0.85
C TRP F 548 -53.64 -52.95 2.36
N GLN F 549 -54.57 -53.78 2.84
CA GLN F 549 -54.44 -54.29 4.20
C GLN F 549 -54.70 -55.79 4.18
N TYR F 550 -53.92 -56.52 4.95
CA TYR F 550 -53.95 -57.97 4.94
C TYR F 550 -54.42 -58.49 6.28
N PHE F 551 -55.47 -59.29 6.27
CA PHE F 551 -55.92 -59.97 7.47
C PHE F 551 -55.60 -61.44 7.41
N LYS F 552 -54.75 -61.93 8.28
CA LYS F 552 -54.34 -63.33 8.23
C LYS F 552 -55.48 -64.29 8.49
N ASN F 553 -56.27 -64.02 9.52
CA ASN F 553 -57.33 -64.94 9.89
C ASN F 553 -58.43 -65.01 8.85
N LEU F 554 -58.75 -63.87 8.29
CA LEU F 554 -59.71 -63.77 7.21
C LEU F 554 -59.22 -64.46 5.95
N HIS F 555 -57.91 -64.46 5.72
CA HIS F 555 -57.39 -64.97 4.46
C HIS F 555 -57.68 -63.96 3.38
N ARG F 556 -57.86 -62.70 3.77
CA ARG F 556 -58.30 -61.67 2.84
C ARG F 556 -57.32 -60.55 2.65
N PHE F 557 -57.12 -60.14 1.42
CA PHE F 557 -56.35 -58.96 1.10
C PHE F 557 -57.38 -57.99 0.57
N THR F 558 -57.45 -56.79 1.11
CA THR F 558 -58.49 -55.88 0.65
C THR F 558 -57.84 -54.57 0.20
N HIS F 559 -58.27 -54.10 -0.97
CA HIS F 559 -57.96 -52.76 -1.47
C HIS F 559 -58.62 -51.70 -0.63
N ILE F 560 -57.87 -50.71 -0.18
CA ILE F 560 -58.44 -49.77 0.77
C ILE F 560 -59.28 -48.69 0.10
N PRO F 561 -58.85 -48.06 -1.07
CA PRO F 561 -59.67 -46.99 -1.66
C PRO F 561 -61.02 -47.44 -2.22
N SER F 562 -61.04 -48.51 -3.02
CA SER F 562 -62.32 -49.16 -3.24
C SER F 562 -62.65 -49.92 -1.97
N GLY F 563 -63.73 -50.69 -1.98
CA GLY F 563 -63.91 -51.73 -0.98
C GLY F 563 -63.34 -53.08 -1.36
N LYS F 564 -62.68 -53.20 -2.52
CA LYS F 564 -62.66 -54.48 -3.19
C LYS F 564 -61.60 -55.41 -2.60
N CYS F 565 -61.85 -56.70 -2.79
CA CYS F 565 -61.01 -57.79 -2.30
C CYS F 565 -60.13 -58.27 -3.44
N LEU F 566 -59.02 -58.92 -3.12
CA LEU F 566 -58.26 -59.64 -4.14
C LEU F 566 -59.09 -60.84 -4.60
N ASP F 567 -59.08 -61.06 -5.90
CA ASP F 567 -59.70 -62.21 -6.51
C ASP F 567 -58.85 -62.67 -7.65
N ARG F 568 -59.01 -63.94 -8.00
CA ARG F 568 -58.29 -64.57 -9.08
C ARG F 568 -59.25 -65.44 -9.84
N SER F 569 -58.90 -65.78 -11.07
CA SER F 569 -59.56 -66.88 -11.75
C SER F 569 -58.50 -67.91 -11.93
N GLU F 570 -58.72 -69.13 -11.44
CA GLU F 570 -57.65 -70.11 -11.55
C GLU F 570 -57.25 -70.43 -12.98
N VAL F 571 -58.20 -70.52 -13.89
CA VAL F 571 -57.94 -70.37 -15.31
C VAL F 571 -59.02 -69.49 -15.90
N LEU F 572 -58.68 -68.61 -16.83
CA LEU F 572 -57.32 -68.38 -17.25
C LEU F 572 -56.63 -67.78 -16.09
N HIS F 573 -55.32 -67.99 -15.94
CA HIS F 573 -54.64 -67.48 -14.77
C HIS F 573 -54.80 -65.98 -14.85
N GLN F 574 -55.31 -65.39 -13.78
CA GLN F 574 -55.57 -63.96 -13.76
C GLN F 574 -55.82 -63.47 -12.35
N VAL F 575 -55.25 -62.31 -12.00
CA VAL F 575 -55.40 -61.71 -10.68
C VAL F 575 -56.00 -60.31 -10.84
N PHE F 576 -57.07 -60.05 -10.09
CA PHE F 576 -57.84 -58.80 -10.19
C PHE F 576 -58.44 -58.48 -8.82
N ILE F 577 -59.14 -57.35 -8.70
CA ILE F 577 -59.92 -57.00 -7.50
C ILE F 577 -61.40 -56.89 -7.86
N SER F 578 -62.24 -57.49 -7.03
CA SER F 578 -63.67 -57.55 -7.26
C SER F 578 -64.37 -57.24 -5.93
N ASN F 579 -65.69 -57.01 -6.00
CA ASN F 579 -66.46 -56.75 -4.78
C ASN F 579 -66.44 -57.98 -3.88
N CYS F 580 -66.27 -57.74 -2.58
CA CYS F 580 -66.11 -58.86 -1.69
C CYS F 580 -67.37 -59.70 -1.65
N ASP F 581 -67.17 -61.01 -1.75
CA ASP F 581 -68.28 -61.93 -1.78
C ASP F 581 -68.22 -62.88 -0.61
N SER F 582 -67.02 -63.10 -0.10
CA SER F 582 -66.90 -63.94 1.07
C SER F 582 -67.17 -65.37 0.65
N SER F 583 -68.25 -65.55 -0.09
CA SER F 583 -68.62 -66.88 -0.54
C SER F 583 -67.53 -67.42 -1.44
N LYS F 584 -66.99 -66.56 -2.28
CA LYS F 584 -65.96 -66.97 -3.23
C LYS F 584 -64.69 -67.42 -2.53
N THR F 585 -64.21 -68.60 -2.92
CA THR F 585 -62.92 -69.11 -2.52
C THR F 585 -61.80 -68.35 -3.19
N THR F 586 -62.14 -67.70 -4.27
CA THR F 586 -61.19 -67.00 -5.09
C THR F 586 -60.56 -65.89 -4.30
N GLN F 587 -61.26 -65.42 -3.28
CA GLN F 587 -60.80 -64.28 -2.50
C GLN F 587 -59.99 -64.64 -1.28
N LYS F 588 -59.73 -65.92 -1.04
CA LYS F 588 -59.01 -66.30 0.15
C LYS F 588 -57.55 -66.57 -0.20
N TRP F 589 -56.63 -65.94 0.53
CA TRP F 589 -55.19 -66.02 0.32
C TRP F 589 -54.47 -66.26 1.63
N GLU F 590 -53.43 -67.07 1.61
CA GLU F 590 -52.47 -67.04 2.71
C GLU F 590 -51.23 -66.30 2.24
N MET F 591 -50.40 -65.83 3.20
CA MET F 591 -49.04 -65.36 2.92
C MET F 591 -48.06 -66.19 3.73
N ASN F 592 -47.11 -66.83 3.08
CA ASN F 592 -46.25 -67.77 3.78
C ASN F 592 -44.79 -67.41 3.56
N ASN F 593 -43.97 -67.38 4.60
CA ASN F 593 -42.56 -67.15 4.42
C ASN F 593 -41.93 -68.27 3.63
N ILE F 594 -41.30 -67.91 2.52
CA ILE F 594 -40.52 -68.83 1.72
C ILE F 594 -39.31 -69.38 2.47
N HIS F 595 -38.63 -68.53 3.23
CA HIS F 595 -37.56 -69.03 4.07
C HIS F 595 -36.55 -69.84 3.26
N SER F 596 -36.04 -69.27 2.17
CA SER F 596 -35.06 -69.99 1.38
C SER F 596 -33.84 -70.29 2.25
N VAL F 597 -33.33 -71.50 2.18
CA VAL F 597 -32.23 -71.90 3.05
C VAL F 597 -30.93 -71.23 2.61
MN MN G . 33.77 14.82 12.09
MN MN H . -13.49 22.14 -27.17
MN MN I . 35.58 17.11 -24.33
MN MN J . -5.54 42.30 3.13
MN MN K . -20.73 -18.29 41.16
MN MN L . -16.50 -54.16 -14.33
#